data_1MO7
#
_entry.id   1MO7
#
_entity_poly.entity_id   1
_entity_poly.type   'polypeptide(L)'
_entity_poly.pdbx_seq_one_letter_code
;QNPMTVAHMWFDNQIHEADTTENQSGVSFDKTSATWFALSRIAGLCNRAVFQANQENLPILKRAVAGDASESALLKCIEV
CCGSVMEMREKYTKIVEIPFNSTNKYQLSIHKNPNASEPKHLLVMKGAPERILDRCSSILLHGKEQPLDEELKDAFQNAY
LELGGLGERVLGFCHLLLPDEQFPEGFQFDTDEVNFPVDNLCFVGLISMIDPP
;
_entity_poly.pdbx_strand_id   A
#
# COMPACT_ATOMS: atom_id res chain seq x y z
N GLN A 1 -19.68 12.50 0.69
CA GLN A 1 -21.09 12.11 0.74
C GLN A 1 -21.35 11.10 1.87
N ASN A 2 -20.78 9.89 1.79
CA ASN A 2 -21.01 8.78 2.72
C ASN A 2 -19.69 8.35 3.36
N PRO A 3 -19.74 7.57 4.47
CA PRO A 3 -18.54 7.03 5.09
C PRO A 3 -17.94 5.95 4.19
N MET A 4 -16.62 5.78 4.29
CA MET A 4 -15.80 4.92 3.44
C MET A 4 -14.78 4.19 4.34
N THR A 5 -14.04 3.22 3.80
CA THR A 5 -12.99 2.48 4.52
C THR A 5 -12.24 1.59 3.52
N VAL A 6 -11.48 0.59 4.00
CA VAL A 6 -10.80 -0.41 3.20
C VAL A 6 -11.77 -1.18 2.30
N ALA A 7 -12.97 -1.51 2.81
CA ALA A 7 -13.93 -2.44 2.25
C ALA A 7 -13.43 -3.89 2.37
N HIS A 8 -12.36 -4.27 1.68
CA HIS A 8 -11.90 -5.65 1.45
C HIS A 8 -10.40 -5.65 1.20
N MET A 9 -9.79 -6.83 1.02
CA MET A 9 -8.41 -6.92 0.58
C MET A 9 -8.17 -8.17 -0.24
N TRP A 10 -7.10 -8.14 -1.03
CA TRP A 10 -6.62 -9.21 -1.90
C TRP A 10 -5.11 -9.27 -1.74
N PHE A 11 -4.55 -10.46 -1.65
CA PHE A 11 -3.11 -10.64 -1.53
C PHE A 11 -2.81 -12.12 -1.60
N ASP A 12 -3.73 -12.94 -1.09
CA ASP A 12 -3.69 -14.40 -1.08
C ASP A 12 -3.88 -15.00 -2.47
N ASN A 13 -4.06 -14.17 -3.51
CA ASN A 13 -4.26 -14.50 -4.93
C ASN A 13 -5.70 -14.92 -5.23
N GLN A 14 -6.64 -14.56 -4.34
CA GLN A 14 -7.99 -15.12 -4.34
C GLN A 14 -8.94 -14.33 -3.43
N ILE A 15 -8.61 -13.06 -3.18
CA ILE A 15 -9.21 -12.22 -2.13
C ILE A 15 -8.92 -12.90 -0.78
N HIS A 16 -9.50 -12.43 0.31
CA HIS A 16 -9.41 -13.04 1.62
C HIS A 16 -10.60 -12.52 2.44
N GLU A 17 -10.83 -13.09 3.62
CA GLU A 17 -11.76 -12.45 4.56
C GLU A 17 -11.11 -11.21 5.15
N ALA A 18 -11.97 -10.35 5.68
CA ALA A 18 -11.64 -9.23 6.55
C ALA A 18 -12.64 -9.26 7.71
N ASP A 19 -13.94 -9.33 7.36
CA ASP A 19 -15.09 -9.37 8.26
C ASP A 19 -15.25 -8.04 9.03
N THR A 20 -16.30 -7.29 8.70
CA THR A 20 -16.63 -5.99 9.28
C THR A 20 -16.89 -6.12 10.79
N THR A 21 -15.95 -5.67 11.63
CA THR A 21 -15.99 -5.82 13.07
C THR A 21 -17.15 -5.02 13.69
N GLU A 22 -18.32 -5.64 13.81
CA GLU A 22 -19.46 -5.10 14.53
C GLU A 22 -20.24 -6.28 15.10
N ASN A 23 -20.92 -7.06 14.26
CA ASN A 23 -21.69 -8.22 14.71
C ASN A 23 -20.73 -9.39 14.95
N GLN A 24 -20.21 -10.00 13.88
CA GLN A 24 -19.28 -11.13 13.97
C GLN A 24 -17.84 -10.64 14.19
N SER A 25 -16.89 -11.57 14.24
CA SER A 25 -15.47 -11.31 14.09
C SER A 25 -14.87 -12.46 13.26
N GLY A 26 -14.01 -12.14 12.29
CA GLY A 26 -13.30 -13.11 11.47
C GLY A 26 -12.12 -13.66 12.27
N VAL A 27 -11.89 -14.97 12.20
CA VAL A 27 -10.82 -15.69 12.87
C VAL A 27 -10.44 -16.89 12.00
N SER A 28 -9.35 -17.60 12.33
CA SER A 28 -8.99 -18.87 11.69
C SER A 28 -8.85 -18.79 10.16
N PHE A 29 -8.29 -17.70 9.62
CA PHE A 29 -7.81 -17.68 8.24
C PHE A 29 -6.45 -18.40 8.16
N ASP A 30 -5.77 -18.40 7.01
CA ASP A 30 -4.37 -18.82 6.95
C ASP A 30 -3.52 -17.61 7.32
N LYS A 31 -2.94 -17.62 8.53
CA LYS A 31 -2.17 -16.50 9.04
C LYS A 31 -0.75 -16.58 8.45
N THR A 32 -0.60 -16.14 7.20
CA THR A 32 0.67 -16.17 6.47
C THR A 32 1.63 -15.05 6.92
N SER A 33 1.10 -13.91 7.35
CA SER A 33 1.73 -12.70 7.89
C SER A 33 2.82 -12.01 7.05
N ALA A 34 3.73 -12.71 6.39
CA ALA A 34 4.85 -12.11 5.66
C ALA A 34 4.37 -11.15 4.56
N THR A 35 3.35 -11.56 3.81
CA THR A 35 2.70 -10.73 2.80
C THR A 35 2.04 -9.51 3.47
N TRP A 36 1.37 -9.70 4.61
CA TRP A 36 0.78 -8.64 5.44
C TRP A 36 1.87 -7.61 5.75
N PHE A 37 3.00 -8.01 6.32
CA PHE A 37 4.07 -7.11 6.72
C PHE A 37 4.55 -6.28 5.53
N ALA A 38 4.79 -6.95 4.41
CA ALA A 38 5.27 -6.35 3.19
C ALA A 38 4.31 -5.27 2.72
N LEU A 39 3.00 -5.55 2.78
CA LEU A 39 1.93 -4.70 2.33
C LEU A 39 1.82 -3.53 3.30
N SER A 40 1.83 -3.83 4.60
CA SER A 40 1.82 -2.87 5.68
C SER A 40 2.96 -1.86 5.56
N ARG A 41 4.13 -2.29 5.10
CA ARG A 41 5.27 -1.41 4.97
C ARG A 41 4.98 -0.31 3.95
N ILE A 42 4.14 -0.58 2.94
CA ILE A 42 3.62 0.34 1.94
C ILE A 42 2.46 1.11 2.58
N ALA A 43 1.45 0.38 3.05
CA ALA A 43 0.16 0.87 3.51
C ALA A 43 0.27 1.77 4.75
N GLY A 44 1.40 1.76 5.46
CA GLY A 44 1.71 2.74 6.48
C GLY A 44 2.33 3.99 5.82
N LEU A 45 3.60 3.89 5.43
CA LEU A 45 4.40 5.02 4.93
C LEU A 45 3.68 5.81 3.84
N CYS A 46 3.27 5.10 2.78
CA CYS A 46 2.84 5.65 1.51
C CYS A 46 1.40 6.18 1.64
N ASN A 47 1.23 7.32 2.32
CA ASN A 47 -0.04 8.00 2.57
C ASN A 47 0.29 9.49 2.74
N ARG A 48 -0.65 10.37 2.38
CA ARG A 48 -0.59 11.81 2.67
C ARG A 48 -1.93 12.29 3.19
N ALA A 49 -2.42 11.68 4.27
CA ALA A 49 -3.58 12.16 5.02
C ALA A 49 -3.39 11.83 6.49
N VAL A 50 -4.04 12.55 7.40
CA VAL A 50 -3.99 12.37 8.84
C VAL A 50 -5.38 12.54 9.43
N PHE A 51 -5.56 12.18 10.70
CA PHE A 51 -6.76 12.45 11.48
C PHE A 51 -6.91 13.95 11.69
N GLN A 52 -8.13 14.40 11.94
CA GLN A 52 -8.42 15.73 12.41
C GLN A 52 -8.69 15.62 13.91
N ALA A 53 -9.86 15.08 14.25
CA ALA A 53 -10.23 14.81 15.61
C ALA A 53 -9.59 13.48 16.00
N ASN A 54 -8.59 13.53 16.87
CA ASN A 54 -8.28 12.36 17.69
C ASN A 54 -9.49 12.13 18.61
N GLN A 55 -9.74 10.89 19.04
CA GLN A 55 -10.94 10.46 19.75
C GLN A 55 -10.55 9.39 20.79
N GLU A 56 -11.54 8.88 21.53
CA GLU A 56 -11.32 7.88 22.56
C GLU A 56 -12.08 6.58 22.28
N ASN A 57 -13.41 6.55 22.46
CA ASN A 57 -14.18 5.31 22.52
C ASN A 57 -14.92 5.01 21.21
N LEU A 58 -14.72 5.84 20.20
CA LEU A 58 -15.53 5.94 19.00
C LEU A 58 -14.84 5.20 17.84
N PRO A 59 -15.41 5.17 16.62
CA PRO A 59 -14.64 4.70 15.48
C PRO A 59 -13.55 5.72 15.25
N ILE A 60 -12.33 5.24 15.07
CA ILE A 60 -11.17 6.07 14.80
C ILE A 60 -11.40 7.01 13.58
N LEU A 61 -12.27 6.61 12.65
CA LEU A 61 -12.72 7.35 11.48
C LEU A 61 -13.39 8.70 11.83
N LYS A 62 -14.57 8.68 12.47
CA LYS A 62 -15.49 9.80 12.74
C LYS A 62 -15.63 10.84 11.62
N ARG A 63 -15.46 10.43 10.37
CA ARG A 63 -15.44 11.28 9.19
C ARG A 63 -14.54 12.51 9.38
N ALA A 64 -13.41 12.34 10.06
CA ALA A 64 -12.63 13.44 10.60
C ALA A 64 -11.17 13.27 10.17
N VAL A 65 -10.90 13.60 8.91
CA VAL A 65 -9.58 13.45 8.29
C VAL A 65 -9.23 14.69 7.47
N ALA A 66 -7.93 14.89 7.34
CA ALA A 66 -7.23 15.90 6.58
C ALA A 66 -6.39 15.17 5.54
N GLY A 67 -6.79 15.16 4.28
CA GLY A 67 -5.99 14.66 3.17
C GLY A 67 -6.77 13.64 2.33
N ASP A 68 -6.24 13.34 1.15
CA ASP A 68 -7.00 12.77 0.04
C ASP A 68 -7.63 11.43 0.39
N ALA A 69 -8.87 11.26 -0.07
CA ALA A 69 -9.78 10.22 0.40
C ALA A 69 -9.53 8.84 -0.20
N SER A 70 -8.50 8.62 -1.02
CA SER A 70 -7.97 7.28 -1.25
C SER A 70 -6.92 6.89 -0.21
N GLU A 71 -6.11 7.82 0.29
CA GLU A 71 -4.89 7.46 1.02
C GLU A 71 -5.14 7.31 2.51
N SER A 72 -6.21 7.90 3.02
CA SER A 72 -6.51 7.98 4.45
C SER A 72 -7.01 6.66 5.04
N ALA A 73 -7.66 5.83 4.24
CA ALA A 73 -8.35 4.59 4.58
C ALA A 73 -7.43 3.67 5.38
N LEU A 74 -6.31 3.34 4.76
CA LEU A 74 -5.30 2.45 5.33
C LEU A 74 -4.87 2.96 6.68
N LEU A 75 -4.58 4.26 6.79
CA LEU A 75 -4.09 4.88 8.01
C LEU A 75 -5.03 4.51 9.16
N LYS A 76 -6.34 4.66 8.95
CA LYS A 76 -7.29 4.46 10.04
C LYS A 76 -7.28 2.99 10.43
N CYS A 77 -7.42 2.11 9.45
CA CYS A 77 -7.49 0.67 9.62
C CYS A 77 -6.19 0.04 10.14
N ILE A 78 -5.07 0.77 10.12
CA ILE A 78 -3.74 0.30 10.48
C ILE A 78 -3.35 0.85 11.85
N GLU A 79 -3.68 2.11 12.12
CA GLU A 79 -3.43 2.76 13.39
C GLU A 79 -4.09 1.96 14.52
N VAL A 80 -5.40 1.69 14.41
CA VAL A 80 -6.14 0.88 15.38
C VAL A 80 -5.68 -0.59 15.40
N CYS A 81 -4.99 -1.03 14.33
CA CYS A 81 -4.28 -2.31 14.24
C CYS A 81 -2.93 -2.25 14.99
N CYS A 82 -2.69 -1.20 15.79
CA CYS A 82 -1.45 -0.89 16.50
C CYS A 82 -0.26 -0.72 15.55
N GLY A 83 -0.52 -0.47 14.27
CA GLY A 83 0.47 -0.42 13.22
C GLY A 83 1.03 0.98 13.02
N SER A 84 1.44 1.61 14.12
CA SER A 84 1.87 3.00 14.33
C SER A 84 2.42 3.69 13.06
N VAL A 85 1.61 4.57 12.47
CA VAL A 85 1.86 5.25 11.20
C VAL A 85 2.49 6.62 11.42
N MET A 86 1.89 7.47 12.26
CA MET A 86 2.41 8.84 12.44
C MET A 86 3.77 8.81 13.15
N GLU A 87 4.15 7.65 13.67
CA GLU A 87 5.46 7.30 14.16
C GLU A 87 6.41 6.99 12.99
N MET A 88 5.98 6.14 12.06
CA MET A 88 6.88 5.54 11.09
C MET A 88 7.38 6.51 10.02
N ARG A 89 6.58 7.53 9.73
CA ARG A 89 6.99 8.71 8.94
C ARG A 89 8.29 9.36 9.45
N GLU A 90 8.66 9.10 10.70
CA GLU A 90 9.83 9.66 11.38
C GLU A 90 10.87 8.56 11.65
N LYS A 91 10.43 7.30 11.73
CA LYS A 91 11.28 6.11 11.76
C LYS A 91 12.21 6.07 10.57
N TYR A 92 11.67 6.22 9.37
CA TYR A 92 12.42 6.25 8.12
C TYR A 92 12.84 7.71 7.85
N THR A 93 13.68 8.00 6.84
CA THR A 93 14.23 9.35 6.64
C THR A 93 13.45 10.18 5.63
N LYS A 94 12.68 9.56 4.72
CA LYS A 94 12.01 10.31 3.65
C LYS A 94 13.06 10.94 2.73
N ILE A 95 13.84 10.06 2.09
CA ILE A 95 14.82 10.40 1.05
C ILE A 95 14.17 11.46 0.16
N VAL A 96 12.99 11.15 -0.40
CA VAL A 96 12.28 11.96 -1.38
C VAL A 96 10.78 11.61 -1.34
N GLU A 97 9.97 12.47 -1.95
CA GLU A 97 8.52 12.33 -2.07
C GLU A 97 8.10 13.13 -3.30
N ILE A 98 7.63 12.48 -4.36
CA ILE A 98 7.10 13.14 -5.55
C ILE A 98 5.58 13.06 -5.44
N PRO A 99 4.85 14.18 -5.60
CA PRO A 99 3.39 14.22 -5.58
C PRO A 99 2.82 13.58 -6.86
N PHE A 100 1.63 13.98 -7.30
CA PHE A 100 1.03 13.66 -8.60
C PHE A 100 1.94 13.94 -9.81
N ASN A 101 3.07 14.62 -9.61
CA ASN A 101 3.83 15.25 -10.66
C ASN A 101 4.80 14.23 -11.25
N SER A 102 4.33 13.38 -12.14
CA SER A 102 5.15 12.52 -13.01
C SER A 102 4.36 12.17 -14.26
N THR A 103 5.05 11.64 -15.28
CA THR A 103 4.55 11.28 -16.60
C THR A 103 3.19 10.56 -16.52
N ASN A 104 3.14 9.31 -16.03
CA ASN A 104 1.89 8.54 -15.94
C ASN A 104 0.98 8.97 -14.77
N LYS A 105 1.25 10.09 -14.09
CA LYS A 105 0.57 10.52 -12.85
C LYS A 105 0.42 9.37 -11.85
N TYR A 106 1.45 9.15 -11.04
CA TYR A 106 1.40 8.34 -9.83
C TYR A 106 1.77 9.26 -8.65
N GLN A 107 2.00 8.73 -7.46
CA GLN A 107 2.71 9.44 -6.38
C GLN A 107 3.64 8.41 -5.77
N LEU A 108 4.87 8.83 -5.46
CA LEU A 108 5.88 7.94 -4.87
C LEU A 108 6.70 8.64 -3.81
N SER A 109 7.41 7.86 -3.00
CA SER A 109 8.14 8.35 -1.84
C SER A 109 9.21 7.32 -1.44
N ILE A 110 10.48 7.72 -1.38
CA ILE A 110 11.58 6.80 -1.11
C ILE A 110 12.05 7.08 0.31
N HIS A 111 12.43 6.03 1.02
CA HIS A 111 12.72 6.04 2.45
C HIS A 111 13.83 5.03 2.70
N LYS A 112 14.80 5.34 3.56
CA LYS A 112 15.74 4.34 4.09
C LYS A 112 15.09 3.71 5.31
N ASN A 113 15.19 2.39 5.41
CA ASN A 113 14.85 1.54 6.54
C ASN A 113 15.98 1.62 7.54
N PRO A 114 15.73 1.92 8.83
CA PRO A 114 16.76 1.83 9.85
C PRO A 114 17.13 0.37 10.14
N ASN A 115 16.14 -0.48 10.42
CA ASN A 115 16.38 -1.81 10.98
C ASN A 115 15.13 -2.67 10.77
N ALA A 116 15.14 -3.51 9.73
CA ALA A 116 14.14 -4.52 9.42
C ALA A 116 14.74 -5.48 8.40
N SER A 117 14.06 -6.60 8.10
CA SER A 117 14.56 -7.60 7.16
C SER A 117 14.84 -7.03 5.78
N GLU A 118 13.95 -6.15 5.29
CA GLU A 118 14.05 -5.49 4.01
C GLU A 118 15.35 -4.66 3.92
N PRO A 119 15.88 -4.44 2.70
CA PRO A 119 17.09 -3.65 2.50
C PRO A 119 16.84 -2.18 2.87
N LYS A 120 17.91 -1.38 2.86
CA LYS A 120 17.93 -0.01 3.35
C LYS A 120 16.89 0.83 2.61
N HIS A 121 17.24 1.39 1.47
CA HIS A 121 16.31 2.19 0.69
C HIS A 121 15.14 1.31 0.24
N LEU A 122 13.95 1.86 0.35
CA LEU A 122 12.67 1.29 0.08
C LEU A 122 12.00 2.29 -0.83
N LEU A 123 11.23 1.79 -1.78
CA LEU A 123 10.38 2.56 -2.67
C LEU A 123 8.99 1.98 -2.49
N VAL A 124 8.00 2.88 -2.42
CA VAL A 124 6.57 2.60 -2.32
C VAL A 124 5.88 3.66 -3.20
N MET A 125 4.65 3.43 -3.67
CA MET A 125 3.91 4.36 -4.52
C MET A 125 2.45 3.89 -4.62
N LYS A 126 1.60 4.69 -5.29
CA LYS A 126 0.31 4.23 -5.79
C LYS A 126 -0.12 5.00 -7.04
N GLY A 127 -1.20 4.52 -7.62
CA GLY A 127 -1.86 4.88 -8.85
C GLY A 127 -2.91 3.80 -9.10
N ALA A 128 -3.52 3.78 -10.29
CA ALA A 128 -4.50 2.76 -10.67
C ALA A 128 -3.93 1.35 -10.49
N PRO A 129 -4.73 0.37 -10.07
CA PRO A 129 -4.24 -0.97 -9.77
C PRO A 129 -3.70 -1.69 -11.01
N GLU A 130 -4.32 -1.45 -12.17
CA GLU A 130 -3.85 -1.91 -13.47
C GLU A 130 -2.44 -1.38 -13.74
N ARG A 131 -2.20 -0.12 -13.38
CA ARG A 131 -0.93 0.52 -13.65
C ARG A 131 0.15 0.04 -12.72
N ILE A 132 -0.18 -0.39 -11.50
CA ILE A 132 0.75 -1.12 -10.67
C ILE A 132 1.06 -2.44 -11.37
N LEU A 133 0.03 -3.20 -11.78
CA LEU A 133 0.20 -4.50 -12.42
C LEU A 133 1.13 -4.38 -13.63
N ASP A 134 1.12 -3.24 -14.31
CA ASP A 134 1.87 -3.03 -15.52
C ASP A 134 3.38 -3.07 -15.33
N ARG A 135 3.78 -2.86 -14.08
CA ARG A 135 5.12 -2.63 -13.58
C ARG A 135 5.53 -3.76 -12.64
N CYS A 136 4.59 -4.66 -12.36
CA CYS A 136 4.84 -5.81 -11.51
C CYS A 136 5.70 -6.83 -12.24
N SER A 137 6.87 -7.13 -11.71
CA SER A 137 7.81 -8.13 -12.18
C SER A 137 7.54 -9.49 -11.50
N SER A 138 6.92 -9.53 -10.32
CA SER A 138 6.56 -10.75 -9.59
C SER A 138 5.34 -10.46 -8.68
N ILE A 139 4.89 -11.46 -7.94
CA ILE A 139 3.80 -11.41 -6.98
C ILE A 139 4.38 -12.03 -5.70
N LEU A 140 3.76 -11.76 -4.55
CA LEU A 140 4.23 -12.25 -3.25
C LEU A 140 3.11 -12.98 -2.53
N LEU A 141 3.36 -14.27 -2.32
CA LEU A 141 2.49 -15.23 -1.68
C LEU A 141 3.28 -16.01 -0.64
N HIS A 142 2.68 -16.27 0.52
CA HIS A 142 3.22 -17.07 1.62
C HIS A 142 4.59 -16.58 2.10
N GLY A 143 4.90 -15.29 1.88
CA GLY A 143 6.21 -14.73 2.17
C GLY A 143 7.33 -15.35 1.33
N LYS A 144 7.10 -15.62 0.04
CA LYS A 144 8.11 -16.06 -0.93
C LYS A 144 8.25 -14.96 -2.00
N GLU A 145 8.38 -15.28 -3.28
CA GLU A 145 7.86 -14.53 -4.44
C GLU A 145 7.38 -15.62 -5.43
N GLN A 146 6.53 -15.28 -6.41
CA GLN A 146 6.20 -16.11 -7.55
C GLN A 146 6.39 -15.30 -8.83
N PRO A 147 6.87 -15.92 -9.91
CA PRO A 147 7.11 -15.25 -11.16
C PRO A 147 5.75 -14.88 -11.76
N LEU A 148 5.47 -13.58 -11.83
CA LEU A 148 4.18 -13.08 -12.26
C LEU A 148 3.92 -13.51 -13.70
N ASP A 149 2.71 -13.97 -13.95
CA ASP A 149 2.34 -14.65 -15.19
C ASP A 149 0.85 -14.45 -15.40
N GLU A 150 0.33 -14.91 -16.54
CA GLU A 150 -1.04 -14.70 -16.96
C GLU A 150 -2.07 -15.19 -15.93
N GLU A 151 -1.76 -16.28 -15.24
CA GLU A 151 -2.53 -16.92 -14.18
C GLU A 151 -2.68 -15.95 -13.00
N LEU A 152 -1.63 -15.16 -12.78
CA LEU A 152 -1.48 -14.33 -11.61
C LEU A 152 -1.99 -12.92 -11.86
N LYS A 153 -1.91 -12.49 -13.12
CA LYS A 153 -2.73 -11.40 -13.61
C LYS A 153 -4.20 -11.74 -13.42
N ASP A 154 -4.63 -12.96 -13.77
CA ASP A 154 -6.04 -13.35 -13.72
C ASP A 154 -6.58 -13.27 -12.30
N ALA A 155 -5.79 -13.81 -11.38
CA ALA A 155 -6.10 -13.86 -9.97
C ALA A 155 -6.31 -12.48 -9.35
N PHE A 156 -5.61 -11.47 -9.88
CA PHE A 156 -5.78 -10.06 -9.57
C PHE A 156 -7.00 -9.50 -10.29
N GLN A 157 -7.20 -9.86 -11.57
CA GLN A 157 -8.25 -9.31 -12.40
C GLN A 157 -9.57 -9.59 -11.71
N ASN A 158 -10.00 -10.85 -11.67
CA ASN A 158 -11.31 -11.23 -11.15
C ASN A 158 -11.59 -10.58 -9.81
N ALA A 159 -10.55 -10.46 -8.98
CA ALA A 159 -10.58 -9.77 -7.73
C ALA A 159 -10.96 -8.31 -7.93
N TYR A 160 -10.10 -7.49 -8.54
CA TYR A 160 -10.39 -6.12 -8.94
C TYR A 160 -11.78 -5.95 -9.59
N LEU A 161 -12.20 -6.89 -10.46
CA LEU A 161 -13.49 -6.84 -11.13
C LEU A 161 -14.59 -6.94 -10.07
N GLU A 162 -14.53 -7.94 -9.18
CA GLU A 162 -15.45 -8.11 -8.07
C GLU A 162 -15.48 -6.89 -7.14
N LEU A 163 -14.33 -6.26 -6.86
CA LEU A 163 -14.29 -5.04 -6.03
C LEU A 163 -15.15 -3.91 -6.63
N GLY A 164 -15.50 -4.01 -7.91
CA GLY A 164 -16.58 -3.25 -8.52
C GLY A 164 -15.98 -2.02 -9.15
N GLY A 165 -15.09 -2.24 -10.11
CA GLY A 165 -14.29 -1.18 -10.67
C GLY A 165 -15.12 -0.32 -11.62
N LEU A 166 -14.75 0.96 -11.69
CA LEU A 166 -15.47 2.00 -12.42
C LEU A 166 -14.44 2.91 -13.09
N GLY A 167 -13.36 3.23 -12.38
CA GLY A 167 -12.27 4.03 -12.89
C GLY A 167 -11.11 3.99 -11.89
N GLU A 168 -10.78 5.12 -11.27
CA GLU A 168 -9.58 5.28 -10.46
C GLU A 168 -10.04 5.38 -8.98
N ARG A 169 -10.50 4.25 -8.39
CA ARG A 169 -10.93 4.16 -6.99
C ARG A 169 -10.00 3.19 -6.25
N VAL A 170 -9.97 1.91 -6.65
CA VAL A 170 -9.08 0.89 -6.09
C VAL A 170 -7.63 1.36 -6.30
N LEU A 171 -6.67 0.81 -5.55
CA LEU A 171 -5.24 1.14 -5.60
C LEU A 171 -4.46 -0.16 -5.63
N GLY A 172 -3.20 -0.12 -6.09
CA GLY A 172 -2.41 -1.33 -6.34
C GLY A 172 -1.25 -1.62 -5.39
N PHE A 173 -0.89 -0.68 -4.49
CA PHE A 173 0.12 -0.81 -3.41
C PHE A 173 1.27 -1.81 -3.63
N CYS A 174 2.40 -1.34 -4.17
CA CYS A 174 3.56 -2.16 -4.48
C CYS A 174 4.86 -1.54 -3.91
N HIS A 175 5.92 -2.35 -3.84
CA HIS A 175 7.31 -2.00 -3.55
C HIS A 175 8.26 -2.71 -4.54
N LEU A 176 9.57 -2.41 -4.54
CA LEU A 176 10.62 -3.20 -5.22
C LEU A 176 11.90 -3.33 -4.39
N LEU A 177 11.88 -2.86 -3.15
CA LEU A 177 12.98 -2.82 -2.19
C LEU A 177 14.33 -2.46 -2.83
N LEU A 178 14.61 -1.15 -2.96
CA LEU A 178 15.78 -0.63 -3.68
C LEU A 178 17.08 -1.32 -3.21
N PRO A 179 17.70 -2.16 -4.05
CA PRO A 179 18.81 -3.01 -3.66
C PRO A 179 20.06 -2.20 -3.37
N ASP A 180 20.36 -2.01 -2.10
CA ASP A 180 21.50 -1.24 -1.56
C ASP A 180 22.87 -1.82 -1.95
N GLU A 181 22.86 -2.91 -2.72
CA GLU A 181 24.03 -3.53 -3.33
C GLU A 181 24.32 -2.88 -4.68
N GLN A 182 23.28 -2.71 -5.50
CA GLN A 182 23.38 -1.99 -6.75
C GLN A 182 23.36 -0.49 -6.47
N PHE A 183 22.49 -0.06 -5.54
CA PHE A 183 22.25 1.34 -5.24
C PHE A 183 23.33 1.91 -4.31
N PRO A 184 23.57 3.22 -4.35
CA PRO A 184 24.69 3.84 -3.63
C PRO A 184 24.32 4.26 -2.22
N GLU A 185 25.32 4.28 -1.35
CA GLU A 185 25.24 4.71 0.04
C GLU A 185 25.07 6.23 0.18
N GLY A 186 25.01 6.97 -0.92
CA GLY A 186 24.71 8.39 -0.93
C GLY A 186 23.25 8.68 -1.34
N PHE A 187 22.56 7.71 -1.97
CA PHE A 187 21.14 7.75 -2.35
C PHE A 187 20.69 9.14 -2.81
N GLN A 188 21.46 9.76 -3.71
CA GLN A 188 21.24 11.11 -4.22
C GLN A 188 20.23 11.10 -5.37
N PHE A 189 19.10 10.42 -5.20
CA PHE A 189 18.10 10.34 -6.27
C PHE A 189 17.52 11.73 -6.48
N ASP A 190 17.13 12.36 -5.36
CA ASP A 190 16.40 13.62 -5.35
C ASP A 190 15.10 13.50 -6.15
N THR A 191 14.42 14.61 -6.38
CA THR A 191 13.17 14.71 -7.09
C THR A 191 13.41 15.36 -8.45
N ASP A 192 14.68 15.49 -8.88
CA ASP A 192 15.08 16.15 -10.10
C ASP A 192 15.81 15.20 -11.02
N GLU A 193 16.75 14.44 -10.45
CA GLU A 193 17.70 13.63 -11.20
C GLU A 193 17.54 12.13 -10.90
N VAL A 194 16.31 11.75 -10.52
CA VAL A 194 15.94 10.54 -9.82
C VAL A 194 16.71 9.33 -10.37
N ASN A 195 16.57 9.06 -11.68
CA ASN A 195 17.30 8.03 -12.43
C ASN A 195 17.06 6.60 -11.91
N PHE A 196 16.08 6.46 -11.01
CA PHE A 196 15.66 5.23 -10.38
C PHE A 196 14.75 4.42 -11.32
N PRO A 197 14.56 3.12 -11.09
CA PRO A 197 13.64 2.28 -11.85
C PRO A 197 12.22 2.49 -11.33
N VAL A 198 11.26 2.14 -12.17
CA VAL A 198 9.85 2.31 -11.83
C VAL A 198 9.04 1.15 -12.38
N ASP A 199 9.62 -0.06 -12.36
CA ASP A 199 9.16 -1.18 -13.20
C ASP A 199 9.88 -2.49 -12.82
N ASN A 200 10.07 -2.71 -11.53
CA ASN A 200 10.57 -3.96 -10.97
C ASN A 200 9.63 -4.60 -9.96
N LEU A 201 8.52 -3.91 -9.75
CA LEU A 201 7.73 -3.93 -8.53
C LEU A 201 7.15 -5.30 -8.26
N CYS A 202 6.80 -5.52 -7.00
CA CYS A 202 6.10 -6.71 -6.56
C CYS A 202 4.66 -6.33 -6.31
N PHE A 203 3.76 -7.21 -6.69
CA PHE A 203 2.30 -7.08 -6.60
C PHE A 203 1.73 -7.01 -5.18
N VAL A 204 2.58 -7.07 -4.16
CA VAL A 204 2.43 -7.64 -2.82
C VAL A 204 1.00 -7.94 -2.40
N GLY A 205 0.15 -6.92 -2.29
CA GLY A 205 -1.27 -7.11 -2.16
C GLY A 205 -1.94 -5.77 -2.36
N LEU A 206 -3.26 -5.79 -2.40
CA LEU A 206 -4.07 -4.59 -2.45
C LEU A 206 -5.30 -4.78 -1.58
N ILE A 207 -6.12 -3.76 -1.56
CA ILE A 207 -7.17 -3.58 -0.60
C ILE A 207 -8.45 -3.51 -1.43
N SER A 208 -9.01 -2.32 -1.67
CA SER A 208 -10.21 -2.07 -2.47
C SER A 208 -10.71 -0.67 -2.15
N MET A 209 -9.84 0.33 -2.35
CA MET A 209 -10.22 1.67 -1.94
C MET A 209 -11.47 2.12 -2.67
N ILE A 210 -12.26 2.90 -1.97
CA ILE A 210 -13.42 3.60 -2.49
C ILE A 210 -13.01 5.05 -2.70
N ASP A 211 -13.78 5.72 -3.53
CA ASP A 211 -13.83 7.17 -3.73
C ASP A 211 -15.16 7.42 -4.44
N PRO A 212 -16.30 7.29 -3.73
CA PRO A 212 -17.61 7.56 -4.28
C PRO A 212 -17.77 9.06 -4.55
N PRO A 213 -18.82 9.51 -5.25
CA PRO A 213 -19.22 10.90 -5.18
C PRO A 213 -19.70 11.19 -3.76
N GLN A 1 -20.47 10.49 -2.72
CA GLN A 1 -21.27 9.34 -2.26
C GLN A 1 -20.61 8.66 -1.05
N ASN A 2 -21.26 8.77 0.11
CA ASN A 2 -21.10 7.96 1.33
C ASN A 2 -19.76 8.25 2.04
N PRO A 3 -19.55 7.81 3.28
CA PRO A 3 -18.22 7.84 3.88
C PRO A 3 -17.27 6.85 3.20
N MET A 4 -15.98 6.93 3.54
CA MET A 4 -14.95 6.03 3.04
C MET A 4 -14.42 5.13 4.15
N THR A 5 -13.56 4.17 3.80
CA THR A 5 -12.85 3.27 4.71
C THR A 5 -11.73 2.60 3.87
N VAL A 6 -11.07 1.58 4.41
CA VAL A 6 -10.22 0.67 3.65
C VAL A 6 -11.01 0.05 2.51
N ALA A 7 -12.16 -0.58 2.81
CA ALA A 7 -13.17 -1.15 1.90
C ALA A 7 -12.83 -2.56 1.40
N HIS A 8 -12.12 -3.32 2.23
CA HIS A 8 -11.63 -4.70 2.15
C HIS A 8 -10.14 -4.72 1.77
N MET A 9 -9.57 -5.91 1.60
CA MET A 9 -8.16 -6.09 1.24
C MET A 9 -8.03 -7.38 0.44
N TRP A 10 -6.87 -7.58 -0.16
CA TRP A 10 -6.53 -8.77 -0.94
C TRP A 10 -5.01 -8.91 -0.86
N PHE A 11 -4.53 -10.10 -0.53
CA PHE A 11 -3.11 -10.32 -0.24
C PHE A 11 -2.74 -11.81 -0.23
N ASP A 12 -3.73 -12.67 0.02
CA ASP A 12 -3.61 -14.13 0.07
C ASP A 12 -3.92 -14.73 -1.31
N ASN A 13 -4.21 -13.90 -2.33
CA ASN A 13 -4.50 -14.27 -3.72
C ASN A 13 -5.98 -14.65 -3.87
N GLN A 14 -6.85 -14.25 -2.93
CA GLN A 14 -8.17 -14.86 -2.78
C GLN A 14 -9.10 -14.04 -1.88
N ILE A 15 -8.80 -12.75 -1.67
CA ILE A 15 -9.40 -11.90 -0.65
C ILE A 15 -9.15 -12.56 0.73
N HIS A 16 -9.58 -11.96 1.82
CA HIS A 16 -9.51 -12.49 3.16
C HIS A 16 -10.45 -11.63 3.97
N GLU A 17 -11.24 -12.28 4.79
CA GLU A 17 -12.24 -11.69 5.66
C GLU A 17 -11.51 -10.91 6.74
N ALA A 18 -11.55 -9.58 6.65
CA ALA A 18 -10.98 -8.70 7.65
C ALA A 18 -11.72 -8.88 8.97
N ASP A 19 -13.05 -8.78 8.93
CA ASP A 19 -13.93 -9.14 10.03
C ASP A 19 -15.01 -10.03 9.41
N THR A 20 -15.89 -9.46 8.58
CA THR A 20 -16.98 -10.09 7.84
C THR A 20 -18.13 -10.45 8.79
N THR A 21 -19.15 -9.59 8.86
CA THR A 21 -20.25 -9.71 9.82
C THR A 21 -21.62 -9.90 9.16
N GLU A 22 -21.73 -9.75 7.84
CA GLU A 22 -23.00 -9.42 7.19
C GLU A 22 -23.68 -10.61 6.49
N ASN A 23 -23.33 -11.84 6.89
CA ASN A 23 -23.90 -13.15 6.55
C ASN A 23 -22.90 -13.90 5.69
N GLN A 24 -21.99 -14.60 6.35
CA GLN A 24 -21.04 -15.50 5.74
C GLN A 24 -20.86 -16.68 6.70
N SER A 25 -20.41 -16.40 7.94
CA SER A 25 -20.01 -17.36 8.96
C SER A 25 -18.86 -18.27 8.48
N GLY A 26 -18.29 -19.03 9.42
CA GLY A 26 -16.99 -19.65 9.25
C GLY A 26 -15.91 -18.60 9.43
N VAL A 27 -14.74 -19.01 9.91
CA VAL A 27 -13.60 -18.14 10.13
C VAL A 27 -12.34 -18.92 9.76
N SER A 28 -11.34 -18.26 9.19
CA SER A 28 -10.00 -18.76 8.96
C SER A 28 -9.03 -17.58 8.85
N PHE A 29 -7.74 -17.89 8.88
CA PHE A 29 -6.66 -16.97 8.59
C PHE A 29 -5.56 -17.78 7.92
N ASP A 30 -4.99 -17.26 6.82
CA ASP A 30 -3.73 -17.77 6.26
C ASP A 30 -2.61 -17.63 7.30
N LYS A 31 -2.66 -16.55 8.09
CA LYS A 31 -1.75 -16.23 9.19
C LYS A 31 -0.28 -16.28 8.75
N THR A 32 0.03 -15.84 7.52
CA THR A 32 1.40 -15.67 7.05
C THR A 32 2.22 -14.84 8.02
N SER A 33 1.67 -13.72 8.48
CA SER A 33 2.39 -12.55 8.98
C SER A 33 3.29 -11.93 7.89
N ALA A 34 4.18 -12.69 7.25
CA ALA A 34 5.17 -12.25 6.28
C ALA A 34 4.61 -11.40 5.13
N THR A 35 3.62 -11.89 4.38
CA THR A 35 2.99 -11.16 3.28
C THR A 35 2.37 -9.86 3.80
N TRP A 36 1.74 -9.90 4.97
CA TRP A 36 1.14 -8.74 5.61
C TRP A 36 2.25 -7.71 5.88
N PHE A 37 3.35 -8.09 6.53
CA PHE A 37 4.45 -7.17 6.86
C PHE A 37 4.91 -6.39 5.63
N ALA A 38 5.11 -7.10 4.52
CA ALA A 38 5.57 -6.51 3.27
C ALA A 38 4.63 -5.40 2.82
N LEU A 39 3.32 -5.67 2.83
CA LEU A 39 2.28 -4.73 2.44
C LEU A 39 2.23 -3.57 3.45
N SER A 40 2.41 -3.88 4.73
CA SER A 40 2.41 -2.90 5.80
C SER A 40 3.56 -1.90 5.63
N ARG A 41 4.71 -2.34 5.09
CA ARG A 41 5.85 -1.45 4.85
C ARG A 41 5.56 -0.48 3.70
N ILE A 42 4.49 -0.68 2.93
CA ILE A 42 4.01 0.25 1.91
C ILE A 42 2.97 1.15 2.59
N ALA A 43 1.93 0.51 3.15
CA ALA A 43 0.75 1.11 3.76
C ALA A 43 1.07 2.21 4.76
N GLY A 44 2.14 2.07 5.54
CA GLY A 44 2.45 3.05 6.57
C GLY A 44 3.24 4.24 6.03
N LEU A 45 4.29 3.96 5.25
CA LEU A 45 5.17 5.00 4.75
C LEU A 45 4.47 5.86 3.72
N CYS A 46 3.76 5.21 2.80
CA CYS A 46 2.74 5.89 2.02
C CYS A 46 1.50 6.15 2.88
N ASN A 47 1.59 7.12 3.78
CA ASN A 47 0.49 7.86 4.36
C ASN A 47 1.07 9.24 4.69
N ARG A 48 0.27 10.28 4.52
CA ARG A 48 0.61 11.64 4.90
C ARG A 48 -0.66 12.37 5.29
N ALA A 49 -1.35 11.81 6.27
CA ALA A 49 -2.51 12.36 6.95
C ALA A 49 -2.48 11.91 8.41
N VAL A 50 -3.26 12.60 9.25
CA VAL A 50 -3.51 12.31 10.65
C VAL A 50 -4.99 12.58 10.94
N PHE A 51 -5.41 12.42 12.19
CA PHE A 51 -6.80 12.53 12.63
C PHE A 51 -7.22 13.98 12.87
N GLN A 52 -8.53 14.18 13.07
CA GLN A 52 -9.11 15.33 13.73
C GLN A 52 -10.02 14.85 14.86
N ALA A 53 -10.26 15.74 15.84
CA ALA A 53 -11.22 15.70 16.92
C ALA A 53 -11.16 14.43 17.80
N ASN A 54 -11.11 14.64 19.12
CA ASN A 54 -11.10 13.54 20.08
C ASN A 54 -12.36 12.70 19.92
N GLN A 55 -12.24 11.38 19.96
CA GLN A 55 -13.36 10.47 20.17
C GLN A 55 -13.08 9.68 21.44
N GLU A 56 -13.97 9.79 22.43
CA GLU A 56 -13.83 9.04 23.66
C GLU A 56 -14.24 7.59 23.43
N ASN A 57 -15.51 7.40 23.09
CA ASN A 57 -16.14 6.12 22.83
C ASN A 57 -16.65 6.01 21.40
N LEU A 58 -16.46 7.07 20.60
CA LEU A 58 -16.88 7.09 19.20
C LEU A 58 -15.85 6.32 18.37
N PRO A 59 -16.11 6.02 17.08
CA PRO A 59 -15.16 5.35 16.23
C PRO A 59 -14.02 6.28 15.88
N ILE A 60 -12.86 5.71 15.52
CA ILE A 60 -11.72 6.52 15.11
C ILE A 60 -12.04 7.32 13.84
N LEU A 61 -12.75 6.74 12.86
CA LEU A 61 -13.04 7.34 11.56
C LEU A 61 -13.66 8.73 11.71
N LYS A 62 -14.88 8.81 12.26
CA LYS A 62 -15.72 10.01 12.45
C LYS A 62 -15.73 11.04 11.32
N ARG A 63 -15.42 10.60 10.10
CA ARG A 63 -15.26 11.43 8.91
C ARG A 63 -14.34 12.63 9.18
N ALA A 64 -13.36 12.46 10.07
CA ALA A 64 -12.65 13.55 10.74
C ALA A 64 -11.15 13.30 10.64
N VAL A 65 -10.55 13.66 9.51
CA VAL A 65 -9.14 13.46 9.23
C VAL A 65 -8.58 14.70 8.53
N ALA A 66 -7.28 14.91 8.71
CA ALA A 66 -6.50 16.04 8.28
C ALA A 66 -5.41 15.52 7.36
N GLY A 67 -5.54 15.81 6.07
CA GLY A 67 -4.61 15.41 5.03
C GLY A 67 -5.44 14.93 3.85
N ASP A 68 -5.47 13.62 3.61
CA ASP A 68 -6.07 12.98 2.46
C ASP A 68 -6.68 11.67 2.93
N ALA A 69 -8.00 11.48 2.80
CA ALA A 69 -8.66 10.33 3.40
C ALA A 69 -8.25 9.00 2.75
N SER A 70 -7.82 9.00 1.48
CA SER A 70 -7.18 7.88 0.80
C SER A 70 -5.95 7.43 1.57
N GLU A 71 -4.88 8.24 1.62
CA GLU A 71 -3.65 7.92 2.33
C GLU A 71 -3.96 7.57 3.79
N SER A 72 -4.89 8.30 4.41
CA SER A 72 -5.29 8.09 5.78
C SER A 72 -6.01 6.76 6.00
N ALA A 73 -6.60 6.14 4.97
CA ALA A 73 -7.43 4.95 5.12
C ALA A 73 -6.71 3.89 5.94
N LEU A 74 -5.43 3.70 5.63
CA LEU A 74 -4.54 2.78 6.28
C LEU A 74 -4.36 3.15 7.75
N LEU A 75 -4.11 4.43 8.06
CA LEU A 75 -3.91 4.92 9.43
C LEU A 75 -5.15 4.57 10.28
N LYS A 76 -6.36 4.78 9.75
CA LYS A 76 -7.61 4.46 10.45
C LYS A 76 -7.87 2.94 10.60
N CYS A 77 -7.01 2.08 10.05
CA CYS A 77 -7.04 0.63 10.15
C CYS A 77 -5.70 0.06 10.63
N ILE A 78 -4.80 0.88 11.19
CA ILE A 78 -3.52 0.45 11.74
C ILE A 78 -3.36 1.02 13.15
N GLU A 79 -3.63 2.32 13.38
CA GLU A 79 -3.51 2.97 14.69
C GLU A 79 -4.39 2.24 15.68
N VAL A 80 -5.71 2.26 15.45
CA VAL A 80 -6.71 1.67 16.34
C VAL A 80 -6.43 0.18 16.58
N CYS A 81 -5.81 -0.49 15.60
CA CYS A 81 -5.45 -1.88 15.67
C CYS A 81 -4.31 -2.09 16.69
N CYS A 82 -3.23 -1.28 16.63
CA CYS A 82 -2.24 -1.12 17.71
C CYS A 82 -1.20 -0.03 17.42
N GLY A 83 -0.52 -0.14 16.27
CA GLY A 83 0.80 0.43 16.09
C GLY A 83 0.75 1.77 15.38
N SER A 84 1.72 2.64 15.66
CA SER A 84 1.80 3.89 14.96
C SER A 84 2.30 3.67 13.54
N VAL A 85 1.78 4.49 12.64
CA VAL A 85 2.23 4.76 11.29
C VAL A 85 2.76 6.20 11.23
N MET A 86 2.25 7.07 12.11
CA MET A 86 2.77 8.42 12.27
C MET A 86 4.22 8.42 12.73
N GLU A 87 4.78 7.28 13.17
CA GLU A 87 6.20 7.13 13.43
C GLU A 87 6.92 6.92 12.10
N MET A 88 6.39 6.08 11.22
CA MET A 88 7.06 5.65 9.98
C MET A 88 7.52 6.81 9.13
N ARG A 89 6.65 7.80 8.93
CA ARG A 89 6.95 8.99 8.14
C ARG A 89 8.13 9.80 8.68
N GLU A 90 8.42 9.71 9.97
CA GLU A 90 9.51 10.40 10.66
C GLU A 90 10.75 9.51 10.76
N LYS A 91 10.54 8.23 11.07
CA LYS A 91 11.51 7.15 11.17
C LYS A 91 12.39 7.12 9.92
N TYR A 92 11.76 6.99 8.75
CA TYR A 92 12.47 6.99 7.49
C TYR A 92 12.69 8.45 7.07
N THR A 93 13.64 8.72 6.18
CA THR A 93 14.17 10.07 5.96
C THR A 93 13.38 10.82 4.89
N LYS A 94 12.58 10.12 4.08
CA LYS A 94 11.91 10.74 2.95
C LYS A 94 12.92 11.27 1.94
N ILE A 95 13.70 10.35 1.37
CA ILE A 95 14.68 10.64 0.33
C ILE A 95 14.05 11.62 -0.68
N VAL A 96 12.91 11.22 -1.27
CA VAL A 96 12.21 11.92 -2.33
C VAL A 96 10.73 11.48 -2.32
N GLU A 97 9.88 12.19 -3.06
CA GLU A 97 8.43 12.04 -3.06
C GLU A 97 7.92 12.73 -4.33
N ILE A 98 7.95 12.02 -5.46
CA ILE A 98 7.56 12.60 -6.75
C ILE A 98 6.03 12.70 -6.78
N PRO A 99 5.43 13.80 -7.27
CA PRO A 99 4.00 13.92 -7.49
C PRO A 99 3.55 13.40 -8.87
N PHE A 100 2.23 13.24 -9.03
CA PHE A 100 1.53 12.82 -10.25
C PHE A 100 1.91 13.66 -11.46
N ASN A 101 1.97 14.99 -11.32
CA ASN A 101 2.21 15.92 -12.43
C ASN A 101 3.59 15.68 -13.03
N SER A 102 3.67 14.87 -14.09
CA SER A 102 4.92 14.32 -14.63
C SER A 102 4.66 13.71 -16.00
N THR A 103 5.72 13.43 -16.77
CA THR A 103 5.67 12.66 -18.01
C THR A 103 5.33 11.18 -17.75
N ASN A 104 5.37 10.74 -16.48
CA ASN A 104 4.94 9.42 -16.03
C ASN A 104 3.51 9.52 -15.51
N LYS A 105 2.69 8.47 -15.68
CA LYS A 105 1.32 8.44 -15.15
C LYS A 105 1.24 7.69 -13.82
N TYR A 106 2.18 7.98 -12.91
CA TYR A 106 2.19 7.46 -11.54
C TYR A 106 2.82 8.48 -10.58
N GLN A 107 2.87 8.16 -9.29
CA GLN A 107 3.70 8.76 -8.25
C GLN A 107 4.32 7.64 -7.42
N LEU A 108 5.41 7.95 -6.70
CA LEU A 108 6.14 7.06 -5.81
C LEU A 108 6.85 7.91 -4.75
N SER A 109 7.45 7.27 -3.75
CA SER A 109 8.19 7.91 -2.69
C SER A 109 9.37 6.99 -2.38
N ILE A 110 10.49 7.54 -1.91
CA ILE A 110 11.68 6.77 -1.56
C ILE A 110 12.09 7.16 -0.15
N HIS A 111 12.58 6.19 0.61
CA HIS A 111 12.77 6.25 2.05
C HIS A 111 14.00 5.42 2.38
N LYS A 112 14.95 5.94 3.15
CA LYS A 112 15.98 5.08 3.75
C LYS A 112 15.42 4.53 5.06
N ASN A 113 15.68 3.26 5.31
CA ASN A 113 15.40 2.57 6.57
C ASN A 113 16.51 2.95 7.54
N PRO A 114 16.21 3.39 8.77
CA PRO A 114 17.26 3.70 9.72
C PRO A 114 18.09 2.45 10.01
N ASN A 115 17.47 1.28 10.20
CA ASN A 115 18.14 -0.02 10.25
C ASN A 115 17.13 -1.17 10.16
N ALA A 116 17.26 -2.07 9.18
CA ALA A 116 16.51 -3.33 9.06
C ALA A 116 17.24 -4.30 8.11
N SER A 117 16.73 -5.53 7.97
CA SER A 117 17.01 -6.40 6.83
C SER A 117 16.59 -5.69 5.54
N GLU A 118 15.30 -5.37 5.45
CA GLU A 118 14.66 -4.72 4.30
C GLU A 118 15.51 -3.50 3.94
N PRO A 119 16.01 -3.40 2.70
CA PRO A 119 17.19 -2.61 2.39
C PRO A 119 16.88 -1.12 2.57
N LYS A 120 17.93 -0.31 2.75
CA LYS A 120 17.83 1.09 3.12
C LYS A 120 16.82 1.79 2.25
N HIS A 121 17.20 2.12 1.02
CA HIS A 121 16.47 2.91 0.05
C HIS A 121 15.30 2.08 -0.52
N LEU A 122 14.28 1.91 0.31
CA LEU A 122 13.00 1.37 -0.07
C LEU A 122 12.29 2.43 -0.91
N LEU A 123 11.49 1.99 -1.87
CA LEU A 123 10.63 2.80 -2.70
C LEU A 123 9.24 2.18 -2.62
N VAL A 124 8.21 3.02 -2.55
CA VAL A 124 6.81 2.66 -2.47
C VAL A 124 6.05 3.38 -3.58
N MET A 125 5.56 2.63 -4.56
CA MET A 125 4.77 3.11 -5.68
C MET A 125 3.29 2.94 -5.35
N LYS A 126 2.44 3.73 -5.99
CA LYS A 126 0.99 3.65 -5.90
C LYS A 126 0.40 4.02 -7.27
N GLY A 127 -0.92 4.13 -7.38
CA GLY A 127 -1.61 4.43 -8.63
C GLY A 127 -2.79 3.48 -8.84
N ALA A 128 -3.44 3.58 -9.98
CA ALA A 128 -4.45 2.63 -10.42
C ALA A 128 -3.86 1.21 -10.43
N PRO A 129 -4.61 0.17 -10.05
CA PRO A 129 -4.05 -1.15 -9.85
C PRO A 129 -3.56 -1.74 -11.17
N GLU A 130 -4.16 -1.31 -12.28
CA GLU A 130 -3.81 -1.75 -13.62
C GLU A 130 -2.38 -1.33 -13.95
N ARG A 131 -1.91 -0.18 -13.44
CA ARG A 131 -0.56 0.28 -13.74
C ARG A 131 0.46 -0.54 -12.97
N ILE A 132 0.16 -0.79 -11.69
CA ILE A 132 0.98 -1.62 -10.83
C ILE A 132 1.07 -2.98 -11.53
N LEU A 133 -0.07 -3.59 -11.86
CA LEU A 133 -0.14 -4.89 -12.50
C LEU A 133 0.54 -4.87 -13.87
N ASP A 134 0.56 -3.72 -14.56
CA ASP A 134 1.19 -3.65 -15.87
C ASP A 134 2.66 -3.98 -15.72
N ARG A 135 3.32 -3.30 -14.78
CA ARG A 135 4.76 -3.39 -14.63
C ARG A 135 5.21 -4.35 -13.54
N CYS A 136 4.31 -5.05 -12.83
CA CYS A 136 4.67 -6.04 -11.82
C CYS A 136 5.12 -7.35 -12.46
N SER A 137 6.09 -8.02 -11.84
CA SER A 137 6.81 -9.17 -12.39
C SER A 137 6.75 -10.40 -11.48
N SER A 138 6.32 -10.23 -10.22
CA SER A 138 6.05 -11.32 -9.30
C SER A 138 4.90 -10.92 -8.37
N ILE A 139 4.39 -11.84 -7.57
CA ILE A 139 3.53 -11.56 -6.43
C ILE A 139 4.29 -12.11 -5.22
N LEU A 140 3.88 -11.73 -4.04
CA LEU A 140 4.36 -12.28 -2.79
C LEU A 140 3.16 -12.91 -2.11
N LEU A 141 3.27 -14.21 -1.87
CA LEU A 141 2.41 -15.00 -1.01
C LEU A 141 3.33 -15.77 -0.09
N HIS A 142 2.82 -16.20 1.07
CA HIS A 142 3.43 -17.13 2.00
C HIS A 142 4.80 -16.68 2.53
N GLY A 143 5.17 -15.40 2.37
CA GLY A 143 6.50 -14.89 2.74
C GLY A 143 7.58 -15.31 1.74
N LYS A 144 7.19 -15.55 0.48
CA LYS A 144 8.04 -16.04 -0.59
C LYS A 144 7.98 -15.01 -1.72
N GLU A 145 8.11 -15.45 -2.95
CA GLU A 145 7.59 -14.78 -4.14
C GLU A 145 7.03 -15.92 -4.98
N GLN A 146 5.96 -15.65 -5.70
CA GLN A 146 5.51 -16.48 -6.81
C GLN A 146 5.75 -15.68 -8.10
N PRO A 147 6.18 -16.34 -9.19
CA PRO A 147 6.21 -15.72 -10.50
C PRO A 147 4.77 -15.36 -10.83
N LEU A 148 4.55 -14.09 -11.15
CA LEU A 148 3.23 -13.61 -11.52
C LEU A 148 2.93 -14.14 -12.92
N ASP A 149 1.68 -14.55 -13.14
CA ASP A 149 1.24 -15.20 -14.36
C ASP A 149 -0.25 -14.95 -14.51
N GLU A 150 -0.87 -15.37 -15.59
CA GLU A 150 -2.25 -15.12 -15.95
C GLU A 150 -3.23 -15.60 -14.87
N GLU A 151 -2.94 -16.71 -14.19
CA GLU A 151 -3.77 -17.25 -13.12
C GLU A 151 -3.67 -16.35 -11.88
N LEU A 152 -2.65 -15.49 -11.80
CA LEU A 152 -2.42 -14.60 -10.69
C LEU A 152 -2.93 -13.20 -10.99
N LYS A 153 -2.88 -12.80 -12.26
CA LYS A 153 -3.66 -11.69 -12.77
C LYS A 153 -5.13 -11.94 -12.41
N ASP A 154 -5.64 -13.13 -12.72
CA ASP A 154 -7.03 -13.53 -12.50
C ASP A 154 -7.43 -13.32 -11.05
N ALA A 155 -6.59 -13.81 -10.14
CA ALA A 155 -6.86 -13.81 -8.72
C ALA A 155 -7.01 -12.41 -8.13
N PHE A 156 -6.36 -11.41 -8.73
CA PHE A 156 -6.54 -10.00 -8.47
C PHE A 156 -7.78 -9.48 -9.17
N GLN A 157 -7.96 -9.82 -10.46
CA GLN A 157 -8.99 -9.22 -11.30
C GLN A 157 -10.29 -9.39 -10.57
N ASN A 158 -10.75 -10.63 -10.45
CA ASN A 158 -12.03 -10.97 -9.84
C ASN A 158 -12.24 -10.26 -8.51
N ALA A 159 -11.18 -10.17 -7.70
CA ALA A 159 -11.16 -9.48 -6.43
C ALA A 159 -11.48 -7.99 -6.62
N TYR A 160 -10.64 -7.23 -7.31
CA TYR A 160 -10.90 -5.85 -7.69
C TYR A 160 -12.32 -5.67 -8.25
N LEU A 161 -12.70 -6.51 -9.22
CA LEU A 161 -13.93 -6.36 -9.97
C LEU A 161 -15.14 -6.61 -9.08
N GLU A 162 -15.02 -7.49 -8.08
CA GLU A 162 -16.06 -7.73 -7.10
C GLU A 162 -16.26 -6.47 -6.26
N LEU A 163 -15.20 -5.90 -5.63
CA LEU A 163 -15.37 -4.68 -4.82
C LEU A 163 -16.01 -3.57 -5.67
N GLY A 164 -15.73 -3.56 -6.98
CA GLY A 164 -16.54 -2.91 -8.00
C GLY A 164 -15.72 -1.91 -8.77
N GLY A 165 -14.74 -1.30 -8.08
CA GLY A 165 -13.80 -0.35 -8.62
C GLY A 165 -14.41 1.00 -8.99
N LEU A 166 -15.71 1.07 -9.32
CA LEU A 166 -16.60 2.23 -9.23
C LEU A 166 -16.28 3.39 -10.18
N GLY A 167 -15.13 3.35 -10.86
CA GLY A 167 -14.55 4.47 -11.57
C GLY A 167 -13.04 4.60 -11.46
N GLU A 168 -12.37 3.66 -10.77
CA GLU A 168 -10.93 3.50 -10.49
C GLU A 168 -10.71 3.92 -9.03
N ARG A 169 -11.22 3.12 -8.08
CA ARG A 169 -11.22 3.40 -6.65
C ARG A 169 -10.64 2.20 -5.87
N VAL A 170 -9.42 1.76 -6.22
CA VAL A 170 -8.58 0.78 -5.53
C VAL A 170 -7.14 1.16 -5.88
N LEU A 171 -6.31 1.54 -4.91
CA LEU A 171 -4.88 1.76 -5.14
C LEU A 171 -4.15 0.42 -5.17
N GLY A 172 -2.97 0.42 -5.79
CA GLY A 172 -2.24 -0.81 -6.13
C GLY A 172 -1.00 -1.14 -5.28
N PHE A 173 -0.50 -0.23 -4.45
CA PHE A 173 0.49 -0.45 -3.37
C PHE A 173 1.53 -1.57 -3.58
N CYS A 174 2.67 -1.25 -4.21
CA CYS A 174 3.77 -2.17 -4.43
C CYS A 174 5.09 -1.51 -4.01
N HIS A 175 6.13 -2.34 -3.87
CA HIS A 175 7.51 -1.96 -3.65
C HIS A 175 8.38 -2.77 -4.61
N LEU A 176 9.66 -2.43 -4.73
CA LEU A 176 10.65 -3.21 -5.48
C LEU A 176 11.94 -3.45 -4.70
N LEU A 177 12.07 -2.88 -3.50
CA LEU A 177 13.27 -2.87 -2.65
C LEU A 177 14.54 -2.60 -3.48
N LEU A 178 14.88 -1.33 -3.72
CA LEU A 178 15.88 -0.92 -4.71
C LEU A 178 17.19 -1.69 -4.51
N PRO A 179 17.91 -2.04 -5.60
CA PRO A 179 19.22 -2.69 -5.52
C PRO A 179 20.24 -1.72 -4.96
N ASP A 180 20.38 -1.73 -3.64
CA ASP A 180 21.22 -0.82 -2.85
C ASP A 180 22.71 -0.99 -3.17
N GLU A 181 23.05 -2.03 -3.93
CA GLU A 181 24.35 -2.33 -4.49
C GLU A 181 24.60 -1.50 -5.75
N GLN A 182 23.68 -1.61 -6.72
CA GLN A 182 23.80 -0.91 -7.99
C GLN A 182 23.47 0.58 -7.79
N PHE A 183 22.77 0.91 -6.70
CA PHE A 183 22.42 2.28 -6.32
C PHE A 183 23.52 2.94 -5.50
N PRO A 184 23.64 4.28 -5.51
CA PRO A 184 24.71 4.96 -4.80
C PRO A 184 24.37 5.01 -3.31
N GLU A 185 25.33 4.64 -2.47
CA GLU A 185 25.16 4.62 -1.02
C GLU A 185 25.04 6.03 -0.41
N GLY A 186 25.11 7.08 -1.23
CA GLY A 186 25.00 8.48 -0.85
C GLY A 186 23.61 9.10 -1.11
N PHE A 187 22.72 8.43 -1.85
CA PHE A 187 21.28 8.71 -1.86
C PHE A 187 20.86 10.16 -2.15
N GLN A 188 21.18 10.70 -3.33
CA GLN A 188 20.99 12.11 -3.69
C GLN A 188 20.14 12.27 -4.96
N PHE A 189 19.09 11.45 -5.05
CA PHE A 189 18.20 11.28 -6.20
C PHE A 189 17.54 12.60 -6.61
N ASP A 190 17.14 13.40 -5.61
CA ASP A 190 16.59 14.76 -5.66
C ASP A 190 15.32 14.96 -6.51
N THR A 191 14.81 13.89 -7.11
CA THR A 191 13.86 13.86 -8.22
C THR A 191 14.47 14.40 -9.52
N ASP A 192 15.77 14.69 -9.56
CA ASP A 192 16.42 15.37 -10.69
C ASP A 192 17.27 14.40 -11.46
N GLU A 193 17.88 13.44 -10.76
CA GLU A 193 18.80 12.48 -11.34
C GLU A 193 18.29 11.04 -11.18
N VAL A 194 16.97 10.89 -11.16
CA VAL A 194 16.19 9.68 -11.00
C VAL A 194 16.79 8.53 -11.80
N ASN A 195 16.52 8.48 -13.11
CA ASN A 195 16.97 7.42 -13.99
C ASN A 195 16.65 6.01 -13.44
N PHE A 196 15.55 5.88 -12.68
CA PHE A 196 15.27 4.71 -11.83
C PHE A 196 14.74 3.52 -12.66
N PRO A 197 14.75 2.28 -12.14
CA PRO A 197 13.93 1.22 -12.70
C PRO A 197 12.47 1.41 -12.28
N VAL A 198 11.56 0.74 -12.97
CA VAL A 198 10.14 0.75 -12.64
C VAL A 198 9.44 -0.53 -13.09
N ASP A 199 10.08 -1.70 -12.97
CA ASP A 199 9.49 -2.95 -13.52
C ASP A 199 10.05 -4.25 -12.91
N ASN A 200 10.30 -4.24 -11.61
CA ASN A 200 10.69 -5.35 -10.74
C ASN A 200 9.68 -5.55 -9.61
N LEU A 201 8.64 -4.71 -9.59
CA LEU A 201 7.81 -4.49 -8.44
C LEU A 201 7.03 -5.74 -8.12
N CYS A 202 6.90 -5.94 -6.83
CA CYS A 202 6.18 -7.05 -6.24
C CYS A 202 4.71 -6.63 -6.15
N PHE A 203 3.82 -7.42 -6.74
CA PHE A 203 2.37 -7.31 -6.77
C PHE A 203 1.67 -7.42 -5.41
N VAL A 204 2.43 -7.53 -4.31
CA VAL A 204 2.15 -8.09 -2.99
C VAL A 204 0.66 -8.25 -2.70
N GLY A 205 -0.07 -7.15 -2.53
CA GLY A 205 -1.48 -7.13 -2.22
C GLY A 205 -1.95 -5.69 -2.31
N LEU A 206 -3.24 -5.48 -2.10
CA LEU A 206 -3.86 -4.18 -2.08
C LEU A 206 -4.93 -4.17 -1.00
N ILE A 207 -5.44 -2.98 -0.73
CA ILE A 207 -6.53 -2.77 0.19
C ILE A 207 -7.72 -2.49 -0.73
N SER A 208 -8.17 -1.23 -0.90
CA SER A 208 -9.19 -0.82 -1.89
C SER A 208 -9.57 0.66 -1.76
N MET A 209 -8.56 1.54 -1.77
CA MET A 209 -8.75 2.93 -1.35
C MET A 209 -9.74 3.71 -2.20
N ILE A 210 -10.55 4.52 -1.53
CA ILE A 210 -11.62 5.32 -2.10
C ILE A 210 -11.29 6.81 -1.97
N ASP A 211 -12.08 7.59 -2.68
CA ASP A 211 -12.21 9.05 -2.59
C ASP A 211 -13.50 9.39 -3.35
N PRO A 212 -14.66 9.30 -2.69
CA PRO A 212 -15.93 9.69 -3.28
C PRO A 212 -16.13 11.22 -3.20
N PRO A 213 -16.57 11.87 -4.28
CA PRO A 213 -16.91 13.28 -4.29
C PRO A 213 -18.37 13.47 -3.83
N GLN A 1 -11.67 15.29 6.12
CA GLN A 1 -13.15 15.26 6.25
C GLN A 1 -13.75 14.07 5.49
N ASN A 2 -15.06 13.84 5.65
CA ASN A 2 -15.87 12.78 5.03
C ASN A 2 -15.36 11.37 5.46
N PRO A 3 -15.97 10.25 5.01
CA PRO A 3 -15.63 8.93 5.53
C PRO A 3 -14.27 8.40 5.10
N MET A 4 -14.28 7.95 3.87
CA MET A 4 -13.23 7.38 3.05
C MET A 4 -12.35 6.39 3.82
N THR A 5 -12.68 5.11 3.69
CA THR A 5 -12.03 4.01 4.40
C THR A 5 -11.53 2.97 3.39
N VAL A 6 -10.97 1.87 3.91
CA VAL A 6 -10.47 0.75 3.13
C VAL A 6 -11.53 0.05 2.29
N ALA A 7 -12.78 -0.04 2.77
CA ALA A 7 -13.81 -0.96 2.32
C ALA A 7 -13.36 -2.42 2.57
N HIS A 8 -12.45 -2.95 1.77
CA HIS A 8 -12.06 -4.37 1.74
C HIS A 8 -10.59 -4.48 1.28
N MET A 9 -9.99 -5.68 1.29
CA MET A 9 -8.62 -5.88 0.79
C MET A 9 -8.36 -7.29 0.25
N TRP A 10 -7.23 -7.45 -0.45
CA TRP A 10 -6.81 -8.67 -1.12
C TRP A 10 -5.29 -8.74 -1.16
N PHE A 11 -4.71 -9.94 -1.03
CA PHE A 11 -3.27 -10.15 -1.10
C PHE A 11 -3.02 -11.66 -1.19
N ASP A 12 -3.59 -12.41 -0.25
CA ASP A 12 -3.44 -13.86 -0.05
C ASP A 12 -4.08 -14.69 -1.17
N ASN A 13 -4.63 -13.99 -2.17
CA ASN A 13 -5.02 -14.43 -3.49
C ASN A 13 -6.51 -14.77 -3.52
N GLN A 14 -7.26 -14.32 -2.50
CA GLN A 14 -8.59 -14.86 -2.21
C GLN A 14 -9.48 -13.88 -1.42
N ILE A 15 -9.11 -12.60 -1.34
CA ILE A 15 -9.71 -11.58 -0.47
C ILE A 15 -9.45 -12.02 1.00
N HIS A 16 -10.17 -11.50 1.99
CA HIS A 16 -9.91 -11.73 3.42
C HIS A 16 -11.23 -11.90 4.16
N GLU A 17 -11.17 -12.32 5.43
CA GLU A 17 -12.33 -12.66 6.24
C GLU A 17 -12.17 -12.12 7.66
N ALA A 18 -12.44 -10.83 7.83
CA ALA A 18 -12.53 -10.16 9.12
C ALA A 18 -13.81 -10.55 9.88
N ASP A 19 -14.91 -10.83 9.19
CA ASP A 19 -16.15 -11.37 9.76
C ASP A 19 -17.01 -11.98 8.64
N THR A 20 -17.93 -12.88 8.97
CA THR A 20 -19.06 -13.24 8.11
C THR A 20 -20.22 -13.63 9.04
N THR A 21 -21.25 -12.79 9.12
CA THR A 21 -22.45 -13.11 9.88
C THR A 21 -23.21 -14.24 9.16
N GLU A 22 -24.00 -15.01 9.93
CA GLU A 22 -24.86 -16.12 9.51
C GLU A 22 -24.20 -17.05 8.48
N ASN A 23 -22.88 -17.25 8.61
CA ASN A 23 -22.07 -18.00 7.65
C ASN A 23 -20.94 -18.69 8.40
N GLN A 24 -20.58 -19.88 7.95
CA GLN A 24 -19.40 -20.65 8.30
C GLN A 24 -19.38 -21.78 7.27
N SER A 25 -18.52 -21.69 6.26
CA SER A 25 -18.29 -22.75 5.31
C SER A 25 -16.93 -22.50 4.67
N GLY A 26 -16.25 -23.54 4.17
CA GLY A 26 -14.94 -23.40 3.55
C GLY A 26 -13.90 -22.85 4.52
N VAL A 27 -12.79 -22.34 3.98
CA VAL A 27 -11.64 -21.91 4.77
C VAL A 27 -11.92 -20.59 5.50
N SER A 28 -10.99 -20.20 6.39
CA SER A 28 -10.98 -18.92 7.08
C SER A 28 -9.52 -18.48 7.22
N PHE A 29 -9.08 -17.60 6.34
CA PHE A 29 -7.75 -17.02 6.35
C PHE A 29 -7.71 -15.92 7.41
N ASP A 30 -6.60 -15.79 8.18
CA ASP A 30 -6.26 -14.52 8.82
C ASP A 30 -4.78 -14.33 9.18
N LYS A 31 -4.09 -15.35 9.70
CA LYS A 31 -2.67 -15.21 10.05
C LYS A 31 -1.82 -15.15 8.78
N THR A 32 -0.66 -14.50 8.86
CA THR A 32 0.34 -14.44 7.78
C THR A 32 1.55 -13.66 8.28
N SER A 33 1.33 -12.41 8.71
CA SER A 33 2.33 -11.43 9.08
C SER A 33 3.28 -10.99 7.95
N ALA A 34 4.01 -11.88 7.29
CA ALA A 34 5.06 -11.50 6.35
C ALA A 34 4.55 -10.58 5.23
N THR A 35 3.51 -11.03 4.52
CA THR A 35 2.86 -10.27 3.47
C THR A 35 2.16 -9.03 4.05
N TRP A 36 1.69 -9.11 5.29
CA TRP A 36 1.06 -8.00 6.02
C TRP A 36 2.08 -6.89 6.19
N PHE A 37 3.26 -7.22 6.72
CA PHE A 37 4.36 -6.30 6.93
C PHE A 37 4.80 -5.68 5.61
N ALA A 38 4.88 -6.51 4.56
CA ALA A 38 5.29 -6.12 3.24
C ALA A 38 4.38 -5.04 2.69
N LEU A 39 3.07 -5.21 2.84
CA LEU A 39 2.04 -4.29 2.42
C LEU A 39 2.17 -3.04 3.27
N SER A 40 2.32 -3.22 4.58
CA SER A 40 2.45 -2.13 5.54
C SER A 40 3.72 -1.29 5.33
N ARG A 41 4.76 -1.84 4.71
CA ARG A 41 5.95 -1.10 4.25
C ARG A 41 5.54 0.02 3.29
N ILE A 42 4.49 -0.20 2.52
CA ILE A 42 3.96 0.69 1.50
C ILE A 42 2.88 1.55 2.16
N ALA A 43 1.85 0.88 2.69
CA ALA A 43 0.56 1.45 3.04
C ALA A 43 0.64 2.42 4.21
N GLY A 44 1.67 2.32 5.05
CA GLY A 44 1.91 3.29 6.11
C GLY A 44 2.60 4.54 5.58
N LEU A 45 3.67 4.37 4.80
CA LEU A 45 4.50 5.50 4.37
C LEU A 45 3.81 6.33 3.32
N CYS A 46 3.23 5.70 2.30
CA CYS A 46 2.33 6.36 1.35
C CYS A 46 1.09 6.87 2.09
N ASN A 47 1.17 8.09 2.63
CA ASN A 47 0.16 8.74 3.44
C ASN A 47 0.46 10.25 3.42
N ARG A 48 -0.58 11.09 3.41
CA ARG A 48 -0.52 12.56 3.26
C ARG A 48 -1.55 13.24 4.16
N ALA A 49 -2.01 12.56 5.19
CA ALA A 49 -3.02 13.01 6.12
C ALA A 49 -2.62 12.59 7.53
N VAL A 50 -3.21 13.22 8.53
CA VAL A 50 -3.16 12.85 9.93
C VAL A 50 -4.58 12.95 10.49
N PHE A 51 -4.76 12.49 11.72
CA PHE A 51 -5.98 12.65 12.48
C PHE A 51 -6.15 14.10 12.92
N GLN A 52 -7.32 14.39 13.48
CA GLN A 52 -7.60 15.59 14.26
C GLN A 52 -7.78 15.14 15.73
N ALA A 53 -8.21 16.04 16.62
CA ALA A 53 -8.50 15.71 18.02
C ALA A 53 -9.33 14.43 18.11
N ASN A 54 -8.89 13.48 18.94
CA ASN A 54 -9.52 12.17 19.06
C ASN A 54 -10.90 12.27 19.73
N GLN A 55 -11.55 11.13 19.90
CA GLN A 55 -12.90 11.01 20.42
C GLN A 55 -12.90 10.10 21.65
N GLU A 56 -14.07 9.98 22.26
CA GLU A 56 -14.23 9.38 23.58
C GLU A 56 -14.55 7.91 23.36
N ASN A 57 -15.82 7.51 23.45
CA ASN A 57 -16.30 6.15 23.23
C ASN A 57 -16.58 5.83 21.76
N LEU A 58 -16.10 6.68 20.85
CA LEU A 58 -16.43 6.68 19.45
C LEU A 58 -15.22 6.19 18.63
N PRO A 59 -15.36 5.94 17.31
CA PRO A 59 -14.30 5.41 16.48
C PRO A 59 -13.33 6.50 16.01
N ILE A 60 -12.13 6.09 15.63
CA ILE A 60 -11.06 6.90 15.02
C ILE A 60 -11.49 7.61 13.72
N LEU A 61 -12.63 7.19 13.14
CA LEU A 61 -13.15 7.72 11.89
C LEU A 61 -13.82 9.08 12.17
N LYS A 62 -15.07 9.06 12.68
CA LYS A 62 -15.96 10.20 12.93
C LYS A 62 -15.99 11.30 11.85
N ARG A 63 -15.62 10.95 10.63
CA ARG A 63 -15.47 11.78 9.43
C ARG A 63 -14.63 13.04 9.66
N ALA A 64 -13.65 12.94 10.54
CA ALA A 64 -12.75 14.01 10.93
C ALA A 64 -11.35 13.49 10.72
N VAL A 65 -10.57 14.19 9.91
CA VAL A 65 -9.17 13.93 9.62
C VAL A 65 -8.69 15.20 8.94
N ALA A 66 -7.38 15.41 8.91
CA ALA A 66 -6.75 16.55 8.29
C ALA A 66 -5.82 16.01 7.22
N GLY A 67 -6.15 16.22 5.94
CA GLY A 67 -5.39 15.81 4.77
C GLY A 67 -6.27 15.06 3.78
N ASP A 68 -5.69 14.64 2.66
CA ASP A 68 -6.41 13.95 1.58
C ASP A 68 -7.04 12.67 2.10
N ALA A 69 -8.36 12.56 1.92
CA ALA A 69 -9.15 11.43 2.36
C ALA A 69 -8.65 10.10 1.79
N SER A 70 -8.13 10.11 0.56
CA SER A 70 -7.61 8.94 -0.12
C SER A 70 -6.43 8.39 0.68
N GLU A 71 -5.36 9.19 0.78
CA GLU A 71 -4.15 8.80 1.48
C GLU A 71 -4.41 8.54 2.97
N SER A 72 -5.42 9.18 3.53
CA SER A 72 -5.86 8.98 4.90
C SER A 72 -6.58 7.67 5.12
N ALA A 73 -7.25 7.08 4.12
CA ALA A 73 -8.06 5.90 4.30
C ALA A 73 -7.26 4.80 4.98
N LEU A 74 -6.03 4.59 4.52
CA LEU A 74 -5.06 3.70 5.12
C LEU A 74 -4.82 4.03 6.58
N LEU A 75 -4.53 5.30 6.91
CA LEU A 75 -4.10 5.73 8.22
C LEU A 75 -5.20 5.38 9.21
N LYS A 76 -6.47 5.70 8.89
CA LYS A 76 -7.60 5.40 9.77
C LYS A 76 -7.69 3.90 10.02
N CYS A 77 -7.49 3.09 8.98
CA CYS A 77 -7.66 1.64 9.00
C CYS A 77 -6.45 0.88 9.57
N ILE A 78 -5.29 1.53 9.78
CA ILE A 78 -4.05 0.84 10.13
C ILE A 78 -3.62 1.26 11.54
N GLU A 79 -3.84 2.52 11.93
CA GLU A 79 -3.34 3.08 13.18
C GLU A 79 -3.94 2.34 14.37
N VAL A 80 -5.27 2.20 14.34
CA VAL A 80 -6.10 1.56 15.36
C VAL A 80 -5.75 0.08 15.57
N CYS A 81 -4.91 -0.53 14.73
CA CYS A 81 -4.35 -1.86 15.01
C CYS A 81 -3.32 -1.80 16.16
N CYS A 82 -2.95 -0.60 16.62
CA CYS A 82 -1.72 -0.23 17.31
C CYS A 82 -0.59 -0.24 16.28
N GLY A 83 -0.48 0.84 15.52
CA GLY A 83 0.46 0.99 14.42
C GLY A 83 0.73 2.46 14.19
N SER A 84 1.73 3.03 14.86
CA SER A 84 2.06 4.45 14.93
C SER A 84 2.52 5.05 13.58
N VAL A 85 1.66 5.03 12.55
CA VAL A 85 2.00 5.43 11.19
C VAL A 85 2.36 6.91 11.10
N MET A 86 1.89 7.75 12.02
CA MET A 86 2.30 9.13 12.09
C MET A 86 3.79 9.32 12.36
N GLU A 87 4.48 8.36 12.98
CA GLU A 87 5.92 8.47 13.15
C GLU A 87 6.60 8.20 11.82
N MET A 88 6.03 7.33 10.98
CA MET A 88 6.71 6.82 9.79
C MET A 88 7.17 7.93 8.84
N ARG A 89 6.41 9.03 8.73
CA ARG A 89 6.80 10.19 7.92
C ARG A 89 8.09 10.87 8.38
N GLU A 90 8.41 10.69 9.66
CA GLU A 90 9.56 11.25 10.36
C GLU A 90 10.70 10.23 10.38
N LYS A 91 10.38 8.99 10.76
CA LYS A 91 11.32 7.89 10.91
C LYS A 91 12.13 7.71 9.64
N TYR A 92 11.42 7.64 8.52
CA TYR A 92 12.03 7.61 7.21
C TYR A 92 12.30 9.05 6.76
N THR A 93 13.34 9.26 5.94
CA THR A 93 13.85 10.57 5.59
C THR A 93 13.21 11.07 4.31
N LYS A 94 12.48 10.22 3.57
CA LYS A 94 11.76 10.69 2.40
C LYS A 94 12.77 11.31 1.42
N ILE A 95 13.67 10.48 0.93
CA ILE A 95 14.65 10.87 -0.05
C ILE A 95 14.01 11.81 -1.09
N VAL A 96 12.89 11.41 -1.70
CA VAL A 96 12.31 12.10 -2.84
C VAL A 96 10.83 11.70 -2.93
N GLU A 97 10.05 12.47 -3.67
CA GLU A 97 8.60 12.40 -3.77
C GLU A 97 8.23 13.05 -5.10
N ILE A 98 8.15 12.23 -6.17
CA ILE A 98 7.64 12.70 -7.45
C ILE A 98 6.13 12.91 -7.29
N PRO A 99 5.54 13.90 -8.00
CA PRO A 99 4.09 14.12 -8.04
C PRO A 99 3.44 13.08 -8.97
N PHE A 100 2.36 13.44 -9.68
CA PHE A 100 1.67 12.55 -10.61
C PHE A 100 2.06 12.79 -12.07
N ASN A 101 2.83 13.84 -12.34
CA ASN A 101 3.14 14.38 -13.66
C ASN A 101 4.64 14.65 -13.78
N SER A 102 5.08 15.09 -14.96
CA SER A 102 6.45 15.14 -15.48
C SER A 102 7.09 13.75 -15.63
N THR A 103 6.80 12.84 -14.71
CA THR A 103 7.19 11.43 -14.74
C THR A 103 6.26 10.61 -15.67
N ASN A 104 5.28 11.24 -16.31
CA ASN A 104 4.19 10.73 -17.18
C ASN A 104 2.91 10.67 -16.36
N LYS A 105 2.64 9.53 -15.70
CA LYS A 105 1.27 9.24 -15.23
C LYS A 105 1.19 8.32 -14.01
N TYR A 106 2.33 7.91 -13.42
CA TYR A 106 2.36 7.23 -12.12
C TYR A 106 2.72 8.24 -11.02
N GLN A 107 2.79 7.80 -9.77
CA GLN A 107 3.44 8.48 -8.66
C GLN A 107 4.18 7.41 -7.83
N LEU A 108 5.25 7.82 -7.15
CA LEU A 108 6.10 7.01 -6.29
C LEU A 108 6.64 7.86 -5.13
N SER A 109 7.45 7.31 -4.24
CA SER A 109 8.24 8.02 -3.25
C SER A 109 9.39 7.09 -2.86
N ILE A 110 10.48 7.66 -2.30
CA ILE A 110 11.67 6.91 -1.89
C ILE A 110 12.02 7.34 -0.47
N HIS A 111 12.43 6.39 0.35
CA HIS A 111 12.55 6.54 1.80
C HIS A 111 13.71 5.66 2.27
N LYS A 112 14.65 6.15 3.10
CA LYS A 112 15.62 5.26 3.74
C LYS A 112 14.99 4.70 5.01
N ASN A 113 15.08 3.39 5.20
CA ASN A 113 14.93 2.71 6.48
C ASN A 113 16.28 2.90 7.19
N PRO A 114 16.32 3.57 8.35
CA PRO A 114 17.56 3.82 9.09
C PRO A 114 17.99 2.62 9.94
N ASN A 115 17.15 1.57 10.03
CA ASN A 115 17.22 0.52 11.04
C ASN A 115 17.46 -0.81 10.30
N ALA A 116 16.46 -1.66 10.20
CA ALA A 116 16.59 -3.02 9.70
C ALA A 116 15.23 -3.51 9.20
N SER A 117 15.26 -4.71 8.61
CA SER A 117 14.18 -5.59 8.14
C SER A 117 14.17 -5.66 6.61
N GLU A 118 14.66 -4.61 5.94
CA GLU A 118 14.63 -4.38 4.52
C GLU A 118 15.96 -3.66 4.20
N PRO A 119 16.31 -3.47 2.91
CA PRO A 119 17.43 -2.60 2.57
C PRO A 119 17.04 -1.15 2.88
N LYS A 120 18.03 -0.27 3.00
CA LYS A 120 17.80 1.11 3.43
C LYS A 120 16.81 1.81 2.51
N HIS A 121 17.22 2.22 1.32
CA HIS A 121 16.38 2.95 0.38
C HIS A 121 15.25 2.07 -0.16
N LEU A 122 14.09 2.17 0.46
CA LEU A 122 12.82 1.64 0.03
C LEU A 122 12.23 2.60 -1.00
N LEU A 123 11.48 2.07 -1.97
CA LEU A 123 10.60 2.81 -2.87
C LEU A 123 9.20 2.22 -2.71
N VAL A 124 8.18 3.07 -2.79
CA VAL A 124 6.77 2.71 -2.74
C VAL A 124 6.08 3.38 -3.94
N MET A 125 5.12 2.70 -4.56
CA MET A 125 4.37 3.15 -5.72
C MET A 125 2.88 3.05 -5.44
N LYS A 126 2.10 3.72 -6.28
CA LYS A 126 0.66 3.86 -6.18
C LYS A 126 0.10 4.16 -7.57
N GLY A 127 -1.21 4.30 -7.68
CA GLY A 127 -1.96 4.44 -8.92
C GLY A 127 -3.05 3.38 -8.99
N ALA A 128 -3.86 3.45 -10.05
CA ALA A 128 -4.84 2.42 -10.38
C ALA A 128 -4.13 1.07 -10.54
N PRO A 129 -4.80 -0.08 -10.29
CA PRO A 129 -4.09 -1.34 -10.10
C PRO A 129 -3.38 -1.84 -11.35
N GLU A 130 -3.78 -1.38 -12.55
CA GLU A 130 -3.31 -1.86 -13.84
C GLU A 130 -1.82 -1.58 -13.95
N ARG A 131 -1.41 -0.31 -13.90
CA ARG A 131 0.00 0.05 -14.09
C ARG A 131 0.94 -0.67 -13.16
N ILE A 132 0.53 -0.78 -11.91
CA ILE A 132 1.21 -1.58 -10.90
C ILE A 132 1.33 -3.00 -11.44
N LEU A 133 0.21 -3.69 -11.70
CA LEU A 133 0.17 -5.07 -12.19
C LEU A 133 1.01 -5.24 -13.47
N ASP A 134 1.17 -4.17 -14.25
CA ASP A 134 1.76 -4.20 -15.57
C ASP A 134 3.26 -4.46 -15.45
N ARG A 135 3.90 -3.78 -14.50
CA ARG A 135 5.34 -3.69 -14.30
C ARG A 135 5.81 -4.40 -13.04
N CYS A 136 4.89 -4.97 -12.26
CA CYS A 136 5.31 -5.92 -11.26
C CYS A 136 5.98 -7.08 -11.98
N SER A 137 7.04 -7.56 -11.38
CA SER A 137 7.74 -8.76 -11.76
C SER A 137 7.02 -9.99 -11.22
N SER A 138 6.75 -10.06 -9.92
CA SER A 138 6.17 -11.23 -9.29
C SER A 138 5.17 -10.81 -8.21
N ILE A 139 4.57 -11.78 -7.51
CA ILE A 139 3.66 -11.56 -6.39
C ILE A 139 4.37 -12.14 -5.16
N LEU A 140 3.79 -11.90 -3.99
CA LEU A 140 4.25 -12.35 -2.70
C LEU A 140 3.10 -13.06 -2.01
N LEU A 141 3.29 -14.36 -1.78
CA LEU A 141 2.44 -15.23 -0.97
C LEU A 141 3.36 -15.95 0.01
N HIS A 142 2.82 -16.32 1.17
CA HIS A 142 3.48 -17.03 2.27
C HIS A 142 4.84 -16.44 2.67
N GLY A 143 5.04 -15.12 2.50
CA GLY A 143 6.33 -14.50 2.81
C GLY A 143 7.45 -14.90 1.84
N LYS A 144 7.13 -15.31 0.61
CA LYS A 144 8.08 -15.79 -0.40
C LYS A 144 8.00 -14.87 -1.63
N GLU A 145 8.11 -15.39 -2.83
CA GLU A 145 7.72 -14.76 -4.09
C GLU A 145 7.21 -15.90 -4.96
N GLN A 146 6.07 -15.70 -5.62
CA GLN A 146 5.61 -16.56 -6.69
C GLN A 146 5.72 -15.77 -8.00
N PRO A 147 6.22 -16.40 -9.07
CA PRO A 147 6.37 -15.78 -10.37
C PRO A 147 4.96 -15.51 -10.89
N LEU A 148 4.68 -14.27 -11.28
CA LEU A 148 3.31 -13.91 -11.60
C LEU A 148 2.91 -14.62 -12.90
N ASP A 149 1.65 -15.08 -12.97
CA ASP A 149 1.11 -15.94 -14.01
C ASP A 149 -0.26 -15.40 -14.36
N GLU A 150 -0.89 -15.97 -15.38
CA GLU A 150 -2.27 -15.67 -15.72
C GLU A 150 -3.21 -15.93 -14.55
N GLU A 151 -2.97 -16.99 -13.77
CA GLU A 151 -3.72 -17.40 -12.58
C GLU A 151 -3.67 -16.29 -11.54
N LEU A 152 -2.53 -15.62 -11.48
CA LEU A 152 -2.21 -14.70 -10.42
C LEU A 152 -2.63 -13.28 -10.74
N LYS A 153 -2.68 -12.95 -12.04
CA LYS A 153 -3.53 -11.89 -12.52
C LYS A 153 -4.99 -12.19 -12.19
N ASP A 154 -5.45 -13.41 -12.48
CA ASP A 154 -6.89 -13.76 -12.46
C ASP A 154 -7.44 -13.51 -11.07
N ALA A 155 -6.71 -13.99 -10.07
CA ALA A 155 -7.11 -13.89 -8.68
C ALA A 155 -7.19 -12.44 -8.20
N PHE A 156 -6.37 -11.56 -8.76
CA PHE A 156 -6.44 -10.12 -8.56
C PHE A 156 -7.66 -9.58 -9.30
N GLN A 157 -7.90 -9.99 -10.55
CA GLN A 157 -8.96 -9.44 -11.35
C GLN A 157 -10.24 -9.62 -10.57
N ASN A 158 -10.64 -10.87 -10.34
CA ASN A 158 -11.88 -11.20 -9.63
C ASN A 158 -12.00 -10.38 -8.36
N ALA A 159 -10.90 -10.21 -7.62
CA ALA A 159 -10.84 -9.33 -6.45
C ALA A 159 -11.18 -7.90 -6.83
N TYR A 160 -10.40 -7.22 -7.67
CA TYR A 160 -10.65 -5.88 -8.16
C TYR A 160 -12.09 -5.68 -8.65
N LEU A 161 -12.63 -6.66 -9.37
CA LEU A 161 -13.98 -6.60 -9.93
C LEU A 161 -15.03 -6.73 -8.82
N GLU A 162 -14.79 -7.55 -7.78
CA GLU A 162 -15.64 -7.67 -6.63
C GLU A 162 -15.55 -6.40 -5.75
N LEU A 163 -14.32 -6.01 -5.37
CA LEU A 163 -13.98 -4.78 -4.64
C LEU A 163 -14.69 -3.60 -5.30
N GLY A 164 -14.69 -3.55 -6.64
CA GLY A 164 -15.69 -2.89 -7.45
C GLY A 164 -14.98 -2.27 -8.63
N GLY A 165 -14.09 -1.33 -8.35
CA GLY A 165 -13.23 -0.71 -9.34
C GLY A 165 -13.86 0.49 -10.03
N LEU A 166 -15.08 0.86 -9.64
CA LEU A 166 -15.94 1.77 -10.39
C LEU A 166 -16.14 3.04 -9.57
N GLY A 167 -16.68 2.92 -8.37
CA GLY A 167 -16.63 3.95 -7.35
C GLY A 167 -15.24 3.94 -6.75
N GLU A 168 -14.88 2.80 -6.14
CA GLU A 168 -13.66 2.53 -5.43
C GLU A 168 -12.42 2.74 -6.32
N ARG A 169 -11.61 3.75 -5.99
CA ARG A 169 -10.23 3.91 -6.45
C ARG A 169 -9.37 2.85 -5.76
N VAL A 170 -9.47 1.60 -6.20
CA VAL A 170 -8.54 0.56 -5.78
C VAL A 170 -7.14 1.01 -6.19
N LEU A 171 -6.32 1.35 -5.22
CA LEU A 171 -4.90 1.58 -5.43
C LEU A 171 -4.18 0.25 -5.49
N GLY A 172 -3.01 0.26 -6.11
CA GLY A 172 -2.28 -0.97 -6.44
C GLY A 172 -1.14 -1.34 -5.49
N PHE A 173 -0.71 -0.42 -4.61
CA PHE A 173 0.28 -0.59 -3.53
C PHE A 173 1.38 -1.66 -3.77
N CYS A 174 2.48 -1.26 -4.42
CA CYS A 174 3.66 -2.10 -4.60
C CYS A 174 4.92 -1.41 -4.06
N HIS A 175 5.96 -2.21 -3.86
CA HIS A 175 7.34 -1.86 -3.55
C HIS A 175 8.23 -2.67 -4.49
N LEU A 176 9.54 -2.42 -4.44
CA LEU A 176 10.57 -3.35 -4.93
C LEU A 176 11.64 -3.61 -3.87
N LEU A 177 11.81 -2.66 -2.93
CA LEU A 177 12.93 -2.53 -2.01
C LEU A 177 14.20 -2.36 -2.84
N LEU A 178 14.74 -1.14 -2.95
CA LEU A 178 15.88 -0.92 -3.86
C LEU A 178 17.05 -1.71 -3.28
N PRO A 179 17.85 -2.39 -4.12
CA PRO A 179 19.07 -3.00 -3.67
C PRO A 179 20.04 -1.92 -3.27
N ASP A 180 20.07 -1.57 -2.00
CA ASP A 180 21.00 -0.63 -1.39
C ASP A 180 22.46 -1.14 -1.45
N GLU A 181 22.64 -2.37 -1.93
CA GLU A 181 23.88 -2.99 -2.36
C GLU A 181 24.35 -2.42 -3.70
N GLN A 182 23.42 -2.34 -4.65
CA GLN A 182 23.60 -1.88 -6.02
C GLN A 182 23.30 -0.38 -6.13
N PHE A 183 22.74 0.22 -5.08
CA PHE A 183 22.49 1.67 -5.00
C PHE A 183 23.45 2.36 -4.02
N PRO A 184 23.60 3.70 -4.13
CA PRO A 184 24.52 4.43 -3.29
C PRO A 184 23.93 4.68 -1.91
N GLU A 185 24.77 4.52 -0.89
CA GLU A 185 24.49 4.90 0.49
C GLU A 185 24.33 6.42 0.61
N GLY A 186 24.74 7.18 -0.41
CA GLY A 186 24.59 8.62 -0.56
C GLY A 186 23.36 9.02 -1.39
N PHE A 187 22.53 8.05 -1.81
CA PHE A 187 21.12 8.17 -2.18
C PHE A 187 20.71 9.30 -3.12
N GLN A 188 21.60 9.74 -3.99
CA GLN A 188 21.51 10.96 -4.78
C GLN A 188 20.59 10.81 -6.00
N PHE A 189 19.36 10.34 -5.80
CA PHE A 189 18.47 10.03 -6.94
C PHE A 189 17.86 11.29 -7.56
N ASP A 190 17.43 12.24 -6.73
CA ASP A 190 16.58 13.37 -7.16
C ASP A 190 15.27 12.87 -7.82
N THR A 191 14.50 13.79 -8.40
CA THR A 191 13.22 13.50 -9.04
C THR A 191 13.32 13.60 -10.57
N ASP A 192 14.51 13.94 -11.09
CA ASP A 192 14.77 14.09 -12.51
C ASP A 192 15.61 12.89 -12.89
N GLU A 193 16.81 12.83 -12.34
CA GLU A 193 17.86 11.94 -12.74
C GLU A 193 17.81 10.62 -11.96
N VAL A 194 16.60 10.19 -11.61
CA VAL A 194 16.31 9.12 -10.66
C VAL A 194 17.16 7.89 -10.94
N ASN A 195 17.20 7.46 -12.21
CA ASN A 195 18.09 6.41 -12.72
C ASN A 195 17.87 5.05 -12.02
N PHE A 196 16.76 4.96 -11.29
CA PHE A 196 16.23 3.80 -10.61
C PHE A 196 15.47 2.86 -11.57
N PRO A 197 15.16 1.62 -11.17
CA PRO A 197 14.25 0.77 -11.91
C PRO A 197 12.79 1.14 -11.64
N VAL A 198 11.89 0.70 -12.50
CA VAL A 198 10.45 0.90 -12.35
C VAL A 198 9.68 -0.26 -12.99
N ASP A 199 10.22 -1.47 -12.88
CA ASP A 199 9.70 -2.65 -13.59
C ASP A 199 10.29 -3.92 -12.97
N ASN A 200 10.39 -3.89 -11.64
CA ASN A 200 11.04 -4.87 -10.80
C ASN A 200 10.09 -5.46 -9.77
N LEU A 201 8.84 -4.96 -9.73
CA LEU A 201 8.15 -4.71 -8.47
C LEU A 201 7.49 -5.97 -7.95
N CYS A 202 7.16 -5.97 -6.67
CA CYS A 202 6.34 -7.00 -6.07
C CYS A 202 4.90 -6.51 -6.05
N PHE A 203 3.99 -7.33 -6.58
CA PHE A 203 2.53 -7.17 -6.66
C PHE A 203 1.80 -7.13 -5.31
N VAL A 204 2.52 -7.18 -4.18
CA VAL A 204 2.18 -7.63 -2.83
C VAL A 204 0.67 -7.76 -2.57
N GLY A 205 -0.09 -6.66 -2.54
CA GLY A 205 -1.48 -6.69 -2.19
C GLY A 205 -2.07 -5.30 -2.30
N LEU A 206 -3.39 -5.21 -2.16
CA LEU A 206 -4.12 -3.97 -2.29
C LEU A 206 -5.35 -4.00 -1.39
N ILE A 207 -5.92 -2.83 -1.18
CA ILE A 207 -7.03 -2.65 -0.26
C ILE A 207 -8.26 -2.46 -1.15
N SER A 208 -8.77 -1.23 -1.34
CA SER A 208 -9.88 -0.85 -2.22
C SER A 208 -10.46 0.49 -1.73
N MET A 209 -9.60 1.52 -1.77
CA MET A 209 -9.98 2.87 -1.40
C MET A 209 -11.23 3.32 -2.15
N ILE A 210 -12.02 4.17 -1.52
CA ILE A 210 -13.12 4.91 -2.14
C ILE A 210 -12.53 6.17 -2.80
N ASP A 211 -13.36 7.02 -3.38
CA ASP A 211 -13.07 8.43 -3.69
C ASP A 211 -14.42 9.12 -4.00
N PRO A 212 -15.33 9.20 -3.03
CA PRO A 212 -16.74 9.41 -3.30
C PRO A 212 -17.05 10.90 -3.53
N PRO A 213 -17.45 11.30 -4.75
CA PRO A 213 -17.73 12.70 -5.07
C PRO A 213 -19.04 13.12 -4.41
N GLN A 1 -14.47 14.58 3.93
CA GLN A 1 -15.29 14.44 5.15
C GLN A 1 -15.57 12.93 5.33
N ASN A 2 -16.84 12.50 5.13
CA ASN A 2 -17.38 11.18 4.72
C ASN A 2 -16.85 9.98 5.51
N PRO A 3 -17.29 8.73 5.25
CA PRO A 3 -16.59 7.56 5.76
C PRO A 3 -15.24 7.32 5.10
N MET A 4 -15.34 7.26 3.79
CA MET A 4 -14.36 6.94 2.75
C MET A 4 -13.22 6.02 3.23
N THR A 5 -13.31 4.72 2.94
CA THR A 5 -12.64 3.67 3.73
C THR A 5 -11.88 2.67 2.86
N VAL A 6 -11.18 1.72 3.50
CA VAL A 6 -10.55 0.60 2.80
C VAL A 6 -11.58 -0.22 2.02
N ALA A 7 -12.69 -0.60 2.66
CA ALA A 7 -13.79 -1.41 2.13
C ALA A 7 -13.46 -2.91 2.07
N HIS A 8 -12.30 -3.29 1.55
CA HIS A 8 -11.88 -4.67 1.29
C HIS A 8 -10.36 -4.68 1.04
N MET A 9 -9.75 -5.87 0.91
CA MET A 9 -8.37 -5.99 0.50
C MET A 9 -8.10 -7.35 -0.15
N TRP A 10 -6.98 -7.45 -0.86
CA TRP A 10 -6.52 -8.63 -1.60
C TRP A 10 -5.02 -8.74 -1.39
N PHE A 11 -4.50 -9.97 -1.29
CA PHE A 11 -3.07 -10.25 -1.22
C PHE A 11 -2.88 -11.73 -1.48
N ASP A 12 -3.71 -12.54 -0.82
CA ASP A 12 -3.62 -13.99 -0.70
C ASP A 12 -3.85 -14.72 -2.02
N ASN A 13 -4.04 -14.00 -3.13
CA ASN A 13 -4.43 -14.53 -4.44
C ASN A 13 -5.93 -14.89 -4.43
N GLN A 14 -6.72 -14.35 -3.47
CA GLN A 14 -8.09 -14.75 -3.20
C GLN A 14 -8.79 -13.76 -2.25
N ILE A 15 -8.49 -12.46 -2.40
CA ILE A 15 -9.12 -11.39 -1.63
C ILE A 15 -8.72 -11.60 -0.15
N HIS A 16 -9.68 -11.63 0.78
CA HIS A 16 -9.56 -12.11 2.15
C HIS A 16 -10.96 -12.50 2.61
N GLU A 17 -11.07 -13.20 3.73
CA GLU A 17 -12.37 -13.57 4.30
C GLU A 17 -12.97 -12.38 5.04
N ALA A 18 -12.20 -11.77 5.95
CA ALA A 18 -12.68 -10.91 7.03
C ALA A 18 -13.73 -11.61 7.88
N ASP A 19 -14.97 -11.72 7.38
CA ASP A 19 -15.94 -12.71 7.81
C ASP A 19 -16.81 -13.06 6.61
N THR A 20 -17.32 -14.30 6.54
CA THR A 20 -18.04 -14.82 5.38
C THR A 20 -19.30 -15.61 5.75
N THR A 21 -19.64 -15.77 7.04
CA THR A 21 -20.78 -16.57 7.47
C THR A 21 -21.94 -15.65 7.87
N GLU A 22 -23.04 -16.26 8.30
CA GLU A 22 -24.17 -15.59 8.92
C GLU A 22 -24.48 -16.35 10.20
N ASN A 23 -24.61 -17.68 10.09
CA ASN A 23 -24.77 -18.59 11.22
C ASN A 23 -23.41 -18.99 11.79
N GLN A 24 -23.41 -19.85 12.82
CA GLN A 24 -22.28 -20.51 13.47
C GLN A 24 -21.41 -19.58 14.32
N SER A 25 -21.09 -18.36 13.87
CA SER A 25 -20.28 -17.37 14.57
C SER A 25 -18.89 -17.91 14.96
N GLY A 26 -17.86 -17.59 14.17
CA GLY A 26 -16.48 -18.03 14.41
C GLY A 26 -15.51 -17.03 13.80
N VAL A 27 -14.98 -16.11 14.59
CA VAL A 27 -14.08 -15.05 14.11
C VAL A 27 -12.65 -15.38 14.54
N SER A 28 -11.67 -15.21 13.65
CA SER A 28 -10.25 -15.36 13.95
C SER A 28 -9.44 -14.30 13.21
N PHE A 29 -8.20 -14.05 13.65
CA PHE A 29 -7.26 -13.23 12.90
C PHE A 29 -5.87 -13.81 13.04
N ASP A 30 -5.20 -13.98 11.90
CA ASP A 30 -3.85 -14.54 11.81
C ASP A 30 -2.86 -13.62 12.51
N LYS A 31 -1.63 -14.09 12.77
CA LYS A 31 -0.50 -13.27 13.18
C LYS A 31 0.75 -13.71 12.41
N THR A 32 1.90 -13.08 12.69
CA THR A 32 3.21 -13.38 12.09
C THR A 32 3.19 -13.39 10.54
N SER A 33 2.19 -12.75 9.94
CA SER A 33 1.80 -12.84 8.55
C SER A 33 2.73 -11.97 7.67
N ALA A 34 3.77 -12.59 7.11
CA ALA A 34 4.79 -11.95 6.28
C ALA A 34 4.19 -11.04 5.21
N THR A 35 3.32 -11.55 4.34
CA THR A 35 2.74 -10.78 3.24
C THR A 35 1.97 -9.54 3.76
N TRP A 36 1.31 -9.67 4.91
CA TRP A 36 0.59 -8.58 5.55
C TRP A 36 1.57 -7.48 5.94
N PHE A 37 2.69 -7.84 6.57
CA PHE A 37 3.70 -6.87 6.98
C PHE A 37 4.33 -6.19 5.79
N ALA A 38 4.60 -6.96 4.74
CA ALA A 38 5.10 -6.46 3.48
C ALA A 38 4.19 -5.37 2.94
N LEU A 39 2.86 -5.56 2.99
CA LEU A 39 1.88 -4.59 2.54
C LEU A 39 1.82 -3.43 3.52
N SER A 40 2.01 -3.71 4.80
CA SER A 40 2.00 -2.71 5.85
C SER A 40 3.24 -1.79 5.77
N ARG A 41 4.34 -2.26 5.17
CA ARG A 41 5.50 -1.45 4.82
C ARG A 41 5.10 -0.36 3.83
N ILE A 42 4.02 -0.55 3.06
CA ILE A 42 3.59 0.33 1.99
C ILE A 42 2.50 1.23 2.54
N ALA A 43 1.44 0.62 3.08
CA ALA A 43 0.19 1.24 3.48
C ALA A 43 0.35 2.43 4.44
N GLY A 44 1.43 2.44 5.23
CA GLY A 44 1.73 3.54 6.13
C GLY A 44 2.61 4.60 5.48
N LEU A 45 3.70 4.17 4.84
CA LEU A 45 4.68 5.10 4.27
C LEU A 45 4.10 5.88 3.10
N CYS A 46 3.47 5.18 2.16
CA CYS A 46 2.62 5.76 1.13
C CYS A 46 1.40 6.36 1.82
N ASN A 47 1.52 7.59 2.32
CA ASN A 47 0.39 8.33 2.85
C ASN A 47 0.74 9.80 2.95
N ARG A 48 -0.27 10.68 2.82
CA ARG A 48 -0.12 12.14 2.95
C ARG A 48 -1.28 12.75 3.73
N ALA A 49 -2.10 11.93 4.38
CA ALA A 49 -3.26 12.35 5.15
C ALA A 49 -3.12 11.86 6.59
N VAL A 50 -3.74 12.58 7.52
CA VAL A 50 -3.76 12.32 8.95
C VAL A 50 -5.16 12.60 9.47
N PHE A 51 -5.40 12.42 10.76
CA PHE A 51 -6.68 12.66 11.39
C PHE A 51 -6.85 14.14 11.71
N GLN A 52 -8.04 14.50 12.19
CA GLN A 52 -8.34 15.74 12.86
C GLN A 52 -8.64 15.39 14.31
N ALA A 53 -7.55 15.24 15.07
CA ALA A 53 -7.44 14.59 16.38
C ALA A 53 -7.90 13.12 16.35
N ASN A 54 -7.33 12.32 17.24
CA ASN A 54 -8.01 11.10 17.70
C ASN A 54 -9.18 11.53 18.59
N GLN A 55 -10.08 10.61 18.90
CA GLN A 55 -11.43 10.91 19.33
C GLN A 55 -11.75 10.01 20.52
N GLU A 56 -11.50 10.52 21.73
CA GLU A 56 -11.33 9.79 22.99
C GLU A 56 -12.21 8.55 23.15
N ASN A 57 -13.54 8.70 23.24
CA ASN A 57 -14.48 7.57 23.40
C ASN A 57 -15.12 7.11 22.08
N LEU A 58 -14.75 7.73 20.97
CA LEU A 58 -15.41 7.66 19.70
C LEU A 58 -14.57 6.85 18.70
N PRO A 59 -15.09 6.55 17.50
CA PRO A 59 -14.32 5.91 16.42
C PRO A 59 -13.15 6.78 15.98
N ILE A 60 -12.04 6.19 15.50
CA ILE A 60 -10.91 6.98 15.01
C ILE A 60 -11.28 7.74 13.71
N LEU A 61 -12.14 7.17 12.87
CA LEU A 61 -12.60 7.71 11.58
C LEU A 61 -13.34 9.04 11.80
N LYS A 62 -14.43 9.00 12.58
CA LYS A 62 -15.26 10.15 13.00
C LYS A 62 -15.48 11.19 11.91
N ARG A 63 -15.86 10.69 10.72
CA ARG A 63 -16.17 11.39 9.47
C ARG A 63 -15.37 12.67 9.23
N ALA A 64 -14.08 12.66 9.56
CA ALA A 64 -13.18 13.78 9.50
C ALA A 64 -11.84 13.19 9.09
N VAL A 65 -10.89 14.03 8.68
CA VAL A 65 -9.50 13.73 8.36
C VAL A 65 -8.91 14.98 7.70
N ALA A 66 -7.60 15.09 7.68
CA ALA A 66 -6.83 16.16 7.06
C ALA A 66 -5.94 15.54 6.00
N GLY A 67 -5.65 16.28 4.94
CA GLY A 67 -5.31 15.68 3.66
C GLY A 67 -6.55 15.02 3.05
N ASP A 68 -6.39 14.50 1.83
CA ASP A 68 -7.46 13.84 1.09
C ASP A 68 -7.79 12.52 1.77
N ALA A 69 -9.08 12.18 1.90
CA ALA A 69 -9.49 10.96 2.57
C ALA A 69 -9.05 9.68 1.86
N SER A 70 -8.62 9.78 0.60
CA SER A 70 -8.14 8.71 -0.26
C SER A 70 -7.03 7.89 0.42
N GLU A 71 -5.83 8.47 0.57
CA GLU A 71 -4.70 7.82 1.24
C GLU A 71 -5.07 7.51 2.69
N SER A 72 -5.85 8.41 3.31
CA SER A 72 -6.27 8.28 4.69
C SER A 72 -7.05 7.01 4.93
N ALA A 73 -7.67 6.40 3.91
CA ALA A 73 -8.42 5.17 4.03
C ALA A 73 -7.62 4.14 4.83
N LEU A 74 -6.36 3.96 4.47
CA LEU A 74 -5.44 3.04 5.13
C LEU A 74 -5.27 3.40 6.59
N LEU A 75 -5.01 4.68 6.88
CA LEU A 75 -4.64 5.21 8.18
C LEU A 75 -5.75 4.88 9.19
N LYS A 76 -7.02 4.96 8.78
CA LYS A 76 -8.18 4.64 9.63
C LYS A 76 -8.43 3.13 9.80
N CYS A 77 -7.65 2.25 9.17
CA CYS A 77 -7.81 0.80 9.22
C CYS A 77 -6.50 0.08 9.60
N ILE A 78 -5.54 0.77 10.23
CA ILE A 78 -4.24 0.19 10.56
C ILE A 78 -3.78 0.67 11.94
N GLU A 79 -3.86 1.98 12.17
CA GLU A 79 -3.30 2.65 13.32
C GLU A 79 -3.95 2.10 14.59
N VAL A 80 -5.29 2.10 14.64
CA VAL A 80 -6.06 1.64 15.79
C VAL A 80 -6.07 0.11 15.91
N CYS A 81 -5.73 -0.62 14.84
CA CYS A 81 -5.57 -2.07 14.91
C CYS A 81 -4.37 -2.37 15.81
N CYS A 82 -3.21 -1.81 15.45
CA CYS A 82 -1.93 -1.83 16.18
C CYS A 82 -0.80 -1.21 15.34
N GLY A 83 -1.02 -1.00 14.05
CA GLY A 83 0.00 -0.65 13.08
C GLY A 83 0.17 0.85 13.01
N SER A 84 0.78 1.45 14.03
CA SER A 84 1.06 2.88 14.12
C SER A 84 1.74 3.39 12.84
N VAL A 85 1.06 4.24 12.07
CA VAL A 85 1.57 4.83 10.85
C VAL A 85 2.17 6.20 11.13
N MET A 86 1.70 6.91 12.15
CA MET A 86 2.13 8.28 12.33
C MET A 86 3.61 8.37 12.78
N GLU A 87 4.25 7.25 13.14
CA GLU A 87 5.70 7.17 13.36
C GLU A 87 6.43 6.80 12.06
N MET A 88 5.82 5.99 11.19
CA MET A 88 6.41 5.56 9.91
C MET A 88 6.90 6.73 9.09
N ARG A 89 6.12 7.81 9.11
CA ARG A 89 6.45 9.11 8.52
C ARG A 89 7.88 9.55 8.79
N GLU A 90 8.37 9.24 9.99
CA GLU A 90 9.58 9.80 10.57
C GLU A 90 10.69 8.76 10.69
N LYS A 91 10.30 7.52 11.01
CA LYS A 91 11.17 6.33 11.08
C LYS A 91 12.12 6.27 9.90
N TYR A 92 11.59 6.50 8.71
CA TYR A 92 12.37 6.52 7.49
C TYR A 92 12.75 7.97 7.18
N THR A 93 14.01 8.22 6.87
CA THR A 93 14.63 9.53 6.63
C THR A 93 13.98 10.26 5.44
N LYS A 94 13.32 9.53 4.53
CA LYS A 94 12.52 10.13 3.48
C LYS A 94 13.37 10.76 2.39
N ILE A 95 14.12 9.91 1.71
CA ILE A 95 14.99 10.22 0.59
C ILE A 95 14.32 11.25 -0.35
N VAL A 96 13.16 10.92 -0.92
CA VAL A 96 12.49 11.73 -1.95
C VAL A 96 10.99 11.39 -1.92
N GLU A 97 10.14 12.28 -2.42
CA GLU A 97 8.68 12.15 -2.42
C GLU A 97 8.19 13.03 -3.55
N ILE A 98 8.09 12.45 -4.74
CA ILE A 98 7.72 13.18 -5.94
C ILE A 98 6.19 13.35 -5.89
N PRO A 99 5.66 14.51 -6.33
CA PRO A 99 4.24 14.67 -6.55
C PRO A 99 3.74 13.76 -7.68
N PHE A 100 2.48 13.93 -8.02
CA PHE A 100 1.87 13.63 -9.32
C PHE A 100 2.72 14.06 -10.52
N ASN A 101 3.69 14.97 -10.32
CA ASN A 101 4.54 15.64 -11.29
C ASN A 101 3.72 16.65 -12.08
N SER A 102 2.74 16.20 -12.86
CA SER A 102 1.88 17.05 -13.68
C SER A 102 0.43 16.50 -13.64
N THR A 103 -0.46 17.08 -14.44
CA THR A 103 -1.81 16.57 -14.68
C THR A 103 -1.81 15.17 -15.31
N ASN A 104 -0.66 14.68 -15.78
CA ASN A 104 -0.39 13.26 -15.97
C ASN A 104 0.91 12.96 -15.24
N LYS A 105 1.03 11.68 -14.93
CA LYS A 105 2.20 10.83 -14.62
C LYS A 105 1.86 10.04 -13.37
N TYR A 106 2.67 9.02 -13.07
CA TYR A 106 2.58 8.34 -11.78
C TYR A 106 3.26 9.20 -10.72
N GLN A 107 3.14 8.82 -9.45
CA GLN A 107 3.88 9.42 -8.36
C GLN A 107 4.52 8.33 -7.51
N LEU A 108 5.58 8.68 -6.78
CA LEU A 108 6.41 7.74 -6.04
C LEU A 108 7.06 8.42 -4.84
N SER A 109 7.76 7.66 -4.00
CA SER A 109 8.50 8.14 -2.86
C SER A 109 9.54 7.07 -2.52
N ILE A 110 10.69 7.50 -2.00
CA ILE A 110 11.79 6.61 -1.60
C ILE A 110 12.16 6.98 -0.15
N HIS A 111 12.57 5.97 0.60
CA HIS A 111 12.76 5.97 2.04
C HIS A 111 13.96 5.06 2.31
N LYS A 112 14.79 5.30 3.34
CA LYS A 112 15.73 4.29 3.83
C LYS A 112 15.08 3.60 5.04
N ASN A 113 15.10 2.27 5.10
CA ASN A 113 14.63 1.44 6.20
C ASN A 113 15.73 1.43 7.27
N PRO A 114 15.51 1.92 8.49
CA PRO A 114 16.53 1.88 9.53
C PRO A 114 16.81 0.45 9.97
N ASN A 115 15.75 -0.32 10.23
CA ASN A 115 15.77 -1.67 10.78
C ASN A 115 16.35 -2.67 9.77
N ALA A 116 16.65 -3.89 10.23
CA ALA A 116 16.94 -5.06 9.43
C ALA A 116 15.77 -5.48 8.51
N SER A 117 15.99 -6.57 7.76
CA SER A 117 15.07 -7.40 6.98
C SER A 117 14.99 -6.93 5.53
N GLU A 118 14.73 -5.64 5.35
CA GLU A 118 14.61 -4.95 4.09
C GLU A 118 16.00 -4.37 3.80
N PRO A 119 16.28 -4.01 2.54
CA PRO A 119 17.36 -3.10 2.23
C PRO A 119 17.02 -1.74 2.82
N LYS A 120 18.01 -0.86 2.87
CA LYS A 120 17.78 0.50 3.34
C LYS A 120 16.87 1.17 2.31
N HIS A 121 17.37 1.61 1.16
CA HIS A 121 16.53 2.29 0.18
C HIS A 121 15.39 1.38 -0.29
N LEU A 122 14.19 1.92 -0.13
CA LEU A 122 12.89 1.31 -0.32
C LEU A 122 12.08 2.37 -1.07
N LEU A 123 11.19 1.92 -1.93
CA LEU A 123 10.35 2.75 -2.78
C LEU A 123 8.92 2.26 -2.64
N VAL A 124 7.95 3.16 -2.76
CA VAL A 124 6.53 2.84 -2.82
C VAL A 124 5.91 3.68 -3.94
N MET A 125 5.27 3.02 -4.91
CA MET A 125 4.66 3.64 -6.09
C MET A 125 3.14 3.51 -6.01
N LYS A 126 2.43 4.17 -6.91
CA LYS A 126 0.96 4.23 -6.92
C LYS A 126 0.46 4.61 -8.31
N GLY A 127 -0.86 4.80 -8.44
CA GLY A 127 -1.62 4.77 -9.68
C GLY A 127 -2.68 3.66 -9.60
N ALA A 128 -3.47 3.51 -10.67
CA ALA A 128 -4.48 2.45 -10.82
C ALA A 128 -3.80 1.07 -10.72
N PRO A 129 -4.54 -0.01 -10.45
CA PRO A 129 -3.91 -1.28 -10.10
C PRO A 129 -3.29 -1.90 -11.36
N GLU A 130 -3.91 -1.65 -12.51
CA GLU A 130 -3.45 -2.06 -13.84
C GLU A 130 -2.06 -1.49 -14.10
N ARG A 131 -1.82 -0.26 -13.67
CA ARG A 131 -0.55 0.41 -13.93
C ARG A 131 0.53 -0.15 -13.04
N ILE A 132 0.19 -0.46 -11.79
CA ILE A 132 1.07 -1.22 -10.93
C ILE A 132 1.41 -2.55 -11.62
N LEU A 133 0.42 -3.29 -12.10
CA LEU A 133 0.59 -4.59 -12.73
C LEU A 133 1.34 -4.48 -14.05
N ASP A 134 1.42 -3.29 -14.65
CA ASP A 134 2.29 -3.10 -15.81
C ASP A 134 3.75 -3.33 -15.42
N ARG A 135 4.09 -2.97 -14.17
CA ARG A 135 5.44 -2.78 -13.65
C ARG A 135 5.80 -3.90 -12.68
N CYS A 136 4.84 -4.78 -12.37
CA CYS A 136 5.07 -5.90 -11.48
C CYS A 136 5.85 -6.99 -12.20
N SER A 137 7.02 -7.36 -11.69
CA SER A 137 7.85 -8.42 -12.22
C SER A 137 7.60 -9.76 -11.50
N SER A 138 7.09 -9.76 -10.26
CA SER A 138 6.81 -10.94 -9.44
C SER A 138 5.67 -10.60 -8.47
N ILE A 139 5.33 -11.52 -7.56
CA ILE A 139 4.19 -11.44 -6.66
C ILE A 139 4.64 -12.13 -5.35
N LEU A 140 4.01 -11.79 -4.23
CA LEU A 140 4.39 -12.23 -2.89
C LEU A 140 3.20 -12.91 -2.26
N LEU A 141 3.35 -14.21 -1.98
CA LEU A 141 2.38 -15.00 -1.24
C LEU A 141 3.15 -15.74 -0.14
N HIS A 142 2.49 -16.04 0.98
CA HIS A 142 3.01 -16.81 2.12
C HIS A 142 4.40 -16.37 2.61
N GLY A 143 4.83 -15.12 2.37
CA GLY A 143 6.18 -14.68 2.72
C GLY A 143 7.27 -15.31 1.83
N LYS A 144 6.93 -15.73 0.61
CA LYS A 144 7.79 -16.36 -0.38
C LYS A 144 8.13 -15.30 -1.43
N GLU A 145 8.14 -15.68 -2.70
CA GLU A 145 7.83 -14.89 -3.89
C GLU A 145 7.36 -15.94 -4.89
N GLN A 146 6.52 -15.57 -5.86
CA GLN A 146 6.25 -16.37 -7.04
C GLN A 146 6.67 -15.54 -8.25
N PRO A 147 7.19 -16.17 -9.30
CA PRO A 147 7.28 -15.56 -10.60
C PRO A 147 5.84 -15.34 -11.07
N LEU A 148 5.48 -14.07 -11.27
CA LEU A 148 4.14 -13.68 -11.69
C LEU A 148 3.91 -14.25 -13.10
N ASP A 149 2.69 -14.70 -13.38
CA ASP A 149 2.28 -15.34 -14.64
C ASP A 149 0.82 -14.98 -14.88
N GLU A 150 0.26 -15.35 -16.03
CA GLU A 150 -1.05 -14.93 -16.47
C GLU A 150 -2.19 -15.46 -15.57
N GLU A 151 -1.97 -16.61 -14.92
CA GLU A 151 -2.90 -17.15 -13.94
C GLU A 151 -2.86 -16.28 -12.68
N LEU A 152 -1.69 -15.76 -12.36
CA LEU A 152 -1.52 -14.94 -11.17
C LEU A 152 -2.06 -13.54 -11.42
N LYS A 153 -1.94 -13.02 -12.64
CA LYS A 153 -2.73 -11.89 -13.06
C LYS A 153 -4.22 -12.18 -12.83
N ASP A 154 -4.69 -13.38 -13.17
CA ASP A 154 -6.11 -13.74 -13.11
C ASP A 154 -6.64 -13.59 -11.70
N ALA A 155 -5.86 -14.08 -10.73
CA ALA A 155 -6.21 -14.02 -9.32
C ALA A 155 -6.38 -12.60 -8.79
N PHE A 156 -5.69 -11.63 -9.40
CA PHE A 156 -5.87 -10.22 -9.16
C PHE A 156 -7.08 -9.71 -9.91
N GLN A 157 -7.23 -10.04 -11.20
CA GLN A 157 -8.26 -9.46 -12.05
C GLN A 157 -9.61 -9.64 -11.36
N ASN A 158 -10.09 -10.88 -11.24
CA ASN A 158 -11.43 -11.16 -10.73
C ASN A 158 -11.70 -10.47 -9.39
N ALA A 159 -10.66 -10.33 -8.57
CA ALA A 159 -10.67 -9.62 -7.32
C ALA A 159 -10.94 -8.13 -7.53
N TYR A 160 -10.11 -7.41 -8.28
CA TYR A 160 -10.34 -6.05 -8.76
C TYR A 160 -11.73 -5.87 -9.36
N LEU A 161 -12.19 -6.83 -10.18
CA LEU A 161 -13.46 -6.74 -10.88
C LEU A 161 -14.64 -6.99 -9.93
N GLU A 162 -14.43 -7.69 -8.81
CA GLU A 162 -15.37 -7.79 -7.73
C GLU A 162 -15.41 -6.48 -6.94
N LEU A 163 -14.28 -5.82 -6.67
CA LEU A 163 -14.23 -4.58 -5.88
C LEU A 163 -15.33 -3.58 -6.27
N GLY A 164 -15.30 -3.00 -7.48
CA GLY A 164 -16.32 -2.07 -7.94
C GLY A 164 -15.74 -1.33 -9.12
N GLY A 165 -15.84 0.01 -9.13
CA GLY A 165 -15.13 0.82 -10.10
C GLY A 165 -15.85 2.13 -10.37
N LEU A 166 -15.05 3.20 -10.45
CA LEU A 166 -15.50 4.57 -10.26
C LEU A 166 -14.90 5.46 -11.35
N GLY A 167 -13.57 5.53 -11.40
CA GLY A 167 -12.80 6.29 -12.36
C GLY A 167 -11.32 6.02 -12.13
N GLU A 168 -10.86 4.82 -12.48
CA GLU A 168 -9.50 4.33 -12.24
C GLU A 168 -9.12 4.46 -10.75
N ARG A 169 -9.96 3.95 -9.86
CA ARG A 169 -9.64 3.79 -8.45
C ARG A 169 -8.94 2.45 -8.25
N VAL A 170 -8.89 1.95 -7.01
CA VAL A 170 -8.10 0.81 -6.56
C VAL A 170 -6.62 1.14 -6.74
N LEU A 171 -5.97 1.56 -5.66
CA LEU A 171 -4.53 1.79 -5.72
C LEU A 171 -3.84 0.45 -5.63
N GLY A 172 -2.66 0.35 -6.22
CA GLY A 172 -1.98 -0.92 -6.43
C GLY A 172 -0.86 -1.23 -5.44
N PHE A 173 -0.47 -0.30 -4.56
CA PHE A 173 0.45 -0.46 -3.43
C PHE A 173 1.48 -1.59 -3.55
N CYS A 174 2.61 -1.34 -4.21
CA CYS A 174 3.73 -2.27 -4.18
C CYS A 174 5.08 -1.55 -4.02
N HIS A 175 6.09 -2.33 -3.62
CA HIS A 175 7.49 -1.96 -3.46
C HIS A 175 8.35 -2.89 -4.32
N LEU A 176 9.66 -2.63 -4.40
CA LEU A 176 10.67 -3.47 -5.06
C LEU A 176 11.92 -3.69 -4.22
N LEU A 177 12.04 -3.03 -3.07
CA LEU A 177 13.15 -3.11 -2.13
C LEU A 177 14.50 -2.92 -2.85
N LEU A 178 14.87 -1.66 -3.14
CA LEU A 178 15.97 -1.29 -4.02
C LEU A 178 17.27 -2.03 -3.60
N PRO A 179 17.92 -2.80 -4.48
CA PRO A 179 19.09 -3.58 -4.14
C PRO A 179 20.27 -2.69 -3.81
N ASP A 180 20.60 -2.57 -2.53
CA ASP A 180 21.72 -1.78 -2.03
C ASP A 180 23.04 -2.13 -2.72
N GLU A 181 23.16 -3.37 -3.17
CA GLU A 181 24.31 -3.89 -3.90
C GLU A 181 24.53 -3.08 -5.17
N GLN A 182 23.45 -2.86 -5.91
CA GLN A 182 23.44 -2.08 -7.13
C GLN A 182 23.28 -0.58 -6.81
N PHE A 183 22.63 -0.25 -5.68
CA PHE A 183 22.14 1.11 -5.40
C PHE A 183 23.12 1.96 -4.58
N PRO A 184 23.25 3.27 -4.87
CA PRO A 184 24.24 4.13 -4.21
C PRO A 184 23.87 4.39 -2.75
N GLU A 185 24.81 4.11 -1.86
CA GLU A 185 24.64 4.28 -0.42
C GLU A 185 24.51 5.76 -0.01
N GLY A 186 24.81 6.68 -0.94
CA GLY A 186 24.73 8.11 -0.74
C GLY A 186 23.41 8.70 -1.17
N PHE A 187 22.49 7.86 -1.70
CA PHE A 187 21.07 8.15 -1.95
C PHE A 187 20.76 9.49 -2.57
N GLN A 188 21.66 9.98 -3.41
CA GLN A 188 21.63 11.28 -4.03
C GLN A 188 20.69 11.30 -5.23
N PHE A 189 19.54 10.62 -5.14
CA PHE A 189 18.75 10.35 -6.34
C PHE A 189 18.19 11.62 -6.96
N ASP A 190 17.84 12.57 -6.10
CA ASP A 190 17.12 13.77 -6.47
C ASP A 190 15.80 13.44 -7.18
N THR A 191 15.09 14.44 -7.69
CA THR A 191 13.83 14.21 -8.39
C THR A 191 13.94 14.67 -9.86
N ASP A 192 15.10 15.19 -10.27
CA ASP A 192 15.38 15.60 -11.64
C ASP A 192 16.15 14.51 -12.35
N GLU A 193 16.83 13.63 -11.60
CA GLU A 193 17.82 12.74 -12.15
C GLU A 193 17.82 11.33 -11.54
N VAL A 194 16.64 10.93 -11.04
CA VAL A 194 16.23 9.72 -10.32
C VAL A 194 17.05 8.46 -10.57
N ASN A 195 17.38 8.18 -11.83
CA ASN A 195 18.26 7.11 -12.32
C ASN A 195 17.70 5.69 -12.19
N PHE A 196 16.56 5.56 -11.49
CA PHE A 196 16.03 4.30 -10.94
C PHE A 196 15.32 3.38 -11.95
N PRO A 197 14.97 2.13 -11.58
CA PRO A 197 14.05 1.29 -12.35
C PRO A 197 12.61 1.76 -12.16
N VAL A 198 11.71 1.29 -13.01
CA VAL A 198 10.28 1.61 -12.94
C VAL A 198 9.44 0.42 -13.46
N ASP A 199 9.88 -0.81 -13.15
CA ASP A 199 9.31 -2.04 -13.72
C ASP A 199 9.96 -3.30 -13.11
N ASN A 200 10.24 -3.25 -11.81
CA ASN A 200 10.84 -4.31 -11.00
C ASN A 200 9.98 -4.74 -9.82
N LEU A 201 8.80 -4.14 -9.73
CA LEU A 201 8.00 -4.14 -8.53
C LEU A 201 7.47 -5.54 -8.23
N CYS A 202 7.25 -5.80 -6.96
CA CYS A 202 6.41 -6.91 -6.53
C CYS A 202 4.95 -6.49 -6.78
N PHE A 203 3.99 -7.38 -6.49
CA PHE A 203 2.56 -7.14 -6.56
C PHE A 203 1.90 -6.99 -5.18
N VAL A 204 2.69 -7.03 -4.11
CA VAL A 204 2.43 -7.53 -2.76
C VAL A 204 0.95 -7.71 -2.41
N GLY A 205 0.16 -6.63 -2.32
CA GLY A 205 -1.26 -6.73 -2.15
C GLY A 205 -1.87 -5.36 -2.45
N LEU A 206 -3.19 -5.30 -2.51
CA LEU A 206 -3.91 -4.05 -2.67
C LEU A 206 -5.13 -4.11 -1.78
N ILE A 207 -5.76 -2.96 -1.61
CA ILE A 207 -6.84 -2.80 -0.66
C ILE A 207 -8.11 -2.69 -1.51
N SER A 208 -8.67 -1.50 -1.72
CA SER A 208 -9.82 -1.26 -2.61
C SER A 208 -10.32 0.17 -2.42
N MET A 209 -9.44 1.17 -2.54
CA MET A 209 -9.87 2.53 -2.23
C MET A 209 -11.04 2.92 -3.13
N ILE A 210 -12.06 3.50 -2.50
CA ILE A 210 -13.28 4.02 -3.09
C ILE A 210 -13.01 5.46 -3.55
N ASP A 211 -14.03 6.13 -4.10
CA ASP A 211 -14.04 7.59 -4.34
C ASP A 211 -15.47 8.15 -4.52
N PRO A 212 -16.39 7.95 -3.56
CA PRO A 212 -17.78 8.37 -3.71
C PRO A 212 -17.91 9.90 -3.68
N PRO A 213 -18.61 10.50 -4.66
CA PRO A 213 -19.00 11.90 -4.58
C PRO A 213 -20.13 12.08 -3.56
N GLN A 1 -24.91 9.12 0.64
CA GLN A 1 -23.58 9.26 1.26
C GLN A 1 -23.17 7.95 1.90
N ASN A 2 -21.87 7.73 2.09
CA ASN A 2 -21.31 6.58 2.79
C ASN A 2 -19.98 6.98 3.43
N PRO A 3 -19.49 6.22 4.41
CA PRO A 3 -18.16 6.41 4.95
C PRO A 3 -17.11 5.92 3.98
N MET A 4 -15.94 6.56 4.05
CA MET A 4 -14.69 6.00 3.56
C MET A 4 -14.19 5.02 4.60
N THR A 5 -14.14 3.75 4.24
CA THR A 5 -13.57 2.71 5.07
C THR A 5 -12.87 1.69 4.18
N VAL A 6 -12.26 0.66 4.78
CA VAL A 6 -11.64 -0.43 4.02
C VAL A 6 -12.70 -1.08 3.13
N ALA A 7 -13.85 -1.44 3.69
CA ALA A 7 -14.80 -2.38 3.11
C ALA A 7 -14.16 -3.78 3.03
N HIS A 8 -13.12 -3.96 2.20
CA HIS A 8 -12.52 -5.25 1.88
C HIS A 8 -11.05 -5.07 1.48
N MET A 9 -10.33 -6.17 1.31
CA MET A 9 -8.96 -6.22 0.81
C MET A 9 -8.74 -7.51 0.04
N TRP A 10 -7.72 -7.54 -0.81
CA TRP A 10 -7.24 -8.68 -1.57
C TRP A 10 -5.73 -8.75 -1.35
N PHE A 11 -5.13 -9.93 -1.57
CA PHE A 11 -3.69 -10.13 -1.54
C PHE A 11 -3.49 -11.58 -1.93
N ASP A 12 -4.13 -12.46 -1.15
CA ASP A 12 -4.07 -13.92 -1.15
C ASP A 12 -4.55 -14.58 -2.46
N ASN A 13 -4.94 -13.77 -3.47
CA ASN A 13 -5.43 -14.21 -4.79
C ASN A 13 -6.85 -14.76 -4.68
N GLN A 14 -7.62 -14.29 -3.70
CA GLN A 14 -8.98 -14.77 -3.42
C GLN A 14 -9.77 -13.79 -2.55
N ILE A 15 -9.39 -12.50 -2.59
CA ILE A 15 -9.86 -11.48 -1.65
C ILE A 15 -9.37 -11.92 -0.25
N HIS A 16 -9.86 -11.32 0.84
CA HIS A 16 -9.57 -11.68 2.22
C HIS A 16 -10.74 -11.15 3.04
N GLU A 17 -11.35 -12.00 3.87
CA GLU A 17 -12.40 -11.53 4.78
C GLU A 17 -11.77 -10.59 5.79
N ALA A 18 -10.66 -11.03 6.39
CA ALA A 18 -10.00 -10.55 7.59
C ALA A 18 -10.89 -10.59 8.84
N ASP A 19 -12.15 -10.17 8.74
CA ASP A 19 -13.19 -10.38 9.74
C ASP A 19 -14.56 -10.35 9.07
N THR A 20 -15.47 -11.21 9.50
CA THR A 20 -16.84 -11.26 9.00
C THR A 20 -17.69 -11.93 10.08
N THR A 21 -18.97 -11.54 10.19
CA THR A 21 -19.95 -12.21 11.04
C THR A 21 -21.13 -12.71 10.19
N GLU A 22 -21.27 -12.26 8.94
CA GLU A 22 -22.27 -12.75 7.99
C GLU A 22 -21.93 -14.16 7.51
N ASN A 23 -20.65 -14.54 7.55
CA ASN A 23 -20.16 -15.84 7.09
C ASN A 23 -19.40 -16.51 8.22
N GLN A 24 -18.55 -15.72 8.90
CA GLN A 24 -17.72 -16.10 10.04
C GLN A 24 -16.81 -17.28 9.74
N SER A 25 -17.27 -18.52 9.88
CA SER A 25 -16.50 -19.77 9.83
C SER A 25 -15.43 -19.88 10.92
N GLY A 26 -14.53 -18.92 11.09
CA GLY A 26 -13.44 -18.98 12.04
C GLY A 26 -12.65 -17.68 12.03
N VAL A 27 -11.34 -17.75 12.30
CA VAL A 27 -10.44 -16.60 12.31
C VAL A 27 -9.17 -17.03 11.57
N SER A 28 -8.41 -17.95 12.16
CA SER A 28 -7.21 -18.55 11.58
C SER A 28 -6.16 -17.52 11.14
N PHE A 29 -6.06 -16.41 11.85
CA PHE A 29 -5.33 -15.23 11.43
C PHE A 29 -4.21 -15.00 12.45
N ASP A 30 -3.17 -15.83 12.37
CA ASP A 30 -2.01 -15.72 13.24
C ASP A 30 -1.23 -14.44 12.92
N LYS A 31 -0.61 -13.84 13.93
CA LYS A 31 0.08 -12.56 13.82
C LYS A 31 1.49 -12.64 13.22
N THR A 32 1.85 -13.71 12.51
CA THR A 32 3.08 -13.70 11.71
C THR A 32 2.77 -13.00 10.39
N SER A 33 2.45 -13.73 9.31
CA SER A 33 2.03 -13.19 8.03
C SER A 33 3.14 -12.41 7.29
N ALA A 34 4.06 -13.16 6.68
CA ALA A 34 5.08 -12.65 5.74
C ALA A 34 4.46 -11.69 4.71
N THR A 35 3.40 -12.19 4.07
CA THR A 35 2.56 -11.52 3.09
C THR A 35 2.12 -10.16 3.66
N TRP A 36 1.27 -10.12 4.71
CA TRP A 36 0.85 -8.91 5.42
C TRP A 36 2.02 -7.96 5.69
N PHE A 37 3.13 -8.40 6.32
CA PHE A 37 4.23 -7.49 6.68
C PHE A 37 4.70 -6.65 5.50
N ALA A 38 4.76 -7.26 4.32
CA ALA A 38 5.18 -6.60 3.10
C ALA A 38 4.26 -5.41 2.81
N LEU A 39 2.95 -5.65 2.84
CA LEU A 39 1.93 -4.65 2.60
C LEU A 39 1.96 -3.61 3.70
N SER A 40 2.15 -4.03 4.96
CA SER A 40 2.23 -3.14 6.09
C SER A 40 3.33 -2.09 5.94
N ARG A 41 4.41 -2.40 5.19
CA ARG A 41 5.46 -1.42 4.91
C ARG A 41 5.01 -0.35 3.92
N ILE A 42 3.97 -0.59 3.11
CA ILE A 42 3.45 0.33 2.11
C ILE A 42 2.26 1.05 2.69
N ALA A 43 1.26 0.27 3.15
CA ALA A 43 0.00 0.70 3.73
C ALA A 43 0.18 1.58 4.96
N GLY A 44 1.34 1.50 5.61
CA GLY A 44 1.77 2.50 6.58
C GLY A 44 2.21 3.76 5.84
N LEU A 45 3.46 3.77 5.35
CA LEU A 45 4.16 4.94 4.83
C LEU A 45 3.33 5.78 3.86
N CYS A 46 2.72 5.13 2.88
CA CYS A 46 1.81 5.75 1.91
C CYS A 46 0.54 6.29 2.58
N ASN A 47 0.66 7.39 3.33
CA ASN A 47 -0.42 8.15 3.94
C ASN A 47 -0.06 9.64 4.00
N ARG A 48 -0.80 10.50 3.29
CA ARG A 48 -0.89 11.94 3.49
C ARG A 48 -2.34 12.27 3.86
N ALA A 49 -2.83 11.60 4.88
CA ALA A 49 -4.06 11.93 5.55
C ALA A 49 -3.82 11.85 7.04
N VAL A 50 -4.57 12.64 7.79
CA VAL A 50 -4.58 12.70 9.23
C VAL A 50 -6.04 12.79 9.66
N PHE A 51 -6.24 12.56 10.95
CA PHE A 51 -7.53 12.52 11.59
C PHE A 51 -7.95 13.93 11.97
N GLN A 52 -9.25 14.24 11.94
CA GLN A 52 -9.83 15.38 12.63
C GLN A 52 -10.82 14.83 13.66
N ALA A 53 -10.36 13.87 14.45
CA ALA A 53 -11.14 13.16 15.45
C ALA A 53 -10.40 13.27 16.78
N ASN A 54 -10.48 14.43 17.43
CA ASN A 54 -9.99 14.57 18.79
C ASN A 54 -11.01 13.94 19.73
N GLN A 55 -10.74 12.72 20.18
CA GLN A 55 -11.67 11.88 20.93
C GLN A 55 -10.95 11.27 22.12
N GLU A 56 -11.73 10.66 23.04
CA GLU A 56 -11.20 9.77 24.06
C GLU A 56 -11.83 8.38 23.97
N ASN A 57 -13.17 8.26 23.98
CA ASN A 57 -13.88 6.97 23.99
C ASN A 57 -14.49 6.57 22.64
N LEU A 58 -14.44 7.45 21.64
CA LEU A 58 -15.19 7.39 20.39
C LEU A 58 -14.39 6.57 19.34
N PRO A 59 -14.86 6.41 18.09
CA PRO A 59 -14.06 5.81 17.03
C PRO A 59 -13.10 6.84 16.41
N ILE A 60 -12.05 6.32 15.78
CA ILE A 60 -11.02 7.10 15.11
C ILE A 60 -11.53 7.78 13.81
N LEU A 61 -12.63 7.28 13.25
CA LEU A 61 -13.17 7.75 11.98
C LEU A 61 -13.82 9.13 12.17
N LYS A 62 -14.84 9.18 13.03
CA LYS A 62 -15.76 10.30 13.34
C LYS A 62 -15.95 11.26 12.17
N ARG A 63 -16.19 10.69 10.99
CA ARG A 63 -16.43 11.34 9.71
C ARG A 63 -15.70 12.69 9.57
N ALA A 64 -14.39 12.73 9.85
CA ALA A 64 -13.65 13.98 9.92
C ALA A 64 -12.17 13.67 9.74
N VAL A 65 -11.61 14.06 8.59
CA VAL A 65 -10.23 13.81 8.21
C VAL A 65 -9.72 15.03 7.46
N ALA A 66 -8.43 15.06 7.19
CA ALA A 66 -7.74 16.09 6.44
C ALA A 66 -6.64 15.40 5.65
N GLY A 67 -6.38 15.83 4.41
CA GLY A 67 -5.40 15.17 3.54
C GLY A 67 -6.08 14.51 2.35
N ASP A 68 -5.34 13.65 1.63
CA ASP A 68 -5.94 12.75 0.63
C ASP A 68 -7.00 11.88 1.31
N ALA A 69 -7.94 11.34 0.54
CA ALA A 69 -9.06 10.58 1.07
C ALA A 69 -8.86 9.08 0.86
N SER A 70 -8.38 8.67 -0.33
CA SER A 70 -8.04 7.30 -0.67
C SER A 70 -7.07 6.74 0.39
N GLU A 71 -5.93 7.39 0.57
CA GLU A 71 -4.89 7.02 1.51
C GLU A 71 -5.49 6.92 2.92
N SER A 72 -6.38 7.84 3.31
CA SER A 72 -6.97 7.86 4.64
C SER A 72 -7.69 6.57 5.01
N ALA A 73 -8.10 5.75 4.05
CA ALA A 73 -8.68 4.46 4.36
C ALA A 73 -7.69 3.61 5.16
N LEU A 74 -6.44 3.59 4.70
CA LEU A 74 -5.36 2.79 5.24
C LEU A 74 -4.89 3.36 6.56
N LEU A 75 -4.86 4.69 6.72
CA LEU A 75 -4.33 5.36 7.89
C LEU A 75 -5.04 4.83 9.13
N LYS A 76 -6.35 4.64 9.02
CA LYS A 76 -7.14 4.18 10.16
C LYS A 76 -6.91 2.68 10.32
N CYS A 77 -6.94 1.93 9.21
CA CYS A 77 -6.62 0.50 9.17
C CYS A 77 -5.14 0.18 9.48
N ILE A 78 -4.37 1.09 10.09
CA ILE A 78 -2.98 0.82 10.43
C ILE A 78 -2.67 1.50 11.76
N GLU A 79 -3.20 2.70 12.01
CA GLU A 79 -2.90 3.43 13.23
C GLU A 79 -3.64 2.81 14.42
N VAL A 80 -4.77 2.12 14.17
CA VAL A 80 -5.55 1.41 15.18
C VAL A 80 -5.66 -0.09 14.87
N CYS A 81 -5.04 -0.57 13.78
CA CYS A 81 -5.09 -1.97 13.37
C CYS A 81 -3.70 -2.57 13.12
N CYS A 82 -2.60 -1.87 13.44
CA CYS A 82 -1.24 -2.38 13.31
C CYS A 82 -0.33 -1.77 14.39
N GLY A 83 -0.17 -0.44 14.44
CA GLY A 83 0.79 0.18 15.35
C GLY A 83 0.65 1.70 15.36
N SER A 84 1.66 2.44 14.88
CA SER A 84 1.57 3.87 14.66
C SER A 84 2.34 4.22 13.38
N VAL A 85 1.70 4.98 12.51
CA VAL A 85 2.14 5.28 11.15
C VAL A 85 2.32 6.78 10.94
N MET A 86 1.62 7.62 11.72
CA MET A 86 1.99 9.03 11.82
C MET A 86 3.33 9.20 12.56
N GLU A 87 3.87 8.11 13.07
CA GLU A 87 5.21 7.97 13.61
C GLU A 87 6.16 7.58 12.48
N MET A 88 5.85 6.52 11.73
CA MET A 88 6.82 5.93 10.83
C MET A 88 7.26 6.85 9.69
N ARG A 89 6.42 7.80 9.34
CA ARG A 89 6.77 8.89 8.42
C ARG A 89 8.13 9.52 8.77
N GLU A 90 8.54 9.47 10.04
CA GLU A 90 9.73 10.12 10.60
C GLU A 90 10.73 9.11 11.14
N LYS A 91 10.27 7.88 11.39
CA LYS A 91 11.14 6.70 11.43
C LYS A 91 12.07 6.71 10.22
N TYR A 92 11.47 6.78 9.03
CA TYR A 92 12.18 6.94 7.77
C TYR A 92 12.42 8.45 7.51
N THR A 93 13.17 8.79 6.46
CA THR A 93 13.65 10.15 6.21
C THR A 93 13.02 10.82 4.98
N LYS A 94 12.26 10.09 4.15
CA LYS A 94 11.60 10.64 2.96
C LYS A 94 12.58 11.30 2.00
N ILE A 95 13.49 10.46 1.51
CA ILE A 95 14.54 10.76 0.54
C ILE A 95 13.99 11.68 -0.55
N VAL A 96 12.95 11.25 -1.26
CA VAL A 96 12.33 11.97 -2.37
C VAL A 96 10.87 11.51 -2.45
N GLU A 97 10.02 12.32 -3.07
CA GLU A 97 8.58 12.05 -3.11
C GLU A 97 8.02 12.69 -4.39
N ILE A 98 8.50 12.15 -5.51
CA ILE A 98 8.21 12.64 -6.84
C ILE A 98 6.69 12.57 -7.05
N PRO A 99 6.07 13.71 -7.39
CA PRO A 99 4.63 13.79 -7.62
C PRO A 99 4.23 12.98 -8.85
N PHE A 100 4.61 13.39 -10.06
CA PHE A 100 4.25 12.75 -11.31
C PHE A 100 5.51 12.33 -12.07
N ASN A 101 6.01 13.19 -12.95
CA ASN A 101 7.04 12.92 -13.97
C ASN A 101 6.73 11.69 -14.85
N SER A 102 7.58 11.45 -15.86
CA SER A 102 7.26 10.67 -17.04
C SER A 102 5.93 11.13 -17.68
N THR A 103 5.43 10.44 -18.70
CA THR A 103 4.02 10.50 -19.08
C THR A 103 3.17 9.80 -18.02
N ASN A 104 3.73 8.77 -17.36
CA ASN A 104 2.97 7.79 -16.60
C ASN A 104 2.22 8.40 -15.42
N LYS A 105 2.68 9.50 -14.83
CA LYS A 105 2.03 10.17 -13.70
C LYS A 105 1.74 9.18 -12.55
N TYR A 106 2.65 8.23 -12.26
CA TYR A 106 2.64 7.58 -10.96
C TYR A 106 3.32 8.51 -9.96
N GLN A 107 2.96 8.43 -8.69
CA GLN A 107 3.72 9.07 -7.60
C GLN A 107 4.55 8.00 -6.94
N LEU A 108 5.74 8.39 -6.49
CA LEU A 108 6.52 7.54 -5.60
C LEU A 108 6.91 8.25 -4.33
N SER A 109 7.54 7.53 -3.41
CA SER A 109 8.11 8.05 -2.18
C SER A 109 9.28 7.11 -1.84
N ILE A 110 10.51 7.62 -1.85
CA ILE A 110 11.73 6.89 -1.48
C ILE A 110 12.02 7.30 -0.03
N HIS A 111 12.33 6.32 0.81
CA HIS A 111 12.50 6.40 2.26
C HIS A 111 13.56 5.40 2.71
N LYS A 112 14.63 5.85 3.36
CA LYS A 112 15.64 4.98 3.96
C LYS A 112 15.00 4.36 5.21
N ASN A 113 15.07 3.05 5.37
CA ASN A 113 14.82 2.32 6.60
C ASN A 113 16.10 2.42 7.43
N PRO A 114 16.05 2.90 8.69
CA PRO A 114 17.23 2.92 9.54
C PRO A 114 17.62 1.49 9.90
N ASN A 115 16.66 0.71 10.39
CA ASN A 115 16.91 -0.59 11.00
C ASN A 115 15.62 -1.42 10.95
N ALA A 116 15.72 -2.68 10.50
CA ALA A 116 14.73 -3.74 10.25
C ALA A 116 15.26 -4.60 9.09
N SER A 117 14.62 -5.74 8.78
CA SER A 117 15.09 -6.68 7.75
C SER A 117 15.25 -5.99 6.39
N GLU A 118 14.25 -5.20 6.03
CA GLU A 118 14.17 -4.36 4.85
C GLU A 118 15.49 -3.60 4.64
N PRO A 119 16.04 -3.60 3.41
CA PRO A 119 17.26 -2.88 3.11
C PRO A 119 17.00 -1.38 3.26
N LYS A 120 18.06 -0.55 3.27
CA LYS A 120 17.94 0.87 3.56
C LYS A 120 16.89 1.51 2.66
N HIS A 121 17.23 1.82 1.41
CA HIS A 121 16.39 2.60 0.54
C HIS A 121 15.15 1.83 0.07
N LEU A 122 14.05 1.92 0.81
CA LEU A 122 12.72 1.50 0.40
C LEU A 122 12.15 2.55 -0.59
N LEU A 123 11.27 2.12 -1.48
CA LEU A 123 10.38 2.93 -2.31
C LEU A 123 8.96 2.41 -2.15
N VAL A 124 7.95 3.29 -2.11
CA VAL A 124 6.55 2.91 -2.17
C VAL A 124 5.92 3.69 -3.34
N MET A 125 5.30 2.98 -4.28
CA MET A 125 4.67 3.54 -5.48
C MET A 125 3.16 3.46 -5.38
N LYS A 126 2.46 4.29 -6.15
CA LYS A 126 1.00 4.34 -6.22
C LYS A 126 0.57 4.85 -7.59
N GLY A 127 -0.72 5.12 -7.74
CA GLY A 127 -1.43 5.29 -8.99
C GLY A 127 -2.66 4.37 -8.96
N ALA A 128 -3.49 4.43 -9.99
CA ALA A 128 -4.56 3.47 -10.19
C ALA A 128 -3.97 2.05 -10.29
N PRO A 129 -4.71 0.99 -9.93
CA PRO A 129 -4.10 -0.29 -9.68
C PRO A 129 -3.63 -0.95 -10.97
N GLU A 130 -4.26 -0.64 -12.11
CA GLU A 130 -3.81 -1.06 -13.42
C GLU A 130 -2.39 -0.59 -13.73
N ARG A 131 -1.94 0.53 -13.15
CA ARG A 131 -0.66 1.14 -13.55
C ARG A 131 0.47 0.59 -12.69
N ILE A 132 0.14 0.20 -11.47
CA ILE A 132 1.02 -0.66 -10.69
C ILE A 132 1.12 -1.98 -11.43
N LEU A 133 0.00 -2.61 -11.81
CA LEU A 133 0.00 -3.91 -12.48
C LEU A 133 0.84 -3.84 -13.76
N ASP A 134 0.81 -2.69 -14.46
CA ASP A 134 1.50 -2.50 -15.72
C ASP A 134 2.97 -2.89 -15.66
N ARG A 135 3.62 -2.60 -14.53
CA ARG A 135 5.05 -2.77 -14.30
C ARG A 135 5.33 -3.68 -13.08
N CYS A 136 4.30 -4.36 -12.57
CA CYS A 136 4.47 -5.48 -11.65
C CYS A 136 4.98 -6.65 -12.46
N SER A 137 6.22 -7.05 -12.18
CA SER A 137 6.92 -8.08 -12.94
C SER A 137 7.01 -9.40 -12.17
N SER A 138 6.42 -9.47 -10.97
CA SER A 138 5.93 -10.69 -10.32
C SER A 138 4.83 -10.27 -9.34
N ILE A 139 4.34 -11.21 -8.53
CA ILE A 139 3.36 -11.01 -7.50
C ILE A 139 3.83 -11.80 -6.29
N LEU A 140 3.26 -11.53 -5.13
CA LEU A 140 3.65 -12.11 -3.86
C LEU A 140 2.43 -12.81 -3.31
N LEU A 141 2.54 -14.12 -3.12
CA LEU A 141 1.62 -14.91 -2.31
C LEU A 141 2.44 -15.66 -1.28
N HIS A 142 1.85 -15.99 -0.13
CA HIS A 142 2.35 -16.91 0.89
C HIS A 142 3.83 -16.69 1.29
N GLY A 143 4.30 -15.43 1.28
CA GLY A 143 5.68 -15.09 1.60
C GLY A 143 6.67 -15.46 0.48
N LYS A 144 6.21 -15.74 -0.75
CA LYS A 144 6.96 -16.24 -1.90
C LYS A 144 6.99 -15.15 -2.98
N GLU A 145 7.11 -15.53 -4.23
CA GLU A 145 7.06 -14.67 -5.42
C GLU A 145 6.55 -15.50 -6.61
N GLN A 146 5.33 -15.28 -7.04
CA GLN A 146 4.74 -16.01 -8.15
C GLN A 146 5.07 -15.25 -9.44
N PRO A 147 5.49 -15.95 -10.51
CA PRO A 147 5.72 -15.36 -11.81
C PRO A 147 4.37 -14.94 -12.38
N LEU A 148 4.06 -13.64 -12.28
CA LEU A 148 2.77 -13.07 -12.63
C LEU A 148 2.50 -13.31 -14.12
N ASP A 149 1.27 -13.67 -14.46
CA ASP A 149 0.80 -14.03 -15.79
C ASP A 149 -0.69 -13.73 -15.88
N GLU A 150 -1.33 -13.94 -17.02
CA GLU A 150 -2.70 -13.54 -17.27
C GLU A 150 -3.66 -14.16 -16.25
N GLU A 151 -3.44 -15.42 -15.88
CA GLU A 151 -4.25 -16.16 -14.94
C GLU A 151 -4.18 -15.52 -13.55
N LEU A 152 -3.15 -14.69 -13.33
CA LEU A 152 -2.88 -14.02 -12.09
C LEU A 152 -3.27 -12.54 -12.16
N LYS A 153 -3.13 -11.91 -13.32
CA LYS A 153 -3.82 -10.65 -13.60
C LYS A 153 -5.31 -10.86 -13.36
N ASP A 154 -5.88 -11.98 -13.79
CA ASP A 154 -7.31 -12.30 -13.72
C ASP A 154 -7.83 -12.19 -12.30
N ALA A 155 -7.08 -12.78 -11.38
CA ALA A 155 -7.43 -12.91 -9.99
C ALA A 155 -7.53 -11.53 -9.33
N PHE A 156 -6.65 -10.61 -9.73
CA PHE A 156 -6.67 -9.21 -9.38
C PHE A 156 -7.88 -8.56 -10.04
N GLN A 157 -8.05 -8.75 -11.35
CA GLN A 157 -9.06 -8.05 -12.13
C GLN A 157 -10.40 -8.29 -11.48
N ASN A 158 -10.89 -9.53 -11.54
CA ASN A 158 -12.21 -9.89 -11.01
C ASN A 158 -12.42 -9.34 -9.60
N ALA A 159 -11.40 -9.45 -8.75
CA ALA A 159 -11.42 -8.86 -7.43
C ALA A 159 -11.66 -7.35 -7.52
N TYR A 160 -10.76 -6.58 -8.13
CA TYR A 160 -10.88 -5.13 -8.37
C TYR A 160 -12.28 -4.77 -8.87
N LEU A 161 -12.82 -5.55 -9.82
CA LEU A 161 -14.09 -5.28 -10.49
C LEU A 161 -15.29 -5.62 -9.60
N GLU A 162 -15.20 -6.61 -8.69
CA GLU A 162 -16.20 -6.88 -7.65
C GLU A 162 -16.10 -5.77 -6.60
N LEU A 163 -14.89 -5.60 -6.05
CA LEU A 163 -14.51 -4.81 -4.89
C LEU A 163 -15.06 -3.38 -4.92
N GLY A 164 -15.31 -2.82 -6.10
CA GLY A 164 -15.89 -1.51 -6.31
C GLY A 164 -14.94 -0.65 -7.14
N GLY A 165 -13.87 -1.25 -7.67
CA GLY A 165 -12.91 -0.58 -8.48
C GLY A 165 -13.35 -0.61 -9.93
N LEU A 166 -13.10 0.51 -10.60
CA LEU A 166 -13.73 0.87 -11.87
C LEU A 166 -12.63 1.53 -12.70
N GLY A 167 -12.12 2.65 -12.21
CA GLY A 167 -10.86 3.25 -12.63
C GLY A 167 -10.13 3.68 -11.37
N GLU A 168 -10.32 4.94 -10.96
CA GLU A 168 -9.52 5.58 -9.91
C GLU A 168 -9.83 5.10 -8.48
N ARG A 169 -11.00 4.52 -8.21
CA ARG A 169 -11.23 3.80 -6.94
C ARG A 169 -10.24 2.65 -6.89
N VAL A 170 -9.72 2.33 -5.70
CA VAL A 170 -8.73 1.29 -5.44
C VAL A 170 -7.36 1.82 -5.87
N LEU A 171 -6.49 2.14 -4.90
CA LEU A 171 -5.07 2.39 -5.19
C LEU A 171 -4.36 1.04 -5.36
N GLY A 172 -3.16 1.08 -5.95
CA GLY A 172 -2.33 -0.11 -6.09
C GLY A 172 -1.59 -0.46 -4.80
N PHE A 173 -0.63 0.36 -4.38
CA PHE A 173 0.40 0.06 -3.36
C PHE A 173 1.33 -1.08 -3.79
N CYS A 174 2.56 -0.73 -4.11
CA CYS A 174 3.64 -1.66 -4.39
C CYS A 174 4.94 -1.12 -3.83
N HIS A 175 5.92 -2.00 -3.68
CA HIS A 175 7.32 -1.72 -3.36
C HIS A 175 8.17 -2.63 -4.26
N LEU A 176 9.50 -2.50 -4.20
CA LEU A 176 10.45 -3.42 -4.85
C LEU A 176 11.70 -3.71 -4.00
N LEU A 177 11.96 -2.91 -2.97
CA LEU A 177 13.09 -2.88 -2.05
C LEU A 177 14.39 -2.69 -2.83
N LEU A 178 14.77 -1.43 -3.08
CA LEU A 178 15.92 -1.08 -3.93
C LEU A 178 17.17 -1.80 -3.38
N PRO A 179 17.92 -2.55 -4.19
CA PRO A 179 19.00 -3.41 -3.73
C PRO A 179 20.16 -2.59 -3.23
N ASP A 180 20.27 -2.47 -1.92
CA ASP A 180 21.23 -1.64 -1.23
C ASP A 180 22.68 -2.03 -1.49
N GLU A 181 22.93 -3.23 -1.99
CA GLU A 181 24.23 -3.69 -2.46
C GLU A 181 24.66 -2.88 -3.67
N GLN A 182 23.77 -2.76 -4.66
CA GLN A 182 24.01 -2.00 -5.87
C GLN A 182 23.72 -0.52 -5.63
N PHE A 183 22.77 -0.20 -4.75
CA PHE A 183 22.32 1.20 -4.60
C PHE A 183 23.36 2.06 -3.87
N PRO A 184 23.49 3.34 -4.22
CA PRO A 184 24.51 4.22 -3.66
C PRO A 184 24.16 4.59 -2.22
N GLU A 185 25.12 4.34 -1.33
CA GLU A 185 25.02 4.57 0.11
C GLU A 185 24.75 6.03 0.47
N GLY A 186 25.01 6.95 -0.47
CA GLY A 186 24.91 8.39 -0.30
C GLY A 186 23.58 8.94 -0.81
N PHE A 187 22.67 8.06 -1.25
CA PHE A 187 21.26 8.33 -1.48
C PHE A 187 20.94 9.60 -2.29
N GLN A 188 21.81 9.94 -3.24
CA GLN A 188 21.83 11.27 -3.85
C GLN A 188 20.85 11.46 -5.02
N PHE A 189 19.65 10.89 -4.90
CA PHE A 189 18.71 10.79 -6.01
C PHE A 189 18.21 12.19 -6.41
N ASP A 190 17.82 13.00 -5.43
CA ASP A 190 17.29 14.38 -5.51
C ASP A 190 16.29 14.70 -6.62
N THR A 191 15.62 13.65 -7.12
CA THR A 191 14.72 13.63 -8.26
C THR A 191 15.43 13.87 -9.61
N ASP A 192 16.76 14.02 -9.62
CA ASP A 192 17.52 14.22 -10.84
C ASP A 192 18.01 12.85 -11.21
N GLU A 193 18.98 12.34 -10.44
CA GLU A 193 19.76 11.18 -10.80
C GLU A 193 19.23 9.91 -10.14
N VAL A 194 17.90 9.85 -9.99
CA VAL A 194 17.19 8.73 -9.41
C VAL A 194 17.75 7.41 -9.95
N ASN A 195 17.88 7.29 -11.28
CA ASN A 195 18.47 6.18 -12.05
C ASN A 195 17.92 4.79 -11.67
N PHE A 196 16.82 4.79 -10.92
CA PHE A 196 16.26 3.63 -10.26
C PHE A 196 15.45 2.75 -11.22
N PRO A 197 15.30 1.45 -10.90
CA PRO A 197 14.41 0.59 -11.63
C PRO A 197 12.97 0.97 -11.34
N VAL A 198 12.10 0.71 -12.32
CA VAL A 198 10.72 1.14 -12.28
C VAL A 198 9.86 0.11 -13.01
N ASP A 199 10.21 -1.17 -12.88
CA ASP A 199 9.51 -2.27 -13.54
C ASP A 199 9.96 -3.61 -12.92
N ASN A 200 10.17 -3.57 -11.62
CA ASN A 200 10.60 -4.65 -10.75
C ASN A 200 9.55 -4.91 -9.68
N LEU A 201 8.45 -4.15 -9.73
CA LEU A 201 7.52 -4.00 -8.63
C LEU A 201 6.77 -5.31 -8.42
N CYS A 202 6.14 -5.41 -7.25
CA CYS A 202 5.35 -6.56 -6.85
C CYS A 202 3.95 -6.06 -6.45
N PHE A 203 2.93 -6.87 -6.70
CA PHE A 203 1.50 -6.57 -6.51
C PHE A 203 1.04 -6.38 -5.06
N VAL A 204 1.95 -6.44 -4.10
CA VAL A 204 1.76 -6.51 -2.64
C VAL A 204 0.40 -6.02 -2.10
N GLY A 205 -0.07 -4.82 -2.47
CA GLY A 205 -1.42 -4.37 -2.13
C GLY A 205 -2.38 -4.62 -3.27
N LEU A 206 -3.56 -5.08 -2.91
CA LEU A 206 -4.73 -4.50 -3.51
C LEU A 206 -5.77 -4.46 -2.39
N ILE A 207 -6.06 -3.31 -1.77
CA ILE A 207 -7.05 -3.27 -0.71
C ILE A 207 -8.44 -3.08 -1.36
N SER A 208 -9.04 -1.89 -1.32
CA SER A 208 -10.13 -1.35 -2.15
C SER A 208 -10.82 -0.24 -1.35
N MET A 209 -10.15 0.89 -1.15
CA MET A 209 -10.84 2.02 -0.56
C MET A 209 -11.96 2.53 -1.47
N ILE A 210 -12.79 3.35 -0.86
CA ILE A 210 -13.92 4.07 -1.43
C ILE A 210 -13.36 5.30 -2.15
N ASP A 211 -14.26 6.07 -2.74
CA ASP A 211 -14.04 7.44 -3.25
C ASP A 211 -15.41 8.13 -3.36
N PRO A 212 -15.91 8.79 -2.29
CA PRO A 212 -17.17 9.50 -2.31
C PRO A 212 -17.00 11.00 -2.67
N PRO A 213 -17.66 11.50 -3.74
CA PRO A 213 -17.57 12.88 -4.16
C PRO A 213 -18.35 13.77 -3.21
N GLN A 1 -13.35 12.63 2.32
CA GLN A 1 -13.01 11.82 3.50
C GLN A 1 -14.11 10.79 3.74
N ASN A 2 -15.39 11.21 3.74
CA ASN A 2 -16.53 10.30 3.63
C ASN A 2 -16.60 9.41 4.88
N PRO A 3 -17.43 8.35 4.89
CA PRO A 3 -17.18 7.23 5.78
C PRO A 3 -16.04 6.37 5.27
N MET A 4 -16.37 5.67 4.19
CA MET A 4 -15.66 4.72 3.35
C MET A 4 -14.85 3.67 4.15
N THR A 5 -14.13 2.77 3.46
CA THR A 5 -13.40 1.66 4.08
C THR A 5 -12.42 1.10 3.05
N VAL A 6 -11.61 0.11 3.45
CA VAL A 6 -10.73 -0.68 2.59
C VAL A 6 -11.52 -1.48 1.55
N ALA A 7 -12.75 -1.88 1.90
CA ALA A 7 -13.71 -2.64 1.10
C ALA A 7 -13.34 -4.10 0.82
N HIS A 8 -12.06 -4.45 0.62
CA HIS A 8 -11.55 -5.83 0.54
C HIS A 8 -10.03 -5.79 0.45
N MET A 9 -9.39 -6.97 0.48
CA MET A 9 -7.97 -7.13 0.20
C MET A 9 -7.81 -8.34 -0.74
N TRP A 10 -6.86 -8.26 -1.66
CA TRP A 10 -6.37 -9.35 -2.49
C TRP A 10 -4.85 -9.37 -2.35
N PHE A 11 -4.28 -10.57 -2.38
CA PHE A 11 -2.84 -10.76 -2.32
C PHE A 11 -2.59 -12.18 -2.77
N ASP A 12 -3.00 -13.14 -1.94
CA ASP A 12 -2.81 -14.59 -2.02
C ASP A 12 -3.33 -15.25 -3.30
N ASN A 13 -3.93 -14.48 -4.22
CA ASN A 13 -4.21 -14.75 -5.64
C ASN A 13 -5.70 -15.06 -5.85
N GLN A 14 -6.56 -14.69 -4.89
CA GLN A 14 -7.92 -15.25 -4.82
C GLN A 14 -8.86 -14.39 -3.95
N ILE A 15 -8.50 -13.14 -3.71
CA ILE A 15 -9.08 -12.23 -2.71
C ILE A 15 -8.87 -12.84 -1.31
N HIS A 16 -9.34 -12.23 -0.25
CA HIS A 16 -9.27 -12.73 1.11
C HIS A 16 -10.49 -12.19 1.85
N GLU A 17 -10.85 -12.79 2.99
CA GLU A 17 -12.03 -12.43 3.78
C GLU A 17 -12.10 -10.92 4.07
N ALA A 18 -10.96 -10.31 4.41
CA ALA A 18 -10.73 -8.93 4.81
C ALA A 18 -11.46 -8.54 6.11
N ASP A 19 -12.78 -8.70 6.17
CA ASP A 19 -13.72 -8.19 7.17
C ASP A 19 -13.86 -6.68 7.06
N THR A 20 -14.99 -6.20 6.53
CA THR A 20 -15.29 -4.78 6.52
C THR A 20 -16.72 -4.52 7.00
N THR A 21 -16.88 -3.54 7.89
CA THR A 21 -18.14 -2.90 8.27
C THR A 21 -19.22 -3.85 8.87
N GLU A 22 -18.97 -5.11 9.20
CA GLU A 22 -20.03 -6.01 9.67
C GLU A 22 -20.52 -5.64 11.09
N ASN A 23 -19.61 -5.17 11.95
CA ASN A 23 -19.80 -4.94 13.39
C ASN A 23 -20.23 -6.19 14.16
N GLN A 24 -20.20 -6.12 15.49
CA GLN A 24 -20.76 -7.07 16.45
C GLN A 24 -20.47 -8.53 16.10
N SER A 25 -19.23 -8.80 15.69
CA SER A 25 -18.76 -10.13 15.31
C SER A 25 -17.52 -10.49 16.13
N GLY A 26 -17.19 -11.78 16.15
CA GLY A 26 -16.09 -12.35 16.90
C GLY A 26 -14.93 -12.59 15.96
N VAL A 27 -14.13 -11.58 15.67
CA VAL A 27 -13.03 -11.63 14.71
C VAL A 27 -11.69 -11.47 15.42
N SER A 28 -10.59 -11.75 14.72
CA SER A 28 -9.24 -11.59 15.24
C SER A 28 -8.36 -10.82 14.26
N PHE A 29 -7.11 -10.59 14.64
CA PHE A 29 -6.02 -10.16 13.78
C PHE A 29 -4.74 -10.82 14.33
N ASP A 30 -3.64 -10.82 13.58
CA ASP A 30 -2.33 -11.17 14.12
C ASP A 30 -1.22 -10.50 13.34
N LYS A 31 0.01 -10.56 13.84
CA LYS A 31 1.16 -9.82 13.31
C LYS A 31 2.25 -10.81 12.88
N THR A 32 1.84 -11.89 12.22
CA THR A 32 2.60 -13.11 12.02
C THR A 32 2.46 -13.57 10.55
N SER A 33 2.44 -12.62 9.62
CA SER A 33 1.93 -12.80 8.28
C SER A 33 2.83 -12.07 7.28
N ALA A 34 3.66 -12.83 6.56
CA ALA A 34 4.74 -12.32 5.71
C ALA A 34 4.24 -11.35 4.64
N THR A 35 3.26 -11.77 3.84
CA THR A 35 2.70 -10.93 2.79
C THR A 35 2.03 -9.67 3.38
N TRP A 36 1.45 -9.76 4.58
CA TRP A 36 0.96 -8.61 5.34
C TRP A 36 2.12 -7.66 5.63
N PHE A 37 3.26 -8.18 6.12
CA PHE A 37 4.39 -7.34 6.46
C PHE A 37 4.87 -6.52 5.27
N ALA A 38 4.98 -7.17 4.10
CA ALA A 38 5.40 -6.57 2.86
C ALA A 38 4.46 -5.42 2.48
N LEU A 39 3.15 -5.67 2.54
CA LEU A 39 2.11 -4.71 2.20
C LEU A 39 2.15 -3.55 3.18
N SER A 40 2.44 -3.82 4.44
CA SER A 40 2.49 -2.80 5.46
C SER A 40 3.53 -1.72 5.17
N ARG A 41 4.60 -2.02 4.41
CA ARG A 41 5.52 -0.99 3.93
C ARG A 41 4.74 0.08 3.16
N ILE A 42 3.84 -0.35 2.28
CA ILE A 42 3.26 0.45 1.22
C ILE A 42 2.03 1.12 1.81
N ALA A 43 1.11 0.31 2.34
CA ALA A 43 -0.12 0.74 2.96
C ALA A 43 0.12 1.70 4.14
N GLY A 44 1.32 1.60 4.75
CA GLY A 44 1.76 2.43 5.83
C GLY A 44 2.46 3.69 5.34
N LEU A 45 3.60 3.56 4.66
CA LEU A 45 4.46 4.71 4.38
C LEU A 45 3.81 5.68 3.42
N CYS A 46 3.34 5.19 2.28
CA CYS A 46 2.68 5.95 1.21
C CYS A 46 1.39 6.67 1.65
N ASN A 47 1.02 6.64 2.94
CA ASN A 47 -0.18 7.21 3.52
C ASN A 47 0.02 8.70 3.74
N ARG A 48 -0.93 9.52 3.31
CA ARG A 48 -0.91 10.96 3.53
C ARG A 48 -2.24 11.42 4.08
N ALA A 49 -2.69 10.78 5.17
CA ALA A 49 -3.78 11.24 6.00
C ALA A 49 -3.47 10.87 7.45
N VAL A 50 -4.13 11.52 8.40
CA VAL A 50 -4.15 11.16 9.81
C VAL A 50 -5.58 11.32 10.34
N PHE A 51 -5.85 10.73 11.50
CA PHE A 51 -7.03 10.97 12.31
C PHE A 51 -7.02 12.41 12.80
N GLN A 52 -8.18 12.86 13.26
CA GLN A 52 -8.28 13.88 14.27
C GLN A 52 -9.04 13.29 15.47
N ALA A 53 -9.12 14.08 16.55
CA ALA A 53 -9.91 13.84 17.75
C ALA A 53 -9.39 12.72 18.66
N ASN A 54 -9.35 13.03 19.96
CA ASN A 54 -8.93 12.16 21.06
C ASN A 54 -10.13 11.29 21.41
N GLN A 55 -10.02 9.97 21.30
CA GLN A 55 -11.11 9.02 21.51
C GLN A 55 -10.76 8.02 22.62
N GLU A 56 -11.77 7.39 23.21
CA GLU A 56 -11.60 6.29 24.17
C GLU A 56 -12.30 5.01 23.67
N ASN A 57 -13.64 5.05 23.71
CA ASN A 57 -14.56 3.92 23.55
C ASN A 57 -15.34 4.00 22.24
N LEU A 58 -14.82 4.79 21.31
CA LEU A 58 -15.43 5.12 20.04
C LEU A 58 -14.74 4.32 18.91
N PRO A 59 -15.12 4.48 17.65
CA PRO A 59 -14.43 3.91 16.51
C PRO A 59 -13.35 4.88 16.04
N ILE A 60 -12.27 4.35 15.49
CA ILE A 60 -11.13 5.10 14.95
C ILE A 60 -11.50 6.02 13.77
N LEU A 61 -12.71 5.90 13.22
CA LEU A 61 -13.16 6.66 12.05
C LEU A 61 -13.62 8.08 12.45
N LYS A 62 -14.61 8.15 13.35
CA LYS A 62 -15.47 9.26 13.83
C LYS A 62 -15.81 10.36 12.81
N ARG A 63 -15.69 10.04 11.53
CA ARG A 63 -15.73 10.97 10.41
C ARG A 63 -14.85 12.20 10.68
N ALA A 64 -13.68 11.97 11.27
CA ALA A 64 -12.76 13.00 11.70
C ALA A 64 -11.36 12.61 11.24
N VAL A 65 -11.04 12.95 9.99
CA VAL A 65 -9.72 12.74 9.43
C VAL A 65 -9.26 14.03 8.77
N ALA A 66 -7.95 14.11 8.61
CA ALA A 66 -7.20 15.17 7.99
C ALA A 66 -6.31 14.51 6.94
N GLY A 67 -6.70 14.59 5.67
CA GLY A 67 -6.02 14.01 4.52
C GLY A 67 -7.00 13.24 3.65
N ASP A 68 -6.50 12.74 2.52
CA ASP A 68 -7.33 12.14 1.48
C ASP A 68 -7.98 10.84 1.97
N ALA A 69 -9.19 10.56 1.48
CA ALA A 69 -9.99 9.41 1.84
C ALA A 69 -9.26 8.12 1.48
N SER A 70 -8.68 8.05 0.28
CA SER A 70 -8.05 6.87 -0.27
C SER A 70 -6.94 6.37 0.65
N GLU A 71 -5.94 7.21 0.91
CA GLU A 71 -4.84 6.93 1.81
C GLU A 71 -5.36 6.59 3.22
N SER A 72 -6.32 7.37 3.71
CA SER A 72 -6.90 7.16 5.01
C SER A 72 -7.57 5.80 5.14
N ALA A 73 -8.03 5.18 4.04
CA ALA A 73 -8.73 3.91 4.10
C ALA A 73 -7.90 2.90 4.89
N LEU A 74 -6.65 2.75 4.47
CA LEU A 74 -5.66 1.87 5.08
C LEU A 74 -5.38 2.28 6.51
N LEU A 75 -5.21 3.58 6.79
CA LEU A 75 -4.72 4.09 8.06
C LEU A 75 -5.67 3.62 9.16
N LYS A 76 -6.98 3.87 8.99
CA LYS A 76 -7.98 3.47 9.97
C LYS A 76 -8.20 1.96 10.04
N CYS A 77 -7.65 1.17 9.11
CA CYS A 77 -7.76 -0.29 9.14
C CYS A 77 -6.49 -0.96 9.70
N ILE A 78 -5.36 -0.25 9.82
CA ILE A 78 -4.09 -0.80 10.25
C ILE A 78 -3.85 -0.51 11.74
N GLU A 79 -4.08 0.73 12.18
CA GLU A 79 -3.69 1.20 13.50
C GLU A 79 -4.45 0.46 14.60
N VAL A 80 -5.77 0.38 14.45
CA VAL A 80 -6.67 -0.36 15.35
C VAL A 80 -6.29 -1.84 15.44
N CYS A 81 -5.58 -2.38 14.44
CA CYS A 81 -5.08 -3.74 14.48
C CYS A 81 -3.77 -3.77 15.26
N CYS A 82 -2.64 -3.34 14.66
CA CYS A 82 -1.33 -3.35 15.32
C CYS A 82 -0.25 -2.57 14.57
N GLY A 83 -0.54 -1.91 13.44
CA GLY A 83 0.49 -1.24 12.65
C GLY A 83 0.56 0.23 13.00
N SER A 84 1.74 0.70 13.36
CA SER A 84 1.98 2.03 13.88
C SER A 84 2.23 2.98 12.70
N VAL A 85 1.17 3.47 12.06
CA VAL A 85 1.31 4.12 10.75
C VAL A 85 1.68 5.60 10.86
N MET A 86 1.24 6.30 11.91
CA MET A 86 1.59 7.72 12.03
C MET A 86 3.06 7.89 12.40
N GLU A 87 3.68 6.83 12.89
CA GLU A 87 5.09 6.77 13.20
C GLU A 87 5.88 6.61 11.92
N MET A 88 5.34 5.79 11.02
CA MET A 88 6.04 5.33 9.83
C MET A 88 6.60 6.49 9.00
N ARG A 89 5.82 7.56 8.84
CA ARG A 89 6.25 8.73 8.10
C ARG A 89 7.49 9.42 8.69
N GLU A 90 7.70 9.30 9.99
CA GLU A 90 8.86 9.88 10.69
C GLU A 90 9.99 8.85 10.81
N LYS A 91 9.61 7.62 11.15
CA LYS A 91 10.49 6.46 11.34
C LYS A 91 11.46 6.34 10.18
N TYR A 92 10.93 6.37 8.96
CA TYR A 92 11.73 6.40 7.76
C TYR A 92 11.99 7.84 7.38
N THR A 93 13.10 8.06 6.71
CA THR A 93 13.72 9.37 6.59
C THR A 93 13.23 10.11 5.35
N LYS A 94 12.59 9.41 4.41
CA LYS A 94 11.91 10.02 3.27
C LYS A 94 12.94 10.65 2.34
N ILE A 95 13.80 9.81 1.76
CA ILE A 95 14.73 10.20 0.70
C ILE A 95 14.07 11.26 -0.19
N VAL A 96 12.99 10.86 -0.87
CA VAL A 96 12.30 11.68 -1.86
C VAL A 96 10.82 11.31 -1.87
N GLU A 97 10.00 12.20 -2.41
CA GLU A 97 8.54 12.14 -2.34
C GLU A 97 8.04 13.04 -3.45
N ILE A 98 7.96 12.48 -4.66
CA ILE A 98 7.78 13.24 -5.89
C ILE A 98 6.37 13.85 -5.88
N PRO A 99 6.22 15.19 -5.93
CA PRO A 99 4.91 15.83 -5.84
C PRO A 99 4.09 15.61 -7.11
N PHE A 100 4.35 16.45 -8.12
CA PHE A 100 3.69 16.62 -9.39
C PHE A 100 2.20 16.31 -9.34
N ASN A 101 1.77 15.09 -9.63
CA ASN A 101 0.43 14.63 -9.26
C ASN A 101 0.45 13.13 -9.05
N SER A 102 -0.62 12.58 -8.47
CA SER A 102 -0.85 11.14 -8.41
C SER A 102 -1.25 10.68 -9.81
N THR A 103 -2.48 10.96 -10.23
CA THR A 103 -3.06 10.41 -11.46
C THR A 103 -2.33 10.88 -12.73
N ASN A 104 -1.43 11.88 -12.65
CA ASN A 104 -0.66 12.39 -13.77
C ASN A 104 0.66 11.64 -13.76
N LYS A 105 0.88 10.77 -14.74
CA LYS A 105 1.92 9.74 -14.74
C LYS A 105 1.67 8.77 -13.57
N TYR A 106 2.19 9.08 -12.39
CA TYR A 106 2.05 8.41 -11.10
C TYR A 106 2.70 9.33 -10.06
N GLN A 107 2.53 9.05 -8.76
CA GLN A 107 3.35 9.59 -7.68
C GLN A 107 3.93 8.41 -6.91
N LEU A 108 5.14 8.60 -6.39
CA LEU A 108 5.90 7.61 -5.66
C LEU A 108 6.71 8.32 -4.56
N SER A 109 7.39 7.56 -3.70
CA SER A 109 8.28 8.10 -2.70
C SER A 109 9.32 7.03 -2.39
N ILE A 110 10.50 7.45 -1.94
CA ILE A 110 11.57 6.57 -1.52
C ILE A 110 11.88 6.94 -0.07
N HIS A 111 12.17 5.93 0.73
CA HIS A 111 12.35 6.01 2.17
C HIS A 111 13.53 5.11 2.48
N LYS A 112 14.48 5.51 3.33
CA LYS A 112 15.35 4.49 3.91
C LYS A 112 14.62 3.91 5.12
N ASN A 113 14.78 2.63 5.33
CA ASN A 113 14.42 1.95 6.57
C ASN A 113 15.54 2.25 7.54
N PRO A 114 15.26 2.72 8.77
CA PRO A 114 16.32 2.94 9.74
C PRO A 114 16.81 1.62 10.34
N ASN A 115 15.97 0.58 10.36
CA ASN A 115 16.16 -0.63 11.15
C ASN A 115 16.73 -1.76 10.27
N ALA A 116 17.07 -2.88 10.89
CA ALA A 116 17.74 -4.01 10.27
C ALA A 116 16.84 -4.74 9.26
N SER A 117 15.73 -5.37 9.70
CA SER A 117 14.90 -6.16 8.80
C SER A 117 14.22 -5.26 7.78
N GLU A 118 14.30 -5.67 6.52
CA GLU A 118 14.00 -5.00 5.25
C GLU A 118 15.23 -4.18 4.81
N PRO A 119 15.53 -4.03 3.51
CA PRO A 119 16.64 -3.18 3.11
C PRO A 119 16.35 -1.72 3.45
N LYS A 120 17.38 -0.87 3.39
CA LYS A 120 17.23 0.53 3.69
C LYS A 120 16.42 1.22 2.62
N HIS A 121 17.03 1.67 1.52
CA HIS A 121 16.34 2.48 0.53
C HIS A 121 15.25 1.62 -0.11
N LEU A 122 13.99 2.01 0.05
CA LEU A 122 12.78 1.33 -0.38
C LEU A 122 11.99 2.34 -1.18
N LEU A 123 11.45 1.92 -2.33
CA LEU A 123 10.50 2.68 -3.13
C LEU A 123 9.12 2.07 -2.86
N VAL A 124 8.11 2.94 -2.76
CA VAL A 124 6.71 2.58 -2.83
C VAL A 124 6.05 3.53 -3.84
N MET A 125 4.95 3.12 -4.47
CA MET A 125 4.15 3.93 -5.37
C MET A 125 2.73 3.35 -5.38
N LYS A 126 1.89 3.87 -6.25
CA LYS A 126 0.50 3.46 -6.48
C LYS A 126 0.01 4.13 -7.76
N GLY A 127 -1.27 3.95 -8.07
CA GLY A 127 -1.93 4.46 -9.25
C GLY A 127 -3.00 3.44 -9.65
N ALA A 128 -3.62 3.63 -10.83
CA ALA A 128 -4.52 2.63 -11.38
C ALA A 128 -3.83 1.26 -11.41
N PRO A 129 -4.54 0.15 -11.15
CA PRO A 129 -3.88 -1.11 -10.89
C PRO A 129 -3.26 -1.68 -12.17
N GLU A 130 -3.84 -1.35 -13.32
CA GLU A 130 -3.35 -1.65 -14.66
C GLU A 130 -1.89 -1.20 -14.83
N ARG A 131 -1.53 -0.02 -14.31
CA ARG A 131 -0.22 0.57 -14.55
C ARG A 131 0.83 -0.14 -13.69
N ILE A 132 0.49 -0.37 -12.43
CA ILE A 132 1.34 -1.12 -11.51
C ILE A 132 1.57 -2.51 -12.11
N LEU A 133 0.51 -3.16 -12.60
CA LEU A 133 0.57 -4.47 -13.24
C LEU A 133 1.52 -4.46 -14.42
N ASP A 134 1.69 -3.32 -15.09
CA ASP A 134 2.54 -3.29 -16.28
C ASP A 134 4.02 -3.45 -15.92
N ARG A 135 4.34 -3.01 -14.71
CA ARG A 135 5.68 -2.84 -14.15
C ARG A 135 6.06 -3.97 -13.24
N CYS A 136 5.07 -4.80 -12.89
CA CYS A 136 5.33 -5.94 -12.04
C CYS A 136 6.05 -7.01 -12.86
N SER A 137 7.12 -7.52 -12.26
CA SER A 137 8.03 -8.52 -12.82
C SER A 137 7.96 -9.84 -12.03
N SER A 138 7.35 -9.83 -10.83
CA SER A 138 6.87 -11.04 -10.18
C SER A 138 5.59 -10.74 -9.41
N ILE A 139 5.12 -11.68 -8.59
CA ILE A 139 4.05 -11.43 -7.67
C ILE A 139 4.40 -12.17 -6.38
N LEU A 140 3.96 -11.61 -5.26
CA LEU A 140 4.32 -12.06 -3.94
C LEU A 140 3.07 -12.71 -3.38
N LEU A 141 3.13 -14.02 -3.18
CA LEU A 141 2.10 -14.82 -2.53
C LEU A 141 2.75 -15.43 -1.31
N HIS A 142 1.99 -15.65 -0.24
CA HIS A 142 2.37 -16.48 0.91
C HIS A 142 3.66 -16.09 1.65
N GLY A 143 4.27 -14.92 1.37
CA GLY A 143 5.62 -14.62 1.86
C GLY A 143 6.70 -15.34 1.06
N LYS A 144 6.44 -15.60 -0.23
CA LYS A 144 7.29 -16.35 -1.15
C LYS A 144 7.59 -15.43 -2.34
N GLU A 145 7.57 -15.97 -3.55
CA GLU A 145 7.42 -15.24 -4.80
C GLU A 145 6.86 -16.24 -5.81
N GLN A 146 6.19 -15.74 -6.84
CA GLN A 146 5.83 -16.49 -8.03
C GLN A 146 6.19 -15.67 -9.26
N PRO A 147 6.63 -16.33 -10.34
CA PRO A 147 6.85 -15.68 -11.62
C PRO A 147 5.49 -15.27 -12.19
N LEU A 148 5.26 -13.97 -12.36
CA LEU A 148 3.99 -13.44 -12.83
C LEU A 148 3.82 -13.83 -14.29
N ASP A 149 2.60 -14.18 -14.68
CA ASP A 149 2.27 -14.61 -16.04
C ASP A 149 0.79 -14.34 -16.31
N GLU A 150 0.27 -14.74 -17.47
CA GLU A 150 -1.08 -14.44 -17.94
C GLU A 150 -2.15 -14.94 -16.97
N GLU A 151 -1.91 -16.09 -16.33
CA GLU A 151 -2.79 -16.75 -15.39
C GLU A 151 -2.89 -15.88 -14.15
N LEU A 152 -1.74 -15.33 -13.74
CA LEU A 152 -1.62 -14.55 -12.54
C LEU A 152 -2.12 -13.13 -12.75
N LYS A 153 -1.97 -12.56 -13.95
CA LYS A 153 -2.74 -11.41 -14.34
C LYS A 153 -4.23 -11.71 -14.26
N ASP A 154 -4.67 -12.87 -14.73
CA ASP A 154 -6.10 -13.16 -14.87
C ASP A 154 -6.76 -13.20 -13.51
N ALA A 155 -6.07 -13.78 -12.53
CA ALA A 155 -6.53 -13.83 -11.16
C ALA A 155 -6.77 -12.43 -10.60
N PHE A 156 -5.83 -11.51 -10.87
CA PHE A 156 -5.94 -10.12 -10.49
C PHE A 156 -7.12 -9.50 -11.21
N GLN A 157 -7.25 -9.73 -12.53
CA GLN A 157 -8.24 -9.09 -13.36
C GLN A 157 -9.60 -9.39 -12.75
N ASN A 158 -10.02 -10.66 -12.78
CA ASN A 158 -11.29 -11.11 -12.22
C ASN A 158 -11.56 -10.47 -10.86
N ALA A 159 -10.55 -10.43 -9.99
CA ALA A 159 -10.62 -9.74 -8.73
C ALA A 159 -10.92 -8.23 -8.88
N TYR A 160 -10.13 -7.45 -9.61
CA TYR A 160 -10.39 -6.04 -9.91
C TYR A 160 -11.80 -5.84 -10.46
N LEU A 161 -12.27 -6.75 -11.33
CA LEU A 161 -13.57 -6.67 -11.97
C LEU A 161 -14.68 -6.94 -10.95
N GLU A 162 -14.50 -7.88 -10.02
CA GLU A 162 -15.37 -8.12 -8.87
C GLU A 162 -15.37 -6.90 -7.94
N LEU A 163 -14.18 -6.45 -7.54
CA LEU A 163 -13.93 -5.51 -6.45
C LEU A 163 -14.60 -4.17 -6.72
N GLY A 164 -14.71 -3.76 -7.99
CA GLY A 164 -15.38 -2.53 -8.40
C GLY A 164 -14.48 -1.65 -9.25
N GLY A 165 -13.58 -2.27 -10.01
CA GLY A 165 -12.59 -1.60 -10.81
C GLY A 165 -13.21 -1.10 -12.11
N LEU A 166 -12.81 -1.75 -13.20
CA LEU A 166 -13.40 -1.71 -14.54
C LEU A 166 -13.02 -0.43 -15.26
N GLY A 167 -13.30 0.71 -14.66
CA GLY A 167 -12.75 2.01 -14.97
C GLY A 167 -12.46 2.68 -13.64
N GLU A 168 -11.18 3.00 -13.38
CA GLU A 168 -10.72 3.56 -12.11
C GLU A 168 -11.03 2.61 -10.94
N ARG A 169 -11.15 3.15 -9.71
CA ARG A 169 -10.98 2.51 -8.41
C ARG A 169 -9.71 1.66 -8.30
N VAL A 170 -9.49 1.14 -7.09
CA VAL A 170 -8.47 0.16 -6.73
C VAL A 170 -7.05 0.67 -7.01
N LEU A 171 -6.35 1.11 -5.97
CA LEU A 171 -4.96 1.50 -6.12
C LEU A 171 -4.08 0.24 -6.16
N GLY A 172 -2.96 0.35 -6.87
CA GLY A 172 -2.12 -0.78 -7.24
C GLY A 172 -1.09 -1.23 -6.19
N PHE A 173 -0.71 -0.36 -5.25
CA PHE A 173 0.24 -0.55 -4.14
C PHE A 173 1.26 -1.68 -4.30
N CYS A 174 2.46 -1.26 -4.70
CA CYS A 174 3.60 -2.12 -4.95
C CYS A 174 4.87 -1.56 -4.30
N HIS A 175 5.84 -2.45 -4.07
CA HIS A 175 7.26 -2.17 -3.91
C HIS A 175 8.00 -3.06 -4.91
N LEU A 176 9.33 -2.89 -5.01
CA LEU A 176 10.24 -3.80 -5.72
C LEU A 176 11.35 -4.32 -4.80
N LEU A 177 11.58 -3.59 -3.70
CA LEU A 177 12.82 -3.51 -2.94
C LEU A 177 13.96 -3.10 -3.88
N LEU A 178 14.43 -1.87 -3.69
CA LEU A 178 15.60 -1.35 -4.40
C LEU A 178 16.80 -2.17 -3.88
N PRO A 179 17.72 -2.62 -4.76
CA PRO A 179 18.91 -3.33 -4.36
C PRO A 179 19.87 -2.38 -3.67
N ASP A 180 19.70 -2.30 -2.36
CA ASP A 180 20.40 -1.50 -1.39
C ASP A 180 21.92 -1.71 -1.45
N GLU A 181 22.35 -2.83 -2.04
CA GLU A 181 23.73 -3.20 -2.34
C GLU A 181 24.31 -2.41 -3.50
N GLN A 182 23.64 -2.53 -4.64
CA GLN A 182 24.09 -2.01 -5.93
C GLN A 182 23.77 -0.52 -6.02
N PHE A 183 22.90 -0.05 -5.14
CA PHE A 183 22.64 1.35 -4.93
C PHE A 183 23.78 1.97 -4.11
N PRO A 184 23.98 3.30 -4.19
CA PRO A 184 24.87 4.00 -3.27
C PRO A 184 24.38 3.82 -1.83
N GLU A 185 25.19 4.23 -0.86
CA GLU A 185 24.76 4.27 0.53
C GLU A 185 24.31 5.67 0.93
N GLY A 186 24.58 6.68 0.08
CA GLY A 186 24.50 8.09 0.39
C GLY A 186 23.26 8.76 -0.18
N PHE A 187 22.38 7.99 -0.84
CA PHE A 187 21.00 8.35 -1.18
C PHE A 187 20.79 9.70 -1.87
N GLN A 188 21.69 10.05 -2.77
CA GLN A 188 21.54 11.20 -3.65
C GLN A 188 20.83 10.76 -4.92
N PHE A 189 19.54 10.48 -4.79
CA PHE A 189 18.67 10.27 -5.94
C PHE A 189 18.15 11.61 -6.43
N ASP A 190 17.73 12.45 -5.48
CA ASP A 190 16.88 13.62 -5.66
C ASP A 190 15.59 13.29 -6.42
N THR A 191 14.69 14.27 -6.53
CA THR A 191 13.53 14.20 -7.41
C THR A 191 13.89 14.64 -8.83
N ASP A 192 15.14 15.06 -9.06
CA ASP A 192 15.56 15.80 -10.24
C ASP A 192 16.31 14.88 -11.17
N GLU A 193 17.14 14.02 -10.59
CA GLU A 193 18.09 13.21 -11.31
C GLU A 193 18.01 11.73 -10.90
N VAL A 194 16.79 11.29 -10.59
CA VAL A 194 16.43 10.07 -9.89
C VAL A 194 17.20 8.86 -10.44
N ASN A 195 17.10 8.61 -11.74
CA ASN A 195 17.86 7.58 -12.49
C ASN A 195 17.65 6.15 -11.95
N PHE A 196 16.61 5.99 -11.14
CA PHE A 196 16.14 4.77 -10.49
C PHE A 196 15.34 3.86 -11.43
N PRO A 197 15.09 2.59 -11.04
CA PRO A 197 14.13 1.73 -11.70
C PRO A 197 12.72 1.95 -11.17
N VAL A 198 11.74 1.50 -11.96
CA VAL A 198 10.33 1.49 -11.61
C VAL A 198 9.61 0.35 -12.35
N ASP A 199 10.28 -0.79 -12.50
CA ASP A 199 9.77 -1.85 -13.39
C ASP A 199 10.32 -3.23 -13.00
N ASN A 200 10.42 -3.48 -11.71
CA ASN A 200 10.80 -4.74 -11.06
C ASN A 200 9.67 -5.26 -10.19
N LEU A 201 8.55 -4.53 -10.16
CA LEU A 201 7.64 -4.43 -9.04
C LEU A 201 6.99 -5.77 -8.71
N CYS A 202 6.35 -5.81 -7.56
CA CYS A 202 5.53 -6.92 -7.11
C CYS A 202 4.17 -6.37 -6.72
N PHE A 203 3.12 -7.15 -6.96
CA PHE A 203 1.70 -6.86 -6.74
C PHE A 203 1.28 -6.65 -5.28
N VAL A 204 2.24 -6.69 -4.35
CA VAL A 204 2.25 -7.09 -2.94
C VAL A 204 0.88 -7.16 -2.24
N GLY A 205 0.03 -6.13 -2.32
CA GLY A 205 -1.35 -6.25 -1.89
C GLY A 205 -2.17 -5.23 -2.62
N LEU A 206 -3.11 -5.75 -3.38
CA LEU A 206 -4.11 -5.03 -4.14
C LEU A 206 -5.29 -4.95 -3.20
N ILE A 207 -5.56 -3.80 -2.57
CA ILE A 207 -6.64 -3.73 -1.58
C ILE A 207 -7.98 -3.64 -2.33
N SER A 208 -8.58 -2.43 -2.45
CA SER A 208 -9.71 -2.08 -3.31
C SER A 208 -10.38 -0.82 -2.75
N MET A 209 -9.65 0.30 -2.74
CA MET A 209 -10.22 1.55 -2.30
C MET A 209 -11.52 1.90 -3.03
N ILE A 210 -12.34 2.63 -2.30
CA ILE A 210 -13.55 3.31 -2.74
C ILE A 210 -13.18 4.79 -2.75
N ASP A 211 -14.10 5.58 -3.28
CA ASP A 211 -14.14 7.02 -3.21
C ASP A 211 -15.59 7.37 -3.56
N PRO A 212 -16.53 7.12 -2.64
CA PRO A 212 -17.96 7.18 -2.94
C PRO A 212 -18.44 8.63 -3.15
N PRO A 213 -19.63 8.83 -3.74
CA PRO A 213 -20.25 10.15 -3.82
C PRO A 213 -20.74 10.60 -2.44
N GLN A 1 -22.20 7.91 -1.34
CA GLN A 1 -21.71 8.17 0.03
C GLN A 1 -21.49 6.84 0.73
N ASN A 2 -20.35 6.69 1.38
CA ASN A 2 -20.01 5.59 2.28
C ASN A 2 -18.78 6.01 3.11
N PRO A 3 -18.51 5.35 4.24
CA PRO A 3 -17.36 5.68 5.08
C PRO A 3 -16.05 5.41 4.35
N MET A 4 -15.06 6.28 4.54
CA MET A 4 -13.73 6.08 3.97
C MET A 4 -12.94 5.12 4.84
N THR A 5 -12.70 3.92 4.35
CA THR A 5 -12.09 2.85 5.12
C THR A 5 -11.15 2.06 4.21
N VAL A 6 -10.62 0.94 4.72
CA VAL A 6 -10.15 -0.14 3.89
C VAL A 6 -11.34 -0.60 3.06
N ALA A 7 -12.28 -1.34 3.64
CA ALA A 7 -13.47 -1.96 3.06
C ALA A 7 -13.16 -3.45 2.87
N HIS A 8 -12.12 -3.79 2.09
CA HIS A 8 -11.77 -5.17 1.76
C HIS A 8 -10.26 -5.28 1.52
N MET A 9 -9.72 -6.49 1.35
CA MET A 9 -8.28 -6.70 1.24
C MET A 9 -7.95 -8.01 0.50
N TRP A 10 -7.42 -7.86 -0.71
CA TRP A 10 -6.71 -8.93 -1.42
C TRP A 10 -5.20 -8.77 -1.17
N PHE A 11 -4.42 -9.81 -1.44
CA PHE A 11 -2.96 -9.83 -1.54
C PHE A 11 -2.54 -11.25 -1.82
N ASP A 12 -3.30 -12.19 -1.25
CA ASP A 12 -2.99 -13.60 -1.16
C ASP A 12 -3.26 -14.37 -2.44
N ASN A 13 -3.72 -13.66 -3.48
CA ASN A 13 -4.13 -14.15 -4.79
C ASN A 13 -5.60 -14.61 -4.78
N GLN A 14 -6.37 -14.31 -3.73
CA GLN A 14 -7.66 -15.00 -3.53
C GLN A 14 -8.57 -14.35 -2.49
N ILE A 15 -8.32 -13.07 -2.17
CA ILE A 15 -8.99 -12.30 -1.12
C ILE A 15 -8.77 -12.94 0.27
N HIS A 16 -9.06 -12.20 1.34
CA HIS A 16 -9.14 -12.70 2.70
C HIS A 16 -10.50 -12.27 3.23
N GLU A 17 -10.60 -11.16 3.98
CA GLU A 17 -11.84 -10.58 4.51
C GLU A 17 -11.62 -9.07 4.59
N ALA A 18 -10.90 -8.65 5.63
CA ALA A 18 -10.82 -7.31 6.18
C ALA A 18 -12.17 -6.77 6.63
N ASP A 19 -12.36 -6.80 7.95
CA ASP A 19 -13.58 -6.53 8.70
C ASP A 19 -14.69 -7.50 8.30
N THR A 20 -14.65 -8.68 8.93
CA THR A 20 -15.53 -9.85 8.76
C THR A 20 -16.94 -9.45 8.37
N THR A 21 -17.43 -10.03 7.27
CA THR A 21 -18.74 -9.75 6.70
C THR A 21 -19.70 -10.94 6.88
N GLU A 22 -19.15 -12.15 7.06
CA GLU A 22 -19.91 -13.37 7.29
C GLU A 22 -20.61 -13.31 8.64
N ASN A 23 -21.92 -13.06 8.63
CA ASN A 23 -22.78 -13.08 9.81
C ASN A 23 -23.01 -14.55 10.20
N GLN A 24 -22.11 -15.12 11.01
CA GLN A 24 -22.10 -16.54 11.36
C GLN A 24 -21.88 -16.75 12.85
N SER A 25 -20.92 -16.04 13.45
CA SER A 25 -20.58 -16.01 14.87
C SER A 25 -19.50 -14.92 15.02
N GLY A 26 -18.37 -15.10 14.36
CA GLY A 26 -17.27 -14.15 14.33
C GLY A 26 -16.04 -14.83 13.75
N VAL A 27 -16.01 -14.99 12.42
CA VAL A 27 -14.84 -15.56 11.73
C VAL A 27 -13.65 -14.59 11.79
N SER A 28 -12.48 -15.07 11.40
CA SER A 28 -11.31 -14.27 11.12
C SER A 28 -10.65 -14.84 9.87
N PHE A 29 -9.91 -13.98 9.19
CA PHE A 29 -8.94 -14.37 8.18
C PHE A 29 -7.70 -14.84 8.92
N ASP A 30 -6.85 -15.63 8.27
CA ASP A 30 -5.54 -16.02 8.80
C ASP A 30 -4.48 -15.10 8.20
N LYS A 31 -3.29 -15.07 8.78
CA LYS A 31 -2.14 -14.36 8.22
C LYS A 31 -0.85 -15.12 8.51
N THR A 32 0.18 -14.91 7.69
CA THR A 32 1.52 -15.39 7.99
C THR A 32 2.26 -14.23 8.65
N SER A 33 3.22 -13.61 7.97
CA SER A 33 4.10 -12.59 8.54
C SER A 33 4.75 -11.83 7.40
N ALA A 34 5.55 -12.49 6.57
CA ALA A 34 6.27 -11.93 5.43
C ALA A 34 5.40 -11.00 4.59
N THR A 35 4.36 -11.53 3.94
CA THR A 35 3.48 -10.78 3.04
C THR A 35 2.73 -9.65 3.77
N TRP A 36 2.60 -9.70 5.10
CA TRP A 36 2.05 -8.62 5.92
C TRP A 36 3.12 -7.56 6.09
N PHE A 37 4.29 -7.88 6.67
CA PHE A 37 5.37 -6.93 6.88
C PHE A 37 5.67 -6.15 5.60
N ALA A 38 5.77 -6.88 4.48
CA ALA A 38 6.01 -6.36 3.16
C ALA A 38 5.03 -5.23 2.82
N LEU A 39 3.74 -5.45 3.11
CA LEU A 39 2.67 -4.51 2.90
C LEU A 39 2.73 -3.39 3.92
N SER A 40 3.04 -3.67 5.17
CA SER A 40 3.19 -2.65 6.21
C SER A 40 4.28 -1.62 5.89
N ARG A 41 5.20 -1.92 4.96
CA ARG A 41 6.07 -0.89 4.39
C ARG A 41 5.23 0.15 3.67
N ILE A 42 4.32 -0.26 2.79
CA ILE A 42 3.62 0.51 1.76
C ILE A 42 2.41 1.17 2.40
N ALA A 43 1.62 0.38 3.12
CA ALA A 43 0.50 0.77 3.96
C ALA A 43 0.94 1.67 5.13
N GLY A 44 2.24 1.97 5.23
CA GLY A 44 2.83 2.91 6.15
C GLY A 44 3.20 4.22 5.45
N LEU A 45 4.40 4.27 4.87
CA LEU A 45 5.11 5.53 4.61
C LEU A 45 4.55 6.34 3.45
N CYS A 46 4.18 5.66 2.38
CA CYS A 46 3.40 6.11 1.24
C CYS A 46 1.98 6.56 1.65
N ASN A 47 1.85 7.36 2.70
CA ASN A 47 0.61 7.97 3.20
C ASN A 47 0.96 9.35 3.72
N ARG A 48 0.14 10.35 3.41
CA ARG A 48 0.24 11.71 3.92
C ARG A 48 -1.08 12.19 4.53
N ALA A 49 -2.06 11.31 4.71
CA ALA A 49 -3.32 11.59 5.37
C ALA A 49 -3.21 11.21 6.84
N VAL A 50 -3.84 12.01 7.68
CA VAL A 50 -3.77 11.97 9.14
C VAL A 50 -5.16 12.26 9.72
N PHE A 51 -5.26 12.38 11.04
CA PHE A 51 -6.52 12.46 11.76
C PHE A 51 -6.94 13.91 12.06
N GLN A 52 -8.23 14.11 12.35
CA GLN A 52 -8.90 15.39 12.62
C GLN A 52 -9.40 15.46 14.08
N ALA A 53 -8.58 15.06 15.04
CA ALA A 53 -8.86 15.03 16.48
C ALA A 53 -10.24 14.44 16.79
N ASN A 54 -10.52 13.22 16.32
CA ASN A 54 -11.83 12.60 16.52
C ASN A 54 -12.11 12.33 18.00
N GLN A 55 -13.37 12.01 18.32
CA GLN A 55 -13.75 11.66 19.69
C GLN A 55 -13.34 10.20 19.95
N GLU A 56 -13.12 9.86 21.22
CA GLU A 56 -12.74 8.53 21.68
C GLU A 56 -13.95 7.64 21.85
N ASN A 57 -15.12 8.21 22.13
CA ASN A 57 -16.33 7.43 22.38
C ASN A 57 -16.90 6.83 21.10
N LEU A 58 -16.31 7.13 19.94
CA LEU A 58 -16.83 6.91 18.61
C LEU A 58 -15.74 6.21 17.77
N PRO A 59 -16.04 5.78 16.53
CA PRO A 59 -15.08 5.04 15.72
C PRO A 59 -14.01 5.97 15.13
N ILE A 60 -12.71 5.65 15.30
CA ILE A 60 -11.51 6.40 14.86
C ILE A 60 -11.66 7.14 13.52
N LEU A 61 -12.39 6.53 12.57
CA LEU A 61 -12.67 7.07 11.24
C LEU A 61 -13.49 8.37 11.33
N LYS A 62 -14.67 8.28 11.96
CA LYS A 62 -15.75 9.29 12.12
C LYS A 62 -16.07 10.13 10.89
N ARG A 63 -15.77 9.60 9.71
CA ARG A 63 -15.72 10.29 8.41
C ARG A 63 -15.24 11.74 8.60
N ALA A 64 -14.09 11.88 9.26
CA ALA A 64 -13.37 13.13 9.43
C ALA A 64 -11.89 12.77 9.47
N VAL A 65 -11.18 12.96 8.36
CA VAL A 65 -9.74 12.78 8.25
C VAL A 65 -9.16 13.97 7.48
N ALA A 66 -7.83 14.13 7.54
CA ALA A 66 -7.07 15.21 6.93
C ALA A 66 -6.10 14.64 5.89
N GLY A 67 -5.57 15.49 5.02
CA GLY A 67 -4.60 15.10 4.00
C GLY A 67 -5.26 14.36 2.84
N ASP A 68 -4.57 13.38 2.25
CA ASP A 68 -4.93 12.73 0.98
C ASP A 68 -6.25 11.94 1.03
N ALA A 69 -6.80 11.72 2.23
CA ALA A 69 -8.02 10.98 2.54
C ALA A 69 -8.01 9.50 2.15
N SER A 70 -7.77 9.09 0.90
CA SER A 70 -7.90 7.71 0.46
C SER A 70 -6.95 6.82 1.25
N GLU A 71 -5.65 7.11 1.17
CA GLU A 71 -4.59 6.31 1.78
C GLU A 71 -4.75 6.15 3.28
N SER A 72 -5.45 7.10 3.92
CA SER A 72 -5.76 7.11 5.34
C SER A 72 -6.46 5.81 5.75
N ALA A 73 -7.07 5.09 4.82
CA ALA A 73 -7.74 3.83 5.04
C ALA A 73 -6.93 2.94 5.98
N LEU A 74 -5.68 2.72 5.60
CA LEU A 74 -4.73 1.91 6.32
C LEU A 74 -4.48 2.51 7.69
N LEU A 75 -4.22 3.81 7.79
CA LEU A 75 -3.87 4.52 9.01
C LEU A 75 -4.92 4.25 10.08
N LYS A 76 -6.21 4.32 9.72
CA LYS A 76 -7.32 4.14 10.66
C LYS A 76 -7.63 2.67 10.96
N CYS A 77 -7.03 1.69 10.28
CA CYS A 77 -7.06 0.29 10.71
C CYS A 77 -5.78 -0.10 11.47
N ILE A 78 -4.66 0.57 11.19
CA ILE A 78 -3.32 0.14 11.57
C ILE A 78 -2.97 0.67 12.97
N GLU A 79 -3.22 1.95 13.25
CA GLU A 79 -2.78 2.55 14.51
C GLU A 79 -3.53 1.89 15.67
N VAL A 80 -4.83 1.68 15.46
CA VAL A 80 -5.77 0.99 16.35
C VAL A 80 -5.50 -0.52 16.36
N CYS A 81 -4.60 -1.03 15.51
CA CYS A 81 -4.00 -2.34 15.74
C CYS A 81 -2.88 -2.16 16.77
N CYS A 82 -1.84 -1.38 16.44
CA CYS A 82 -0.79 -1.03 17.40
C CYS A 82 0.13 0.10 16.91
N GLY A 83 0.51 0.10 15.63
CA GLY A 83 1.74 0.72 15.16
C GLY A 83 1.50 2.06 14.48
N SER A 84 1.82 3.16 15.15
CA SER A 84 1.69 4.54 14.69
C SER A 84 2.44 4.73 13.36
N VAL A 85 1.71 4.77 12.24
CA VAL A 85 2.22 5.18 10.93
C VAL A 85 2.68 6.64 10.98
N MET A 86 2.06 7.46 11.82
CA MET A 86 2.45 8.84 12.01
C MET A 86 3.78 8.99 12.77
N GLU A 87 4.41 7.90 13.23
CA GLU A 87 5.77 7.94 13.78
C GLU A 87 6.74 7.40 12.73
N MET A 88 6.29 6.47 11.88
CA MET A 88 7.01 5.95 10.73
C MET A 88 7.57 7.06 9.84
N ARG A 89 6.86 8.20 9.77
CA ARG A 89 7.31 9.37 9.02
C ARG A 89 8.72 9.80 9.43
N GLU A 90 9.09 9.60 10.69
CA GLU A 90 10.38 9.97 11.22
C GLU A 90 11.36 8.79 11.25
N LYS A 91 10.87 7.58 11.55
CA LYS A 91 11.72 6.37 11.54
C LYS A 91 12.51 6.31 10.25
N TYR A 92 11.81 6.33 9.13
CA TYR A 92 12.38 6.36 7.81
C TYR A 92 12.61 7.84 7.46
N THR A 93 13.45 8.14 6.46
CA THR A 93 13.99 9.49 6.28
C THR A 93 13.36 10.23 5.11
N LYS A 94 12.67 9.54 4.17
CA LYS A 94 12.07 10.24 3.02
C LYS A 94 13.16 10.86 2.15
N ILE A 95 14.00 9.99 1.57
CA ILE A 95 15.00 10.33 0.57
C ILE A 95 14.42 11.37 -0.39
N VAL A 96 13.31 11.00 -1.06
CA VAL A 96 12.65 11.81 -2.06
C VAL A 96 11.16 11.50 -2.02
N GLU A 97 10.35 12.39 -2.57
CA GLU A 97 8.91 12.27 -2.64
C GLU A 97 8.50 13.07 -3.86
N ILE A 98 8.16 12.38 -4.94
CA ILE A 98 7.88 13.04 -6.19
C ILE A 98 6.38 13.34 -6.22
N PRO A 99 5.98 14.62 -6.39
CA PRO A 99 4.59 15.00 -6.56
C PRO A 99 3.98 14.43 -7.84
N PHE A 100 2.75 14.85 -8.12
CA PHE A 100 2.06 14.67 -9.38
C PHE A 100 2.74 15.50 -10.51
N ASN A 101 4.02 15.24 -10.83
CA ASN A 101 4.68 15.87 -11.98
C ASN A 101 3.86 15.55 -13.23
N SER A 102 3.65 16.50 -14.14
CA SER A 102 2.94 16.28 -15.40
C SER A 102 3.47 15.03 -16.11
N THR A 103 4.79 14.93 -16.35
CA THR A 103 5.37 13.86 -17.15
C THR A 103 5.12 12.47 -16.54
N ASN A 104 5.14 12.39 -15.20
CA ASN A 104 4.96 11.14 -14.48
C ASN A 104 3.48 11.03 -14.15
N LYS A 105 2.71 10.27 -14.92
CA LYS A 105 1.33 9.96 -14.55
C LYS A 105 1.37 8.84 -13.51
N TYR A 106 1.95 9.15 -12.35
CA TYR A 106 2.07 8.47 -11.08
C TYR A 106 2.85 9.43 -10.16
N GLN A 107 2.67 9.28 -8.85
CA GLN A 107 3.55 9.82 -7.82
C GLN A 107 4.29 8.65 -7.19
N LEU A 108 5.37 8.89 -6.46
CA LEU A 108 6.06 7.85 -5.69
C LEU A 108 6.85 8.50 -4.54
N SER A 109 7.46 7.69 -3.69
CA SER A 109 8.23 8.15 -2.56
C SER A 109 9.36 7.14 -2.35
N ILE A 110 10.52 7.63 -1.95
CA ILE A 110 11.66 6.79 -1.63
C ILE A 110 12.05 7.11 -0.19
N HIS A 111 12.35 6.09 0.59
CA HIS A 111 12.65 6.19 2.00
C HIS A 111 13.75 5.17 2.30
N LYS A 112 14.76 5.54 3.09
CA LYS A 112 15.64 4.55 3.72
C LYS A 112 14.89 4.01 4.93
N ASN A 113 14.97 2.70 5.15
CA ASN A 113 14.77 2.06 6.44
C ASN A 113 16.10 2.14 7.19
N PRO A 114 16.08 2.44 8.50
CA PRO A 114 17.29 2.43 9.32
C PRO A 114 17.69 0.99 9.69
N ASN A 115 16.71 0.20 10.16
CA ASN A 115 16.79 -1.22 10.43
C ASN A 115 15.37 -1.75 10.53
N ALA A 116 15.12 -3.00 10.12
CA ALA A 116 13.87 -3.74 10.27
C ALA A 116 14.15 -5.17 9.85
N SER A 117 13.95 -5.47 8.57
CA SER A 117 14.08 -6.79 7.95
C SER A 117 14.35 -6.67 6.43
N GLU A 118 14.53 -5.47 5.90
CA GLU A 118 14.57 -5.16 4.48
C GLU A 118 15.89 -4.43 4.23
N PRO A 119 16.31 -4.24 2.97
CA PRO A 119 17.41 -3.34 2.67
C PRO A 119 16.95 -1.91 2.91
N LYS A 120 17.89 -0.97 2.91
CA LYS A 120 17.61 0.37 3.37
C LYS A 120 16.66 1.08 2.44
N HIS A 121 17.11 1.53 1.28
CA HIS A 121 16.20 2.26 0.41
C HIS A 121 15.07 1.35 -0.07
N LEU A 122 13.88 1.92 -0.09
CA LEU A 122 12.62 1.32 -0.44
C LEU A 122 11.95 2.34 -1.33
N LEU A 123 11.17 1.87 -2.29
CA LEU A 123 10.33 2.67 -3.17
C LEU A 123 8.94 2.07 -3.10
N VAL A 124 7.94 2.95 -3.17
CA VAL A 124 6.52 2.66 -3.04
C VAL A 124 5.79 3.65 -3.95
N MET A 125 4.66 3.26 -4.54
CA MET A 125 3.83 4.11 -5.39
C MET A 125 2.46 3.46 -5.63
N LYS A 126 1.57 4.21 -6.28
CA LYS A 126 0.19 3.82 -6.53
C LYS A 126 -0.36 4.42 -7.82
N GLY A 127 -1.67 4.34 -8.05
CA GLY A 127 -2.40 5.25 -8.93
C GLY A 127 -3.21 4.52 -9.98
N ALA A 128 -4.16 3.70 -9.55
CA ALA A 128 -4.87 2.60 -10.21
C ALA A 128 -4.20 1.29 -9.82
N PRO A 129 -4.91 0.15 -9.86
CA PRO A 129 -4.26 -1.15 -9.93
C PRO A 129 -3.44 -1.25 -11.24
N GLU A 130 -4.00 -0.77 -12.35
CA GLU A 130 -3.61 -1.04 -13.74
C GLU A 130 -2.12 -0.82 -13.98
N ARG A 131 -1.61 0.34 -13.54
CA ARG A 131 -0.22 0.73 -13.77
C ARG A 131 0.69 -0.16 -12.96
N ILE A 132 0.42 -0.25 -11.67
CA ILE A 132 1.21 -1.07 -10.78
C ILE A 132 1.24 -2.49 -11.37
N LEU A 133 0.14 -3.00 -11.93
CA LEU A 133 0.09 -4.32 -12.53
C LEU A 133 0.99 -4.40 -13.75
N ASP A 134 1.11 -3.33 -14.55
CA ASP A 134 1.96 -3.36 -15.73
C ASP A 134 3.43 -3.49 -15.33
N ARG A 135 3.74 -2.93 -14.16
CA ARG A 135 5.08 -2.66 -13.64
C ARG A 135 5.50 -3.75 -12.67
N CYS A 136 4.58 -4.64 -12.31
CA CYS A 136 4.85 -5.78 -11.47
C CYS A 136 5.64 -6.80 -12.26
N SER A 137 6.93 -6.91 -11.98
CA SER A 137 7.75 -8.02 -12.42
C SER A 137 7.17 -9.34 -11.88
N SER A 138 6.80 -9.37 -10.61
CA SER A 138 6.45 -10.58 -9.91
C SER A 138 5.26 -10.31 -8.98
N ILE A 139 4.88 -11.29 -8.19
CA ILE A 139 3.91 -11.15 -7.13
C ILE A 139 4.42 -11.93 -5.92
N LEU A 140 3.97 -11.54 -4.74
CA LEU A 140 4.44 -12.03 -3.44
C LEU A 140 3.32 -12.82 -2.79
N LEU A 141 3.49 -14.13 -2.72
CA LEU A 141 2.53 -15.06 -2.11
C LEU A 141 3.30 -16.01 -1.23
N HIS A 142 2.66 -16.59 -0.23
CA HIS A 142 3.22 -17.59 0.65
C HIS A 142 4.51 -17.07 1.34
N GLY A 143 4.70 -15.75 1.47
CA GLY A 143 5.96 -15.19 1.92
C GLY A 143 7.11 -15.58 1.00
N LYS A 144 6.92 -15.53 -0.32
CA LYS A 144 7.92 -15.79 -1.34
C LYS A 144 7.43 -15.20 -2.66
N GLU A 145 8.37 -14.92 -3.53
CA GLU A 145 8.15 -14.31 -4.82
C GLU A 145 7.78 -15.41 -5.81
N GLN A 146 6.79 -15.12 -6.64
CA GLN A 146 6.14 -15.95 -7.64
C GLN A 146 6.28 -15.17 -8.93
N PRO A 147 6.56 -15.86 -10.05
CA PRO A 147 6.56 -15.24 -11.34
C PRO A 147 5.14 -14.78 -11.60
N LEU A 148 4.96 -13.51 -11.95
CA LEU A 148 3.65 -13.02 -12.33
C LEU A 148 3.34 -13.50 -13.74
N ASP A 149 2.12 -13.99 -13.95
CA ASP A 149 1.66 -14.63 -15.18
C ASP A 149 0.20 -14.23 -15.38
N GLU A 150 -0.41 -14.65 -16.48
CA GLU A 150 -1.81 -14.39 -16.84
C GLU A 150 -2.79 -14.88 -15.77
N GLU A 151 -2.56 -16.04 -15.15
CA GLU A 151 -3.45 -16.61 -14.15
C GLU A 151 -3.32 -15.83 -12.86
N LEU A 152 -2.17 -15.20 -12.66
CA LEU A 152 -1.92 -14.40 -11.49
C LEU A 152 -2.53 -13.02 -11.69
N LYS A 153 -2.51 -12.49 -12.91
CA LYS A 153 -3.32 -11.34 -13.27
C LYS A 153 -4.78 -11.65 -12.98
N ASP A 154 -5.25 -12.83 -13.40
CA ASP A 154 -6.63 -13.30 -13.23
C ASP A 154 -7.03 -13.26 -11.76
N ALA A 155 -6.19 -13.82 -10.90
CA ALA A 155 -6.41 -13.83 -9.47
C ALA A 155 -6.59 -12.43 -8.87
N PHE A 156 -5.91 -11.42 -9.43
CA PHE A 156 -6.09 -10.03 -9.11
C PHE A 156 -7.38 -9.50 -9.72
N GLN A 157 -7.60 -9.75 -11.02
CA GLN A 157 -8.66 -9.14 -11.79
C GLN A 157 -9.95 -9.48 -11.07
N ASN A 158 -10.33 -10.75 -11.06
CA ASN A 158 -11.56 -11.21 -10.42
C ASN A 158 -11.77 -10.60 -9.04
N ALA A 159 -10.73 -10.61 -8.22
CA ALA A 159 -10.73 -10.04 -6.89
C ALA A 159 -11.09 -8.56 -6.90
N TYR A 160 -10.38 -7.76 -7.69
CA TYR A 160 -10.70 -6.37 -7.94
C TYR A 160 -12.15 -6.25 -8.41
N LEU A 161 -12.56 -7.00 -9.44
CA LEU A 161 -13.83 -6.80 -10.12
C LEU A 161 -15.00 -7.11 -9.20
N GLU A 162 -14.87 -8.12 -8.35
CA GLU A 162 -15.84 -8.55 -7.36
C GLU A 162 -16.27 -7.38 -6.47
N LEU A 163 -15.31 -6.64 -5.91
CA LEU A 163 -15.55 -5.65 -4.85
C LEU A 163 -16.66 -4.64 -5.16
N GLY A 164 -16.67 -4.02 -6.34
CA GLY A 164 -17.82 -3.23 -6.81
C GLY A 164 -17.45 -1.92 -7.52
N GLY A 165 -16.17 -1.56 -7.52
CA GLY A 165 -15.49 -0.44 -8.14
C GLY A 165 -16.28 0.22 -9.25
N LEU A 166 -16.97 1.28 -8.85
CA LEU A 166 -18.02 1.95 -9.61
C LEU A 166 -17.42 2.56 -10.88
N GLY A 167 -16.27 3.21 -10.70
CA GLY A 167 -15.29 3.58 -11.70
C GLY A 167 -13.99 3.59 -10.90
N GLU A 168 -13.13 2.61 -11.14
CA GLU A 168 -11.86 2.32 -10.45
C GLU A 168 -11.74 2.90 -9.04
N ARG A 169 -12.33 2.22 -8.06
CA ARG A 169 -12.18 2.55 -6.64
C ARG A 169 -11.40 1.44 -5.95
N VAL A 170 -10.20 1.17 -6.46
CA VAL A 170 -9.20 0.32 -5.85
C VAL A 170 -7.87 1.02 -6.17
N LEU A 171 -6.98 1.14 -5.19
CA LEU A 171 -5.65 1.71 -5.33
C LEU A 171 -4.69 0.70 -5.96
N GLY A 172 -3.39 1.02 -6.01
CA GLY A 172 -2.35 0.07 -6.38
C GLY A 172 -1.72 -0.50 -5.12
N PHE A 173 -0.79 0.22 -4.48
CA PHE A 173 0.29 -0.24 -3.63
C PHE A 173 1.25 -1.24 -4.31
N CYS A 174 2.57 -1.08 -4.08
CA CYS A 174 3.61 -2.05 -4.38
C CYS A 174 4.93 -1.60 -3.73
N HIS A 175 5.92 -2.49 -3.71
CA HIS A 175 7.33 -2.22 -3.47
C HIS A 175 8.15 -3.09 -4.44
N LEU A 176 9.47 -2.92 -4.41
CA LEU A 176 10.48 -3.83 -4.98
C LEU A 176 11.67 -4.06 -4.04
N LEU A 177 11.80 -3.25 -2.97
CA LEU A 177 12.97 -3.10 -2.08
C LEU A 177 14.23 -2.80 -2.89
N LEU A 178 14.65 -1.53 -2.94
CA LEU A 178 15.77 -1.11 -3.79
C LEU A 178 17.05 -1.76 -3.24
N PRO A 179 17.72 -2.64 -4.02
CA PRO A 179 18.81 -3.46 -3.54
C PRO A 179 20.02 -2.61 -3.19
N ASP A 180 20.26 -2.38 -1.90
CA ASP A 180 21.30 -1.53 -1.33
C ASP A 180 22.71 -1.98 -1.72
N GLU A 181 22.82 -3.23 -2.16
CA GLU A 181 24.01 -3.83 -2.76
C GLU A 181 24.31 -3.14 -4.10
N GLN A 182 23.32 -3.13 -5.00
CA GLN A 182 23.40 -2.57 -6.34
C GLN A 182 23.20 -1.05 -6.32
N PHE A 183 22.53 -0.55 -5.27
CA PHE A 183 22.19 0.87 -5.18
C PHE A 183 23.27 1.67 -4.43
N PRO A 184 23.32 3.00 -4.64
CA PRO A 184 24.29 3.86 -3.97
C PRO A 184 23.91 4.09 -2.51
N GLU A 185 24.84 3.78 -1.62
CA GLU A 185 24.87 4.30 -0.25
C GLU A 185 25.20 5.79 -0.21
N GLY A 186 25.53 6.42 -1.34
CA GLY A 186 25.48 7.88 -1.47
C GLY A 186 24.03 8.39 -1.47
N PHE A 187 23.08 7.55 -1.89
CA PHE A 187 21.63 7.72 -1.88
C PHE A 187 21.08 9.04 -2.44
N GLN A 188 21.83 9.68 -3.33
CA GLN A 188 21.42 10.88 -4.03
C GLN A 188 20.77 10.50 -5.36
N PHE A 189 19.45 10.39 -5.36
CA PHE A 189 18.64 10.24 -6.57
C PHE A 189 18.11 11.60 -7.00
N ASP A 190 17.76 12.43 -6.01
CA ASP A 190 17.00 13.66 -6.16
C ASP A 190 15.72 13.41 -6.96
N THR A 191 15.01 14.47 -7.32
CA THR A 191 13.74 14.36 -8.04
C THR A 191 13.90 14.84 -9.48
N ASP A 192 15.15 14.91 -9.96
CA ASP A 192 15.50 15.22 -11.34
C ASP A 192 16.28 14.06 -11.94
N GLU A 193 17.36 13.64 -11.28
CA GLU A 193 18.32 12.68 -11.83
C GLU A 193 18.15 11.27 -11.27
N VAL A 194 16.90 10.94 -10.92
CA VAL A 194 16.44 9.73 -10.25
C VAL A 194 17.14 8.45 -10.72
N ASN A 195 17.20 8.24 -12.04
CA ASN A 195 17.84 7.12 -12.77
C ASN A 195 17.19 5.74 -12.55
N PHE A 196 16.20 5.67 -11.68
CA PHE A 196 15.74 4.47 -11.02
C PHE A 196 14.88 3.57 -11.92
N PRO A 197 14.68 2.29 -11.54
CA PRO A 197 13.75 1.42 -12.23
C PRO A 197 12.32 1.86 -11.93
N VAL A 198 11.37 1.43 -12.76
CA VAL A 198 9.97 1.81 -12.64
C VAL A 198 9.05 0.70 -13.17
N ASP A 199 9.48 -0.55 -12.96
CA ASP A 199 8.89 -1.79 -13.51
C ASP A 199 9.79 -2.94 -13.04
N ASN A 200 9.91 -3.04 -11.73
CA ASN A 200 10.52 -4.17 -11.02
C ASN A 200 9.59 -4.82 -9.99
N LEU A 201 8.39 -4.27 -9.92
CA LEU A 201 7.58 -4.20 -8.70
C LEU A 201 6.98 -5.57 -8.36
N CYS A 202 6.38 -5.64 -7.17
CA CYS A 202 5.60 -6.75 -6.69
C CYS A 202 4.27 -6.21 -6.18
N PHE A 203 3.20 -6.97 -6.41
CA PHE A 203 1.80 -6.66 -6.15
C PHE A 203 1.40 -6.57 -4.67
N VAL A 204 2.37 -6.73 -3.76
CA VAL A 204 2.32 -6.95 -2.30
C VAL A 204 1.03 -6.54 -1.57
N GLY A 205 0.47 -5.37 -1.88
CA GLY A 205 -0.87 -5.03 -1.48
C GLY A 205 -1.62 -4.57 -2.68
N LEU A 206 -2.89 -4.88 -2.63
CA LEU A 206 -3.92 -4.42 -3.51
C LEU A 206 -5.14 -4.56 -2.61
N ILE A 207 -5.25 -3.60 -1.68
CA ILE A 207 -6.23 -3.56 -0.61
C ILE A 207 -7.58 -3.32 -1.30
N SER A 208 -8.05 -2.07 -1.43
CA SER A 208 -9.25 -1.60 -2.16
C SER A 208 -9.73 -0.24 -1.64
N MET A 209 -8.86 0.76 -1.62
CA MET A 209 -9.30 2.06 -1.10
C MET A 209 -10.41 2.61 -1.98
N ILE A 210 -11.38 3.26 -1.34
CA ILE A 210 -12.57 3.82 -1.95
C ILE A 210 -12.30 5.26 -2.38
N ASP A 211 -13.33 5.90 -2.93
CA ASP A 211 -13.57 7.35 -3.03
C ASP A 211 -15.06 7.51 -3.32
N PRO A 212 -15.86 8.08 -2.40
CA PRO A 212 -17.08 8.80 -2.73
C PRO A 212 -16.79 10.31 -2.75
N PRO A 213 -17.39 11.08 -3.67
CA PRO A 213 -17.44 12.53 -3.57
C PRO A 213 -18.32 12.93 -2.37
N GLN A 1 -22.19 9.38 -2.97
CA GLN A 1 -22.12 10.17 -1.72
C GLN A 1 -22.30 9.22 -0.54
N ASN A 2 -21.22 8.79 0.09
CA ASN A 2 -21.20 7.58 0.92
C ASN A 2 -20.00 7.64 1.86
N PRO A 3 -19.98 6.80 2.92
CA PRO A 3 -18.75 6.55 3.64
C PRO A 3 -17.79 5.71 2.80
N MET A 4 -16.50 5.86 3.07
CA MET A 4 -15.42 5.25 2.32
C MET A 4 -14.38 4.68 3.29
N THR A 5 -13.50 3.80 2.79
CA THR A 5 -12.64 2.95 3.60
C THR A 5 -11.76 2.14 2.64
N VAL A 6 -11.32 0.96 3.05
CA VAL A 6 -10.54 0.00 2.27
C VAL A 6 -11.35 -0.69 1.14
N ALA A 7 -12.67 -0.54 1.15
CA ALA A 7 -13.63 -1.24 0.31
C ALA A 7 -13.74 -2.74 0.58
N HIS A 8 -12.63 -3.49 0.67
CA HIS A 8 -12.56 -4.88 1.13
C HIS A 8 -11.11 -5.36 1.22
N MET A 9 -10.30 -5.06 0.21
CA MET A 9 -8.94 -5.52 -0.05
C MET A 9 -8.93 -6.89 -0.74
N TRP A 10 -7.78 -7.23 -1.35
CA TRP A 10 -7.50 -8.53 -1.93
C TRP A 10 -6.04 -8.86 -1.61
N PHE A 11 -5.71 -10.14 -1.42
CA PHE A 11 -4.33 -10.59 -1.23
C PHE A 11 -4.32 -12.10 -1.33
N ASP A 12 -5.20 -12.77 -0.58
CA ASP A 12 -5.38 -14.22 -0.56
C ASP A 12 -5.77 -14.79 -1.91
N ASN A 13 -5.89 -13.98 -2.97
CA ASN A 13 -6.12 -14.38 -4.35
C ASN A 13 -7.61 -14.60 -4.57
N GLN A 14 -8.46 -14.11 -3.64
CA GLN A 14 -9.88 -14.44 -3.63
C GLN A 14 -10.78 -13.45 -2.88
N ILE A 15 -10.31 -12.25 -2.52
CA ILE A 15 -11.00 -11.25 -1.68
C ILE A 15 -11.25 -11.82 -0.26
N HIS A 16 -11.65 -10.99 0.71
CA HIS A 16 -11.81 -11.30 2.14
C HIS A 16 -12.30 -10.06 2.89
N GLU A 17 -12.63 -10.20 4.19
CA GLU A 17 -12.83 -9.10 5.13
C GLU A 17 -11.85 -9.24 6.29
N ALA A 18 -11.09 -8.19 6.57
CA ALA A 18 -10.09 -8.11 7.64
C ALA A 18 -10.71 -7.92 9.04
N ASP A 19 -12.02 -7.71 9.11
CA ASP A 19 -12.85 -7.69 10.31
C ASP A 19 -14.15 -8.37 9.89
N THR A 20 -14.17 -9.69 9.96
CA THR A 20 -15.21 -10.57 9.45
C THR A 20 -16.58 -10.29 10.07
N THR A 21 -17.66 -10.53 9.32
CA THR A 21 -19.02 -10.15 9.67
C THR A 21 -20.01 -11.28 9.37
N GLU A 22 -19.93 -11.93 8.21
CA GLU A 22 -20.81 -13.03 7.83
C GLU A 22 -20.06 -14.36 7.95
N ASN A 23 -20.80 -15.41 8.36
CA ASN A 23 -20.49 -16.83 8.30
C ASN A 23 -19.30 -17.30 9.17
N GLN A 24 -18.43 -16.38 9.59
CA GLN A 24 -17.39 -16.45 10.60
C GLN A 24 -17.08 -17.84 11.17
N SER A 25 -16.20 -18.58 10.50
CA SER A 25 -15.62 -19.81 11.02
C SER A 25 -14.69 -19.57 12.22
N GLY A 26 -14.01 -18.42 12.24
CA GLY A 26 -12.91 -18.07 13.13
C GLY A 26 -12.33 -16.73 12.69
N VAL A 27 -11.42 -16.14 13.48
CA VAL A 27 -10.84 -14.83 13.24
C VAL A 27 -9.33 -15.01 13.09
N SER A 28 -8.83 -14.97 11.85
CA SER A 28 -7.40 -15.00 11.59
C SER A 28 -7.12 -14.30 10.26
N PHE A 29 -6.96 -12.98 10.30
CA PHE A 29 -6.58 -12.14 9.17
C PHE A 29 -5.07 -12.24 8.93
N ASP A 30 -4.58 -13.49 8.85
CA ASP A 30 -3.18 -13.95 8.78
C ASP A 30 -2.16 -13.00 9.41
N LYS A 31 -2.49 -12.47 10.58
CA LYS A 31 -1.77 -11.36 11.21
C LYS A 31 -0.45 -11.82 11.82
N THR A 32 -0.06 -13.07 11.56
CA THR A 32 1.23 -13.71 11.79
C THR A 32 2.35 -13.09 10.93
N SER A 33 2.45 -11.75 10.91
CA SER A 33 3.67 -11.02 10.59
C SER A 33 4.28 -11.44 9.25
N ALA A 34 3.45 -11.53 8.19
CA ALA A 34 3.90 -11.81 6.83
C ALA A 34 3.52 -10.73 5.82
N THR A 35 2.46 -10.92 5.04
CA THR A 35 2.00 -9.93 4.08
C THR A 35 1.59 -8.63 4.78
N TRP A 36 0.90 -8.71 5.92
CA TRP A 36 0.56 -7.51 6.68
C TRP A 36 1.82 -6.83 7.26
N PHE A 37 3.02 -7.40 7.10
CA PHE A 37 4.34 -6.82 7.34
C PHE A 37 4.89 -6.20 6.04
N ALA A 38 4.88 -6.95 4.93
CA ALA A 38 5.42 -6.50 3.65
C ALA A 38 4.65 -5.28 3.13
N LEU A 39 3.33 -5.36 3.17
CA LEU A 39 2.41 -4.30 2.85
C LEU A 39 2.61 -3.15 3.83
N SER A 40 3.07 -3.41 5.05
CA SER A 40 3.35 -2.39 6.04
C SER A 40 4.49 -1.45 5.60
N ARG A 41 5.36 -1.89 4.67
CA ARG A 41 6.32 -0.99 4.02
C ARG A 41 5.58 0.12 3.27
N ILE A 42 4.44 -0.22 2.65
CA ILE A 42 3.74 0.57 1.65
C ILE A 42 2.61 1.29 2.36
N ALA A 43 1.65 0.53 2.90
CA ALA A 43 0.47 1.02 3.60
C ALA A 43 0.81 1.92 4.79
N GLY A 44 2.05 1.83 5.28
CA GLY A 44 2.59 2.72 6.28
C GLY A 44 3.00 4.06 5.64
N LEU A 45 4.17 4.12 5.01
CA LEU A 45 4.71 5.37 4.43
C LEU A 45 3.83 6.04 3.38
N CYS A 46 3.15 5.25 2.56
CA CYS A 46 2.17 5.74 1.60
C CYS A 46 0.91 6.32 2.30
N ASN A 47 0.66 6.07 3.59
CA ASN A 47 -0.33 6.84 4.36
C ASN A 47 0.32 8.13 4.85
N ARG A 48 -0.35 9.28 4.71
CA ARG A 48 0.11 10.60 5.12
C ARG A 48 -1.06 11.42 5.66
N ALA A 49 -2.13 10.75 6.11
CA ALA A 49 -3.41 11.32 6.52
C ALA A 49 -3.82 10.69 7.84
N VAL A 50 -4.39 11.49 8.75
CA VAL A 50 -4.53 11.18 10.17
C VAL A 50 -5.90 11.56 10.69
N PHE A 51 -6.21 11.15 11.91
CA PHE A 51 -7.49 11.31 12.57
C PHE A 51 -7.78 12.79 12.89
N GLN A 52 -9.07 13.14 12.98
CA GLN A 52 -9.56 14.40 13.54
C GLN A 52 -10.33 14.19 14.85
N ALA A 53 -10.64 12.95 15.24
CA ALA A 53 -11.45 12.65 16.43
C ALA A 53 -10.68 11.66 17.29
N ASN A 54 -10.64 11.93 18.59
CA ASN A 54 -10.05 11.12 19.63
C ASN A 54 -11.16 10.92 20.66
N GLN A 55 -11.99 9.90 20.42
CA GLN A 55 -13.23 9.61 21.13
C GLN A 55 -13.35 8.09 21.25
N GLU A 56 -12.59 7.48 22.17
CA GLU A 56 -12.39 6.04 22.26
C GLU A 56 -13.67 5.23 22.41
N ASN A 57 -14.73 5.86 22.92
CA ASN A 57 -16.00 5.19 23.16
C ASN A 57 -16.74 4.90 21.83
N LEU A 58 -16.23 5.43 20.71
CA LEU A 58 -16.84 5.47 19.41
C LEU A 58 -15.84 4.90 18.38
N PRO A 59 -16.23 4.71 17.12
CA PRO A 59 -15.38 4.05 16.14
C PRO A 59 -14.24 4.98 15.75
N ILE A 60 -13.04 4.44 15.57
CA ILE A 60 -11.86 5.14 15.07
C ILE A 60 -12.11 5.83 13.72
N LEU A 61 -13.17 5.42 13.01
CA LEU A 61 -13.66 6.05 11.79
C LEU A 61 -14.19 7.47 12.05
N LYS A 62 -15.33 7.57 12.76
CA LYS A 62 -16.26 8.71 12.99
C LYS A 62 -16.38 9.73 11.85
N ARG A 63 -16.13 9.31 10.62
CA ARG A 63 -15.84 10.14 9.45
C ARG A 63 -15.00 11.35 9.84
N ALA A 64 -13.87 11.14 10.54
CA ALA A 64 -13.07 12.19 11.12
C ALA A 64 -11.59 11.98 10.80
N VAL A 65 -11.12 12.49 9.65
CA VAL A 65 -9.75 12.40 9.18
C VAL A 65 -9.36 13.70 8.47
N ALA A 66 -8.05 13.93 8.34
CA ALA A 66 -7.43 15.04 7.64
C ALA A 66 -6.31 14.50 6.74
N GLY A 67 -5.98 15.22 5.67
CA GLY A 67 -5.11 14.70 4.61
C GLY A 67 -5.89 13.78 3.69
N ASP A 68 -5.22 13.16 2.72
CA ASP A 68 -5.77 12.24 1.72
C ASP A 68 -6.67 11.20 2.40
N ALA A 69 -7.99 11.36 2.32
CA ALA A 69 -8.93 10.46 2.97
C ALA A 69 -8.82 9.03 2.42
N SER A 70 -8.44 8.87 1.15
CA SER A 70 -8.11 7.60 0.52
C SER A 70 -7.05 6.88 1.36
N GLU A 71 -5.89 7.52 1.50
CA GLU A 71 -4.71 6.98 2.17
C GLU A 71 -4.97 6.81 3.68
N SER A 72 -5.89 7.58 4.25
CA SER A 72 -6.33 7.50 5.66
C SER A 72 -6.92 6.16 6.01
N ALA A 73 -7.59 5.56 5.03
CA ALA A 73 -8.28 4.30 5.18
C ALA A 73 -7.36 3.26 5.79
N LEU A 74 -6.13 3.25 5.27
CA LEU A 74 -5.05 2.38 5.71
C LEU A 74 -4.52 2.80 7.08
N LEU A 75 -4.58 4.08 7.46
CA LEU A 75 -4.25 4.54 8.80
C LEU A 75 -5.27 3.91 9.76
N LYS A 76 -6.56 4.07 9.50
CA LYS A 76 -7.58 3.54 10.41
C LYS A 76 -7.46 2.01 10.52
N CYS A 77 -7.06 1.30 9.46
CA CYS A 77 -6.87 -0.14 9.51
C CYS A 77 -5.53 -0.60 10.15
N ILE A 78 -4.58 0.28 10.44
CA ILE A 78 -3.23 -0.12 10.90
C ILE A 78 -2.92 0.43 12.29
N GLU A 79 -3.50 1.58 12.63
CA GLU A 79 -3.23 2.32 13.86
C GLU A 79 -3.52 1.41 15.06
N VAL A 80 -4.79 1.02 15.17
CA VAL A 80 -5.36 0.19 16.21
C VAL A 80 -4.80 -1.25 16.17
N CYS A 81 -4.00 -1.62 15.14
CA CYS A 81 -3.23 -2.86 15.14
C CYS A 81 -1.90 -2.75 15.89
N CYS A 82 -1.49 -1.56 16.37
CA CYS A 82 -0.40 -1.23 17.31
C CYS A 82 0.83 -0.65 16.59
N GLY A 83 1.12 -1.11 15.38
CA GLY A 83 2.27 -0.67 14.60
C GLY A 83 2.03 0.74 14.11
N SER A 84 2.59 1.72 14.84
CA SER A 84 2.43 3.15 14.63
C SER A 84 2.83 3.54 13.19
N VAL A 85 2.11 4.52 12.64
CA VAL A 85 2.15 5.00 11.28
C VAL A 85 2.54 6.49 11.22
N MET A 86 1.90 7.35 12.02
CA MET A 86 2.19 8.80 12.04
C MET A 86 3.53 9.08 12.71
N GLU A 87 4.11 8.05 13.32
CA GLU A 87 5.49 7.91 13.71
C GLU A 87 6.37 7.70 12.47
N MET A 88 6.01 6.75 11.59
CA MET A 88 7.01 6.19 10.70
C MET A 88 7.42 7.13 9.56
N ARG A 89 6.54 8.07 9.24
CA ARG A 89 6.83 9.23 8.41
C ARG A 89 8.08 9.99 8.86
N GLU A 90 8.48 9.84 10.13
CA GLU A 90 9.63 10.47 10.79
C GLU A 90 10.71 9.43 11.12
N LYS A 91 10.32 8.16 11.28
CA LYS A 91 11.26 7.03 11.27
C LYS A 91 12.17 7.14 10.05
N TYR A 92 11.60 7.28 8.87
CA TYR A 92 12.35 7.40 7.63
C TYR A 92 12.64 8.88 7.35
N THR A 93 13.47 9.19 6.35
CA THR A 93 14.05 10.50 6.07
C THR A 93 13.58 11.05 4.72
N LYS A 94 12.73 10.34 3.96
CA LYS A 94 12.12 10.92 2.75
C LYS A 94 13.20 11.34 1.74
N ILE A 95 13.94 10.34 1.25
CA ILE A 95 14.91 10.49 0.17
C ILE A 95 14.33 11.44 -0.89
N VAL A 96 13.17 11.12 -1.49
CA VAL A 96 12.58 11.87 -2.59
C VAL A 96 11.08 11.53 -2.68
N GLU A 97 10.36 12.24 -3.54
CA GLU A 97 8.94 12.11 -3.79
C GLU A 97 8.74 12.79 -5.13
N ILE A 98 8.24 12.02 -6.09
CA ILE A 98 7.96 12.56 -7.40
C ILE A 98 6.47 12.86 -7.43
N PRO A 99 6.08 14.14 -7.49
CA PRO A 99 4.69 14.54 -7.34
C PRO A 99 3.86 14.01 -8.52
N PHE A 100 4.19 14.48 -9.73
CA PHE A 100 3.62 14.00 -10.99
C PHE A 100 4.69 13.49 -11.96
N ASN A 101 5.78 14.25 -12.16
CA ASN A 101 6.66 14.18 -13.34
C ASN A 101 5.84 14.28 -14.64
N SER A 102 6.49 14.20 -15.80
CA SER A 102 5.85 13.96 -17.09
C SER A 102 6.08 12.52 -17.57
N THR A 103 6.91 11.71 -16.89
CA THR A 103 7.24 10.34 -17.29
C THR A 103 5.99 9.53 -17.61
N ASN A 104 5.13 9.27 -16.62
CA ASN A 104 3.79 8.71 -16.79
C ASN A 104 2.93 9.18 -15.62
N LYS A 105 1.61 9.01 -15.72
CA LYS A 105 0.66 9.43 -14.69
C LYS A 105 0.70 8.46 -13.49
N TYR A 106 1.66 8.60 -12.59
CA TYR A 106 1.75 7.94 -11.29
C TYR A 106 2.47 8.86 -10.31
N GLN A 107 2.62 8.42 -9.05
CA GLN A 107 3.47 9.04 -8.05
C GLN A 107 4.27 7.92 -7.37
N LEU A 108 5.43 8.25 -6.84
CA LEU A 108 6.23 7.41 -5.96
C LEU A 108 6.75 8.26 -4.80
N SER A 109 7.36 7.62 -3.81
CA SER A 109 8.22 8.26 -2.84
C SER A 109 9.32 7.26 -2.52
N ILE A 110 10.48 7.75 -2.10
CA ILE A 110 11.58 6.92 -1.62
C ILE A 110 11.96 7.44 -0.24
N HIS A 111 12.32 6.53 0.66
CA HIS A 111 12.55 6.77 2.07
C HIS A 111 13.64 5.78 2.52
N LYS A 112 14.57 6.18 3.41
CA LYS A 112 15.53 5.24 3.99
C LYS A 112 14.90 4.63 5.25
N ASN A 113 14.88 3.32 5.34
CA ASN A 113 14.50 2.51 6.50
C ASN A 113 15.72 2.52 7.40
N PRO A 114 15.65 3.05 8.62
CA PRO A 114 16.82 3.13 9.47
C PRO A 114 17.20 1.76 10.04
N ASN A 115 16.20 0.96 10.44
CA ASN A 115 16.38 -0.34 11.05
C ASN A 115 15.12 -1.17 10.91
N ALA A 116 15.30 -2.49 10.75
CA ALA A 116 14.37 -3.61 10.52
C ALA A 116 14.70 -4.23 9.16
N SER A 117 14.00 -5.30 8.79
CA SER A 117 14.18 -6.01 7.53
C SER A 117 13.97 -5.10 6.31
N GLU A 118 14.26 -5.63 5.13
CA GLU A 118 14.35 -4.93 3.84
C GLU A 118 15.53 -3.93 3.83
N PRO A 119 16.02 -3.44 2.68
CA PRO A 119 17.15 -2.50 2.65
C PRO A 119 16.68 -1.11 3.05
N LYS A 120 17.60 -0.15 3.16
CA LYS A 120 17.25 1.18 3.62
C LYS A 120 16.35 1.86 2.59
N HIS A 121 16.86 2.21 1.41
CA HIS A 121 16.15 2.96 0.37
C HIS A 121 14.94 2.19 -0.18
N LEU A 122 13.81 2.29 0.53
CA LEU A 122 12.52 1.73 0.20
C LEU A 122 11.79 2.75 -0.63
N LEU A 123 11.31 2.30 -1.78
CA LEU A 123 10.43 3.01 -2.70
C LEU A 123 9.01 2.51 -2.47
N VAL A 124 8.00 3.37 -2.52
CA VAL A 124 6.59 2.97 -2.52
C VAL A 124 5.86 3.80 -3.57
N MET A 125 5.34 3.13 -4.60
CA MET A 125 4.59 3.76 -5.69
C MET A 125 3.14 3.95 -5.26
N LYS A 126 2.35 4.67 -6.05
CA LYS A 126 0.89 4.75 -5.96
C LYS A 126 0.29 5.11 -7.33
N GLY A 127 -1.01 5.39 -7.39
CA GLY A 127 -1.78 5.55 -8.60
C GLY A 127 -2.44 4.23 -9.03
N ALA A 128 -3.08 4.23 -10.21
CA ALA A 128 -4.00 3.21 -10.72
C ALA A 128 -3.37 1.80 -10.76
N PRO A 129 -4.18 0.74 -10.55
CA PRO A 129 -3.65 -0.60 -10.34
C PRO A 129 -3.21 -1.22 -11.65
N GLU A 130 -3.82 -0.83 -12.79
CA GLU A 130 -3.46 -1.29 -14.13
C GLU A 130 -2.06 -0.85 -14.57
N ARG A 131 -1.39 -0.02 -13.76
CA ARG A 131 -0.04 0.44 -14.05
C ARG A 131 0.89 -0.28 -13.08
N ILE A 132 0.52 -0.37 -11.82
CA ILE A 132 1.24 -1.19 -10.86
C ILE A 132 1.34 -2.63 -11.41
N LEU A 133 0.23 -3.24 -11.85
CA LEU A 133 0.22 -4.59 -12.39
C LEU A 133 1.14 -4.68 -13.61
N ASP A 134 1.26 -3.61 -14.40
CA ASP A 134 2.02 -3.65 -15.64
C ASP A 134 3.52 -3.82 -15.35
N ARG A 135 3.91 -3.44 -14.13
CA ARG A 135 5.27 -3.33 -13.62
C ARG A 135 5.56 -4.41 -12.61
N CYS A 136 4.54 -5.20 -12.26
CA CYS A 136 4.66 -6.29 -11.30
C CYS A 136 5.36 -7.48 -11.94
N SER A 137 6.55 -7.81 -11.46
CA SER A 137 7.34 -8.96 -11.86
C SER A 137 6.90 -10.24 -11.17
N SER A 138 6.22 -10.14 -10.01
CA SER A 138 5.77 -11.27 -9.21
C SER A 138 4.65 -10.81 -8.27
N ILE A 139 4.19 -11.70 -7.38
CA ILE A 139 3.09 -11.48 -6.45
C ILE A 139 3.49 -12.20 -5.15
N LEU A 140 2.67 -12.11 -4.11
CA LEU A 140 2.97 -12.55 -2.77
C LEU A 140 1.69 -13.20 -2.27
N LEU A 141 1.76 -14.46 -1.86
CA LEU A 141 0.69 -15.20 -1.17
C LEU A 141 1.31 -15.83 0.06
N HIS A 142 0.52 -16.04 1.11
CA HIS A 142 0.85 -16.72 2.35
C HIS A 142 2.27 -16.43 2.90
N GLY A 143 2.78 -15.19 2.77
CA GLY A 143 4.12 -14.88 3.24
C GLY A 143 5.23 -15.57 2.45
N LYS A 144 4.96 -15.96 1.22
CA LYS A 144 5.86 -16.57 0.25
C LYS A 144 6.14 -15.52 -0.83
N GLU A 145 6.17 -15.95 -2.08
CA GLU A 145 6.33 -15.22 -3.33
C GLU A 145 5.86 -16.22 -4.37
N GLN A 146 4.98 -15.79 -5.28
CA GLN A 146 4.55 -16.60 -6.41
C GLN A 146 4.97 -15.85 -7.68
N PRO A 147 5.43 -16.57 -8.70
CA PRO A 147 5.71 -16.02 -10.01
C PRO A 147 4.37 -15.61 -10.62
N LEU A 148 4.18 -14.30 -10.82
CA LEU A 148 2.92 -13.76 -11.33
C LEU A 148 2.71 -14.34 -12.73
N ASP A 149 1.48 -14.68 -13.06
CA ASP A 149 1.12 -15.33 -14.34
C ASP A 149 -0.32 -14.98 -14.70
N GLU A 150 -0.84 -15.52 -15.81
CA GLU A 150 -2.13 -15.10 -16.33
C GLU A 150 -3.26 -15.37 -15.35
N GLU A 151 -3.26 -16.48 -14.61
CA GLU A 151 -4.35 -16.73 -13.67
C GLU A 151 -4.23 -15.83 -12.44
N LEU A 152 -3.02 -15.29 -12.21
CA LEU A 152 -2.75 -14.44 -11.06
C LEU A 152 -3.06 -12.99 -11.39
N LYS A 153 -2.85 -12.58 -12.65
CA LYS A 153 -3.56 -11.45 -13.22
C LYS A 153 -5.06 -11.66 -13.06
N ASP A 154 -5.58 -12.84 -13.41
CA ASP A 154 -7.02 -13.04 -13.55
C ASP A 154 -7.73 -12.92 -12.21
N ALA A 155 -7.11 -13.49 -11.18
CA ALA A 155 -7.62 -13.47 -9.84
C ALA A 155 -7.69 -12.03 -9.30
N PHE A 156 -6.71 -11.21 -9.65
CA PHE A 156 -6.70 -9.78 -9.40
C PHE A 156 -7.78 -9.10 -10.23
N GLN A 157 -7.93 -9.46 -11.51
CA GLN A 157 -8.84 -8.81 -12.42
C GLN A 157 -10.23 -8.85 -11.81
N ASN A 158 -10.86 -10.02 -11.68
CA ASN A 158 -12.20 -10.12 -11.09
C ASN A 158 -12.33 -9.30 -9.83
N ALA A 159 -11.32 -9.35 -8.96
CA ALA A 159 -11.27 -8.53 -7.76
C ALA A 159 -11.34 -7.04 -8.09
N TYR A 160 -10.50 -6.50 -8.96
CA TYR A 160 -10.55 -5.12 -9.42
C TYR A 160 -11.86 -4.78 -10.14
N LEU A 161 -12.52 -5.77 -10.74
CA LEU A 161 -13.79 -5.64 -11.43
C LEU A 161 -14.96 -5.71 -10.45
N GLU A 162 -14.79 -6.32 -9.28
CA GLU A 162 -15.66 -6.22 -8.12
C GLU A 162 -15.39 -4.85 -7.50
N LEU A 163 -14.28 -4.69 -6.76
CA LEU A 163 -14.10 -3.72 -5.68
C LEU A 163 -14.53 -2.32 -6.09
N GLY A 164 -13.83 -1.71 -7.03
CA GLY A 164 -13.99 -0.28 -7.26
C GLY A 164 -13.02 0.26 -8.31
N GLY A 165 -12.84 -0.42 -9.44
CA GLY A 165 -12.17 0.23 -10.56
C GLY A 165 -13.07 1.32 -11.14
N LEU A 166 -12.47 2.26 -11.88
CA LEU A 166 -13.13 3.28 -12.73
C LEU A 166 -13.80 4.40 -11.93
N GLY A 167 -14.65 4.04 -10.97
CA GLY A 167 -15.54 4.93 -10.23
C GLY A 167 -15.00 5.22 -8.83
N GLU A 168 -14.82 4.19 -8.00
CA GLU A 168 -14.30 4.38 -6.65
C GLU A 168 -12.84 4.83 -6.71
N ARG A 169 -12.00 3.96 -7.29
CA ARG A 169 -10.64 4.13 -7.83
C ARG A 169 -9.60 3.35 -7.01
N VAL A 170 -9.75 2.01 -7.00
CA VAL A 170 -8.76 1.04 -6.48
C VAL A 170 -7.36 1.55 -6.85
N LEU A 171 -6.51 1.78 -5.85
CA LEU A 171 -5.09 2.09 -6.01
C LEU A 171 -4.30 0.82 -6.29
N GLY A 172 -3.03 0.98 -6.65
CA GLY A 172 -2.10 -0.11 -6.84
C GLY A 172 -1.53 -0.64 -5.53
N PHE A 173 -0.60 0.09 -4.91
CA PHE A 173 0.37 -0.32 -3.90
C PHE A 173 1.35 -1.40 -4.38
N CYS A 174 2.64 -1.11 -4.21
CA CYS A 174 3.76 -2.01 -4.48
C CYS A 174 5.06 -1.37 -3.93
N HIS A 175 6.12 -2.17 -3.86
CA HIS A 175 7.51 -1.80 -3.58
C HIS A 175 8.40 -2.61 -4.54
N LEU A 176 9.73 -2.42 -4.49
CA LEU A 176 10.75 -3.25 -5.17
C LEU A 176 12.08 -3.33 -4.40
N LEU A 177 12.16 -2.72 -3.22
CA LEU A 177 13.28 -2.72 -2.28
C LEU A 177 14.61 -2.50 -3.00
N LEU A 178 14.90 -1.23 -3.31
CA LEU A 178 16.00 -0.85 -4.19
C LEU A 178 17.31 -1.50 -3.73
N PRO A 179 18.09 -2.08 -4.66
CA PRO A 179 19.32 -2.77 -4.31
C PRO A 179 20.37 -1.79 -3.82
N ASP A 180 20.61 -1.81 -2.51
CA ASP A 180 21.60 -1.02 -1.78
C ASP A 180 22.99 -1.16 -2.41
N GLU A 181 23.27 -2.36 -2.93
CA GLU A 181 24.56 -2.85 -3.41
C GLU A 181 24.89 -2.29 -4.79
N GLN A 182 23.88 -2.13 -5.64
CA GLN A 182 24.05 -1.53 -6.96
C GLN A 182 23.98 -0.01 -6.83
N PHE A 183 23.12 0.48 -5.94
CA PHE A 183 22.92 1.91 -5.78
C PHE A 183 24.02 2.54 -4.92
N PRO A 184 24.13 3.88 -4.84
CA PRO A 184 25.06 4.50 -3.92
C PRO A 184 24.46 4.48 -2.51
N GLU A 185 25.32 4.24 -1.54
CA GLU A 185 25.04 4.38 -0.12
C GLU A 185 24.54 5.78 0.22
N GLY A 186 24.80 6.75 -0.66
CA GLY A 186 24.55 8.17 -0.50
C GLY A 186 23.36 8.65 -1.31
N PHE A 187 22.54 7.71 -1.81
CA PHE A 187 21.13 7.95 -2.13
C PHE A 187 20.84 9.16 -3.01
N GLN A 188 21.73 9.51 -3.93
CA GLN A 188 21.71 10.77 -4.65
C GLN A 188 20.74 10.79 -5.83
N PHE A 189 19.54 10.22 -5.66
CA PHE A 189 18.63 10.01 -6.80
C PHE A 189 18.13 11.34 -7.40
N ASP A 190 17.79 12.31 -6.55
CA ASP A 190 17.01 13.49 -6.92
C ASP A 190 15.72 13.11 -7.64
N THR A 191 15.00 14.09 -8.18
CA THR A 191 13.72 13.89 -8.86
C THR A 191 13.87 14.25 -10.36
N ASP A 192 15.11 14.34 -10.83
CA ASP A 192 15.50 14.64 -12.22
C ASP A 192 16.29 13.45 -12.71
N GLU A 193 17.48 13.23 -12.14
CA GLU A 193 18.48 12.31 -12.66
C GLU A 193 18.37 10.89 -12.09
N VAL A 194 17.16 10.57 -11.65
CA VAL A 194 16.76 9.46 -10.81
C VAL A 194 17.48 8.17 -11.19
N ASN A 195 17.38 7.80 -12.47
CA ASN A 195 18.07 6.67 -13.11
C ASN A 195 17.88 5.35 -12.35
N PHE A 196 16.79 5.29 -11.59
CA PHE A 196 16.22 4.13 -10.94
C PHE A 196 15.34 3.30 -11.89
N PRO A 197 15.03 2.04 -11.56
CA PRO A 197 14.04 1.25 -12.29
C PRO A 197 12.63 1.57 -11.81
N VAL A 198 11.62 1.15 -12.59
CA VAL A 198 10.22 1.28 -12.21
C VAL A 198 9.40 0.10 -12.73
N ASP A 199 9.98 -1.09 -12.74
CA ASP A 199 9.40 -2.21 -13.50
C ASP A 199 10.02 -3.55 -13.07
N ASN A 200 10.25 -3.69 -11.78
CA ASN A 200 10.63 -4.93 -11.10
C ASN A 200 9.61 -5.29 -10.01
N LEU A 201 8.56 -4.49 -9.86
CA LEU A 201 7.77 -4.33 -8.64
C LEU A 201 7.10 -5.63 -8.21
N CYS A 202 6.62 -5.66 -6.97
CA CYS A 202 5.82 -6.76 -6.48
C CYS A 202 4.45 -6.25 -6.07
N PHE A 203 3.41 -7.02 -6.39
CA PHE A 203 1.99 -6.72 -6.26
C PHE A 203 1.48 -6.61 -4.81
N VAL A 204 2.39 -6.76 -3.84
CA VAL A 204 2.29 -7.14 -2.42
C VAL A 204 0.89 -7.00 -1.78
N GLY A 205 0.29 -5.82 -1.81
CA GLY A 205 -1.08 -5.62 -1.35
C GLY A 205 -1.75 -4.74 -2.36
N LEU A 206 -3.00 -5.06 -2.60
CA LEU A 206 -3.88 -4.47 -3.56
C LEU A 206 -5.16 -4.35 -2.77
N ILE A 207 -5.34 -3.17 -2.16
CA ILE A 207 -6.39 -2.97 -1.17
C ILE A 207 -7.65 -2.62 -1.96
N SER A 208 -8.04 -1.34 -2.04
CA SER A 208 -9.09 -0.76 -2.88
C SER A 208 -9.48 0.57 -2.24
N MET A 209 -8.53 1.50 -2.27
CA MET A 209 -8.82 2.84 -1.79
C MET A 209 -9.90 3.50 -2.66
N ILE A 210 -10.54 4.52 -2.10
CA ILE A 210 -11.71 5.17 -2.66
C ILE A 210 -11.57 6.66 -2.43
N ASP A 211 -12.41 7.39 -3.13
CA ASP A 211 -12.64 8.81 -3.02
C ASP A 211 -14.03 9.12 -3.57
N PRO A 212 -15.06 9.09 -2.72
CA PRO A 212 -16.36 9.63 -3.09
C PRO A 212 -16.29 11.17 -3.04
N PRO A 213 -16.89 11.87 -4.01
CA PRO A 213 -17.13 13.31 -3.94
C PRO A 213 -18.30 13.60 -2.98
N GLN A 1 -14.00 15.81 6.38
CA GLN A 1 -15.04 15.15 7.18
C GLN A 1 -15.87 14.26 6.27
N ASN A 2 -15.43 13.02 6.09
CA ASN A 2 -15.93 12.10 5.07
C ASN A 2 -15.71 10.65 5.50
N PRO A 3 -16.39 9.68 4.85
CA PRO A 3 -16.19 8.25 5.08
C PRO A 3 -14.75 7.84 4.76
N MET A 4 -14.56 7.66 3.47
CA MET A 4 -13.38 7.31 2.68
C MET A 4 -12.40 6.38 3.39
N THR A 5 -12.49 5.09 3.11
CA THR A 5 -11.79 4.02 3.83
C THR A 5 -11.37 2.89 2.88
N VAL A 6 -10.63 1.89 3.39
CA VAL A 6 -10.26 0.66 2.69
C VAL A 6 -11.46 -0.01 2.03
N ALA A 7 -12.58 -0.17 2.74
CA ALA A 7 -13.77 -0.92 2.33
C ALA A 7 -13.51 -2.44 2.23
N HIS A 8 -12.53 -2.88 1.44
CA HIS A 8 -12.22 -4.30 1.20
C HIS A 8 -10.71 -4.46 0.96
N MET A 9 -10.19 -5.69 0.98
CA MET A 9 -8.75 -5.94 0.90
C MET A 9 -8.46 -7.27 0.20
N TRP A 10 -7.28 -7.41 -0.41
CA TRP A 10 -6.84 -8.59 -1.15
C TRP A 10 -5.32 -8.74 -0.99
N PHE A 11 -4.80 -9.96 -0.79
CA PHE A 11 -3.35 -10.15 -0.57
C PHE A 11 -2.94 -11.63 -0.57
N ASP A 12 -3.88 -12.55 -0.35
CA ASP A 12 -3.57 -13.98 -0.30
C ASP A 12 -3.92 -14.69 -1.60
N ASN A 13 -4.39 -13.93 -2.60
CA ASN A 13 -4.92 -14.35 -3.89
C ASN A 13 -6.33 -14.94 -3.76
N GLN A 14 -7.08 -14.43 -2.79
CA GLN A 14 -8.41 -14.92 -2.41
C GLN A 14 -9.07 -13.92 -1.46
N ILE A 15 -9.01 -12.64 -1.85
CA ILE A 15 -9.51 -11.45 -1.14
C ILE A 15 -9.13 -11.56 0.34
N HIS A 16 -10.08 -11.90 1.22
CA HIS A 16 -10.05 -12.24 2.65
C HIS A 16 -11.34 -11.73 3.31
N GLU A 17 -11.90 -12.54 4.20
CA GLU A 17 -13.19 -12.24 4.86
C GLU A 17 -13.07 -11.06 5.82
N ALA A 18 -11.88 -10.78 6.34
CA ALA A 18 -11.54 -9.74 7.29
C ALA A 18 -12.40 -9.75 8.57
N ASP A 19 -13.58 -9.13 8.57
CA ASP A 19 -14.59 -9.20 9.64
C ASP A 19 -15.94 -8.71 9.08
N THR A 20 -17.05 -9.25 9.59
CA THR A 20 -18.42 -9.26 9.06
C THR A 20 -18.52 -10.25 7.90
N THR A 21 -19.36 -11.29 8.03
CA THR A 21 -19.76 -12.16 6.94
C THR A 21 -21.05 -12.87 7.39
N GLU A 22 -21.01 -13.89 8.26
CA GLU A 22 -22.21 -14.50 8.81
C GLU A 22 -22.42 -14.04 10.26
N ASN A 23 -23.67 -13.73 10.60
CA ASN A 23 -24.10 -13.45 11.97
C ASN A 23 -24.17 -14.77 12.73
N GLN A 24 -23.03 -15.40 13.03
CA GLN A 24 -23.00 -16.70 13.68
C GLN A 24 -21.70 -16.89 14.46
N SER A 25 -20.58 -17.12 13.78
CA SER A 25 -19.24 -17.27 14.34
C SER A 25 -18.26 -17.06 13.16
N GLY A 26 -16.93 -17.17 13.34
CA GLY A 26 -15.99 -16.93 12.28
C GLY A 26 -14.69 -17.72 12.46
N VAL A 27 -14.34 -18.53 11.46
CA VAL A 27 -13.20 -19.45 11.52
C VAL A 27 -12.39 -19.39 10.23
N SER A 28 -13.04 -19.39 9.06
CA SER A 28 -12.38 -19.42 7.76
C SER A 28 -11.70 -18.09 7.46
N PHE A 29 -10.46 -17.93 7.90
CA PHE A 29 -9.63 -16.78 7.67
C PHE A 29 -8.19 -17.26 7.82
N ASP A 30 -7.35 -17.08 6.80
CA ASP A 30 -5.94 -17.51 6.87
C ASP A 30 -5.16 -16.50 7.73
N LYS A 31 -4.27 -16.95 8.60
CA LYS A 31 -3.52 -16.08 9.50
C LYS A 31 -2.05 -16.16 9.13
N THR A 32 -1.56 -15.10 8.53
CA THR A 32 -0.22 -14.93 8.07
C THR A 32 0.27 -13.61 8.66
N SER A 33 1.53 -13.31 8.38
CA SER A 33 2.28 -12.22 8.99
C SER A 33 3.19 -11.57 7.96
N ALA A 34 3.95 -12.36 7.19
CA ALA A 34 4.96 -11.89 6.25
C ALA A 34 4.35 -10.95 5.20
N THR A 35 3.40 -11.43 4.40
CA THR A 35 2.76 -10.60 3.38
C THR A 35 2.01 -9.42 4.03
N TRP A 36 1.47 -9.60 5.24
CA TRP A 36 0.84 -8.52 6.00
C TRP A 36 1.85 -7.39 6.22
N PHE A 37 3.02 -7.71 6.79
CA PHE A 37 4.07 -6.74 7.08
C PHE A 37 4.53 -6.04 5.82
N ALA A 38 4.74 -6.81 4.76
CA ALA A 38 5.21 -6.31 3.48
C ALA A 38 4.27 -5.23 2.96
N LEU A 39 2.96 -5.46 3.08
CA LEU A 39 1.90 -4.55 2.67
C LEU A 39 1.86 -3.36 3.61
N SER A 40 2.01 -3.61 4.91
CA SER A 40 2.11 -2.56 5.92
C SER A 40 3.30 -1.62 5.69
N ARG A 41 4.38 -2.10 5.06
CA ARG A 41 5.53 -1.28 4.72
C ARG A 41 5.16 -0.27 3.64
N ILE A 42 4.13 -0.52 2.82
CA ILE A 42 3.69 0.34 1.74
C ILE A 42 2.65 1.30 2.31
N ALA A 43 1.59 0.73 2.89
CA ALA A 43 0.46 1.45 3.46
C ALA A 43 0.94 2.53 4.43
N GLY A 44 1.95 2.20 5.25
CA GLY A 44 2.52 3.11 6.22
C GLY A 44 3.04 4.37 5.53
N LEU A 45 4.21 4.29 4.89
CA LEU A 45 4.88 5.46 4.29
C LEU A 45 4.02 6.24 3.31
N CYS A 46 3.25 5.55 2.48
CA CYS A 46 2.25 6.18 1.64
C CYS A 46 1.34 7.12 2.47
N ASN A 47 0.78 6.66 3.60
CA ASN A 47 -0.09 7.49 4.42
C ASN A 47 0.73 8.53 5.17
N ARG A 48 0.35 9.79 5.01
CA ARG A 48 0.92 10.91 5.76
C ARG A 48 -0.17 11.80 6.35
N ALA A 49 -1.44 11.40 6.28
CA ALA A 49 -2.54 12.00 6.98
C ALA A 49 -2.59 11.41 8.40
N VAL A 50 -3.39 12.03 9.26
CA VAL A 50 -3.41 11.83 10.70
C VAL A 50 -4.83 12.17 11.21
N PHE A 51 -5.03 12.08 12.52
CA PHE A 51 -6.33 12.21 13.14
C PHE A 51 -6.58 13.62 13.66
N GLN A 52 -7.83 13.92 14.01
CA GLN A 52 -8.21 15.10 14.76
C GLN A 52 -8.80 14.64 16.09
N ALA A 53 -10.11 14.38 16.15
CA ALA A 53 -10.80 13.86 17.33
C ALA A 53 -10.29 12.47 17.73
N ASN A 54 -10.60 12.05 18.95
CA ASN A 54 -10.16 10.81 19.57
C ASN A 54 -11.32 10.18 20.33
N GLN A 55 -11.75 8.97 19.96
CA GLN A 55 -12.90 8.31 20.55
C GLN A 55 -12.70 6.79 20.55
N GLU A 56 -12.85 6.17 21.72
CA GLU A 56 -12.71 4.72 21.85
C GLU A 56 -14.04 4.03 21.61
N ASN A 57 -15.14 4.58 22.11
CA ASN A 57 -16.43 3.87 22.12
C ASN A 57 -17.15 3.96 20.76
N LEU A 58 -16.72 4.87 19.87
CA LEU A 58 -17.15 4.97 18.48
C LEU A 58 -16.02 4.48 17.57
N PRO A 59 -16.19 4.37 16.23
CA PRO A 59 -15.11 3.95 15.35
C PRO A 59 -14.06 5.06 15.22
N ILE A 60 -12.84 4.68 14.86
CA ILE A 60 -11.71 5.59 14.65
C ILE A 60 -11.92 6.54 13.44
N LEU A 61 -12.83 6.20 12.52
CA LEU A 61 -13.11 6.99 11.33
C LEU A 61 -13.79 8.31 11.74
N LYS A 62 -15.03 8.22 12.23
CA LYS A 62 -15.95 9.28 12.69
C LYS A 62 -15.95 10.61 11.95
N ARG A 63 -15.63 10.58 10.67
CA ARG A 63 -15.59 11.73 9.77
C ARG A 63 -14.78 12.90 10.37
N ALA A 64 -13.67 12.56 11.02
CA ALA A 64 -12.69 13.50 11.49
C ALA A 64 -11.33 12.95 11.09
N VAL A 65 -10.50 13.74 10.40
CA VAL A 65 -9.12 13.43 10.03
C VAL A 65 -8.52 14.71 9.44
N ALA A 66 -7.20 14.78 9.44
CA ALA A 66 -6.40 15.85 8.85
C ALA A 66 -5.39 15.22 7.90
N GLY A 67 -4.95 15.95 6.88
CA GLY A 67 -4.21 15.40 5.74
C GLY A 67 -5.17 14.91 4.66
N ASP A 68 -4.62 14.26 3.63
CA ASP A 68 -5.38 13.72 2.50
C ASP A 68 -6.24 12.54 2.94
N ALA A 69 -7.51 12.52 2.53
CA ALA A 69 -8.44 11.46 2.88
C ALA A 69 -8.00 10.13 2.28
N SER A 70 -7.49 10.14 1.04
CA SER A 70 -6.92 8.99 0.36
C SER A 70 -5.90 8.29 1.23
N GLU A 71 -4.98 9.05 1.80
CA GLU A 71 -3.90 8.49 2.56
C GLU A 71 -4.44 8.01 3.91
N SER A 72 -5.28 8.85 4.54
CA SER A 72 -5.88 8.53 5.82
C SER A 72 -6.69 7.25 5.79
N ALA A 73 -7.26 6.90 4.63
CA ALA A 73 -8.12 5.75 4.48
C ALA A 73 -7.47 4.46 4.99
N LEU A 74 -6.14 4.36 4.83
CA LEU A 74 -5.31 3.28 5.35
C LEU A 74 -5.07 3.44 6.85
N LEU A 75 -4.75 4.65 7.30
CA LEU A 75 -4.36 4.97 8.67
C LEU A 75 -5.46 4.53 9.62
N LYS A 76 -6.72 4.87 9.32
CA LYS A 76 -7.85 4.46 10.16
C LYS A 76 -8.03 2.94 10.19
N CYS A 77 -7.49 2.19 9.23
CA CYS A 77 -7.51 0.74 9.31
C CYS A 77 -6.31 0.14 10.05
N ILE A 78 -5.25 0.91 10.33
CA ILE A 78 -3.94 0.38 10.73
C ILE A 78 -3.51 0.89 12.11
N GLU A 79 -3.80 2.16 12.43
CA GLU A 79 -3.52 2.76 13.73
C GLU A 79 -4.19 1.93 14.84
N VAL A 80 -5.47 1.62 14.63
CA VAL A 80 -6.30 0.87 15.56
C VAL A 80 -5.76 -0.54 15.83
N CYS A 81 -5.00 -1.11 14.90
CA CYS A 81 -4.30 -2.39 15.12
C CYS A 81 -3.01 -2.20 15.95
N CYS A 82 -2.77 -1.01 16.50
CA CYS A 82 -1.60 -0.54 17.22
C CYS A 82 -0.39 -0.25 16.32
N GLY A 83 -0.58 -0.20 15.00
CA GLY A 83 0.47 0.19 14.06
C GLY A 83 0.87 1.65 14.29
N SER A 84 2.11 2.01 13.94
CA SER A 84 2.66 3.35 14.15
C SER A 84 3.23 3.87 12.83
N VAL A 85 2.29 4.31 11.98
CA VAL A 85 2.51 4.89 10.67
C VAL A 85 2.97 6.34 10.82
N MET A 86 2.30 7.10 11.68
CA MET A 86 2.52 8.53 11.87
C MET A 86 3.86 8.85 12.54
N GLU A 87 4.57 7.85 13.05
CA GLU A 87 5.99 7.92 13.36
C GLU A 87 6.80 7.70 12.09
N MET A 88 6.48 6.67 11.31
CA MET A 88 7.41 6.15 10.32
C MET A 88 7.76 7.12 9.20
N ARG A 89 6.87 8.06 8.97
CA ARG A 89 7.06 9.25 8.14
C ARG A 89 8.38 9.98 8.45
N GLU A 90 8.92 9.84 9.66
CA GLU A 90 10.14 10.50 10.15
C GLU A 90 11.21 9.49 10.54
N LYS A 91 10.81 8.26 10.86
CA LYS A 91 11.73 7.11 10.81
C LYS A 91 12.52 7.17 9.51
N TYR A 92 11.81 7.22 8.39
CA TYR A 92 12.42 7.34 7.09
C TYR A 92 12.56 8.83 6.72
N THR A 93 13.35 9.15 5.69
CA THR A 93 13.80 10.50 5.38
C THR A 93 12.94 11.16 4.30
N LYS A 94 12.24 10.36 3.47
CA LYS A 94 11.57 10.90 2.29
C LYS A 94 12.58 11.47 1.29
N ILE A 95 13.42 10.57 0.77
CA ILE A 95 14.39 10.82 -0.29
C ILE A 95 13.78 11.75 -1.33
N VAL A 96 12.71 11.31 -2.01
CA VAL A 96 12.06 12.05 -3.08
C VAL A 96 10.56 11.72 -3.12
N GLU A 97 9.79 12.54 -3.82
CA GLU A 97 8.34 12.48 -3.92
C GLU A 97 7.98 13.15 -5.24
N ILE A 98 7.51 12.36 -6.20
CA ILE A 98 7.19 12.82 -7.56
C ILE A 98 5.67 12.98 -7.63
N PRO A 99 5.15 14.12 -8.14
CA PRO A 99 3.72 14.29 -8.30
C PRO A 99 3.19 13.39 -9.41
N PHE A 100 1.86 13.33 -9.48
CA PHE A 100 1.13 12.59 -10.50
C PHE A 100 1.44 13.10 -11.90
N ASN A 101 1.12 14.37 -12.19
CA ASN A 101 1.54 15.00 -13.43
C ASN A 101 3.01 15.39 -13.26
N SER A 102 3.90 14.54 -13.77
CA SER A 102 5.28 14.85 -14.05
C SER A 102 5.58 14.22 -15.41
N THR A 103 5.77 12.89 -15.46
CA THR A 103 6.33 12.18 -16.59
C THR A 103 5.31 11.22 -17.23
N ASN A 104 4.94 10.14 -16.54
CA ASN A 104 3.93 9.18 -16.98
C ASN A 104 2.77 9.19 -15.97
N LYS A 105 1.68 8.46 -16.24
CA LYS A 105 0.51 8.41 -15.35
C LYS A 105 0.79 7.47 -14.17
N TYR A 106 1.65 7.89 -13.24
CA TYR A 106 1.92 7.21 -11.98
C TYR A 106 2.26 8.25 -10.90
N GLN A 107 2.41 7.84 -9.65
CA GLN A 107 3.05 8.63 -8.60
C GLN A 107 3.91 7.66 -7.79
N LEU A 108 4.95 8.17 -7.15
CA LEU A 108 5.81 7.43 -6.24
C LEU A 108 6.29 8.27 -5.07
N SER A 109 7.08 7.68 -4.16
CA SER A 109 7.95 8.37 -3.22
C SER A 109 9.07 7.39 -2.83
N ILE A 110 10.29 7.86 -2.58
CA ILE A 110 11.40 7.04 -2.07
C ILE A 110 11.74 7.52 -0.65
N HIS A 111 12.20 6.60 0.19
CA HIS A 111 12.44 6.78 1.61
C HIS A 111 13.60 5.86 2.00
N LYS A 112 14.58 6.31 2.80
CA LYS A 112 15.63 5.43 3.35
C LYS A 112 15.11 4.84 4.67
N ASN A 113 15.18 3.52 4.83
CA ASN A 113 14.90 2.80 6.07
C ASN A 113 16.14 2.94 6.94
N PRO A 114 16.02 3.42 8.19
CA PRO A 114 17.17 3.56 9.06
C PRO A 114 17.65 2.22 9.62
N ASN A 115 16.72 1.35 10.03
CA ASN A 115 17.00 0.15 10.82
C ASN A 115 15.79 -0.79 10.79
N ALA A 116 15.75 -1.72 9.84
CA ALA A 116 14.74 -2.78 9.71
C ALA A 116 15.25 -3.80 8.68
N SER A 117 14.59 -4.97 8.54
CA SER A 117 14.99 -6.06 7.66
C SER A 117 15.27 -5.56 6.24
N GLU A 118 14.21 -5.22 5.51
CA GLU A 118 14.31 -4.91 4.11
C GLU A 118 15.20 -3.67 3.93
N PRO A 119 15.84 -3.49 2.76
CA PRO A 119 17.01 -2.64 2.60
C PRO A 119 16.67 -1.15 2.72
N LYS A 120 17.70 -0.29 2.72
CA LYS A 120 17.59 1.12 3.08
C LYS A 120 16.61 1.84 2.15
N HIS A 121 17.06 2.28 0.98
CA HIS A 121 16.22 3.01 0.05
C HIS A 121 15.06 2.11 -0.40
N LEU A 122 13.85 2.57 -0.13
CA LEU A 122 12.60 1.89 -0.32
C LEU A 122 11.72 2.84 -1.10
N LEU A 123 11.02 2.29 -2.08
CA LEU A 123 10.15 2.98 -3.02
C LEU A 123 8.75 2.40 -2.83
N VAL A 124 7.73 3.26 -2.81
CA VAL A 124 6.32 2.88 -2.77
C VAL A 124 5.59 3.76 -3.80
N MET A 125 4.61 3.19 -4.50
CA MET A 125 4.05 3.69 -5.75
C MET A 125 2.53 3.84 -5.62
N LYS A 126 1.87 4.43 -6.61
CA LYS A 126 0.45 4.25 -6.92
C LYS A 126 0.17 4.73 -8.36
N GLY A 127 -1.09 4.67 -8.78
CA GLY A 127 -1.59 5.09 -10.09
C GLY A 127 -2.09 3.90 -10.92
N ALA A 128 -3.39 3.59 -10.85
CA ALA A 128 -4.11 2.48 -11.49
C ALA A 128 -3.57 1.08 -11.14
N PRO A 129 -4.41 0.19 -10.55
CA PRO A 129 -3.97 -1.15 -10.15
C PRO A 129 -3.45 -1.94 -11.34
N GLU A 130 -3.99 -1.67 -12.52
CA GLU A 130 -3.57 -2.21 -13.79
C GLU A 130 -2.09 -1.91 -14.06
N ARG A 131 -1.68 -0.64 -13.92
CA ARG A 131 -0.33 -0.26 -14.30
C ARG A 131 0.65 -0.76 -13.27
N ILE A 132 0.25 -0.82 -12.00
CA ILE A 132 1.04 -1.51 -10.99
C ILE A 132 1.27 -2.95 -11.47
N LEU A 133 0.21 -3.68 -11.84
CA LEU A 133 0.32 -5.07 -12.28
C LEU A 133 1.31 -5.19 -13.44
N ASP A 134 1.26 -4.24 -14.38
CA ASP A 134 1.90 -4.30 -15.69
C ASP A 134 3.42 -4.52 -15.64
N ARG A 135 4.01 -4.11 -14.52
CA ARG A 135 5.44 -3.97 -14.25
C ARG A 135 5.83 -4.65 -12.94
N CYS A 136 4.87 -5.37 -12.32
CA CYS A 136 5.20 -6.26 -11.23
C CYS A 136 5.87 -7.51 -11.79
N SER A 137 7.08 -7.78 -11.33
CA SER A 137 7.87 -8.93 -11.74
C SER A 137 7.51 -10.18 -10.92
N SER A 138 6.94 -10.03 -9.72
CA SER A 138 6.49 -11.15 -8.89
C SER A 138 5.34 -10.69 -7.99
N ILE A 139 4.80 -11.60 -7.18
CA ILE A 139 3.88 -11.34 -6.09
C ILE A 139 4.53 -11.99 -4.86
N LEU A 140 3.94 -11.82 -3.69
CA LEU A 140 4.44 -12.32 -2.42
C LEU A 140 3.28 -13.04 -1.75
N LEU A 141 3.33 -14.37 -1.76
CA LEU A 141 2.43 -15.23 -0.98
C LEU A 141 3.31 -16.05 -0.05
N HIS A 142 2.74 -16.61 1.02
CA HIS A 142 3.41 -17.48 1.98
C HIS A 142 4.72 -16.90 2.57
N GLY A 143 4.97 -15.58 2.51
CA GLY A 143 6.26 -15.03 2.89
C GLY A 143 7.40 -15.37 1.92
N LYS A 144 7.08 -15.69 0.67
CA LYS A 144 8.01 -16.08 -0.38
C LYS A 144 8.08 -14.95 -1.41
N GLU A 145 8.28 -15.26 -2.68
CA GLU A 145 8.08 -14.35 -3.81
C GLU A 145 7.67 -15.24 -4.99
N GLN A 146 6.37 -15.34 -5.24
CA GLN A 146 5.85 -16.23 -6.26
C GLN A 146 6.07 -15.54 -7.61
N PRO A 147 6.59 -16.25 -8.62
CA PRO A 147 6.71 -15.76 -9.97
C PRO A 147 5.30 -15.53 -10.49
N LEU A 148 4.97 -14.25 -10.68
CA LEU A 148 3.67 -13.79 -11.13
C LEU A 148 3.44 -14.34 -12.54
N ASP A 149 2.24 -14.80 -12.82
CA ASP A 149 1.85 -15.46 -14.06
C ASP A 149 0.36 -15.24 -14.26
N GLU A 150 -0.21 -15.73 -15.35
CA GLU A 150 -1.59 -15.42 -15.71
C GLU A 150 -2.59 -15.89 -14.63
N GLU A 151 -2.35 -17.05 -14.03
CA GLU A 151 -3.14 -17.63 -12.93
C GLU A 151 -3.08 -16.72 -11.71
N LEU A 152 -2.09 -15.82 -11.65
CA LEU A 152 -1.87 -14.93 -10.53
C LEU A 152 -2.36 -13.52 -10.83
N LYS A 153 -2.28 -13.10 -12.09
CA LYS A 153 -3.05 -11.99 -12.62
C LYS A 153 -4.52 -12.22 -12.36
N ASP A 154 -5.00 -13.43 -12.63
CA ASP A 154 -6.40 -13.81 -12.56
C ASP A 154 -6.97 -13.50 -11.19
N ALA A 155 -6.24 -13.94 -10.16
CA ALA A 155 -6.76 -13.83 -8.82
C ALA A 155 -6.93 -12.36 -8.41
N PHE A 156 -6.11 -11.46 -8.97
CA PHE A 156 -6.20 -10.02 -8.78
C PHE A 156 -7.29 -9.42 -9.66
N GLN A 157 -7.45 -9.90 -10.89
CA GLN A 157 -8.48 -9.42 -11.79
C GLN A 157 -9.81 -9.57 -11.09
N ASN A 158 -10.24 -10.81 -10.92
CA ASN A 158 -11.51 -11.15 -10.29
C ASN A 158 -11.69 -10.37 -9.00
N ALA A 159 -10.63 -10.24 -8.19
CA ALA A 159 -10.68 -9.50 -6.95
C ALA A 159 -11.01 -8.02 -7.14
N TYR A 160 -10.37 -7.30 -8.06
CA TYR A 160 -10.74 -5.93 -8.42
C TYR A 160 -12.18 -5.87 -8.95
N LEU A 161 -12.54 -6.78 -9.85
CA LEU A 161 -13.78 -6.73 -10.59
C LEU A 161 -14.96 -7.00 -9.63
N GLU A 162 -14.77 -7.86 -8.63
CA GLU A 162 -15.68 -8.14 -7.52
C GLU A 162 -16.08 -6.84 -6.83
N LEU A 163 -15.10 -6.01 -6.45
CA LEU A 163 -15.35 -4.77 -5.70
C LEU A 163 -16.18 -3.79 -6.52
N GLY A 164 -15.92 -3.69 -7.83
CA GLY A 164 -16.72 -2.96 -8.80
C GLY A 164 -15.77 -2.45 -9.86
N GLY A 165 -15.03 -1.40 -9.50
CA GLY A 165 -14.03 -0.80 -10.36
C GLY A 165 -14.72 0.23 -11.25
N LEU A 166 -14.22 1.46 -11.18
CA LEU A 166 -14.96 2.67 -11.56
C LEU A 166 -14.22 3.35 -12.70
N GLY A 167 -12.93 3.57 -12.50
CA GLY A 167 -11.97 3.98 -13.51
C GLY A 167 -10.58 3.80 -12.92
N GLU A 168 -10.22 4.63 -11.94
CA GLU A 168 -8.98 4.56 -11.18
C GLU A 168 -9.29 4.99 -9.74
N ARG A 169 -9.71 4.06 -8.88
CA ARG A 169 -10.12 4.27 -7.50
C ARG A 169 -9.32 3.31 -6.61
N VAL A 170 -9.54 2.00 -6.75
CA VAL A 170 -8.72 0.95 -6.14
C VAL A 170 -7.25 1.29 -6.41
N LEU A 171 -6.45 1.47 -5.36
CA LEU A 171 -5.01 1.65 -5.48
C LEU A 171 -4.33 0.29 -5.62
N GLY A 172 -3.10 0.27 -6.15
CA GLY A 172 -2.40 -0.95 -6.50
C GLY A 172 -1.30 -1.39 -5.52
N PHE A 173 -0.74 -0.50 -4.69
CA PHE A 173 0.27 -0.72 -3.65
C PHE A 173 1.34 -1.80 -3.91
N CYS A 174 2.54 -1.40 -4.33
CA CYS A 174 3.70 -2.26 -4.51
C CYS A 174 4.96 -1.53 -3.98
N HIS A 175 6.04 -2.28 -3.82
CA HIS A 175 7.41 -1.84 -3.60
C HIS A 175 8.31 -2.69 -4.51
N LEU A 176 9.60 -2.37 -4.59
CA LEU A 176 10.63 -3.23 -5.18
C LEU A 176 11.86 -3.39 -4.30
N LEU A 177 11.97 -2.59 -3.23
CA LEU A 177 13.11 -2.51 -2.33
C LEU A 177 14.39 -2.17 -3.13
N LEU A 178 14.73 -0.88 -3.21
CA LEU A 178 15.83 -0.46 -4.07
C LEU A 178 17.13 -1.07 -3.52
N PRO A 179 17.98 -1.67 -4.36
CA PRO A 179 19.26 -2.22 -3.93
C PRO A 179 20.20 -1.10 -3.51
N ASP A 180 20.28 -0.83 -2.21
CA ASP A 180 21.11 0.21 -1.64
C ASP A 180 22.60 -0.02 -1.90
N GLU A 181 22.95 -1.26 -2.26
CA GLU A 181 24.26 -1.72 -2.68
C GLU A 181 24.62 -1.20 -4.06
N GLN A 182 23.71 -1.40 -5.03
CA GLN A 182 23.93 -0.87 -6.37
C GLN A 182 23.81 0.64 -6.32
N PHE A 183 22.96 1.16 -5.43
CA PHE A 183 22.61 2.58 -5.45
C PHE A 183 23.57 3.46 -4.66
N PRO A 184 23.52 4.80 -4.81
CA PRO A 184 24.36 5.69 -4.04
C PRO A 184 23.86 5.71 -2.60
N GLU A 185 24.76 5.32 -1.72
CA GLU A 185 24.65 5.45 -0.27
C GLU A 185 24.50 6.91 0.18
N GLY A 186 24.86 7.86 -0.68
CA GLY A 186 24.66 9.28 -0.48
C GLY A 186 23.35 9.77 -1.08
N PHE A 187 22.49 8.87 -1.59
CA PHE A 187 21.11 9.13 -1.96
C PHE A 187 20.85 10.39 -2.80
N GLN A 188 21.47 10.45 -3.98
CA GLN A 188 21.31 11.56 -4.92
C GLN A 188 20.59 11.10 -6.18
N PHE A 189 19.27 10.86 -6.03
CA PHE A 189 18.42 10.53 -7.17
C PHE A 189 17.84 11.79 -7.80
N ASP A 190 17.45 12.72 -6.92
CA ASP A 190 16.45 13.76 -7.10
C ASP A 190 15.19 13.28 -7.85
N THR A 191 14.28 14.20 -8.15
CA THR A 191 13.09 13.90 -8.95
C THR A 191 13.38 14.06 -10.45
N ASP A 192 14.59 14.48 -10.81
CA ASP A 192 14.92 15.12 -12.08
C ASP A 192 15.84 14.20 -12.86
N GLU A 193 16.67 13.41 -12.16
CA GLU A 193 17.71 12.58 -12.75
C GLU A 193 17.68 11.15 -12.19
N VAL A 194 16.50 10.75 -11.74
CA VAL A 194 16.22 9.62 -10.86
C VAL A 194 17.02 8.35 -11.23
N ASN A 195 17.04 8.02 -12.53
CA ASN A 195 17.77 6.92 -13.19
C ASN A 195 17.42 5.51 -12.68
N PHE A 196 16.45 5.43 -11.77
CA PHE A 196 16.04 4.26 -11.02
C PHE A 196 15.15 3.29 -11.82
N PRO A 197 14.98 2.04 -11.35
CA PRO A 197 14.09 1.09 -11.98
C PRO A 197 12.66 1.33 -11.53
N VAL A 198 11.71 0.82 -12.33
CA VAL A 198 10.30 0.95 -12.06
C VAL A 198 9.54 -0.21 -12.68
N ASP A 199 10.13 -1.40 -12.65
CA ASP A 199 9.60 -2.55 -13.38
C ASP A 199 10.21 -3.84 -12.86
N ASN A 200 10.34 -3.87 -11.53
CA ASN A 200 10.95 -4.94 -10.76
C ASN A 200 9.95 -5.50 -9.74
N LEU A 201 8.72 -4.96 -9.75
CA LEU A 201 8.02 -4.69 -8.50
C LEU A 201 7.39 -5.96 -7.94
N CYS A 202 7.17 -5.94 -6.64
CA CYS A 202 6.47 -6.97 -5.90
C CYS A 202 5.01 -6.53 -5.79
N PHE A 203 4.13 -7.31 -6.37
CA PHE A 203 2.67 -7.21 -6.45
C PHE A 203 1.92 -7.28 -5.11
N VAL A 204 2.62 -7.35 -3.98
CA VAL A 204 2.27 -7.87 -2.65
C VAL A 204 0.77 -8.07 -2.43
N GLY A 205 -0.03 -7.00 -2.38
CA GLY A 205 -1.48 -7.06 -2.29
C GLY A 205 -2.02 -5.66 -2.50
N LEU A 206 -3.35 -5.53 -2.56
CA LEU A 206 -4.00 -4.24 -2.66
C LEU A 206 -5.25 -4.22 -1.80
N ILE A 207 -5.60 -3.03 -1.33
CA ILE A 207 -6.66 -2.79 -0.36
C ILE A 207 -7.91 -2.55 -1.20
N SER A 208 -8.34 -1.29 -1.40
CA SER A 208 -9.35 -0.85 -2.38
C SER A 208 -9.96 0.52 -2.08
N MET A 209 -9.12 1.55 -2.04
CA MET A 209 -9.63 2.88 -1.72
C MET A 209 -10.73 3.34 -2.67
N ILE A 210 -11.68 4.08 -2.07
CA ILE A 210 -12.67 4.89 -2.75
C ILE A 210 -11.96 6.16 -3.24
N ASP A 211 -12.72 7.06 -3.87
CA ASP A 211 -12.40 8.47 -4.10
C ASP A 211 -13.63 9.12 -4.74
N PRO A 212 -14.66 9.44 -3.94
CA PRO A 212 -15.92 9.99 -4.43
C PRO A 212 -15.76 11.47 -4.85
N PRO A 213 -16.78 12.07 -5.49
CA PRO A 213 -16.84 13.51 -5.70
C PRO A 213 -17.03 14.25 -4.38
N GLN A 1 -23.33 11.89 1.48
CA GLN A 1 -22.17 11.42 2.23
C GLN A 1 -22.38 10.01 2.79
N ASN A 2 -21.31 9.22 2.89
CA ASN A 2 -21.30 7.87 3.47
C ASN A 2 -20.08 7.73 4.39
N PRO A 3 -20.01 6.71 5.24
CA PRO A 3 -18.76 6.30 5.86
C PRO A 3 -17.77 5.85 4.78
N MET A 4 -16.49 5.79 5.11
CA MET A 4 -15.44 5.27 4.25
C MET A 4 -14.46 4.51 5.12
N THR A 5 -13.90 3.41 4.60
CA THR A 5 -12.82 2.62 5.16
C THR A 5 -12.34 1.66 4.05
N VAL A 6 -11.50 0.68 4.41
CA VAL A 6 -10.83 -0.24 3.50
C VAL A 6 -11.81 -0.97 2.59
N ALA A 7 -13.02 -1.26 3.06
CA ALA A 7 -13.99 -2.17 2.47
C ALA A 7 -13.48 -3.62 2.54
N HIS A 8 -12.44 -3.93 1.78
CA HIS A 8 -11.99 -5.28 1.45
C HIS A 8 -10.50 -5.23 1.07
N MET A 9 -9.88 -6.39 0.88
CA MET A 9 -8.44 -6.52 0.71
C MET A 9 -8.17 -7.77 -0.13
N TRP A 10 -7.07 -7.80 -0.87
CA TRP A 10 -6.62 -8.92 -1.70
C TRP A 10 -5.11 -9.00 -1.60
N PHE A 11 -4.57 -10.22 -1.57
CA PHE A 11 -3.12 -10.42 -1.54
C PHE A 11 -2.82 -11.87 -1.82
N ASP A 12 -3.47 -12.80 -1.10
CA ASP A 12 -3.20 -14.23 -1.16
C ASP A 12 -3.55 -14.87 -2.52
N ASN A 13 -4.03 -14.06 -3.48
CA ASN A 13 -4.32 -14.36 -4.88
C ASN A 13 -5.77 -14.81 -5.01
N GLN A 14 -6.61 -14.51 -4.02
CA GLN A 14 -7.91 -15.17 -3.85
C GLN A 14 -8.80 -14.40 -2.88
N ILE A 15 -8.57 -13.09 -2.80
CA ILE A 15 -9.17 -12.16 -1.84
C ILE A 15 -8.75 -12.62 -0.42
N HIS A 16 -9.30 -12.02 0.62
CA HIS A 16 -9.18 -12.47 2.00
C HIS A 16 -10.50 -12.08 2.70
N GLU A 17 -10.44 -11.22 3.71
CA GLU A 17 -11.53 -10.57 4.43
C GLU A 17 -10.97 -9.24 4.93
N ALA A 18 -11.80 -8.42 5.60
CA ALA A 18 -11.37 -7.15 6.18
C ALA A 18 -11.96 -6.87 7.57
N ASP A 19 -13.00 -7.59 8.00
CA ASP A 19 -13.33 -7.82 9.42
C ASP A 19 -14.35 -8.94 9.59
N THR A 20 -15.21 -9.12 8.57
CA THR A 20 -16.29 -10.09 8.48
C THR A 20 -17.34 -9.84 9.57
N THR A 21 -17.07 -10.23 10.83
CA THR A 21 -17.92 -10.00 12.00
C THR A 21 -19.40 -10.34 11.74
N GLU A 22 -19.68 -11.35 10.90
CA GLU A 22 -21.03 -11.78 10.65
C GLU A 22 -21.59 -12.48 11.89
N ASN A 23 -20.92 -13.53 12.38
CA ASN A 23 -21.20 -14.18 13.66
C ASN A 23 -20.17 -15.28 13.91
N GLN A 24 -20.01 -16.19 12.94
CA GLN A 24 -19.14 -17.35 12.96
C GLN A 24 -18.70 -17.62 11.51
N SER A 25 -17.64 -16.94 11.06
CA SER A 25 -17.03 -17.26 9.77
C SER A 25 -16.30 -18.60 9.85
N GLY A 26 -15.74 -19.04 8.71
CA GLY A 26 -14.78 -20.12 8.67
C GLY A 26 -13.54 -19.69 9.45
N VAL A 27 -13.24 -20.38 10.56
CA VAL A 27 -12.16 -19.96 11.46
C VAL A 27 -10.79 -20.40 10.94
N SER A 28 -10.41 -19.92 9.76
CA SER A 28 -9.04 -19.95 9.29
C SER A 28 -8.73 -18.57 8.74
N PHE A 29 -7.94 -17.82 9.49
CA PHE A 29 -7.39 -16.56 9.04
C PHE A 29 -6.19 -16.90 8.16
N ASP A 30 -6.11 -16.31 6.97
CA ASP A 30 -5.05 -16.54 5.99
C ASP A 30 -3.74 -15.99 6.55
N LYS A 31 -3.07 -16.79 7.38
CA LYS A 31 -1.98 -16.42 8.29
C LYS A 31 -0.66 -16.07 7.58
N THR A 32 -0.68 -15.61 6.33
CA THR A 32 0.50 -15.16 5.60
C THR A 32 0.92 -13.77 6.13
N SER A 33 1.34 -13.72 7.39
CA SER A 33 1.68 -12.48 8.08
C SER A 33 2.80 -11.73 7.36
N ALA A 34 3.70 -12.43 6.66
CA ALA A 34 4.70 -11.81 5.79
C ALA A 34 4.08 -10.83 4.82
N THR A 35 3.10 -11.29 4.05
CA THR A 35 2.43 -10.51 3.02
C THR A 35 1.61 -9.37 3.64
N TRP A 36 1.17 -9.53 4.90
CA TRP A 36 0.64 -8.44 5.71
C TRP A 36 1.77 -7.42 5.94
N PHE A 37 2.88 -7.80 6.57
CA PHE A 37 3.96 -6.87 6.92
C PHE A 37 4.49 -6.16 5.68
N ALA A 38 4.61 -6.88 4.56
CA ALA A 38 5.00 -6.38 3.26
C ALA A 38 4.08 -5.23 2.86
N LEU A 39 2.76 -5.45 2.88
CA LEU A 39 1.77 -4.47 2.53
C LEU A 39 1.84 -3.32 3.50
N SER A 40 2.04 -3.59 4.80
CA SER A 40 2.16 -2.57 5.81
C SER A 40 3.36 -1.63 5.57
N ARG A 41 4.46 -2.09 4.94
CA ARG A 41 5.57 -1.20 4.60
C ARG A 41 5.11 -0.16 3.59
N ILE A 42 4.16 -0.52 2.74
CA ILE A 42 3.57 0.37 1.75
C ILE A 42 2.56 1.21 2.51
N ALA A 43 1.52 0.58 3.04
CA ALA A 43 0.28 1.16 3.53
C ALA A 43 0.51 2.38 4.43
N GLY A 44 1.35 2.30 5.45
CA GLY A 44 1.53 3.39 6.40
C GLY A 44 2.29 4.61 5.85
N LEU A 45 3.16 4.40 4.87
CA LEU A 45 4.08 5.39 4.29
C LEU A 45 3.52 5.99 3.00
N CYS A 46 3.05 5.13 2.10
CA CYS A 46 2.26 5.42 0.89
C CYS A 46 0.86 5.90 1.31
N ASN A 47 0.77 7.10 1.89
CA ASN A 47 -0.44 7.56 2.55
C ASN A 47 -0.53 9.09 2.49
N ARG A 48 -1.74 9.67 2.44
CA ARG A 48 -1.97 11.13 2.36
C ARG A 48 -3.16 11.60 3.22
N ALA A 49 -3.28 11.09 4.44
CA ALA A 49 -4.14 11.64 5.48
C ALA A 49 -3.64 11.26 6.86
N VAL A 50 -4.02 12.02 7.88
CA VAL A 50 -3.92 11.71 9.30
C VAL A 50 -5.28 12.01 9.95
N PHE A 51 -5.33 12.05 11.27
CA PHE A 51 -6.54 12.18 12.07
C PHE A 51 -6.69 13.61 12.55
N GLN A 52 -7.93 13.98 12.86
CA GLN A 52 -8.32 15.20 13.55
C GLN A 52 -8.44 14.92 15.05
N ALA A 53 -8.52 15.98 15.84
CA ALA A 53 -8.68 15.98 17.30
C ALA A 53 -10.14 15.72 17.69
N ASN A 54 -10.49 16.10 18.93
CA ASN A 54 -11.84 16.48 19.34
C ASN A 54 -12.70 15.24 19.61
N GLN A 55 -12.18 14.32 20.44
CA GLN A 55 -12.71 12.99 20.64
C GLN A 55 -12.17 12.40 21.96
N GLU A 56 -12.99 11.63 22.67
CA GLU A 56 -12.65 11.01 23.96
C GLU A 56 -12.75 9.48 23.84
N ASN A 57 -13.86 8.87 24.31
CA ASN A 57 -14.19 7.46 24.19
C ASN A 57 -14.91 7.24 22.84
N LEU A 58 -14.42 7.87 21.78
CA LEU A 58 -15.01 7.86 20.47
C LEU A 58 -13.97 7.31 19.49
N PRO A 59 -14.39 6.90 18.29
CA PRO A 59 -13.59 6.11 17.38
C PRO A 59 -12.65 6.99 16.56
N ILE A 60 -11.44 6.51 16.33
CA ILE A 60 -10.43 7.11 15.46
C ILE A 60 -10.94 7.56 14.06
N LEU A 61 -12.07 7.03 13.59
CA LEU A 61 -12.71 7.40 12.33
C LEU A 61 -13.36 8.79 12.43
N LYS A 62 -14.13 9.02 13.51
CA LYS A 62 -15.06 10.10 13.87
C LYS A 62 -15.84 10.78 12.75
N ARG A 63 -16.00 10.11 11.62
CA ARG A 63 -16.48 10.68 10.35
C ARG A 63 -15.78 12.03 10.01
N ALA A 64 -14.52 12.19 10.40
CA ALA A 64 -13.73 13.40 10.19
C ALA A 64 -12.27 13.00 10.21
N VAL A 65 -11.42 13.57 9.35
CA VAL A 65 -10.02 13.18 9.15
C VAL A 65 -9.28 14.40 8.57
N ALA A 66 -7.96 14.32 8.42
CA ALA A 66 -7.08 15.39 7.99
C ALA A 66 -6.29 14.94 6.75
N GLY A 67 -6.80 15.23 5.56
CA GLY A 67 -6.19 14.83 4.28
C GLY A 67 -7.16 14.00 3.45
N ASP A 68 -6.70 13.44 2.34
CA ASP A 68 -7.50 12.71 1.35
C ASP A 68 -8.33 11.65 2.06
N ALA A 69 -9.66 11.83 2.03
CA ALA A 69 -10.57 10.95 2.75
C ALA A 69 -10.48 9.50 2.26
N SER A 70 -10.06 9.32 1.00
CA SER A 70 -9.83 8.05 0.36
C SER A 70 -8.71 7.32 1.11
N GLU A 71 -7.49 7.87 1.08
CA GLU A 71 -6.27 7.26 1.61
C GLU A 71 -6.40 6.94 3.08
N SER A 72 -7.12 7.77 3.83
CA SER A 72 -7.21 7.63 5.26
C SER A 72 -7.72 6.26 5.69
N ALA A 73 -8.45 5.53 4.85
CA ALA A 73 -9.03 4.25 5.20
C ALA A 73 -8.06 3.33 5.93
N LEU A 74 -6.92 3.10 5.30
CA LEU A 74 -5.87 2.18 5.71
C LEU A 74 -5.11 2.67 6.93
N LEU A 75 -5.06 3.98 7.09
CA LEU A 75 -4.51 4.63 8.26
C LEU A 75 -5.39 4.29 9.46
N LYS A 76 -6.69 4.56 9.38
CA LYS A 76 -7.64 4.21 10.45
C LYS A 76 -7.84 2.71 10.62
N CYS A 77 -7.41 1.87 9.66
CA CYS A 77 -7.54 0.41 9.70
C CYS A 77 -6.17 -0.26 9.93
N ILE A 78 -5.22 0.43 10.57
CA ILE A 78 -3.94 -0.16 10.98
C ILE A 78 -3.49 0.41 12.34
N GLU A 79 -3.61 1.72 12.57
CA GLU A 79 -3.05 2.38 13.75
C GLU A 79 -3.71 1.84 15.02
N VAL A 80 -5.04 1.86 15.04
CA VAL A 80 -5.87 1.40 16.15
C VAL A 80 -5.76 -0.11 16.40
N CYS A 81 -5.02 -0.86 15.58
CA CYS A 81 -4.64 -2.22 15.91
C CYS A 81 -3.66 -2.25 17.08
N CYS A 82 -2.78 -1.23 17.18
CA CYS A 82 -1.77 -0.89 18.20
C CYS A 82 -0.38 -0.61 17.60
N GLY A 83 -0.34 0.10 16.47
CA GLY A 83 0.90 0.55 15.84
C GLY A 83 0.91 2.07 15.72
N SER A 84 2.09 2.70 15.74
CA SER A 84 2.19 4.08 15.26
C SER A 84 2.37 4.02 13.75
N VAL A 85 1.55 4.78 13.04
CA VAL A 85 1.77 5.16 11.65
C VAL A 85 2.15 6.64 11.56
N MET A 86 1.74 7.47 12.50
CA MET A 86 2.08 8.88 12.47
C MET A 86 3.59 9.10 12.64
N GLU A 87 4.33 8.20 13.28
CA GLU A 87 5.78 8.34 13.36
C GLU A 87 6.41 8.17 11.98
N MET A 88 5.78 7.36 11.13
CA MET A 88 6.39 6.86 9.92
C MET A 88 6.66 7.96 8.89
N ARG A 89 5.97 9.08 8.99
CA ARG A 89 6.26 10.27 8.19
C ARG A 89 7.67 10.81 8.44
N GLU A 90 8.23 10.52 9.62
CA GLU A 90 9.38 11.20 10.20
C GLU A 90 10.52 10.22 10.46
N LYS A 91 10.18 8.99 10.88
CA LYS A 91 11.11 7.87 10.99
C LYS A 91 11.92 7.73 9.70
N TYR A 92 11.22 7.63 8.58
CA TYR A 92 11.83 7.63 7.27
C TYR A 92 12.14 9.08 6.89
N THR A 93 13.16 9.27 6.06
CA THR A 93 13.76 10.58 5.81
C THR A 93 13.23 11.21 4.51
N LYS A 94 12.53 10.45 3.67
CA LYS A 94 11.96 11.02 2.44
C LYS A 94 13.10 11.44 1.51
N ILE A 95 13.89 10.46 1.07
CA ILE A 95 14.94 10.66 0.06
C ILE A 95 14.38 11.60 -1.00
N VAL A 96 13.24 11.27 -1.61
CA VAL A 96 12.68 12.02 -2.73
C VAL A 96 11.18 11.74 -2.84
N GLU A 97 10.44 12.63 -3.50
CA GLU A 97 9.01 12.53 -3.74
C GLU A 97 8.67 13.21 -5.07
N ILE A 98 8.32 12.43 -6.09
CA ILE A 98 7.89 12.90 -7.40
C ILE A 98 6.35 12.85 -7.43
N PRO A 99 5.67 13.92 -7.88
CA PRO A 99 4.25 13.87 -8.24
C PRO A 99 4.03 13.05 -9.50
N PHE A 100 2.79 13.02 -9.96
CA PHE A 100 2.41 12.70 -11.32
C PHE A 100 2.94 13.75 -12.32
N ASN A 101 4.26 13.91 -12.41
CA ASN A 101 4.91 14.99 -13.16
C ASN A 101 6.10 14.45 -13.96
N SER A 102 6.58 15.25 -14.92
CA SER A 102 7.36 14.76 -16.05
C SER A 102 6.53 13.74 -16.87
N THR A 103 7.16 13.10 -17.84
CA THR A 103 6.51 12.20 -18.80
C THR A 103 6.07 10.87 -18.20
N ASN A 104 6.46 10.56 -16.96
CA ASN A 104 6.01 9.34 -16.31
C ASN A 104 4.56 9.53 -15.88
N LYS A 105 3.73 8.53 -16.15
CA LYS A 105 2.29 8.60 -15.85
C LYS A 105 2.01 8.06 -14.42
N TYR A 106 2.98 8.07 -13.52
CA TYR A 106 2.87 7.60 -12.14
C TYR A 106 3.43 8.66 -11.20
N GLN A 107 3.27 8.49 -9.89
CA GLN A 107 4.00 9.21 -8.86
C GLN A 107 4.83 8.18 -8.09
N LEU A 108 5.92 8.59 -7.45
CA LEU A 108 6.76 7.72 -6.63
C LEU A 108 7.26 8.48 -5.40
N SER A 109 7.86 7.78 -4.44
CA SER A 109 8.63 8.40 -3.37
C SER A 109 9.57 7.33 -2.85
N ILE A 110 10.76 7.74 -2.41
CA ILE A 110 11.82 6.86 -1.94
C ILE A 110 12.21 7.34 -0.54
N HIS A 111 12.55 6.40 0.33
CA HIS A 111 12.77 6.63 1.75
C HIS A 111 13.83 5.66 2.26
N LYS A 112 14.82 6.11 3.05
CA LYS A 112 15.67 5.18 3.82
C LYS A 112 14.85 4.68 5.01
N ASN A 113 14.87 3.38 5.23
CA ASN A 113 14.38 2.65 6.40
C ASN A 113 15.57 2.41 7.33
N PRO A 114 15.45 2.62 8.65
CA PRO A 114 16.46 2.19 9.59
C PRO A 114 16.38 0.67 9.79
N ASN A 115 15.19 0.14 10.12
CA ASN A 115 14.97 -1.28 10.40
C ASN A 115 13.50 -1.62 10.14
N ALA A 116 13.23 -2.72 9.42
CA ALA A 116 11.92 -3.25 8.98
C ALA A 116 12.09 -4.12 7.73
N SER A 117 12.37 -3.50 6.58
CA SER A 117 12.67 -4.16 5.32
C SER A 117 13.90 -5.09 5.44
N GLU A 118 14.26 -5.78 4.36
CA GLU A 118 15.66 -6.16 4.16
C GLU A 118 16.51 -4.89 3.94
N PRO A 119 16.58 -4.27 2.74
CA PRO A 119 17.54 -3.21 2.50
C PRO A 119 17.04 -1.87 3.05
N LYS A 120 17.93 -0.89 3.09
CA LYS A 120 17.68 0.39 3.74
C LYS A 120 16.70 1.22 2.90
N HIS A 121 17.11 1.71 1.74
CA HIS A 121 16.24 2.45 0.84
C HIS A 121 15.04 1.58 0.42
N LEU A 122 13.83 2.12 0.57
CA LEU A 122 12.54 1.57 0.24
C LEU A 122 11.91 2.56 -0.74
N LEU A 123 11.05 2.05 -1.60
CA LEU A 123 10.31 2.78 -2.62
C LEU A 123 8.90 2.22 -2.60
N VAL A 124 7.89 3.06 -2.78
CA VAL A 124 6.48 2.67 -2.74
C VAL A 124 5.70 3.37 -3.86
N MET A 125 5.33 2.63 -4.92
CA MET A 125 4.63 3.19 -6.08
C MET A 125 3.11 3.12 -5.87
N LYS A 126 2.37 3.97 -6.58
CA LYS A 126 0.92 4.10 -6.51
C LYS A 126 0.39 4.83 -7.75
N GLY A 127 -0.93 4.99 -7.84
CA GLY A 127 -1.67 5.60 -8.94
C GLY A 127 -1.93 4.58 -10.04
N ALA A 128 -3.20 4.20 -10.26
CA ALA A 128 -3.64 3.22 -11.27
C ALA A 128 -3.05 1.81 -11.04
N PRO A 129 -3.79 0.85 -10.43
CA PRO A 129 -3.28 -0.50 -10.15
C PRO A 129 -2.86 -1.17 -11.46
N GLU A 130 -3.48 -0.77 -12.59
CA GLU A 130 -3.10 -1.09 -13.95
C GLU A 130 -1.59 -0.90 -14.18
N ARG A 131 -1.02 0.20 -13.70
CA ARG A 131 0.36 0.57 -13.97
C ARG A 131 1.29 -0.21 -13.08
N ILE A 132 0.89 -0.43 -11.83
CA ILE A 132 1.60 -1.30 -10.91
C ILE A 132 1.65 -2.68 -11.57
N LEU A 133 0.52 -3.18 -12.09
CA LEU A 133 0.40 -4.48 -12.74
C LEU A 133 1.14 -4.54 -14.09
N ASP A 134 1.33 -3.39 -14.73
CA ASP A 134 1.88 -3.33 -16.08
C ASP A 134 3.32 -3.78 -16.03
N ARG A 135 4.05 -3.22 -15.07
CA ARG A 135 5.48 -3.42 -14.92
C ARG A 135 5.85 -4.46 -13.90
N CYS A 136 4.97 -4.82 -12.94
CA CYS A 136 5.36 -5.71 -11.85
C CYS A 136 5.97 -6.99 -12.42
N SER A 137 6.95 -7.56 -11.72
CA SER A 137 7.67 -8.71 -12.25
C SER A 137 7.20 -10.02 -11.59
N SER A 138 6.82 -9.98 -10.32
CA SER A 138 6.43 -11.14 -9.56
C SER A 138 5.38 -10.70 -8.55
N ILE A 139 4.84 -11.62 -7.75
CA ILE A 139 3.78 -11.37 -6.80
C ILE A 139 4.13 -12.14 -5.54
N LEU A 140 3.64 -11.69 -4.39
CA LEU A 140 4.02 -12.18 -3.07
C LEU A 140 2.77 -12.75 -2.39
N LEU A 141 2.76 -14.07 -2.18
CA LEU A 141 1.59 -14.79 -1.68
C LEU A 141 1.83 -15.36 -0.28
N HIS A 142 2.43 -16.54 -0.17
CA HIS A 142 2.66 -17.24 1.09
C HIS A 142 3.92 -16.74 1.82
N GLY A 143 4.23 -15.45 1.77
CA GLY A 143 5.49 -14.94 2.33
C GLY A 143 6.69 -15.48 1.57
N LYS A 144 6.59 -15.57 0.25
CA LYS A 144 7.64 -16.04 -0.67
C LYS A 144 7.77 -15.02 -1.80
N GLU A 145 7.95 -15.47 -3.05
CA GLU A 145 7.49 -14.78 -4.25
C GLU A 145 7.01 -15.87 -5.21
N GLN A 146 6.08 -15.53 -6.10
CA GLN A 146 5.59 -16.32 -7.21
C GLN A 146 5.86 -15.59 -8.53
N PRO A 147 6.21 -16.34 -9.58
CA PRO A 147 6.39 -15.79 -10.91
C PRO A 147 5.01 -15.45 -11.45
N LEU A 148 4.78 -14.16 -11.68
CA LEU A 148 3.52 -13.63 -12.15
C LEU A 148 3.26 -14.08 -13.59
N ASP A 149 2.00 -14.37 -13.92
CA ASP A 149 1.56 -14.91 -15.22
C ASP A 149 0.09 -14.52 -15.44
N GLU A 150 -0.53 -14.95 -16.55
CA GLU A 150 -1.88 -14.60 -16.96
C GLU A 150 -2.92 -14.99 -15.90
N GLU A 151 -2.71 -16.13 -15.26
CA GLU A 151 -3.60 -16.69 -14.26
C GLU A 151 -3.52 -15.90 -12.95
N LEU A 152 -2.40 -15.19 -12.75
CA LEU A 152 -2.17 -14.39 -11.56
C LEU A 152 -2.60 -12.95 -11.78
N LYS A 153 -2.47 -12.44 -13.01
CA LYS A 153 -3.21 -11.28 -13.45
C LYS A 153 -4.68 -11.47 -13.16
N ASP A 154 -5.23 -12.62 -13.56
CA ASP A 154 -6.66 -12.90 -13.49
C ASP A 154 -7.16 -12.87 -12.05
N ALA A 155 -6.38 -13.50 -11.18
CA ALA A 155 -6.65 -13.60 -9.76
C ALA A 155 -6.78 -12.23 -9.09
N PHE A 156 -6.03 -11.25 -9.58
CA PHE A 156 -6.13 -9.85 -9.20
C PHE A 156 -7.29 -9.17 -9.91
N GLN A 157 -7.48 -9.44 -11.22
CA GLN A 157 -8.47 -8.73 -12.00
C GLN A 157 -9.80 -8.95 -11.32
N ASN A 158 -10.29 -10.19 -11.31
CA ASN A 158 -11.53 -10.58 -10.67
C ASN A 158 -11.67 -9.94 -9.30
N ALA A 159 -10.59 -9.88 -8.53
CA ALA A 159 -10.57 -9.16 -7.27
C ALA A 159 -10.90 -7.68 -7.46
N TYR A 160 -10.09 -6.89 -8.16
CA TYR A 160 -10.38 -5.50 -8.52
C TYR A 160 -11.82 -5.32 -9.08
N LEU A 161 -12.34 -6.28 -9.83
CA LEU A 161 -13.67 -6.19 -10.44
C LEU A 161 -14.78 -6.50 -9.43
N GLU A 162 -14.51 -7.31 -8.40
CA GLU A 162 -15.41 -7.62 -7.31
C GLU A 162 -15.35 -6.51 -6.24
N LEU A 163 -14.15 -5.96 -5.98
CA LEU A 163 -13.92 -4.89 -5.02
C LEU A 163 -14.84 -3.72 -5.35
N GLY A 164 -14.99 -3.39 -6.64
CA GLY A 164 -16.06 -2.54 -7.15
C GLY A 164 -15.54 -1.84 -8.39
N GLY A 165 -14.53 -0.99 -8.19
CA GLY A 165 -13.83 -0.30 -9.24
C GLY A 165 -14.63 0.91 -9.76
N LEU A 166 -14.20 1.44 -10.90
CA LEU A 166 -15.03 2.19 -11.87
C LEU A 166 -15.42 3.59 -11.39
N GLY A 167 -15.05 3.97 -10.17
CA GLY A 167 -15.34 5.23 -9.52
C GLY A 167 -15.39 4.96 -8.03
N GLU A 168 -14.32 5.32 -7.32
CA GLU A 168 -13.82 4.80 -6.03
C GLU A 168 -12.30 4.71 -6.25
N ARG A 169 -11.86 3.66 -6.96
CA ARG A 169 -10.71 3.63 -7.87
C ARG A 169 -9.44 3.16 -7.17
N VAL A 170 -9.52 1.96 -6.57
CA VAL A 170 -8.46 1.09 -6.03
C VAL A 170 -7.02 1.62 -6.23
N LEU A 171 -6.28 1.86 -5.14
CA LEU A 171 -4.83 1.98 -5.20
C LEU A 171 -4.16 0.59 -5.25
N GLY A 172 -2.91 0.53 -5.72
CA GLY A 172 -2.27 -0.69 -6.19
C GLY A 172 -1.01 -1.13 -5.42
N PHE A 173 -0.44 -0.26 -4.59
CA PHE A 173 0.55 -0.57 -3.54
C PHE A 173 1.60 -1.63 -3.89
N CYS A 174 2.78 -1.23 -4.38
CA CYS A 174 3.93 -2.10 -4.58
C CYS A 174 5.18 -1.49 -3.95
N HIS A 175 6.19 -2.33 -3.72
CA HIS A 175 7.57 -1.98 -3.38
C HIS A 175 8.48 -2.91 -4.19
N LEU A 176 9.78 -2.61 -4.25
CA LEU A 176 10.79 -3.53 -4.81
C LEU A 176 11.96 -3.77 -3.85
N LEU A 177 12.07 -2.99 -2.78
CA LEU A 177 13.18 -3.00 -1.85
C LEU A 177 14.49 -2.72 -2.60
N LEU A 178 14.85 -1.44 -2.69
CA LEU A 178 15.98 -0.98 -3.49
C LEU A 178 17.25 -1.66 -2.95
N PRO A 179 18.05 -2.33 -3.79
CA PRO A 179 19.16 -3.16 -3.31
C PRO A 179 20.27 -2.27 -2.80
N ASP A 180 20.36 -2.11 -1.48
CA ASP A 180 21.38 -1.36 -0.75
C ASP A 180 22.81 -1.90 -0.97
N GLU A 181 22.87 -3.02 -1.67
CA GLU A 181 24.02 -3.71 -2.25
C GLU A 181 24.63 -2.94 -3.42
N GLN A 182 23.76 -2.46 -4.32
CA GLN A 182 24.09 -1.78 -5.56
C GLN A 182 23.71 -0.30 -5.47
N PHE A 183 22.84 0.03 -4.53
CA PHE A 183 22.46 1.40 -4.25
C PHE A 183 23.54 2.05 -3.39
N PRO A 184 23.99 3.26 -3.74
CA PRO A 184 25.08 3.93 -3.07
C PRO A 184 24.63 4.36 -1.69
N GLU A 185 25.55 4.30 -0.73
CA GLU A 185 25.20 4.46 0.68
C GLU A 185 24.88 5.91 1.06
N GLY A 186 25.12 6.86 0.13
CA GLY A 186 24.77 8.28 0.22
C GLY A 186 23.57 8.66 -0.66
N PHE A 187 22.94 7.70 -1.35
CA PHE A 187 21.58 7.77 -1.91
C PHE A 187 21.24 9.03 -2.73
N GLN A 188 22.14 9.45 -3.63
CA GLN A 188 22.03 10.69 -4.41
C GLN A 188 21.09 10.61 -5.62
N PHE A 189 19.91 10.00 -5.46
CA PHE A 189 19.01 9.74 -6.60
C PHE A 189 18.49 11.05 -7.14
N ASP A 190 17.95 11.81 -6.20
CA ASP A 190 17.32 13.10 -6.45
C ASP A 190 16.09 12.94 -7.35
N THR A 191 15.41 14.03 -7.68
CA THR A 191 14.18 13.99 -8.47
C THR A 191 14.49 14.30 -9.94
N ASP A 192 15.74 14.56 -10.28
CA ASP A 192 16.13 15.11 -11.57
C ASP A 192 16.82 14.04 -12.39
N GLU A 193 17.53 13.13 -11.73
CA GLU A 193 18.42 12.18 -12.37
C GLU A 193 18.34 10.77 -11.74
N VAL A 194 17.17 10.41 -11.23
CA VAL A 194 16.88 9.30 -10.31
C VAL A 194 17.71 8.03 -10.53
N ASN A 195 17.86 7.59 -11.79
CA ASN A 195 18.69 6.47 -12.24
C ASN A 195 18.38 5.12 -11.60
N PHE A 196 17.29 5.05 -10.85
CA PHE A 196 16.76 3.91 -10.12
C PHE A 196 16.03 2.91 -11.03
N PRO A 197 15.76 1.67 -10.56
CA PRO A 197 14.95 0.72 -11.29
C PRO A 197 13.47 1.09 -11.20
N VAL A 198 12.72 0.64 -12.18
CA VAL A 198 11.29 0.94 -12.27
C VAL A 198 10.55 -0.28 -12.79
N ASP A 199 10.98 -1.47 -12.41
CA ASP A 199 10.53 -2.71 -13.07
C ASP A 199 11.08 -3.92 -12.29
N ASN A 200 11.09 -3.84 -10.95
CA ASN A 200 11.21 -5.00 -10.06
C ASN A 200 10.06 -5.12 -9.08
N LEU A 201 9.16 -4.16 -9.12
CA LEU A 201 8.12 -3.97 -8.13
C LEU A 201 7.25 -5.20 -8.05
N CYS A 202 7.12 -5.62 -6.81
CA CYS A 202 6.38 -6.76 -6.37
C CYS A 202 4.91 -6.37 -6.33
N PHE A 203 4.07 -7.16 -6.97
CA PHE A 203 2.62 -7.03 -7.05
C PHE A 203 1.86 -7.16 -5.70
N VAL A 204 2.57 -7.31 -4.57
CA VAL A 204 2.20 -7.87 -3.27
C VAL A 204 0.69 -8.01 -3.02
N GLY A 205 -0.05 -6.92 -2.87
CA GLY A 205 -1.45 -6.94 -2.49
C GLY A 205 -2.00 -5.53 -2.56
N LEU A 206 -3.28 -5.36 -2.24
CA LEU A 206 -3.96 -4.07 -2.22
C LEU A 206 -5.18 -4.18 -1.32
N ILE A 207 -5.72 -3.03 -0.91
CA ILE A 207 -6.85 -2.97 0.00
C ILE A 207 -8.08 -2.75 -0.91
N SER A 208 -8.67 -1.55 -1.04
CA SER A 208 -9.77 -1.21 -1.96
C SER A 208 -10.48 0.08 -1.58
N MET A 209 -9.74 1.16 -1.39
CA MET A 209 -10.32 2.38 -0.86
C MET A 209 -11.42 2.95 -1.75
N ILE A 210 -12.42 3.43 -1.03
CA ILE A 210 -13.54 4.18 -1.57
C ILE A 210 -13.05 5.60 -1.81
N ASP A 211 -13.78 6.30 -2.67
CA ASP A 211 -13.79 7.75 -2.79
C ASP A 211 -15.11 8.21 -3.43
N PRO A 212 -16.16 8.49 -2.63
CA PRO A 212 -17.45 8.89 -3.17
C PRO A 212 -17.43 10.37 -3.64
N PRO A 213 -18.38 10.78 -4.49
CA PRO A 213 -18.80 12.16 -4.64
C PRO A 213 -19.55 12.56 -3.38
N GLN A 1 -23.09 11.03 1.58
CA GLN A 1 -22.05 10.05 1.23
C GLN A 1 -21.90 9.00 2.34
N ASN A 2 -21.53 7.76 1.97
CA ASN A 2 -20.95 6.85 2.96
C ASN A 2 -19.58 7.36 3.38
N PRO A 3 -19.14 7.01 4.60
CA PRO A 3 -17.82 7.34 5.12
C PRO A 3 -16.72 6.59 4.34
N MET A 4 -15.46 6.98 4.52
CA MET A 4 -14.33 6.40 3.82
C MET A 4 -13.41 5.63 4.77
N THR A 5 -13.22 4.36 4.47
CA THR A 5 -12.43 3.39 5.21
C THR A 5 -11.69 2.52 4.19
N VAL A 6 -10.98 1.50 4.65
CA VAL A 6 -10.37 0.49 3.81
C VAL A 6 -11.40 -0.22 2.95
N ALA A 7 -12.61 -0.49 3.48
CA ALA A 7 -13.66 -1.29 2.90
C ALA A 7 -13.29 -2.78 2.81
N HIS A 8 -12.14 -3.13 2.22
CA HIS A 8 -11.72 -4.51 2.03
C HIS A 8 -10.21 -4.57 1.85
N MET A 9 -9.64 -5.76 1.95
CA MET A 9 -8.26 -6.00 1.56
C MET A 9 -8.17 -7.36 0.87
N TRP A 10 -7.24 -7.45 -0.07
CA TRP A 10 -6.87 -8.62 -0.85
C TRP A 10 -5.34 -8.66 -0.75
N PHE A 11 -4.75 -9.85 -0.66
CA PHE A 11 -3.30 -9.97 -0.78
C PHE A 11 -2.95 -11.42 -1.02
N ASP A 12 -3.35 -12.32 -0.12
CA ASP A 12 -3.06 -13.76 -0.21
C ASP A 12 -3.59 -14.49 -1.45
N ASN A 13 -4.26 -13.77 -2.37
CA ASN A 13 -4.54 -14.11 -3.78
C ASN A 13 -5.98 -14.61 -3.91
N GLN A 14 -6.87 -14.17 -3.00
CA GLN A 14 -8.18 -14.80 -2.81
C GLN A 14 -9.11 -14.00 -1.90
N ILE A 15 -8.87 -12.70 -1.80
CA ILE A 15 -9.44 -11.78 -0.82
C ILE A 15 -9.04 -12.24 0.59
N HIS A 16 -9.27 -11.40 1.61
CA HIS A 16 -9.05 -11.78 3.00
C HIS A 16 -10.08 -11.08 3.88
N GLU A 17 -10.47 -9.84 3.54
CA GLU A 17 -11.57 -9.15 4.21
C GLU A 17 -11.26 -9.07 5.72
N ALA A 18 -12.20 -9.35 6.63
CA ALA A 18 -12.00 -9.18 8.07
C ALA A 18 -12.80 -10.14 8.97
N ASP A 19 -13.88 -10.76 8.49
CA ASP A 19 -14.53 -11.92 9.09
C ASP A 19 -15.14 -12.66 7.91
N THR A 20 -14.59 -13.81 7.53
CA THR A 20 -14.73 -14.39 6.20
C THR A 20 -16.17 -14.85 5.93
N THR A 21 -16.99 -13.95 5.41
CA THR A 21 -18.36 -14.23 5.03
C THR A 21 -18.38 -15.14 3.80
N GLU A 22 -19.46 -15.91 3.66
CA GLU A 22 -19.80 -16.68 2.48
C GLU A 22 -21.32 -16.90 2.60
N ASN A 23 -21.73 -17.61 3.65
CA ASN A 23 -23.13 -17.90 3.95
C ASN A 23 -23.49 -17.59 5.41
N GLN A 24 -22.51 -17.38 6.30
CA GLN A 24 -22.78 -17.04 7.69
C GLN A 24 -21.69 -16.10 8.21
N SER A 25 -20.49 -16.61 8.48
CA SER A 25 -19.33 -15.92 9.05
C SER A 25 -18.24 -16.99 9.18
N GLY A 26 -16.97 -16.56 9.21
CA GLY A 26 -15.82 -17.44 9.29
C GLY A 26 -14.73 -16.76 10.07
N VAL A 27 -14.59 -17.13 11.34
CA VAL A 27 -13.62 -16.57 12.26
C VAL A 27 -12.24 -17.22 12.04
N SER A 28 -11.66 -17.02 10.87
CA SER A 28 -10.26 -17.33 10.66
C SER A 28 -9.60 -16.21 9.86
N PHE A 29 -8.27 -16.15 9.92
CA PHE A 29 -7.49 -14.97 9.57
C PHE A 29 -6.08 -15.41 9.21
N ASP A 30 -5.47 -14.74 8.23
CA ASP A 30 -4.29 -15.21 7.51
C ASP A 30 -3.09 -15.50 8.41
N LYS A 31 -2.80 -14.59 9.35
CA LYS A 31 -1.66 -14.68 10.27
C LYS A 31 -0.33 -14.94 9.53
N THR A 32 -0.11 -14.28 8.38
CA THR A 32 1.20 -14.16 7.77
C THR A 32 2.16 -13.37 8.67
N SER A 33 1.71 -12.23 9.21
CA SER A 33 2.54 -11.06 9.52
C SER A 33 3.38 -10.53 8.35
N ALA A 34 4.14 -11.35 7.60
CA ALA A 34 5.08 -10.89 6.58
C ALA A 34 4.41 -10.04 5.49
N THR A 35 3.39 -10.57 4.80
CA THR A 35 2.65 -9.81 3.79
C THR A 35 1.92 -8.60 4.41
N TRP A 36 1.74 -8.58 5.74
CA TRP A 36 1.21 -7.44 6.47
C TRP A 36 2.30 -6.38 6.60
N PHE A 37 3.47 -6.74 7.14
CA PHE A 37 4.57 -5.82 7.41
C PHE A 37 4.98 -5.09 6.13
N ALA A 38 5.02 -5.84 5.03
CA ALA A 38 5.35 -5.35 3.71
C ALA A 38 4.43 -4.19 3.32
N LEU A 39 3.12 -4.41 3.45
CA LEU A 39 2.06 -3.47 3.16
C LEU A 39 2.14 -2.30 4.12
N SER A 40 2.37 -2.59 5.40
CA SER A 40 2.57 -1.59 6.43
C SER A 40 3.72 -0.65 6.08
N ARG A 41 4.67 -1.10 5.25
CA ARG A 41 5.82 -0.33 4.79
C ARG A 41 5.50 0.64 3.66
N ILE A 42 4.28 0.63 3.13
CA ILE A 42 3.81 1.51 2.08
C ILE A 42 2.64 2.32 2.63
N ALA A 43 1.63 1.63 3.18
CA ALA A 43 0.38 2.15 3.68
C ALA A 43 0.60 3.18 4.80
N GLY A 44 1.78 3.19 5.43
CA GLY A 44 2.13 4.13 6.48
C GLY A 44 2.87 5.35 5.93
N LEU A 45 4.03 5.12 5.29
CA LEU A 45 4.94 6.11 4.75
C LEU A 45 4.25 7.01 3.74
N CYS A 46 3.85 6.46 2.59
CA CYS A 46 3.43 7.26 1.45
C CYS A 46 1.97 7.67 1.63
N ASN A 47 1.69 8.59 2.54
CA ASN A 47 0.37 8.85 3.08
C ASN A 47 0.34 10.26 3.69
N ARG A 48 -0.44 11.20 3.11
CA ARG A 48 -0.49 12.62 3.51
C ARG A 48 -1.79 12.99 4.23
N ALA A 49 -2.13 12.24 5.27
CA ALA A 49 -3.20 12.60 6.18
C ALA A 49 -2.93 12.12 7.61
N VAL A 50 -3.61 12.73 8.57
CA VAL A 50 -3.57 12.48 10.01
C VAL A 50 -4.99 12.60 10.57
N PHE A 51 -5.19 12.13 11.79
CA PHE A 51 -6.44 12.31 12.54
C PHE A 51 -6.57 13.74 13.04
N GLN A 52 -7.78 14.10 13.45
CA GLN A 52 -8.15 15.37 14.04
C GLN A 52 -8.35 15.17 15.54
N ALA A 53 -9.18 14.21 15.93
CA ALA A 53 -9.56 13.92 17.30
C ALA A 53 -9.54 12.42 17.53
N ASN A 54 -9.93 11.97 18.73
CA ASN A 54 -10.13 10.56 19.01
C ASN A 54 -11.37 10.38 19.89
N GLN A 55 -11.84 9.14 19.95
CA GLN A 55 -13.09 8.70 20.55
C GLN A 55 -12.78 7.51 21.45
N GLU A 56 -13.75 7.04 22.23
CA GLU A 56 -13.61 5.84 23.05
C GLU A 56 -14.44 4.76 22.38
N ASN A 57 -15.69 4.55 22.81
CA ASN A 57 -16.57 3.48 22.34
C ASN A 57 -16.93 3.52 20.84
N LEU A 58 -16.64 4.63 20.16
CA LEU A 58 -16.92 4.81 18.75
C LEU A 58 -15.67 4.45 17.95
N PRO A 59 -15.78 4.24 16.62
CA PRO A 59 -14.65 3.94 15.77
C PRO A 59 -13.69 5.12 15.66
N ILE A 60 -12.50 4.88 15.10
CA ILE A 60 -11.48 5.91 14.90
C ILE A 60 -11.90 6.83 13.73
N LEU A 61 -12.49 6.27 12.67
CA LEU A 61 -12.78 6.95 11.42
C LEU A 61 -13.62 8.22 11.64
N LYS A 62 -14.85 8.05 12.15
CA LYS A 62 -15.83 9.08 12.56
C LYS A 62 -15.82 10.34 11.67
N ARG A 63 -15.69 10.11 10.36
CA ARG A 63 -15.57 11.05 9.24
C ARG A 63 -14.84 12.36 9.62
N ALA A 64 -13.73 12.27 10.37
CA ALA A 64 -12.98 13.42 10.80
C ALA A 64 -11.51 13.09 10.62
N VAL A 65 -10.79 13.79 9.73
CA VAL A 65 -9.37 13.60 9.45
C VAL A 65 -8.90 14.89 8.76
N ALA A 66 -7.58 15.11 8.76
CA ALA A 66 -6.94 16.25 8.14
C ALA A 66 -5.93 15.75 7.11
N GLY A 67 -6.07 16.15 5.85
CA GLY A 67 -5.16 15.83 4.76
C GLY A 67 -5.94 15.50 3.50
N ASP A 68 -5.28 14.81 2.58
CA ASP A 68 -5.84 14.31 1.32
C ASP A 68 -7.10 13.45 1.53
N ALA A 69 -7.23 12.91 2.74
CA ALA A 69 -8.30 12.09 3.28
C ALA A 69 -8.48 10.73 2.60
N SER A 70 -8.26 10.59 1.30
CA SER A 70 -8.25 9.30 0.59
C SER A 70 -7.23 8.37 1.25
N GLU A 71 -5.96 8.79 1.22
CA GLU A 71 -4.78 8.17 1.85
C GLU A 71 -5.04 7.74 3.28
N SER A 72 -5.79 8.57 4.00
CA SER A 72 -6.08 8.33 5.39
C SER A 72 -6.73 6.99 5.63
N ALA A 73 -7.44 6.39 4.67
CA ALA A 73 -8.14 5.12 4.82
C ALA A 73 -7.24 4.11 5.52
N LEU A 74 -6.01 4.01 5.03
CA LEU A 74 -4.96 3.15 5.52
C LEU A 74 -4.61 3.48 6.98
N LEU A 75 -4.36 4.76 7.30
CA LEU A 75 -4.00 5.23 8.63
C LEU A 75 -5.10 4.85 9.63
N LYS A 76 -6.37 5.03 9.25
CA LYS A 76 -7.53 4.71 10.09
C LYS A 76 -7.68 3.21 10.35
N CYS A 77 -6.80 2.35 9.83
CA CYS A 77 -6.81 0.93 10.12
C CYS A 77 -5.53 0.42 10.81
N ILE A 78 -4.52 1.25 11.07
CA ILE A 78 -3.25 0.79 11.67
C ILE A 78 -3.02 1.41 13.04
N GLU A 79 -3.35 2.70 13.23
CA GLU A 79 -3.15 3.34 14.54
C GLU A 79 -4.02 2.64 15.59
N VAL A 80 -5.28 2.36 15.23
CA VAL A 80 -6.28 1.54 15.94
C VAL A 80 -5.84 0.08 16.14
N CYS A 81 -4.74 -0.32 15.51
CA CYS A 81 -4.12 -1.63 15.65
C CYS A 81 -2.74 -1.47 16.31
N CYS A 82 -2.57 -0.42 17.13
CA CYS A 82 -1.40 -0.09 17.93
C CYS A 82 -0.13 0.10 17.09
N GLY A 83 -0.28 0.49 15.84
CA GLY A 83 0.79 0.71 14.89
C GLY A 83 1.06 2.20 14.73
N SER A 84 2.07 2.72 15.41
CA SER A 84 2.63 4.03 15.23
C SER A 84 3.27 4.15 13.86
N VAL A 85 2.44 4.36 12.85
CA VAL A 85 2.78 4.63 11.47
C VAL A 85 3.33 6.04 11.35
N MET A 86 2.72 7.02 12.02
CA MET A 86 3.07 8.43 11.84
C MET A 86 4.51 8.74 12.28
N GLU A 87 5.11 7.90 13.13
CA GLU A 87 6.52 7.95 13.52
C GLU A 87 7.39 7.69 12.29
N MET A 88 6.99 6.72 11.47
CA MET A 88 7.83 6.14 10.44
C MET A 88 8.20 7.15 9.35
N ARG A 89 7.30 8.10 9.14
CA ARG A 89 7.46 9.29 8.32
C ARG A 89 8.77 10.03 8.64
N GLU A 90 9.20 10.06 9.91
CA GLU A 90 10.46 10.66 10.36
C GLU A 90 11.54 9.61 10.55
N LYS A 91 11.14 8.37 10.84
CA LYS A 91 12.06 7.24 10.99
C LYS A 91 12.95 7.08 9.77
N TYR A 92 12.34 7.11 8.59
CA TYR A 92 13.03 7.10 7.32
C TYR A 92 13.41 8.56 6.95
N THR A 93 14.06 8.78 5.81
CA THR A 93 14.74 10.05 5.49
C THR A 93 14.04 10.83 4.38
N LYS A 94 13.11 10.22 3.63
CA LYS A 94 12.54 10.82 2.43
C LYS A 94 13.67 11.23 1.47
N ILE A 95 14.39 10.21 1.01
CA ILE A 95 15.44 10.31 -0.01
C ILE A 95 14.99 11.35 -1.04
N VAL A 96 13.84 11.13 -1.68
CA VAL A 96 13.19 12.01 -2.64
C VAL A 96 11.69 11.65 -2.65
N GLU A 97 10.85 12.48 -3.29
CA GLU A 97 9.40 12.33 -3.34
C GLU A 97 8.91 13.02 -4.61
N ILE A 98 8.46 12.28 -5.62
CA ILE A 98 8.03 12.81 -6.91
C ILE A 98 6.49 12.89 -6.91
N PRO A 99 5.91 14.09 -7.11
CA PRO A 99 4.47 14.30 -7.19
C PRO A 99 3.90 13.73 -8.49
N PHE A 100 4.05 14.45 -9.60
CA PHE A 100 3.68 13.98 -10.91
C PHE A 100 4.90 14.00 -11.82
N ASN A 101 5.64 15.12 -11.83
CA ASN A 101 6.64 15.50 -12.84
C ASN A 101 5.92 15.73 -14.17
N SER A 102 6.46 16.58 -15.04
CA SER A 102 5.99 16.77 -16.39
C SER A 102 6.01 15.50 -17.24
N THR A 103 6.60 14.41 -16.76
CA THR A 103 6.46 13.07 -17.33
C THR A 103 4.98 12.61 -17.35
N ASN A 104 4.19 13.07 -16.37
CA ASN A 104 2.85 12.65 -15.96
C ASN A 104 2.52 11.21 -16.31
N LYS A 105 2.84 10.27 -15.42
CA LYS A 105 2.24 8.94 -15.48
C LYS A 105 1.83 8.44 -14.11
N TYR A 106 2.66 8.66 -13.08
CA TYR A 106 2.47 8.13 -11.72
C TYR A 106 3.14 9.03 -10.68
N GLN A 107 3.03 8.66 -9.41
CA GLN A 107 3.86 9.20 -8.33
C GLN A 107 4.75 8.12 -7.75
N LEU A 108 5.82 8.53 -7.05
CA LEU A 108 6.67 7.65 -6.26
C LEU A 108 7.39 8.44 -5.17
N SER A 109 8.05 7.75 -4.25
CA SER A 109 8.80 8.34 -3.15
C SER A 109 9.84 7.29 -2.73
N ILE A 110 11.01 7.73 -2.30
CA ILE A 110 12.12 6.85 -1.90
C ILE A 110 12.50 7.19 -0.45
N HIS A 111 12.87 6.18 0.33
CA HIS A 111 13.10 6.27 1.76
C HIS A 111 14.18 5.24 2.15
N LYS A 112 15.14 5.57 3.01
CA LYS A 112 16.05 4.58 3.60
C LYS A 112 15.42 4.04 4.89
N ASN A 113 15.35 2.73 5.03
CA ASN A 113 15.01 1.94 6.20
C ASN A 113 16.26 1.91 7.07
N PRO A 114 16.23 2.45 8.29
CA PRO A 114 17.40 2.45 9.14
C PRO A 114 17.70 1.03 9.62
N ASN A 115 16.71 0.32 10.19
CA ASN A 115 16.93 -0.90 10.97
C ASN A 115 15.69 -1.81 10.96
N ALA A 116 15.56 -2.65 9.94
CA ALA A 116 14.61 -3.75 9.81
C ALA A 116 15.16 -4.72 8.75
N SER A 117 14.52 -5.88 8.57
CA SER A 117 14.97 -6.92 7.64
C SER A 117 15.19 -6.46 6.20
N GLU A 118 14.48 -5.43 5.73
CA GLU A 118 14.55 -4.93 4.36
C GLU A 118 15.95 -4.37 4.02
N PRO A 119 16.21 -3.98 2.76
CA PRO A 119 17.38 -3.19 2.38
C PRO A 119 17.38 -1.83 3.10
N LYS A 120 18.38 -0.98 2.84
CA LYS A 120 18.31 0.42 3.23
C LYS A 120 17.22 1.09 2.39
N HIS A 121 17.54 1.53 1.18
CA HIS A 121 16.60 2.24 0.34
C HIS A 121 15.39 1.35 0.01
N LEU A 122 14.23 1.99 -0.05
CA LEU A 122 12.91 1.46 -0.27
C LEU A 122 12.26 2.50 -1.16
N LEU A 123 11.58 2.05 -2.19
CA LEU A 123 10.72 2.88 -3.02
C LEU A 123 9.30 2.44 -2.76
N VAL A 124 8.37 3.39 -2.80
CA VAL A 124 6.93 3.22 -2.73
C VAL A 124 6.38 4.01 -3.93
N MET A 125 5.26 3.57 -4.51
CA MET A 125 4.66 3.98 -5.77
C MET A 125 3.18 3.70 -5.61
N LYS A 126 2.32 4.40 -6.35
CA LYS A 126 0.89 4.09 -6.49
C LYS A 126 0.39 4.62 -7.83
N GLY A 127 -0.92 4.58 -8.05
CA GLY A 127 -1.59 4.73 -9.32
C GLY A 127 -2.66 3.64 -9.43
N ALA A 128 -3.29 3.54 -10.60
CA ALA A 128 -4.34 2.55 -10.86
C ALA A 128 -3.81 1.12 -10.74
N PRO A 129 -4.63 0.14 -10.34
CA PRO A 129 -4.16 -1.20 -10.03
C PRO A 129 -3.74 -1.93 -11.30
N GLU A 130 -4.42 -1.66 -12.43
CA GLU A 130 -4.00 -2.09 -13.75
C GLU A 130 -2.55 -1.71 -14.03
N ARG A 131 -2.14 -0.50 -13.62
CA ARG A 131 -0.81 0.03 -13.94
C ARG A 131 0.23 -0.59 -13.02
N ILE A 132 -0.04 -0.69 -11.73
CA ILE A 132 0.86 -1.39 -10.83
C ILE A 132 1.04 -2.81 -11.34
N LEU A 133 -0.04 -3.51 -11.71
CA LEU A 133 0.03 -4.85 -12.28
C LEU A 133 0.90 -4.82 -13.54
N ASP A 134 0.73 -3.79 -14.38
CA ASP A 134 1.41 -3.74 -15.68
C ASP A 134 2.93 -3.79 -15.54
N ARG A 135 3.45 -3.27 -14.43
CA ARG A 135 4.88 -3.19 -14.17
C ARG A 135 5.29 -4.02 -12.97
N CYS A 136 4.39 -4.87 -12.47
CA CYS A 136 4.78 -5.90 -11.52
C CYS A 136 5.68 -6.93 -12.20
N SER A 137 6.44 -7.66 -11.40
CA SER A 137 7.26 -8.80 -11.82
C SER A 137 7.07 -10.02 -10.88
N SER A 138 6.43 -9.91 -9.71
CA SER A 138 6.04 -11.05 -8.88
C SER A 138 4.91 -10.63 -7.92
N ILE A 139 4.46 -11.53 -7.04
CA ILE A 139 3.41 -11.26 -6.08
C ILE A 139 3.74 -11.88 -4.72
N LEU A 140 3.68 -11.06 -3.68
CA LEU A 140 4.02 -11.45 -2.32
C LEU A 140 2.81 -12.14 -1.71
N LEU A 141 2.97 -13.41 -1.35
CA LEU A 141 1.95 -14.27 -0.77
C LEU A 141 2.59 -15.03 0.39
N HIS A 142 1.88 -15.18 1.50
CA HIS A 142 2.26 -15.76 2.80
C HIS A 142 3.46 -15.12 3.51
N GLY A 143 4.26 -14.28 2.86
CA GLY A 143 5.63 -13.98 3.24
C GLY A 143 6.68 -14.56 2.30
N LYS A 144 6.34 -14.94 1.06
CA LYS A 144 7.27 -15.50 0.07
C LYS A 144 7.39 -14.51 -1.08
N GLU A 145 7.55 -14.95 -2.32
CA GLU A 145 7.50 -14.16 -3.55
C GLU A 145 7.16 -15.14 -4.68
N GLN A 146 5.91 -15.16 -5.12
CA GLN A 146 5.41 -16.05 -6.17
C GLN A 146 5.59 -15.39 -7.53
N PRO A 147 5.97 -16.17 -8.54
CA PRO A 147 6.12 -15.69 -9.89
C PRO A 147 4.71 -15.40 -10.40
N LEU A 148 4.45 -14.11 -10.63
CA LEU A 148 3.16 -13.65 -11.10
C LEU A 148 2.97 -14.19 -12.51
N ASP A 149 1.75 -14.58 -12.82
CA ASP A 149 1.36 -15.59 -13.82
C ASP A 149 -0.11 -15.32 -14.11
N GLU A 150 -0.69 -15.84 -15.19
CA GLU A 150 -2.00 -15.41 -15.66
C GLU A 150 -3.08 -15.65 -14.59
N GLU A 151 -3.08 -16.79 -13.91
CA GLU A 151 -4.10 -17.11 -12.93
C GLU A 151 -3.88 -16.27 -11.66
N LEU A 152 -2.70 -15.67 -11.48
CA LEU A 152 -2.43 -14.77 -10.38
C LEU A 152 -2.86 -13.34 -10.73
N LYS A 153 -2.72 -12.93 -11.99
CA LYS A 153 -3.46 -11.78 -12.50
C LYS A 153 -4.94 -12.00 -12.30
N ASP A 154 -5.46 -13.20 -12.58
CA ASP A 154 -6.90 -13.48 -12.51
C ASP A 154 -7.37 -13.30 -11.08
N ALA A 155 -6.62 -13.87 -10.13
CA ALA A 155 -6.91 -13.79 -8.71
C ALA A 155 -7.00 -12.35 -8.17
N PHE A 156 -6.24 -11.43 -8.75
CA PHE A 156 -6.35 -9.99 -8.53
C PHE A 156 -7.55 -9.43 -9.27
N GLN A 157 -7.71 -9.77 -10.55
CA GLN A 157 -8.72 -9.21 -11.42
C GLN A 157 -10.05 -9.46 -10.74
N ASN A 158 -10.47 -10.72 -10.63
CA ASN A 158 -11.76 -11.07 -10.07
C ASN A 158 -12.01 -10.42 -8.72
N ALA A 159 -10.96 -10.15 -7.94
CA ALA A 159 -11.01 -9.42 -6.70
C ALA A 159 -11.42 -7.97 -6.97
N TYR A 160 -10.56 -7.17 -7.60
CA TYR A 160 -10.87 -5.83 -8.11
C TYR A 160 -12.26 -5.72 -8.76
N LEU A 161 -12.65 -6.69 -9.60
CA LEU A 161 -13.86 -6.62 -10.40
C LEU A 161 -15.11 -7.04 -9.61
N GLU A 162 -14.95 -7.81 -8.52
CA GLU A 162 -16.01 -8.07 -7.54
C GLU A 162 -16.42 -6.74 -6.91
N LEU A 163 -15.49 -6.07 -6.21
CA LEU A 163 -15.76 -4.81 -5.50
C LEU A 163 -16.27 -3.72 -6.44
N GLY A 164 -15.42 -3.13 -7.29
CA GLY A 164 -15.85 -2.30 -8.42
C GLY A 164 -15.83 -0.81 -8.11
N GLY A 165 -15.67 -0.42 -6.85
CA GLY A 165 -15.08 0.89 -6.55
C GLY A 165 -15.93 2.08 -7.00
N LEU A 166 -17.26 1.93 -7.07
CA LEU A 166 -18.23 2.96 -7.52
C LEU A 166 -18.15 3.23 -9.03
N GLY A 167 -17.36 2.43 -9.73
CA GLY A 167 -16.98 2.52 -11.11
C GLY A 167 -15.46 2.53 -11.24
N GLU A 168 -14.86 1.34 -11.34
CA GLU A 168 -13.44 1.02 -11.57
C GLU A 168 -12.43 1.93 -10.86
N ARG A 169 -12.45 1.94 -9.52
CA ARG A 169 -11.40 2.60 -8.73
C ARG A 169 -10.97 1.71 -7.57
N VAL A 170 -9.66 1.47 -7.51
CA VAL A 170 -8.89 0.89 -6.41
C VAL A 170 -7.51 1.58 -6.54
N LEU A 171 -6.67 1.57 -5.49
CA LEU A 171 -5.25 1.90 -5.57
C LEU A 171 -4.43 0.65 -5.26
N GLY A 172 -3.20 0.66 -5.79
CA GLY A 172 -2.34 -0.51 -5.91
C GLY A 172 -0.97 -0.42 -5.24
N PHE A 173 -0.78 0.57 -4.35
CA PHE A 173 0.40 0.86 -3.56
C PHE A 173 1.32 -0.35 -3.35
N CYS A 174 2.50 -0.18 -3.88
CA CYS A 174 3.48 -1.24 -4.08
C CYS A 174 4.87 -0.76 -3.66
N HIS A 175 5.79 -1.71 -3.52
CA HIS A 175 7.22 -1.51 -3.36
C HIS A 175 7.95 -2.58 -4.18
N LEU A 176 9.27 -2.44 -4.28
CA LEU A 176 10.19 -3.37 -4.93
C LEU A 176 11.52 -3.51 -4.17
N LEU A 177 11.56 -3.04 -2.92
CA LEU A 177 12.71 -2.98 -2.01
C LEU A 177 14.04 -2.84 -2.75
N LEU A 178 14.36 -1.59 -3.10
CA LEU A 178 15.49 -1.22 -3.95
C LEU A 178 16.76 -1.94 -3.47
N PRO A 179 17.47 -2.66 -4.35
CA PRO A 179 18.67 -3.39 -3.96
C PRO A 179 19.81 -2.47 -3.55
N ASP A 180 19.90 -2.19 -2.26
CA ASP A 180 20.89 -1.30 -1.64
C ASP A 180 22.33 -1.70 -2.01
N GLU A 181 22.56 -2.97 -2.31
CA GLU A 181 23.88 -3.51 -2.57
C GLU A 181 24.34 -3.16 -3.99
N GLN A 182 23.44 -3.24 -4.97
CA GLN A 182 23.66 -2.78 -6.33
C GLN A 182 23.73 -1.25 -6.34
N PHE A 183 22.86 -0.63 -5.56
CA PHE A 183 22.77 0.84 -5.54
C PHE A 183 23.98 1.50 -4.85
N PRO A 184 24.28 2.78 -5.12
CA PRO A 184 25.29 3.52 -4.38
C PRO A 184 24.83 3.77 -2.95
N GLU A 185 25.75 3.56 -2.01
CA GLU A 185 25.60 3.93 -0.61
C GLU A 185 25.42 5.45 -0.43
N GLY A 186 25.77 6.23 -1.46
CA GLY A 186 25.76 7.67 -1.46
C GLY A 186 24.37 8.24 -1.71
N PHE A 187 23.40 7.40 -2.10
CA PHE A 187 21.97 7.64 -2.08
C PHE A 187 21.45 8.91 -2.79
N GLN A 188 22.18 9.40 -3.78
CA GLN A 188 21.80 10.52 -4.63
C GLN A 188 20.96 9.99 -5.80
N PHE A 189 19.64 10.20 -5.76
CA PHE A 189 18.74 9.82 -6.85
C PHE A 189 17.99 11.02 -7.44
N ASP A 190 17.87 12.10 -6.68
CA ASP A 190 17.30 13.38 -7.14
C ASP A 190 15.90 13.16 -7.72
N THR A 191 15.38 14.07 -8.56
CA THR A 191 14.16 13.81 -9.32
C THR A 191 14.41 13.99 -10.83
N ASP A 192 15.67 14.19 -11.21
CA ASP A 192 16.09 14.57 -12.55
C ASP A 192 17.00 13.53 -13.15
N GLU A 193 17.62 12.68 -12.32
CA GLU A 193 18.60 11.68 -12.70
C GLU A 193 18.37 10.36 -11.96
N VAL A 194 17.10 10.06 -11.74
CA VAL A 194 16.52 8.94 -11.02
C VAL A 194 17.28 7.63 -11.28
N ASN A 195 17.42 7.26 -12.56
CA ASN A 195 18.23 6.14 -13.06
C ASN A 195 17.86 4.78 -12.43
N PHE A 196 16.71 4.74 -11.77
CA PHE A 196 16.18 3.61 -11.00
C PHE A 196 15.39 2.59 -11.86
N PRO A 197 15.01 1.41 -11.32
CA PRO A 197 14.01 0.57 -11.94
C PRO A 197 12.61 1.11 -11.71
N VAL A 198 11.70 0.76 -12.61
CA VAL A 198 10.33 1.20 -12.67
C VAL A 198 9.49 0.13 -13.34
N ASP A 199 9.77 -1.15 -13.05
CA ASP A 199 9.05 -2.23 -13.69
C ASP A 199 9.38 -3.59 -13.06
N ASN A 200 9.52 -3.60 -11.74
CA ASN A 200 10.06 -4.71 -10.96
C ASN A 200 9.05 -5.24 -9.94
N LEU A 201 7.88 -4.61 -9.91
CA LEU A 201 7.18 -4.36 -8.66
C LEU A 201 6.52 -5.60 -8.10
N CYS A 202 6.11 -5.49 -6.84
CA CYS A 202 5.28 -6.47 -6.16
C CYS A 202 3.89 -5.85 -5.95
N PHE A 203 2.86 -6.69 -5.92
CA PHE A 203 1.44 -6.30 -5.82
C PHE A 203 0.99 -5.87 -4.42
N VAL A 204 1.91 -5.89 -3.46
CA VAL A 204 1.77 -5.80 -2.01
C VAL A 204 0.44 -5.22 -1.50
N GLY A 205 0.14 -3.96 -1.78
CA GLY A 205 -1.00 -3.25 -1.23
C GLY A 205 -2.04 -3.07 -2.27
N LEU A 206 -2.94 -4.04 -2.27
CA LEU A 206 -4.12 -3.98 -3.09
C LEU A 206 -5.25 -4.14 -2.09
N ILE A 207 -5.51 -3.07 -1.35
CA ILE A 207 -6.52 -2.93 -0.31
C ILE A 207 -7.85 -2.78 -1.06
N SER A 208 -8.42 -1.56 -1.21
CA SER A 208 -9.58 -1.24 -2.07
C SER A 208 -10.24 0.08 -1.65
N MET A 209 -9.54 1.18 -1.77
CA MET A 209 -10.06 2.47 -1.38
C MET A 209 -11.40 2.77 -2.05
N ILE A 210 -12.30 3.38 -1.28
CA ILE A 210 -13.53 4.00 -1.77
C ILE A 210 -13.17 5.39 -2.30
N ASP A 211 -14.14 6.09 -2.88
CA ASP A 211 -14.04 7.51 -3.27
C ASP A 211 -15.45 8.06 -3.60
N PRO A 212 -16.37 8.14 -2.63
CA PRO A 212 -17.71 8.65 -2.86
C PRO A 212 -17.67 10.18 -3.03
N PRO A 213 -18.34 10.75 -4.05
CA PRO A 213 -18.38 12.19 -4.25
C PRO A 213 -19.29 12.85 -3.23
N GLN A 1 -22.37 8.11 -0.02
CA GLN A 1 -22.08 6.69 -0.26
C GLN A 1 -21.30 6.15 0.93
N ASN A 2 -21.93 5.28 1.71
CA ASN A 2 -21.34 4.24 2.57
C ASN A 2 -20.35 4.81 3.62
N PRO A 3 -19.65 4.01 4.45
CA PRO A 3 -18.52 4.52 5.21
C PRO A 3 -17.28 4.63 4.31
N MET A 4 -16.25 5.34 4.77
CA MET A 4 -14.92 5.23 4.18
C MET A 4 -14.12 4.21 4.99
N THR A 5 -13.64 3.14 4.37
CA THR A 5 -12.80 2.16 5.03
C THR A 5 -11.99 1.42 3.95
N VAL A 6 -11.22 0.41 4.35
CA VAL A 6 -10.65 -0.61 3.50
C VAL A 6 -11.77 -1.42 2.85
N ALA A 7 -12.81 -1.79 3.61
CA ALA A 7 -13.91 -2.67 3.25
C ALA A 7 -13.49 -4.09 2.88
N HIS A 8 -12.47 -4.29 2.03
CA HIS A 8 -12.06 -5.59 1.51
C HIS A 8 -10.57 -5.58 1.15
N MET A 9 -9.97 -6.74 0.88
CA MET A 9 -8.58 -6.81 0.42
C MET A 9 -8.28 -8.06 -0.41
N TRP A 10 -7.23 -8.00 -1.23
CA TRP A 10 -6.76 -9.11 -2.04
C TRP A 10 -5.24 -9.22 -1.90
N PHE A 11 -4.77 -10.44 -1.63
CA PHE A 11 -3.35 -10.68 -1.41
C PHE A 11 -3.04 -12.15 -1.59
N ASP A 12 -3.88 -13.01 -1.03
CA ASP A 12 -3.66 -14.45 -1.01
C ASP A 12 -3.94 -15.08 -2.37
N ASN A 13 -4.34 -14.28 -3.36
CA ASN A 13 -4.60 -14.59 -4.77
C ASN A 13 -6.10 -14.80 -4.99
N GLN A 14 -6.95 -14.60 -3.97
CA GLN A 14 -8.31 -15.11 -3.94
C GLN A 14 -9.20 -14.22 -3.05
N ILE A 15 -8.79 -12.95 -2.92
CA ILE A 15 -9.35 -11.98 -1.98
C ILE A 15 -8.98 -12.47 -0.57
N HIS A 16 -9.77 -12.20 0.46
CA HIS A 16 -9.65 -12.75 1.81
C HIS A 16 -11.00 -12.53 2.49
N GLU A 17 -11.33 -13.29 3.54
CA GLU A 17 -12.62 -13.18 4.23
C GLU A 17 -12.88 -11.76 4.77
N ALA A 18 -11.80 -11.10 5.21
CA ALA A 18 -11.75 -9.83 5.93
C ALA A 18 -12.61 -9.83 7.19
N ASP A 19 -13.91 -9.61 7.06
CA ASP A 19 -14.93 -9.70 8.10
C ASP A 19 -16.19 -10.11 7.35
N THR A 20 -16.80 -11.25 7.64
CA THR A 20 -17.83 -11.78 6.76
C THR A 20 -19.11 -10.96 6.90
N THR A 21 -19.94 -10.96 5.85
CA THR A 21 -21.28 -10.42 5.93
C THR A 21 -22.09 -11.29 6.91
N GLU A 22 -23.01 -10.71 7.68
CA GLU A 22 -24.09 -11.42 8.38
C GLU A 22 -23.62 -12.57 9.29
N ASN A 23 -22.43 -12.49 9.91
CA ASN A 23 -22.02 -13.44 10.96
C ASN A 23 -21.20 -12.70 12.03
N GLN A 24 -20.94 -13.39 13.14
CA GLN A 24 -20.13 -12.92 14.26
C GLN A 24 -19.59 -14.15 15.02
N SER A 25 -18.62 -13.95 15.92
CA SER A 25 -18.04 -14.84 16.94
C SER A 25 -16.52 -14.72 16.97
N GLY A 26 -16.02 -13.69 17.66
CA GLY A 26 -14.61 -13.45 17.85
C GLY A 26 -13.97 -12.94 16.57
N VAL A 27 -12.64 -12.75 16.62
CA VAL A 27 -11.82 -12.33 15.50
C VAL A 27 -10.43 -12.89 15.75
N SER A 28 -10.03 -13.88 14.97
CA SER A 28 -8.65 -14.33 14.97
C SER A 28 -7.76 -13.34 14.21
N PHE A 29 -6.49 -13.67 14.08
CA PHE A 29 -5.53 -13.07 13.17
C PHE A 29 -4.42 -14.10 13.07
N ASP A 30 -4.08 -14.55 11.87
CA ASP A 30 -3.16 -15.69 11.67
C ASP A 30 -1.85 -15.46 12.43
N LYS A 31 -1.27 -14.28 12.18
CA LYS A 31 0.08 -13.85 12.52
C LYS A 31 1.16 -14.84 12.08
N THR A 32 2.41 -14.38 12.08
CA THR A 32 3.48 -15.03 11.33
C THR A 32 2.99 -15.22 9.87
N SER A 33 2.37 -14.16 9.34
CA SER A 33 2.16 -13.99 7.91
C SER A 33 3.49 -13.53 7.29
N ALA A 34 3.56 -13.42 5.97
CA ALA A 34 4.66 -12.76 5.27
C ALA A 34 4.10 -11.63 4.43
N THR A 35 3.28 -11.94 3.43
CA THR A 35 2.77 -10.94 2.50
C THR A 35 1.99 -9.82 3.23
N TRP A 36 1.33 -10.10 4.37
CA TRP A 36 0.73 -9.07 5.21
C TRP A 36 1.78 -8.02 5.58
N PHE A 37 2.91 -8.41 6.18
CA PHE A 37 4.00 -7.49 6.54
C PHE A 37 4.40 -6.65 5.35
N ALA A 38 4.57 -7.29 4.20
CA ALA A 38 4.95 -6.66 2.97
C ALA A 38 3.93 -5.59 2.57
N LEU A 39 2.65 -5.90 2.53
CA LEU A 39 1.57 -5.00 2.15
C LEU A 39 1.47 -3.86 3.16
N SER A 40 1.62 -4.23 4.43
CA SER A 40 1.63 -3.30 5.55
C SER A 40 2.78 -2.30 5.40
N ARG A 41 3.89 -2.70 4.75
CA ARG A 41 5.01 -1.79 4.51
C ARG A 41 4.62 -0.71 3.53
N ILE A 42 3.73 -0.99 2.57
CA ILE A 42 3.31 -0.01 1.57
C ILE A 42 2.25 0.89 2.19
N ALA A 43 1.23 0.28 2.81
CA ALA A 43 -0.07 0.86 3.11
C ALA A 43 -0.04 2.16 3.94
N GLY A 44 1.07 2.45 4.62
CA GLY A 44 1.22 3.51 5.61
C GLY A 44 2.35 4.50 5.31
N LEU A 45 3.39 4.08 4.61
CA LEU A 45 4.43 4.98 4.07
C LEU A 45 3.90 5.66 2.83
N CYS A 46 3.27 4.89 1.93
CA CYS A 46 2.51 5.32 0.78
C CYS A 46 1.20 6.06 1.12
N ASN A 47 1.08 6.67 2.31
CA ASN A 47 -0.10 7.45 2.74
C ASN A 47 0.32 8.90 2.92
N ARG A 48 -0.46 9.83 2.36
CA ARG A 48 -0.25 11.28 2.53
C ARG A 48 -1.53 11.92 3.06
N ALA A 49 -2.03 11.39 4.18
CA ALA A 49 -3.05 12.00 4.99
C ALA A 49 -2.69 11.86 6.46
N VAL A 50 -3.36 12.61 7.32
CA VAL A 50 -3.27 12.52 8.77
C VAL A 50 -4.67 12.76 9.33
N PHE A 51 -4.89 12.34 10.57
CA PHE A 51 -6.13 12.53 11.29
C PHE A 51 -6.36 14.02 11.60
N GLN A 52 -7.60 14.37 11.96
CA GLN A 52 -7.96 15.54 12.76
C GLN A 52 -8.73 15.00 13.95
N ALA A 53 -8.30 15.32 15.18
CA ALA A 53 -8.84 14.83 16.46
C ALA A 53 -9.41 13.42 16.35
N ASN A 54 -10.74 13.31 16.31
CA ASN A 54 -11.64 12.17 16.54
C ASN A 54 -12.02 12.18 18.03
N GLN A 55 -12.84 11.22 18.46
CA GLN A 55 -13.20 10.98 19.82
C GLN A 55 -13.02 9.48 20.02
N GLU A 56 -12.24 9.06 21.02
CA GLU A 56 -11.85 7.65 21.27
C GLU A 56 -13.05 6.71 21.32
N ASN A 57 -14.13 7.18 21.94
CA ASN A 57 -15.40 6.48 22.09
C ASN A 57 -16.06 6.13 20.74
N LEU A 58 -15.86 6.97 19.73
CA LEU A 58 -16.42 6.83 18.40
C LEU A 58 -15.35 6.18 17.50
N PRO A 59 -15.63 5.89 16.22
CA PRO A 59 -14.61 5.33 15.33
C PRO A 59 -13.62 6.41 14.93
N ILE A 60 -12.35 6.04 14.81
CA ILE A 60 -11.26 6.89 14.33
C ILE A 60 -11.49 7.44 12.90
N LEU A 61 -12.54 6.99 12.21
CA LEU A 61 -12.96 7.57 10.93
C LEU A 61 -13.46 9.02 11.05
N LYS A 62 -14.37 9.24 12.00
CA LYS A 62 -15.46 10.23 12.15
C LYS A 62 -15.58 11.30 11.08
N ARG A 63 -15.63 10.81 9.85
CA ARG A 63 -15.66 11.50 8.57
C ARG A 63 -14.97 12.86 8.69
N ALA A 64 -13.70 12.80 9.09
CA ALA A 64 -12.78 13.90 9.18
C ALA A 64 -11.44 13.34 8.73
N VAL A 65 -10.48 14.21 8.41
CA VAL A 65 -9.08 13.96 8.08
C VAL A 65 -8.51 15.22 7.44
N ALA A 66 -7.18 15.32 7.44
CA ALA A 66 -6.41 16.40 6.86
C ALA A 66 -5.50 15.75 5.84
N GLY A 67 -5.85 15.87 4.56
CA GLY A 67 -5.25 15.12 3.47
C GLY A 67 -6.36 14.63 2.56
N ASP A 68 -5.99 13.83 1.58
CA ASP A 68 -6.90 13.20 0.62
C ASP A 68 -7.80 12.19 1.34
N ALA A 69 -8.66 11.50 0.61
CA ALA A 69 -9.60 10.51 1.14
C ALA A 69 -9.02 9.09 1.04
N SER A 70 -8.62 8.64 -0.15
CA SER A 70 -8.26 7.25 -0.45
C SER A 70 -7.18 6.71 0.48
N GLU A 71 -5.97 7.25 0.41
CA GLU A 71 -4.78 6.80 1.14
C GLU A 71 -5.07 6.71 2.64
N SER A 72 -5.86 7.66 3.15
CA SER A 72 -6.23 7.78 4.54
C SER A 72 -7.02 6.57 5.02
N ALA A 73 -7.78 5.89 4.16
CA ALA A 73 -8.57 4.72 4.54
C ALA A 73 -7.73 3.73 5.32
N LEU A 74 -6.53 3.47 4.79
CA LEU A 74 -5.54 2.61 5.39
C LEU A 74 -5.08 3.16 6.72
N LEU A 75 -4.74 4.45 6.80
CA LEU A 75 -4.22 5.08 8.01
C LEU A 75 -5.24 4.89 9.15
N LYS A 76 -6.54 5.00 8.84
CA LYS A 76 -7.57 4.79 9.85
C LYS A 76 -7.56 3.31 10.25
N CYS A 77 -7.68 2.42 9.26
CA CYS A 77 -7.90 0.97 9.42
C CYS A 77 -6.65 0.19 9.85
N ILE A 78 -5.60 0.83 10.35
CA ILE A 78 -4.32 0.20 10.66
C ILE A 78 -3.84 0.65 12.04
N GLU A 79 -4.00 1.93 12.34
CA GLU A 79 -3.44 2.58 13.53
C GLU A 79 -4.14 2.00 14.76
N VAL A 80 -5.47 2.02 14.76
CA VAL A 80 -6.31 1.51 15.84
C VAL A 80 -6.40 -0.03 15.85
N CYS A 81 -5.92 -0.71 14.80
CA CYS A 81 -5.85 -2.17 14.76
C CYS A 81 -4.88 -2.62 15.85
N CYS A 82 -3.62 -2.19 15.74
CA CYS A 82 -2.62 -2.27 16.79
C CYS A 82 -1.36 -1.49 16.37
N GLY A 83 -0.96 -1.65 15.11
CA GLY A 83 0.33 -1.21 14.61
C GLY A 83 0.28 0.17 13.98
N SER A 84 0.83 1.12 14.72
CA SER A 84 0.97 2.53 14.38
C SER A 84 1.51 2.77 12.98
N VAL A 85 1.01 3.81 12.31
CA VAL A 85 1.50 4.25 11.00
C VAL A 85 1.98 5.70 11.00
N MET A 86 1.57 6.54 11.95
CA MET A 86 2.02 7.93 11.95
C MET A 86 3.52 8.04 12.31
N GLU A 87 4.11 6.99 12.87
CA GLU A 87 5.55 6.90 13.09
C GLU A 87 6.29 6.84 11.77
N MET A 88 5.67 6.21 10.78
CA MET A 88 6.36 5.70 9.61
C MET A 88 6.92 6.80 8.72
N ARG A 89 6.23 7.93 8.62
CA ARG A 89 6.75 9.11 7.93
C ARG A 89 8.10 9.58 8.51
N GLU A 90 8.37 9.31 9.79
CA GLU A 90 9.53 9.78 10.55
C GLU A 90 10.59 8.68 10.72
N LYS A 91 10.17 7.43 10.89
CA LYS A 91 11.02 6.25 11.02
C LYS A 91 11.99 6.26 9.85
N TYR A 92 11.44 6.17 8.65
CA TYR A 92 12.21 6.22 7.43
C TYR A 92 12.48 7.70 7.14
N THR A 93 13.65 7.92 6.57
CA THR A 93 14.27 9.20 6.31
C THR A 93 13.49 9.94 5.22
N LYS A 94 12.79 9.20 4.35
CA LYS A 94 12.06 9.80 3.24
C LYS A 94 13.03 10.51 2.30
N ILE A 95 13.92 9.69 1.70
CA ILE A 95 14.98 10.08 0.78
C ILE A 95 14.45 11.17 -0.14
N VAL A 96 13.39 10.89 -0.90
CA VAL A 96 12.87 11.75 -1.94
C VAL A 96 11.41 11.39 -2.12
N GLU A 97 10.65 12.32 -2.68
CA GLU A 97 9.22 12.24 -2.77
C GLU A 97 8.79 13.01 -4.01
N ILE A 98 8.61 12.29 -5.10
CA ILE A 98 8.22 12.84 -6.39
C ILE A 98 6.69 12.98 -6.35
N PRO A 99 6.13 14.10 -6.86
CA PRO A 99 4.68 14.33 -6.95
C PRO A 99 4.06 13.46 -8.06
N PHE A 100 2.86 13.82 -8.52
CA PHE A 100 2.18 13.38 -9.74
C PHE A 100 2.99 13.56 -11.05
N ASN A 101 4.26 13.96 -10.96
CA ASN A 101 5.13 14.41 -12.05
C ASN A 101 4.51 15.59 -12.81
N SER A 102 5.15 16.09 -13.87
CA SER A 102 4.75 17.27 -14.61
C SER A 102 3.30 17.28 -15.08
N THR A 103 2.71 16.10 -15.35
CA THR A 103 1.33 15.97 -15.81
C THR A 103 0.56 15.10 -14.82
N ASN A 104 0.68 13.76 -14.88
CA ASN A 104 -0.02 12.84 -14.00
C ASN A 104 0.69 11.49 -13.86
N LYS A 105 1.31 10.99 -14.94
CA LYS A 105 1.98 9.69 -15.12
C LYS A 105 1.76 8.72 -13.95
N TYR A 106 2.64 8.76 -12.96
CA TYR A 106 2.51 8.12 -11.65
C TYR A 106 3.18 9.03 -10.62
N GLN A 107 3.02 8.68 -9.36
CA GLN A 107 3.68 9.26 -8.20
C GLN A 107 4.36 8.12 -7.46
N LEU A 108 5.42 8.45 -6.69
CA LEU A 108 6.17 7.49 -5.91
C LEU A 108 6.79 8.15 -4.67
N SER A 109 7.59 7.42 -3.86
CA SER A 109 8.39 7.95 -2.76
C SER A 109 9.51 6.92 -2.53
N ILE A 110 10.68 7.35 -2.02
CA ILE A 110 11.80 6.47 -1.66
C ILE A 110 12.17 6.74 -0.19
N HIS A 111 12.52 5.68 0.52
CA HIS A 111 12.70 5.63 1.96
C HIS A 111 13.85 4.66 2.25
N LYS A 112 14.73 4.94 3.21
CA LYS A 112 15.66 3.94 3.76
C LYS A 112 15.02 3.39 5.03
N ASN A 113 15.17 2.09 5.28
CA ASN A 113 14.75 1.44 6.52
C ASN A 113 15.84 1.75 7.55
N PRO A 114 15.50 2.37 8.69
CA PRO A 114 16.46 2.62 9.77
C PRO A 114 16.82 1.35 10.54
N ASN A 115 16.05 0.27 10.39
CA ASN A 115 16.16 -0.95 11.16
C ASN A 115 16.75 -2.03 10.24
N ALA A 116 16.26 -3.27 10.35
CA ALA A 116 16.64 -4.43 9.57
C ALA A 116 15.36 -5.16 9.17
N SER A 117 15.48 -6.45 8.84
CA SER A 117 14.45 -7.36 8.34
C SER A 117 14.17 -7.11 6.86
N GLU A 118 13.82 -5.88 6.47
CA GLU A 118 13.96 -5.40 5.11
C GLU A 118 15.35 -4.75 4.97
N PRO A 119 15.91 -4.69 3.75
CA PRO A 119 17.10 -3.89 3.44
C PRO A 119 16.80 -2.39 3.57
N LYS A 120 17.81 -1.54 3.30
CA LYS A 120 17.74 -0.11 3.51
C LYS A 120 16.76 0.56 2.54
N HIS A 121 17.21 1.03 1.38
CA HIS A 121 16.43 1.82 0.46
C HIS A 121 15.29 0.99 -0.13
N LEU A 122 14.14 1.61 -0.33
CA LEU A 122 12.93 1.02 -0.87
C LEU A 122 12.10 2.14 -1.46
N LEU A 123 11.23 1.77 -2.38
CA LEU A 123 10.39 2.65 -3.17
C LEU A 123 8.97 2.14 -3.11
N VAL A 124 8.00 3.02 -2.93
CA VAL A 124 6.57 2.70 -2.98
C VAL A 124 5.87 3.61 -3.99
N MET A 125 5.32 2.97 -5.02
CA MET A 125 4.62 3.60 -6.12
C MET A 125 3.14 3.74 -5.74
N LYS A 126 2.43 4.60 -6.46
CA LYS A 126 0.98 4.67 -6.42
C LYS A 126 0.46 5.04 -7.80
N GLY A 127 -0.84 5.27 -7.91
CA GLY A 127 -1.58 5.29 -9.16
C GLY A 127 -2.67 4.24 -9.12
N ALA A 128 -3.40 4.11 -10.23
CA ALA A 128 -4.41 3.08 -10.40
C ALA A 128 -3.73 1.70 -10.43
N PRO A 129 -4.42 0.61 -10.05
CA PRO A 129 -3.87 -0.73 -10.05
C PRO A 129 -3.59 -1.26 -11.46
N GLU A 130 -3.87 -0.52 -12.54
CA GLU A 130 -3.32 -0.88 -13.84
C GLU A 130 -1.85 -0.52 -13.87
N ARG A 131 -1.45 0.72 -13.58
CA ARG A 131 -0.03 1.06 -13.74
C ARG A 131 0.89 0.41 -12.75
N ILE A 132 0.40 0.03 -11.59
CA ILE A 132 1.15 -0.86 -10.70
C ILE A 132 1.35 -2.22 -11.40
N LEU A 133 0.29 -2.80 -11.97
CA LEU A 133 0.34 -4.10 -12.64
C LEU A 133 1.11 -4.06 -13.96
N ASP A 134 1.23 -2.90 -14.59
CA ASP A 134 1.91 -2.71 -15.86
C ASP A 134 3.37 -3.13 -15.74
N ARG A 135 4.00 -2.64 -14.68
CA ARG A 135 5.43 -2.55 -14.48
C ARG A 135 5.92 -3.48 -13.37
N CYS A 136 5.04 -4.33 -12.82
CA CYS A 136 5.47 -5.36 -11.90
C CYS A 136 6.03 -6.54 -12.71
N SER A 137 7.04 -7.20 -12.15
CA SER A 137 7.78 -8.29 -12.75
C SER A 137 7.61 -9.63 -12.00
N SER A 138 7.05 -9.60 -10.78
CA SER A 138 6.70 -10.78 -9.99
C SER A 138 5.55 -10.40 -9.06
N ILE A 139 5.02 -11.37 -8.31
CA ILE A 139 4.02 -11.21 -7.27
C ILE A 139 4.63 -11.76 -5.98
N LEU A 140 3.92 -11.70 -4.84
CA LEU A 140 4.34 -12.15 -3.52
C LEU A 140 3.23 -12.97 -2.86
N LEU A 141 3.51 -14.25 -2.63
CA LEU A 141 2.64 -15.24 -2.00
C LEU A 141 3.51 -16.06 -1.05
N HIS A 142 3.01 -16.42 0.13
CA HIS A 142 3.74 -17.17 1.16
C HIS A 142 5.06 -16.50 1.60
N GLY A 143 5.29 -15.21 1.31
CA GLY A 143 6.62 -14.65 1.52
C GLY A 143 7.65 -15.27 0.56
N LYS A 144 7.24 -15.63 -0.66
CA LYS A 144 8.01 -16.20 -1.73
C LYS A 144 7.56 -15.45 -2.97
N GLU A 145 8.45 -15.31 -3.91
CA GLU A 145 8.17 -14.62 -5.16
C GLU A 145 7.87 -15.69 -6.23
N GLN A 146 6.74 -15.50 -6.94
CA GLN A 146 6.22 -16.32 -8.04
C GLN A 146 6.36 -15.49 -9.31
N PRO A 147 6.67 -16.14 -10.44
CA PRO A 147 6.71 -15.51 -11.74
C PRO A 147 5.29 -15.13 -12.13
N LEU A 148 5.04 -13.83 -12.25
CA LEU A 148 3.76 -13.28 -12.63
C LEU A 148 3.37 -13.85 -14.00
N ASP A 149 2.08 -14.12 -14.24
CA ASP A 149 1.58 -14.64 -15.51
C ASP A 149 0.24 -13.96 -15.75
N GLU A 150 -0.34 -14.22 -16.92
CA GLU A 150 -1.73 -13.93 -17.25
C GLU A 150 -2.69 -14.45 -16.17
N GLU A 151 -2.39 -15.58 -15.53
CA GLU A 151 -3.20 -16.19 -14.47
C GLU A 151 -3.15 -15.31 -13.23
N LEU A 152 -1.98 -14.74 -12.95
CA LEU A 152 -1.78 -13.93 -11.77
C LEU A 152 -2.27 -12.51 -11.96
N LYS A 153 -2.22 -11.99 -13.19
CA LYS A 153 -3.05 -10.87 -13.58
C LYS A 153 -4.52 -11.18 -13.29
N ASP A 154 -4.98 -12.37 -13.69
CA ASP A 154 -6.42 -12.69 -13.70
C ASP A 154 -6.95 -12.74 -12.28
N ALA A 155 -6.17 -13.36 -11.39
CA ALA A 155 -6.48 -13.53 -9.99
C ALA A 155 -6.76 -12.19 -9.29
N PHE A 156 -5.98 -11.17 -9.63
CA PHE A 156 -6.15 -9.79 -9.20
C PHE A 156 -7.34 -9.18 -9.94
N GLN A 157 -7.49 -9.42 -11.24
CA GLN A 157 -8.47 -8.72 -12.05
C GLN A 157 -9.83 -8.91 -11.43
N ASN A 158 -10.37 -10.12 -11.45
CA ASN A 158 -11.73 -10.41 -10.98
C ASN A 158 -12.00 -9.80 -9.61
N ALA A 159 -10.99 -9.87 -8.73
CA ALA A 159 -10.93 -9.20 -7.46
C ALA A 159 -11.14 -7.70 -7.64
N TYR A 160 -10.25 -6.96 -8.30
CA TYR A 160 -10.39 -5.54 -8.64
C TYR A 160 -11.76 -5.19 -9.26
N LEU A 161 -12.29 -6.06 -10.12
CA LEU A 161 -13.57 -5.86 -10.80
C LEU A 161 -14.70 -5.93 -9.78
N GLU A 162 -14.63 -6.84 -8.80
CA GLU A 162 -15.59 -6.98 -7.72
C GLU A 162 -15.40 -5.87 -6.67
N LEU A 163 -14.17 -5.69 -6.19
CA LEU A 163 -13.71 -4.88 -5.06
C LEU A 163 -14.21 -3.43 -5.12
N GLY A 164 -14.55 -2.93 -6.30
CA GLY A 164 -15.09 -1.60 -6.46
C GLY A 164 -14.92 -1.07 -7.88
N GLY A 165 -13.99 -1.61 -8.68
CA GLY A 165 -13.64 -1.10 -9.98
C GLY A 165 -13.14 0.32 -9.79
N LEU A 166 -14.02 1.26 -10.08
CA LEU A 166 -13.63 2.60 -10.52
C LEU A 166 -14.51 3.64 -9.86
N GLY A 167 -15.78 3.34 -9.60
CA GLY A 167 -16.68 4.24 -8.89
C GLY A 167 -16.14 4.60 -7.51
N GLU A 168 -15.54 3.63 -6.82
CA GLU A 168 -14.98 3.80 -5.49
C GLU A 168 -13.45 4.04 -5.54
N ARG A 169 -12.87 3.82 -6.72
CA ARG A 169 -11.46 3.48 -6.99
C ARG A 169 -10.95 2.28 -6.21
N VAL A 170 -9.71 1.90 -6.52
CA VAL A 170 -8.85 0.93 -5.86
C VAL A 170 -7.43 1.52 -6.04
N LEU A 171 -6.51 1.35 -5.09
CA LEU A 171 -5.09 1.66 -5.24
C LEU A 171 -4.30 0.39 -5.62
N GLY A 172 -3.06 0.59 -6.07
CA GLY A 172 -2.20 -0.49 -6.55
C GLY A 172 -1.29 -1.04 -5.46
N PHE A 173 -0.35 -0.25 -4.94
CA PHE A 173 0.69 -0.59 -3.98
C PHE A 173 1.71 -1.63 -4.48
N CYS A 174 3.00 -1.27 -4.49
CA CYS A 174 4.11 -2.19 -4.76
C CYS A 174 5.38 -1.70 -4.04
N HIS A 175 6.36 -2.59 -3.86
CA HIS A 175 7.77 -2.32 -3.55
C HIS A 175 8.66 -3.10 -4.51
N LEU A 176 9.96 -2.84 -4.49
CA LEU A 176 10.98 -3.57 -5.27
C LEU A 176 12.30 -3.77 -4.50
N LEU A 177 12.32 -3.39 -3.21
CA LEU A 177 13.47 -3.30 -2.31
C LEU A 177 14.79 -3.02 -3.03
N LEU A 178 15.09 -1.72 -3.18
CA LEU A 178 16.22 -1.23 -3.97
C LEU A 178 17.51 -1.86 -3.42
N PRO A 179 18.28 -2.61 -4.23
CA PRO A 179 19.47 -3.32 -3.75
C PRO A 179 20.58 -2.35 -3.41
N ASP A 180 20.84 -2.14 -2.13
CA ASP A 180 22.01 -1.40 -1.61
C ASP A 180 23.34 -1.99 -2.12
N GLU A 181 23.30 -3.25 -2.54
CA GLU A 181 24.36 -4.01 -3.17
C GLU A 181 24.82 -3.38 -4.48
N GLN A 182 23.86 -2.83 -5.23
CA GLN A 182 24.07 -2.25 -6.54
C GLN A 182 23.93 -0.73 -6.45
N PHE A 183 23.12 -0.23 -5.52
CA PHE A 183 22.91 1.20 -5.29
C PHE A 183 24.03 1.78 -4.41
N PRO A 184 24.22 3.11 -4.37
CA PRO A 184 25.24 3.73 -3.54
C PRO A 184 24.76 3.95 -2.11
N GLU A 185 25.73 3.84 -1.19
CA GLU A 185 25.57 4.13 0.23
C GLU A 185 25.21 5.59 0.53
N GLY A 186 25.42 6.50 -0.43
CA GLY A 186 25.13 7.93 -0.28
C GLY A 186 23.72 8.28 -0.74
N PHE A 187 23.04 7.36 -1.45
CA PHE A 187 21.66 7.41 -1.90
C PHE A 187 21.17 8.76 -2.45
N GLN A 188 22.06 9.54 -3.06
CA GLN A 188 21.79 10.89 -3.52
C GLN A 188 21.07 10.87 -4.89
N PHE A 189 19.90 10.24 -4.95
CA PHE A 189 19.12 10.14 -6.20
C PHE A 189 18.55 11.49 -6.57
N ASP A 190 17.98 12.15 -5.55
CA ASP A 190 17.33 13.46 -5.67
C ASP A 190 16.07 13.36 -6.57
N THR A 191 15.36 14.46 -6.81
CA THR A 191 14.21 14.46 -7.71
C THR A 191 14.54 15.06 -9.08
N ASP A 192 15.79 15.48 -9.31
CA ASP A 192 16.24 16.05 -10.56
C ASP A 192 17.04 15.01 -11.35
N GLU A 193 17.74 14.11 -10.64
CA GLU A 193 18.73 13.25 -11.24
C GLU A 193 18.56 11.77 -10.85
N VAL A 194 17.32 11.40 -10.55
CA VAL A 194 16.87 10.18 -9.90
C VAL A 194 17.67 8.94 -10.31
N ASN A 195 17.74 8.63 -11.61
CA ASN A 195 18.52 7.52 -12.21
C ASN A 195 17.98 6.12 -11.83
N PHE A 196 16.86 6.08 -11.14
CA PHE A 196 16.25 4.88 -10.57
C PHE A 196 15.47 4.03 -11.61
N PRO A 197 15.16 2.75 -11.31
CA PRO A 197 14.24 1.95 -12.10
C PRO A 197 12.79 2.24 -11.71
N VAL A 198 11.85 1.83 -12.57
CA VAL A 198 10.43 1.90 -12.27
C VAL A 198 9.65 0.79 -12.96
N ASP A 199 10.23 -0.41 -13.05
CA ASP A 199 9.62 -1.47 -13.90
C ASP A 199 10.18 -2.86 -13.57
N ASN A 200 10.37 -3.08 -12.28
CA ASN A 200 10.95 -4.27 -11.67
C ASN A 200 9.99 -4.94 -10.69
N LEU A 201 8.81 -4.33 -10.51
CA LEU A 201 8.27 -4.22 -9.16
C LEU A 201 7.59 -5.51 -8.74
N CYS A 202 7.40 -5.67 -7.44
CA CYS A 202 6.65 -6.78 -6.90
C CYS A 202 5.21 -6.30 -6.71
N PHE A 203 4.26 -7.04 -7.26
CA PHE A 203 2.82 -6.76 -7.33
C PHE A 203 2.12 -6.65 -5.96
N VAL A 204 2.83 -6.79 -4.84
CA VAL A 204 2.48 -7.39 -3.55
C VAL A 204 0.98 -7.57 -3.28
N GLY A 205 0.13 -6.53 -3.27
CA GLY A 205 -1.32 -6.71 -3.23
C GLY A 205 -1.98 -5.40 -2.88
N LEU A 206 -3.29 -5.44 -2.64
CA LEU A 206 -4.11 -4.24 -2.49
C LEU A 206 -5.29 -4.52 -1.59
N ILE A 207 -5.99 -3.45 -1.24
CA ILE A 207 -7.09 -3.49 -0.28
C ILE A 207 -8.35 -3.20 -1.11
N SER A 208 -8.92 -1.99 -1.06
CA SER A 208 -9.90 -1.38 -1.97
C SER A 208 -10.61 -0.26 -1.21
N MET A 209 -9.89 0.82 -0.95
CA MET A 209 -10.46 2.00 -0.28
C MET A 209 -11.45 2.74 -1.18
N ILE A 210 -12.28 3.54 -0.52
CA ILE A 210 -13.28 4.41 -1.12
C ILE A 210 -12.78 5.86 -1.13
N ASP A 211 -13.54 6.75 -1.77
CA ASP A 211 -13.27 8.19 -1.86
C ASP A 211 -14.49 9.11 -2.13
N PRO A 212 -15.65 8.90 -1.49
CA PRO A 212 -16.88 9.64 -1.79
C PRO A 212 -16.72 11.15 -1.50
N PRO A 213 -17.21 12.05 -2.36
CA PRO A 213 -17.15 13.49 -2.14
C PRO A 213 -18.21 13.92 -1.13
N GLN A 1 -23.63 11.76 -0.49
CA GLN A 1 -22.28 11.33 -0.10
C GLN A 1 -22.40 10.23 0.94
N ASN A 2 -21.38 9.38 1.08
CA ASN A 2 -21.26 8.42 2.19
C ASN A 2 -19.79 8.42 2.65
N PRO A 3 -19.46 7.75 3.78
CA PRO A 3 -18.09 7.70 4.26
C PRO A 3 -17.25 6.71 3.45
N MET A 4 -15.92 6.82 3.55
CA MET A 4 -14.98 5.98 2.82
C MET A 4 -13.87 5.45 3.72
N THR A 5 -13.30 4.32 3.29
CA THR A 5 -12.60 3.37 4.14
C THR A 5 -11.94 2.36 3.20
N VAL A 6 -11.35 1.30 3.74
CA VAL A 6 -10.75 0.24 2.94
C VAL A 6 -11.77 -0.41 1.99
N ALA A 7 -13.01 -0.62 2.46
CA ALA A 7 -14.04 -1.44 1.84
C ALA A 7 -13.67 -2.93 1.88
N HIS A 8 -12.63 -3.35 1.18
CA HIS A 8 -12.23 -4.75 1.01
C HIS A 8 -10.72 -4.77 0.75
N MET A 9 -10.13 -5.96 0.64
CA MET A 9 -8.77 -6.11 0.15
C MET A 9 -8.66 -7.45 -0.57
N TRP A 10 -7.76 -7.49 -1.54
CA TRP A 10 -7.15 -8.70 -2.07
C TRP A 10 -5.78 -8.84 -1.41
N PHE A 11 -4.91 -9.68 -1.95
CA PHE A 11 -3.45 -9.82 -1.73
C PHE A 11 -3.17 -11.30 -1.79
N ASP A 12 -3.89 -12.08 -0.99
CA ASP A 12 -3.79 -13.54 -0.92
C ASP A 12 -4.12 -14.27 -2.25
N ASN A 13 -4.42 -13.56 -3.34
CA ASN A 13 -4.67 -14.05 -4.70
C ASN A 13 -6.15 -14.41 -4.88
N GLN A 14 -7.00 -14.07 -3.90
CA GLN A 14 -8.31 -14.71 -3.76
C GLN A 14 -9.30 -13.86 -2.97
N ILE A 15 -9.02 -12.57 -2.79
CA ILE A 15 -9.75 -11.66 -1.90
C ILE A 15 -9.56 -12.16 -0.45
N HIS A 16 -10.18 -11.50 0.53
CA HIS A 16 -10.00 -11.77 1.96
C HIS A 16 -11.26 -11.32 2.70
N GLU A 17 -11.45 -11.77 3.95
CA GLU A 17 -12.46 -11.24 4.84
C GLU A 17 -12.06 -9.83 5.30
N ALA A 18 -13.06 -8.99 5.63
CA ALA A 18 -12.87 -7.66 6.16
C ALA A 18 -13.74 -7.42 7.41
N ASP A 19 -14.92 -8.02 7.49
CA ASP A 19 -15.77 -8.02 8.69
C ASP A 19 -16.60 -9.31 8.66
N THR A 20 -17.30 -9.51 7.55
CA THR A 20 -17.91 -10.73 7.03
C THR A 20 -18.96 -11.41 7.90
N THR A 21 -19.21 -10.95 9.13
CA THR A 21 -20.28 -11.24 10.08
C THR A 21 -21.22 -12.38 9.63
N GLU A 22 -20.79 -13.63 9.79
CA GLU A 22 -21.67 -14.78 9.69
C GLU A 22 -22.42 -14.86 11.03
N ASN A 23 -21.70 -15.29 12.06
CA ASN A 23 -22.11 -15.35 13.45
C ASN A 23 -20.90 -15.52 14.36
N GLN A 24 -19.97 -16.41 14.00
CA GLN A 24 -18.85 -16.82 14.84
C GLN A 24 -17.52 -16.38 14.25
N SER A 25 -16.48 -16.32 15.07
CA SER A 25 -15.16 -15.78 14.76
C SER A 25 -14.17 -16.38 15.76
N GLY A 26 -12.88 -16.02 15.71
CA GLY A 26 -11.92 -16.40 16.74
C GLY A 26 -10.53 -15.88 16.41
N VAL A 27 -9.49 -16.51 16.96
CA VAL A 27 -8.11 -16.32 16.51
C VAL A 27 -8.03 -16.79 15.05
N SER A 28 -7.62 -15.92 14.13
CA SER A 28 -7.51 -16.26 12.72
C SER A 28 -6.59 -15.29 11.95
N PHE A 29 -5.97 -14.31 12.61
CA PHE A 29 -5.24 -13.22 11.98
C PHE A 29 -4.20 -12.74 12.99
N ASP A 30 -2.99 -13.31 12.95
CA ASP A 30 -1.92 -12.99 13.90
C ASP A 30 -1.43 -11.57 13.66
N LYS A 31 -0.69 -10.99 14.62
CA LYS A 31 0.09 -9.77 14.42
C LYS A 31 1.42 -10.10 13.71
N THR A 32 1.39 -11.10 12.83
CA THR A 32 2.52 -11.75 12.18
C THR A 32 2.16 -11.78 10.67
N SER A 33 2.64 -12.76 9.87
CA SER A 33 2.49 -12.95 8.42
C SER A 33 3.50 -12.15 7.60
N ALA A 34 4.37 -12.88 6.88
CA ALA A 34 5.32 -12.35 5.92
C ALA A 34 4.65 -11.50 4.84
N THR A 35 3.59 -12.03 4.22
CA THR A 35 2.80 -11.34 3.21
C THR A 35 2.40 -9.97 3.78
N TRP A 36 1.74 -9.97 4.94
CA TRP A 36 1.22 -8.78 5.61
C TRP A 36 2.30 -7.75 5.92
N PHE A 37 3.52 -8.14 6.33
CA PHE A 37 4.59 -7.19 6.62
C PHE A 37 4.96 -6.37 5.39
N ALA A 38 5.07 -7.03 4.23
CA ALA A 38 5.47 -6.39 2.99
C ALA A 38 4.53 -5.23 2.66
N LEU A 39 3.23 -5.50 2.76
CA LEU A 39 2.15 -4.56 2.53
C LEU A 39 2.15 -3.49 3.60
N SER A 40 2.50 -3.85 4.83
CA SER A 40 2.56 -2.92 5.93
C SER A 40 3.48 -1.74 5.60
N ARG A 41 4.60 -2.01 4.93
CA ARG A 41 5.55 -0.98 4.55
C ARG A 41 4.97 -0.02 3.52
N ILE A 42 3.99 -0.46 2.72
CA ILE A 42 3.41 0.36 1.66
C ILE A 42 2.23 1.12 2.24
N ALA A 43 1.31 0.40 2.91
CA ALA A 43 0.06 0.94 3.40
C ALA A 43 0.27 2.06 4.44
N GLY A 44 1.42 2.13 5.10
CA GLY A 44 1.70 3.11 6.16
C GLY A 44 2.41 4.38 5.68
N LEU A 45 3.62 4.24 5.11
CA LEU A 45 4.45 5.37 4.69
C LEU A 45 3.75 6.22 3.62
N CYS A 46 3.41 5.63 2.48
CA CYS A 46 2.68 6.20 1.36
C CYS A 46 1.24 6.48 1.77
N ASN A 47 1.02 7.47 2.63
CA ASN A 47 -0.34 7.79 3.05
C ASN A 47 -0.37 9.22 3.61
N ARG A 48 -1.12 10.12 2.97
CA ARG A 48 -1.04 11.58 3.12
C ARG A 48 -2.18 12.16 3.98
N ALA A 49 -2.55 11.46 5.05
CA ALA A 49 -3.53 11.90 6.01
C ALA A 49 -3.18 11.39 7.41
N VAL A 50 -3.80 11.96 8.43
CA VAL A 50 -3.73 11.60 9.83
C VAL A 50 -5.12 11.76 10.46
N PHE A 51 -5.26 11.54 11.75
CA PHE A 51 -6.53 11.59 12.45
C PHE A 51 -6.83 12.99 12.99
N GLN A 52 -8.02 13.12 13.58
CA GLN A 52 -8.49 14.27 14.35
C GLN A 52 -8.87 13.93 15.79
N ALA A 53 -8.95 12.63 16.14
CA ALA A 53 -9.07 12.09 17.48
C ALA A 53 -9.98 12.92 18.41
N ASN A 54 -11.28 12.91 18.16
CA ASN A 54 -12.31 13.53 19.00
C ASN A 54 -13.40 12.47 19.22
N GLN A 55 -13.26 11.62 20.24
CA GLN A 55 -14.28 10.68 20.68
C GLN A 55 -14.06 10.37 22.17
N GLU A 56 -14.91 9.51 22.76
CA GLU A 56 -14.67 8.93 24.08
C GLU A 56 -14.59 7.42 24.05
N ASN A 57 -15.65 6.79 23.54
CA ASN A 57 -15.83 5.35 23.46
C ASN A 57 -16.37 4.99 22.06
N LEU A 58 -16.25 5.93 21.12
CA LEU A 58 -16.76 5.84 19.75
C LEU A 58 -15.67 5.19 18.86
N PRO A 59 -15.92 4.96 17.56
CA PRO A 59 -14.90 4.40 16.67
C PRO A 59 -13.86 5.44 16.28
N ILE A 60 -12.73 4.99 15.76
CA ILE A 60 -11.62 5.82 15.29
C ILE A 60 -12.01 6.68 14.08
N LEU A 61 -12.95 6.17 13.26
CA LEU A 61 -13.31 6.73 11.97
C LEU A 61 -13.96 8.10 12.15
N LYS A 62 -15.13 8.13 12.79
CA LYS A 62 -16.02 9.28 13.07
C LYS A 62 -16.11 10.37 12.00
N ARG A 63 -15.88 9.99 10.74
CA ARG A 63 -15.73 10.88 9.58
C ARG A 63 -14.81 12.07 9.90
N ALA A 64 -13.81 11.86 10.75
CA ALA A 64 -13.02 12.88 11.40
C ALA A 64 -11.57 12.52 11.20
N VAL A 65 -10.98 13.07 10.14
CA VAL A 65 -9.60 12.87 9.76
C VAL A 65 -9.08 14.22 9.25
N ALA A 66 -7.77 14.31 9.10
CA ALA A 66 -7.05 15.47 8.62
C ALA A 66 -6.14 15.03 7.47
N GLY A 67 -5.64 15.97 6.66
CA GLY A 67 -5.11 15.64 5.35
C GLY A 67 -6.22 15.13 4.43
N ASP A 68 -5.86 14.37 3.40
CA ASP A 68 -6.68 14.15 2.20
C ASP A 68 -7.98 13.35 2.39
N ALA A 69 -8.16 12.68 3.53
CA ALA A 69 -9.19 11.65 3.80
C ALA A 69 -9.12 10.40 2.93
N SER A 70 -8.88 10.52 1.61
CA SER A 70 -8.78 9.42 0.67
C SER A 70 -7.74 8.41 1.14
N GLU A 71 -6.50 8.85 1.22
CA GLU A 71 -5.33 8.13 1.68
C GLU A 71 -5.64 7.50 3.05
N SER A 72 -6.22 8.32 3.91
CA SER A 72 -6.58 7.97 5.27
C SER A 72 -7.40 6.70 5.36
N ALA A 73 -8.15 6.30 4.33
CA ALA A 73 -8.88 5.05 4.28
C ALA A 73 -8.09 3.90 4.92
N LEU A 74 -6.84 3.73 4.47
CA LEU A 74 -5.94 2.69 4.95
C LEU A 74 -5.56 2.91 6.42
N LEU A 75 -5.35 4.14 6.85
CA LEU A 75 -4.93 4.50 8.19
C LEU A 75 -6.04 4.15 9.18
N LYS A 76 -7.30 4.48 8.85
CA LYS A 76 -8.45 4.22 9.71
C LYS A 76 -8.69 2.71 9.92
N CYS A 77 -8.00 1.83 9.19
CA CYS A 77 -8.20 0.38 9.20
C CYS A 77 -6.95 -0.38 9.66
N ILE A 78 -5.95 0.33 10.20
CA ILE A 78 -4.68 -0.28 10.61
C ILE A 78 -4.19 0.30 11.94
N GLU A 79 -4.56 1.54 12.27
CA GLU A 79 -4.07 2.19 13.48
C GLU A 79 -4.67 1.53 14.71
N VAL A 80 -5.98 1.34 14.65
CA VAL A 80 -6.84 0.51 15.48
C VAL A 80 -6.34 -0.95 15.58
N CYS A 81 -5.34 -1.36 14.79
CA CYS A 81 -4.73 -2.68 14.85
C CYS A 81 -3.32 -2.67 15.47
N CYS A 82 -2.66 -1.52 15.55
CA CYS A 82 -1.29 -1.38 16.06
C CYS A 82 -1.15 -0.01 16.72
N GLY A 83 -0.79 1.02 15.96
CA GLY A 83 -0.73 2.40 16.43
C GLY A 83 0.59 3.08 16.12
N SER A 84 1.18 2.83 14.95
CA SER A 84 2.53 3.21 14.63
C SER A 84 2.76 3.41 13.11
N VAL A 85 1.71 3.43 12.30
CA VAL A 85 1.82 3.97 10.95
C VAL A 85 2.32 5.41 11.07
N MET A 86 1.78 6.16 12.02
CA MET A 86 2.11 7.56 12.11
C MET A 86 3.56 7.74 12.56
N GLU A 87 4.13 6.78 13.29
CA GLU A 87 5.52 6.82 13.64
C GLU A 87 6.34 6.54 12.39
N MET A 88 5.89 5.64 11.51
CA MET A 88 6.80 5.11 10.53
C MET A 88 7.29 6.16 9.52
N ARG A 89 6.45 7.14 9.23
CA ARG A 89 6.86 8.39 8.59
C ARG A 89 8.21 8.87 9.14
N GLU A 90 8.34 9.04 10.45
CA GLU A 90 9.54 9.53 11.13
C GLU A 90 10.62 8.46 11.29
N LYS A 91 10.19 7.21 11.40
CA LYS A 91 11.06 6.03 11.44
C LYS A 91 12.03 6.08 10.27
N TYR A 92 11.48 6.15 9.05
CA TYR A 92 12.23 6.28 7.81
C TYR A 92 12.66 7.76 7.58
N THR A 93 13.23 8.13 6.42
CA THR A 93 13.75 9.48 6.19
C THR A 93 13.06 10.27 5.06
N LYS A 94 12.30 9.62 4.17
CA LYS A 94 11.76 10.29 2.98
C LYS A 94 12.88 10.90 2.14
N ILE A 95 13.76 10.03 1.63
CA ILE A 95 14.83 10.36 0.69
C ILE A 95 14.27 11.37 -0.33
N VAL A 96 13.22 11.00 -1.06
CA VAL A 96 12.64 11.78 -2.15
C VAL A 96 11.16 11.42 -2.30
N GLU A 97 10.40 12.24 -3.04
CA GLU A 97 8.95 12.10 -3.21
C GLU A 97 8.57 12.79 -4.54
N ILE A 98 8.74 12.08 -5.65
CA ILE A 98 8.52 12.62 -6.99
C ILE A 98 7.01 12.84 -7.19
N PRO A 99 6.57 13.97 -7.78
CA PRO A 99 5.16 14.23 -8.09
C PRO A 99 4.70 13.42 -9.32
N PHE A 100 3.42 13.58 -9.67
CA PHE A 100 2.85 13.03 -10.89
C PHE A 100 3.61 13.48 -12.14
N ASN A 101 4.07 14.73 -12.19
CA ASN A 101 4.61 15.36 -13.40
C ASN A 101 3.69 15.05 -14.59
N SER A 102 4.25 14.89 -15.79
CA SER A 102 3.61 14.29 -16.95
C SER A 102 4.65 13.37 -17.59
N THR A 103 5.03 12.30 -16.88
CA THR A 103 5.99 11.31 -17.35
C THR A 103 5.24 10.08 -17.86
N ASN A 104 4.32 9.51 -17.07
CA ASN A 104 3.48 8.40 -17.52
C ASN A 104 2.27 8.20 -16.58
N LYS A 105 1.89 9.26 -15.86
CA LYS A 105 0.99 9.26 -14.72
C LYS A 105 1.37 8.16 -13.72
N TYR A 106 2.38 8.42 -12.90
CA TYR A 106 2.62 7.71 -11.64
C TYR A 106 3.31 8.69 -10.70
N GLN A 107 3.41 8.33 -9.42
CA GLN A 107 4.22 8.99 -8.42
C GLN A 107 4.80 7.91 -7.51
N LEU A 108 5.93 8.18 -6.87
CA LEU A 108 6.60 7.28 -5.94
C LEU A 108 7.22 8.11 -4.80
N SER A 109 7.74 7.45 -3.77
CA SER A 109 8.59 8.07 -2.77
C SER A 109 9.58 6.99 -2.33
N ILE A 110 10.72 7.40 -1.79
CA ILE A 110 11.85 6.53 -1.48
C ILE A 110 12.18 6.81 0.00
N HIS A 111 12.32 5.75 0.77
CA HIS A 111 12.46 5.75 2.24
C HIS A 111 13.43 4.68 2.72
N LYS A 112 14.51 5.10 3.38
CA LYS A 112 15.44 4.20 4.05
C LYS A 112 14.78 3.66 5.31
N ASN A 113 14.82 2.36 5.51
CA ASN A 113 14.46 1.67 6.74
C ASN A 113 15.62 1.83 7.70
N PRO A 114 15.39 2.25 8.95
CA PRO A 114 16.47 2.41 9.90
C PRO A 114 17.07 1.05 10.28
N ASN A 115 16.23 0.05 10.55
CA ASN A 115 16.64 -1.31 10.92
C ASN A 115 15.41 -2.20 11.05
N ALA A 116 15.21 -3.15 10.15
CA ALA A 116 14.10 -4.11 10.07
C ALA A 116 14.40 -5.08 8.93
N SER A 117 13.40 -5.85 8.50
CA SER A 117 13.41 -6.59 7.23
C SER A 117 13.73 -5.71 6.03
N GLU A 118 13.95 -6.34 4.88
CA GLU A 118 14.29 -5.74 3.59
C GLU A 118 15.62 -4.96 3.66
N PRO A 119 16.08 -4.24 2.63
CA PRO A 119 17.28 -3.40 2.71
C PRO A 119 16.93 -2.08 3.40
N LYS A 120 17.86 -1.11 3.40
CA LYS A 120 17.55 0.26 3.75
C LYS A 120 16.51 0.81 2.77
N HIS A 121 16.90 1.14 1.55
CA HIS A 121 16.12 1.95 0.62
C HIS A 121 14.94 1.20 0.00
N LEU A 122 13.80 1.25 0.69
CA LEU A 122 12.50 0.93 0.14
C LEU A 122 12.11 2.08 -0.80
N LEU A 123 11.30 1.78 -1.82
CA LEU A 123 10.60 2.70 -2.71
C LEU A 123 9.17 2.16 -2.82
N VAL A 124 8.18 3.06 -2.87
CA VAL A 124 6.75 2.75 -2.83
C VAL A 124 6.04 3.55 -3.92
N MET A 125 5.50 2.87 -4.94
CA MET A 125 4.82 3.46 -6.09
C MET A 125 3.30 3.29 -5.95
N LYS A 126 2.53 4.04 -6.75
CA LYS A 126 1.07 4.10 -6.71
C LYS A 126 0.52 4.64 -8.03
N GLY A 127 -0.81 4.75 -8.12
CA GLY A 127 -1.55 5.18 -9.28
C GLY A 127 -2.61 4.14 -9.62
N ALA A 128 -3.12 4.19 -10.86
CA ALA A 128 -4.11 3.24 -11.39
C ALA A 128 -3.57 1.81 -11.29
N PRO A 129 -4.38 0.83 -10.88
CA PRO A 129 -3.88 -0.49 -10.50
C PRO A 129 -3.43 -1.28 -11.72
N GLU A 130 -4.01 -1.02 -12.90
CA GLU A 130 -3.55 -1.60 -14.15
C GLU A 130 -2.11 -1.19 -14.43
N ARG A 131 -1.69 0.03 -14.06
CA ARG A 131 -0.33 0.47 -14.35
C ARG A 131 0.66 -0.16 -13.38
N ILE A 132 0.26 -0.42 -12.14
CA ILE A 132 1.12 -1.15 -11.23
C ILE A 132 1.27 -2.59 -11.77
N LEU A 133 0.19 -3.20 -12.28
CA LEU A 133 0.24 -4.54 -12.85
C LEU A 133 1.15 -4.60 -14.07
N ASP A 134 1.19 -3.51 -14.85
CA ASP A 134 1.96 -3.36 -16.08
C ASP A 134 3.45 -3.66 -15.90
N ARG A 135 3.95 -3.43 -14.68
CA ARG A 135 5.35 -3.40 -14.29
C ARG A 135 5.64 -4.22 -13.03
N CYS A 136 4.66 -5.02 -12.59
CA CYS A 136 4.94 -6.17 -11.75
C CYS A 136 5.82 -7.15 -12.52
N SER A 137 6.84 -7.69 -11.85
CA SER A 137 7.80 -8.63 -12.41
C SER A 137 7.77 -9.98 -11.69
N SER A 138 7.05 -10.10 -10.57
CA SER A 138 6.56 -11.33 -9.96
C SER A 138 5.36 -10.95 -9.06
N ILE A 139 4.82 -11.89 -8.26
CA ILE A 139 3.75 -11.57 -7.32
C ILE A 139 3.95 -12.26 -5.98
N LEU A 140 4.01 -11.47 -4.92
CA LEU A 140 4.22 -11.94 -3.57
C LEU A 140 2.94 -12.56 -3.08
N LEU A 141 3.01 -13.84 -2.72
CA LEU A 141 2.01 -14.56 -1.95
C LEU A 141 2.78 -15.34 -0.88
N HIS A 142 2.17 -15.58 0.28
CA HIS A 142 2.67 -16.45 1.35
C HIS A 142 4.08 -16.09 1.89
N GLY A 143 4.59 -14.89 1.64
CA GLY A 143 5.97 -14.50 1.96
C GLY A 143 6.99 -15.01 0.94
N LYS A 144 6.59 -15.21 -0.32
CA LYS A 144 7.41 -15.70 -1.42
C LYS A 144 7.36 -14.69 -2.56
N GLU A 145 7.58 -15.12 -3.78
CA GLU A 145 7.46 -14.39 -5.03
C GLU A 145 7.11 -15.47 -6.05
N GLN A 146 5.83 -15.57 -6.41
CA GLN A 146 5.36 -16.41 -7.51
C GLN A 146 5.72 -15.72 -8.82
N PRO A 147 6.18 -16.48 -9.83
CA PRO A 147 6.33 -15.99 -11.19
C PRO A 147 4.93 -15.63 -11.68
N LEU A 148 4.71 -14.34 -11.93
CA LEU A 148 3.43 -13.81 -12.39
C LEU A 148 3.19 -14.28 -13.82
N ASP A 149 1.94 -14.54 -14.19
CA ASP A 149 1.58 -15.05 -15.50
C ASP A 149 0.13 -14.65 -15.82
N GLU A 150 -0.40 -14.97 -16.99
CA GLU A 150 -1.72 -14.47 -17.40
C GLU A 150 -2.87 -14.95 -16.50
N GLU A 151 -2.73 -16.12 -15.87
CA GLU A 151 -3.71 -16.65 -14.93
C GLU A 151 -3.66 -15.84 -13.63
N LEU A 152 -2.48 -15.35 -13.28
CA LEU A 152 -2.30 -14.56 -12.08
C LEU A 152 -2.72 -13.12 -12.32
N LYS A 153 -2.60 -12.62 -13.55
CA LYS A 153 -3.33 -11.43 -13.94
C LYS A 153 -4.84 -11.66 -13.74
N ASP A 154 -5.35 -12.82 -14.13
CA ASP A 154 -6.79 -13.13 -14.13
C ASP A 154 -7.39 -13.02 -12.74
N ALA A 155 -6.69 -13.61 -11.77
CA ALA A 155 -7.11 -13.68 -10.38
C ALA A 155 -7.30 -12.29 -9.76
N PHE A 156 -6.37 -11.38 -10.09
CA PHE A 156 -6.40 -9.98 -9.73
C PHE A 156 -7.55 -9.30 -10.46
N GLN A 157 -7.74 -9.58 -11.76
CA GLN A 157 -8.75 -8.93 -12.57
C GLN A 157 -10.07 -9.11 -11.86
N ASN A 158 -10.60 -10.34 -11.81
CA ASN A 158 -11.90 -10.62 -11.21
C ASN A 158 -12.10 -9.94 -9.88
N ALA A 159 -11.05 -9.92 -9.04
CA ALA A 159 -11.01 -9.17 -7.81
C ALA A 159 -11.21 -7.67 -8.05
N TYR A 160 -10.29 -6.97 -8.71
CA TYR A 160 -10.34 -5.56 -9.07
C TYR A 160 -11.72 -5.14 -9.62
N LEU A 161 -12.31 -6.00 -10.44
CA LEU A 161 -13.61 -5.78 -11.06
C LEU A 161 -14.71 -5.88 -10.00
N GLU A 162 -14.73 -6.96 -9.20
CA GLU A 162 -15.69 -7.22 -8.13
C GLU A 162 -15.64 -6.14 -7.05
N LEU A 163 -14.43 -5.66 -6.74
CA LEU A 163 -14.17 -4.61 -5.76
C LEU A 163 -14.82 -3.29 -6.20
N GLY A 164 -15.37 -3.19 -7.42
CA GLY A 164 -16.37 -2.22 -7.82
C GLY A 164 -15.75 -1.31 -8.87
N GLY A 165 -15.63 -1.78 -10.11
CA GLY A 165 -14.88 -1.06 -11.12
C GLY A 165 -15.75 0.00 -11.78
N LEU A 166 -15.53 1.29 -11.45
CA LEU A 166 -16.48 2.36 -11.74
C LEU A 166 -15.84 3.64 -12.29
N GLY A 167 -14.79 4.14 -11.62
CA GLY A 167 -14.07 5.34 -12.03
C GLY A 167 -12.77 5.49 -11.24
N GLU A 168 -11.76 4.69 -11.60
CA GLU A 168 -10.37 4.69 -11.13
C GLU A 168 -10.23 4.92 -9.61
N ARG A 169 -10.66 3.94 -8.81
CA ARG A 169 -10.76 4.03 -7.35
C ARG A 169 -9.64 3.23 -6.69
N VAL A 170 -9.67 1.91 -6.90
CA VAL A 170 -8.67 0.95 -6.44
C VAL A 170 -7.29 1.52 -6.76
N LEU A 171 -6.49 1.81 -5.73
CA LEU A 171 -5.09 2.13 -5.93
C LEU A 171 -4.30 0.85 -6.11
N GLY A 172 -3.09 1.01 -6.63
CA GLY A 172 -2.11 -0.05 -6.74
C GLY A 172 -1.52 -0.45 -5.38
N PHE A 173 -0.51 0.28 -4.89
CA PHE A 173 0.48 -0.12 -3.88
C PHE A 173 1.40 -1.25 -4.33
N CYS A 174 2.70 -0.97 -4.38
CA CYS A 174 3.76 -1.92 -4.70
C CYS A 174 5.06 -1.39 -4.10
N HIS A 175 6.09 -2.25 -4.04
CA HIS A 175 7.49 -1.90 -3.82
C HIS A 175 8.38 -2.76 -4.71
N LEU A 176 9.69 -2.46 -4.76
CA LEU A 176 10.72 -3.26 -5.43
C LEU A 176 11.99 -3.49 -4.60
N LEU A 177 12.10 -2.81 -3.45
CA LEU A 177 13.26 -2.76 -2.54
C LEU A 177 14.59 -2.57 -3.30
N LEU A 178 15.04 -1.31 -3.41
CA LEU A 178 16.11 -0.91 -4.33
C LEU A 178 17.40 -1.68 -4.05
N PRO A 179 18.08 -2.24 -5.10
CA PRO A 179 19.29 -3.04 -4.96
C PRO A 179 20.46 -2.19 -4.51
N ASP A 180 20.73 -2.24 -3.21
CA ASP A 180 21.69 -1.44 -2.47
C ASP A 180 23.14 -1.64 -2.92
N GLU A 181 23.38 -2.66 -3.73
CA GLU A 181 24.67 -3.04 -4.27
C GLU A 181 24.92 -2.28 -5.57
N GLN A 182 23.88 -2.15 -6.39
CA GLN A 182 23.93 -1.44 -7.66
C GLN A 182 23.68 0.05 -7.42
N PHE A 183 22.84 0.36 -6.43
CA PHE A 183 22.64 1.73 -5.95
C PHE A 183 23.84 2.16 -5.11
N PRO A 184 24.04 3.47 -4.89
CA PRO A 184 25.02 3.96 -3.94
C PRO A 184 24.45 3.91 -2.54
N GLU A 185 25.30 3.62 -1.55
CA GLU A 185 24.88 3.59 -0.16
C GLU A 185 24.69 5.00 0.42
N GLY A 186 25.08 6.03 -0.35
CA GLY A 186 24.96 7.43 0.05
C GLY A 186 23.60 8.03 -0.28
N PHE A 187 22.83 7.41 -1.18
CA PHE A 187 21.40 7.62 -1.45
C PHE A 187 20.96 9.03 -1.90
N GLN A 188 21.82 9.77 -2.60
CA GLN A 188 21.71 11.23 -2.71
C GLN A 188 20.90 11.70 -3.91
N PHE A 189 19.82 10.98 -4.19
CA PHE A 189 19.20 11.01 -5.53
C PHE A 189 18.53 12.35 -5.82
N ASP A 190 17.85 12.85 -4.78
CA ASP A 190 17.36 14.23 -4.66
C ASP A 190 16.42 14.71 -5.78
N THR A 191 15.86 13.76 -6.53
CA THR A 191 14.97 13.88 -7.68
C THR A 191 15.69 14.39 -8.92
N ASP A 192 17.01 14.57 -8.85
CA ASP A 192 17.81 15.03 -9.96
C ASP A 192 18.35 13.78 -10.59
N GLU A 193 19.16 13.02 -9.86
CA GLU A 193 20.03 12.02 -10.47
C GLU A 193 19.45 10.60 -10.54
N VAL A 194 18.13 10.49 -10.45
CA VAL A 194 17.32 9.32 -10.20
C VAL A 194 17.81 8.10 -10.98
N ASN A 195 17.43 8.03 -12.25
CA ASN A 195 17.73 6.92 -13.16
C ASN A 195 17.44 5.54 -12.51
N PHE A 196 16.35 5.45 -11.76
CA PHE A 196 15.99 4.24 -11.00
C PHE A 196 15.39 3.16 -11.93
N PRO A 197 15.22 1.90 -11.48
CA PRO A 197 14.39 0.95 -12.21
C PRO A 197 12.93 1.32 -12.04
N VAL A 198 12.09 0.83 -12.96
CA VAL A 198 10.68 1.16 -12.97
C VAL A 198 9.88 0.00 -13.57
N ASP A 199 10.28 -1.24 -13.29
CA ASP A 199 9.62 -2.46 -13.82
C ASP A 199 10.30 -3.72 -13.28
N ASN A 200 10.51 -3.73 -11.97
CA ASN A 200 11.06 -4.83 -11.19
C ASN A 200 10.09 -5.28 -10.09
N LEU A 201 8.94 -4.65 -10.01
CA LEU A 201 8.12 -4.51 -8.83
C LEU A 201 7.43 -5.81 -8.47
N CYS A 202 6.86 -5.83 -7.27
CA CYS A 202 5.95 -6.87 -6.84
C CYS A 202 4.60 -6.25 -6.51
N PHE A 203 3.51 -6.98 -6.73
CA PHE A 203 2.11 -6.52 -6.66
C PHE A 203 1.62 -6.21 -5.24
N VAL A 204 2.45 -6.34 -4.22
CA VAL A 204 2.22 -6.45 -2.78
C VAL A 204 0.92 -5.88 -2.20
N GLY A 205 0.37 -4.75 -2.65
CA GLY A 205 -0.96 -4.33 -2.26
C GLY A 205 -1.85 -4.45 -3.46
N LEU A 206 -3.05 -4.95 -3.19
CA LEU A 206 -4.21 -4.54 -3.91
C LEU A 206 -5.31 -4.59 -2.86
N ILE A 207 -5.67 -3.42 -2.35
CA ILE A 207 -6.70 -3.24 -1.34
C ILE A 207 -8.02 -3.05 -2.11
N SER A 208 -8.53 -1.81 -2.26
CA SER A 208 -9.70 -1.40 -3.07
C SER A 208 -10.23 -0.05 -2.59
N MET A 209 -9.42 1.00 -2.70
CA MET A 209 -9.85 2.33 -2.24
C MET A 209 -11.11 2.78 -2.98
N ILE A 210 -11.83 3.72 -2.38
CA ILE A 210 -12.97 4.45 -2.92
C ILE A 210 -12.51 5.89 -3.17
N ASP A 211 -13.42 6.73 -3.64
CA ASP A 211 -13.42 8.19 -3.52
C ASP A 211 -14.84 8.66 -3.82
N PRO A 212 -15.74 8.76 -2.83
CA PRO A 212 -17.10 9.18 -3.07
C PRO A 212 -17.23 10.71 -3.09
N PRO A 213 -17.78 11.32 -4.14
CA PRO A 213 -18.28 12.69 -4.09
C PRO A 213 -19.43 12.74 -3.10
N GLN A 1 -23.34 3.71 -1.19
CA GLN A 1 -23.03 4.75 -0.20
C GLN A 1 -22.35 4.08 0.98
N ASN A 2 -21.14 4.53 1.32
CA ASN A 2 -20.31 3.85 2.31
C ASN A 2 -19.32 4.85 2.92
N PRO A 3 -18.81 4.57 4.12
CA PRO A 3 -17.76 5.37 4.73
C PRO A 3 -16.44 5.14 3.98
N MET A 4 -15.55 6.11 4.08
CA MET A 4 -14.14 5.95 3.71
C MET A 4 -13.55 4.87 4.58
N THR A 5 -13.16 3.74 4.00
CA THR A 5 -12.21 2.83 4.63
C THR A 5 -11.32 2.25 3.54
N VAL A 6 -10.47 1.30 3.92
CA VAL A 6 -9.71 0.44 3.03
C VAL A 6 -10.63 -0.38 2.10
N ALA A 7 -11.87 -0.64 2.52
CA ALA A 7 -12.85 -1.56 1.95
C ALA A 7 -12.40 -3.04 2.01
N HIS A 8 -11.24 -3.39 1.45
CA HIS A 8 -10.68 -4.74 1.42
C HIS A 8 -9.16 -4.65 1.21
N MET A 9 -8.45 -5.77 1.35
CA MET A 9 -7.00 -5.85 1.51
C MET A 9 -6.39 -7.09 0.83
N TRP A 10 -6.91 -7.47 -0.35
CA TRP A 10 -6.54 -8.65 -1.12
C TRP A 10 -5.03 -8.85 -1.08
N PHE A 11 -4.61 -10.06 -0.78
CA PHE A 11 -3.21 -10.38 -0.51
C PHE A 11 -3.04 -11.87 -0.66
N ASP A 12 -3.97 -12.63 -0.10
CA ASP A 12 -4.01 -14.09 -0.09
C ASP A 12 -4.13 -14.71 -1.48
N ASN A 13 -4.24 -13.90 -2.54
CA ASN A 13 -4.60 -14.27 -3.90
C ASN A 13 -6.11 -14.50 -3.99
N GLN A 14 -6.89 -14.23 -2.94
CA GLN A 14 -8.25 -14.79 -2.85
C GLN A 14 -9.14 -14.04 -1.86
N ILE A 15 -8.88 -12.75 -1.65
CA ILE A 15 -9.67 -11.88 -0.76
C ILE A 15 -9.53 -12.44 0.68
N HIS A 16 -10.24 -11.94 1.68
CA HIS A 16 -10.26 -12.53 3.02
C HIS A 16 -11.53 -12.11 3.75
N GLU A 17 -11.68 -12.54 5.01
CA GLU A 17 -12.86 -12.35 5.83
C GLU A 17 -12.44 -11.55 7.08
N ALA A 18 -12.48 -10.23 6.92
CA ALA A 18 -12.07 -9.25 7.91
C ALA A 18 -12.97 -9.33 9.14
N ASP A 19 -14.27 -9.20 8.90
CA ASP A 19 -15.34 -9.40 9.86
C ASP A 19 -16.58 -9.66 9.01
N THR A 20 -17.32 -10.71 9.35
CA THR A 20 -18.55 -11.19 8.73
C THR A 20 -19.29 -10.13 7.92
N THR A 21 -19.46 -10.38 6.61
CA THR A 21 -20.27 -9.54 5.75
C THR A 21 -21.71 -9.51 6.28
N GLU A 22 -22.39 -10.66 6.28
CA GLU A 22 -23.79 -10.76 6.69
C GLU A 22 -24.10 -12.03 7.49
N ASN A 23 -23.71 -13.21 6.99
CA ASN A 23 -24.17 -14.51 7.49
C ASN A 23 -23.24 -15.64 7.05
N GLN A 24 -21.94 -15.37 6.96
CA GLN A 24 -20.95 -16.35 6.54
C GLN A 24 -19.69 -16.09 7.36
N SER A 25 -19.42 -16.94 8.35
CA SER A 25 -18.19 -16.95 9.13
C SER A 25 -17.01 -17.36 8.26
N GLY A 26 -17.16 -18.47 7.51
CA GLY A 26 -16.15 -19.05 6.66
C GLY A 26 -14.84 -19.25 7.37
N VAL A 27 -13.75 -18.68 6.84
CA VAL A 27 -12.41 -18.89 7.36
C VAL A 27 -12.18 -18.17 8.69
N SER A 28 -10.98 -18.35 9.26
CA SER A 28 -10.70 -17.87 10.60
C SER A 28 -9.62 -16.80 10.71
N PHE A 29 -8.63 -16.77 9.81
CA PHE A 29 -7.52 -15.79 9.68
C PHE A 29 -6.39 -16.42 8.87
N ASP A 30 -5.86 -15.72 7.87
CA ASP A 30 -4.65 -16.10 7.13
C ASP A 30 -3.42 -16.08 8.04
N LYS A 31 -3.27 -15.01 8.85
CA LYS A 31 -2.45 -14.95 10.06
C LYS A 31 -0.94 -15.10 9.77
N THR A 32 -0.38 -14.25 8.91
CA THR A 32 1.03 -14.19 8.56
C THR A 32 1.53 -12.82 9.02
N SER A 33 2.56 -12.85 9.86
CA SER A 33 3.38 -11.69 10.18
C SER A 33 4.07 -11.15 8.90
N ALA A 34 4.79 -12.02 8.18
CA ALA A 34 5.61 -11.70 7.01
C ALA A 34 4.91 -10.80 6.00
N THR A 35 3.84 -11.30 5.37
CA THR A 35 3.11 -10.57 4.35
C THR A 35 2.65 -9.19 4.86
N TRP A 36 2.20 -9.09 6.12
CA TRP A 36 1.81 -7.81 6.70
C TRP A 36 3.00 -6.86 6.80
N PHE A 37 4.18 -7.33 7.21
CA PHE A 37 5.36 -6.45 7.32
C PHE A 37 5.69 -5.82 5.97
N ALA A 38 5.65 -6.61 4.89
CA ALA A 38 5.93 -6.15 3.55
C ALA A 38 5.05 -4.96 3.19
N LEU A 39 3.75 -5.08 3.48
CA LEU A 39 2.71 -4.09 3.22
C LEU A 39 2.86 -2.92 4.17
N SER A 40 3.27 -3.17 5.42
CA SER A 40 3.41 -2.18 6.47
C SER A 40 4.31 -1.04 6.02
N ARG A 41 5.35 -1.35 5.23
CA ARG A 41 6.20 -0.29 4.67
C ARG A 41 5.39 0.67 3.80
N ILE A 42 4.51 0.13 2.95
CA ILE A 42 3.81 0.87 1.91
C ILE A 42 2.64 1.55 2.60
N ALA A 43 1.77 0.77 3.22
CA ALA A 43 0.58 1.23 3.90
C ALA A 43 0.92 2.22 5.03
N GLY A 44 2.15 2.19 5.54
CA GLY A 44 2.67 3.15 6.49
C GLY A 44 3.18 4.41 5.80
N LEU A 45 4.32 4.32 5.12
CA LEU A 45 5.12 5.48 4.72
C LEU A 45 4.40 6.36 3.70
N CYS A 46 3.76 5.69 2.76
CA CYS A 46 2.89 6.24 1.74
C CYS A 46 1.63 6.85 2.43
N ASN A 47 1.74 7.97 3.15
CA ASN A 47 0.62 8.59 3.89
C ASN A 47 0.84 10.08 4.13
N ARG A 48 -0.21 10.91 4.06
CA ARG A 48 -0.17 12.38 4.23
C ARG A 48 -1.33 12.91 5.08
N ALA A 49 -1.72 12.20 6.12
CA ALA A 49 -2.78 12.62 7.02
C ALA A 49 -2.47 12.29 8.47
N VAL A 50 -3.30 12.83 9.35
CA VAL A 50 -3.38 12.68 10.80
C VAL A 50 -4.86 12.86 11.20
N PHE A 51 -5.17 12.66 12.47
CA PHE A 51 -6.51 12.78 13.01
C PHE A 51 -6.83 14.19 13.48
N GLN A 52 -8.13 14.45 13.70
CA GLN A 52 -8.68 15.66 14.25
C GLN A 52 -9.05 15.37 15.71
N ALA A 53 -10.31 15.01 15.98
CA ALA A 53 -10.84 14.67 17.29
C ALA A 53 -10.28 13.34 17.81
N ASN A 54 -10.73 12.90 18.98
CA ASN A 54 -10.45 11.59 19.56
C ASN A 54 -11.71 11.07 20.26
N GLN A 55 -12.41 10.11 19.65
CA GLN A 55 -13.49 9.34 20.26
C GLN A 55 -13.19 7.85 20.04
N GLU A 56 -13.05 7.10 21.13
CA GLU A 56 -12.86 5.65 21.18
C GLU A 56 -14.18 4.91 21.00
N ASN A 57 -15.23 5.43 21.64
CA ASN A 57 -16.49 4.72 21.74
C ASN A 57 -17.24 4.69 20.40
N LEU A 58 -16.75 5.43 19.41
CA LEU A 58 -17.19 5.53 18.05
C LEU A 58 -15.98 5.19 17.16
N PRO A 59 -16.19 4.96 15.87
CA PRO A 59 -15.11 4.52 15.00
C PRO A 59 -14.15 5.67 14.70
N ILE A 60 -12.86 5.37 14.64
CA ILE A 60 -11.76 6.27 14.29
C ILE A 60 -11.99 6.96 12.93
N LEU A 61 -12.89 6.43 12.09
CA LEU A 61 -13.37 7.08 10.88
C LEU A 61 -14.09 8.40 11.18
N LYS A 62 -15.36 8.36 11.62
CA LYS A 62 -16.33 9.46 11.84
C LYS A 62 -16.21 10.64 10.88
N ARG A 63 -15.78 10.39 9.64
CA ARG A 63 -15.47 11.39 8.62
C ARG A 63 -14.66 12.56 9.21
N ALA A 64 -13.60 12.24 9.96
CA ALA A 64 -12.82 13.21 10.72
C ALA A 64 -11.34 12.86 10.58
N VAL A 65 -10.60 13.67 9.81
CA VAL A 65 -9.16 13.57 9.62
C VAL A 65 -8.67 14.96 9.20
N ALA A 66 -7.36 15.16 9.22
CA ALA A 66 -6.67 16.29 8.63
C ALA A 66 -5.66 15.74 7.63
N GLY A 67 -5.58 16.35 6.46
CA GLY A 67 -5.16 15.65 5.27
C GLY A 67 -6.39 15.07 4.58
N ASP A 68 -6.15 14.25 3.56
CA ASP A 68 -7.07 14.03 2.44
C ASP A 68 -8.16 12.98 2.74
N ALA A 69 -8.94 12.63 1.72
CA ALA A 69 -9.66 11.37 1.63
C ALA A 69 -8.64 10.20 1.61
N SER A 70 -7.97 10.03 0.46
CA SER A 70 -7.31 8.84 -0.01
C SER A 70 -6.34 8.22 0.99
N GLU A 71 -5.16 8.84 1.16
CA GLU A 71 -4.08 8.31 1.98
C GLU A 71 -4.57 7.94 3.37
N SER A 72 -5.38 8.84 3.92
CA SER A 72 -5.87 8.87 5.27
C SER A 72 -6.80 7.70 5.58
N ALA A 73 -7.34 7.01 4.58
CA ALA A 73 -8.07 5.77 4.77
C ALA A 73 -7.21 4.75 5.51
N LEU A 74 -5.97 4.57 5.07
CA LEU A 74 -5.03 3.61 5.66
C LEU A 74 -4.80 3.92 7.13
N LEU A 75 -4.61 5.20 7.49
CA LEU A 75 -4.23 5.63 8.82
C LEU A 75 -5.27 5.10 9.81
N LYS A 76 -6.55 5.35 9.51
CA LYS A 76 -7.68 4.92 10.32
C LYS A 76 -8.04 3.44 10.15
N CYS A 77 -7.32 2.67 9.32
CA CYS A 77 -7.44 1.21 9.32
C CYS A 77 -6.21 0.53 9.92
N ILE A 78 -5.09 1.24 10.17
CA ILE A 78 -3.81 0.61 10.50
C ILE A 78 -3.42 0.86 11.96
N GLU A 79 -3.49 2.11 12.42
CA GLU A 79 -2.71 2.53 13.59
C GLU A 79 -3.42 2.18 14.90
N VAL A 80 -4.74 2.09 14.85
CA VAL A 80 -5.67 1.70 15.91
C VAL A 80 -5.36 0.30 16.49
N CYS A 81 -4.53 -0.49 15.81
CA CYS A 81 -3.92 -1.71 16.31
C CYS A 81 -2.85 -1.44 17.38
N CYS A 82 -2.61 -0.18 17.77
CA CYS A 82 -1.54 0.33 18.62
C CYS A 82 -0.18 0.24 17.91
N GLY A 83 -0.10 0.80 16.70
CA GLY A 83 1.07 0.78 15.83
C GLY A 83 1.28 2.14 15.19
N SER A 84 2.20 2.94 15.72
CA SER A 84 2.44 4.34 15.36
C SER A 84 2.94 4.50 13.92
N VAL A 85 2.05 4.71 12.96
CA VAL A 85 2.43 4.98 11.57
C VAL A 85 2.92 6.42 11.41
N MET A 86 2.59 7.35 12.30
CA MET A 86 3.04 8.73 12.15
C MET A 86 4.51 8.94 12.51
N GLU A 87 5.19 7.96 13.11
CA GLU A 87 6.63 8.03 13.28
C GLU A 87 7.31 7.81 11.92
N MET A 88 6.73 6.95 11.09
CA MET A 88 7.38 6.43 9.88
C MET A 88 7.88 7.53 8.94
N ARG A 89 7.14 8.63 8.82
CA ARG A 89 7.53 9.81 8.03
C ARG A 89 8.84 10.48 8.48
N GLU A 90 9.33 10.14 9.67
CA GLU A 90 10.48 10.72 10.36
C GLU A 90 11.54 9.65 10.64
N LYS A 91 11.14 8.39 10.83
CA LYS A 91 12.08 7.25 10.91
C LYS A 91 12.97 7.19 9.66
N TYR A 92 12.35 7.20 8.48
CA TYR A 92 13.04 7.19 7.20
C TYR A 92 13.52 8.63 6.88
N THR A 93 14.11 8.91 5.71
CA THR A 93 14.64 10.25 5.38
C THR A 93 13.90 10.92 4.23
N LYS A 94 13.01 10.23 3.50
CA LYS A 94 12.46 10.77 2.25
C LYS A 94 13.57 11.09 1.26
N ILE A 95 14.26 10.04 0.82
CA ILE A 95 15.28 10.07 -0.22
C ILE A 95 14.87 11.06 -1.30
N VAL A 96 13.78 10.76 -2.01
CA VAL A 96 13.14 11.69 -2.92
C VAL A 96 11.64 11.37 -2.94
N GLU A 97 10.85 12.25 -3.52
CA GLU A 97 9.42 12.18 -3.63
C GLU A 97 9.09 13.03 -4.83
N ILE A 98 8.44 12.43 -5.81
CA ILE A 98 8.04 13.07 -7.06
C ILE A 98 6.51 13.16 -7.01
N PRO A 99 5.90 14.30 -7.34
CA PRO A 99 4.45 14.43 -7.43
C PRO A 99 3.91 13.69 -8.66
N PHE A 100 2.78 14.13 -9.19
CA PHE A 100 2.16 13.74 -10.44
C PHE A 100 3.05 13.88 -11.70
N ASN A 101 4.31 14.27 -11.55
CA ASN A 101 5.10 14.89 -12.62
C ASN A 101 5.31 13.95 -13.79
N SER A 102 5.43 14.52 -14.99
CA SER A 102 4.58 14.18 -16.15
C SER A 102 3.30 15.02 -16.00
N THR A 103 2.28 14.80 -16.82
CA THR A 103 0.90 15.14 -16.47
C THR A 103 0.41 14.17 -15.38
N ASN A 104 0.77 12.90 -15.54
CA ASN A 104 0.36 11.73 -14.77
C ASN A 104 1.14 10.52 -15.26
N LYS A 105 0.85 9.35 -14.67
CA LYS A 105 1.43 8.01 -14.83
C LYS A 105 1.43 7.38 -13.43
N TYR A 106 2.21 7.93 -12.50
CA TYR A 106 2.16 7.58 -11.08
C TYR A 106 2.71 8.75 -10.24
N GLN A 107 2.61 8.62 -8.92
CA GLN A 107 3.49 9.30 -7.96
C GLN A 107 4.42 8.24 -7.40
N LEU A 108 5.68 8.62 -7.14
CA LEU A 108 6.65 7.73 -6.50
C LEU A 108 7.36 8.44 -5.34
N SER A 109 7.95 7.67 -4.43
CA SER A 109 8.68 8.20 -3.28
C SER A 109 9.65 7.12 -2.80
N ILE A 110 10.85 7.53 -2.42
CA ILE A 110 11.94 6.66 -2.02
C ILE A 110 12.32 7.02 -0.57
N HIS A 111 12.75 6.05 0.22
CA HIS A 111 12.91 6.18 1.66
C HIS A 111 14.02 5.24 2.12
N LYS A 112 15.05 5.74 2.79
CA LYS A 112 16.07 4.90 3.43
C LYS A 112 15.52 4.42 4.77
N ASN A 113 15.70 3.15 5.08
CA ASN A 113 15.32 2.52 6.34
C ASN A 113 16.57 2.42 7.22
N PRO A 114 16.49 2.75 8.52
CA PRO A 114 17.61 2.61 9.43
C PRO A 114 17.77 1.19 9.99
N ASN A 115 16.65 0.46 10.12
CA ASN A 115 16.56 -0.93 10.55
C ASN A 115 15.08 -1.35 10.41
N ALA A 116 14.82 -2.62 10.04
CA ALA A 116 13.54 -3.35 9.91
C ALA A 116 13.50 -4.27 8.66
N SER A 117 14.44 -5.21 8.55
CA SER A 117 14.54 -6.35 7.63
C SER A 117 14.78 -5.99 6.16
N GLU A 118 14.00 -5.09 5.58
CA GLU A 118 14.12 -4.66 4.22
C GLU A 118 15.43 -3.88 4.10
N PRO A 119 16.05 -3.87 2.91
CA PRO A 119 17.21 -3.07 2.66
C PRO A 119 16.80 -1.60 2.64
N LYS A 120 17.81 -0.72 2.66
CA LYS A 120 17.63 0.64 3.14
C LYS A 120 16.65 1.38 2.24
N HIS A 121 17.05 1.67 1.01
CA HIS A 121 16.41 2.54 0.05
C HIS A 121 15.20 1.83 -0.57
N LEU A 122 14.14 1.73 0.21
CA LEU A 122 12.82 1.28 -0.19
C LEU A 122 12.21 2.34 -1.09
N LEU A 123 11.32 1.91 -1.99
CA LEU A 123 10.49 2.75 -2.84
C LEU A 123 9.08 2.22 -2.69
N VAL A 124 8.07 3.11 -2.67
CA VAL A 124 6.67 2.76 -2.45
C VAL A 124 5.78 3.44 -3.49
N MET A 125 5.39 2.73 -4.54
CA MET A 125 4.62 3.28 -5.67
C MET A 125 3.12 3.15 -5.39
N LYS A 126 2.32 3.97 -6.07
CA LYS A 126 0.87 4.07 -5.84
C LYS A 126 0.12 4.44 -7.13
N GLY A 127 -1.20 4.53 -7.07
CA GLY A 127 -2.07 4.80 -8.22
C GLY A 127 -2.74 3.52 -8.73
N ALA A 128 -3.29 3.59 -9.95
CA ALA A 128 -4.09 2.57 -10.62
C ALA A 128 -3.52 1.16 -10.46
N PRO A 129 -4.36 0.17 -10.13
CA PRO A 129 -3.87 -1.13 -9.68
C PRO A 129 -3.39 -1.96 -10.86
N GLU A 130 -4.06 -1.83 -12.01
CA GLU A 130 -3.66 -2.45 -13.27
C GLU A 130 -2.28 -1.93 -13.68
N ARG A 131 -1.90 -0.71 -13.27
CA ARG A 131 -0.60 -0.16 -13.61
C ARG A 131 0.49 -0.60 -12.67
N ILE A 132 0.18 -0.84 -11.40
CA ILE A 132 1.10 -1.57 -10.53
C ILE A 132 1.31 -2.94 -11.18
N LEU A 133 0.23 -3.65 -11.54
CA LEU A 133 0.29 -4.97 -12.13
C LEU A 133 1.15 -4.94 -13.38
N ASP A 134 0.97 -3.92 -14.23
CA ASP A 134 1.59 -3.85 -15.54
C ASP A 134 3.10 -4.06 -15.46
N ARG A 135 3.71 -3.58 -14.37
CA ARG A 135 5.15 -3.55 -14.15
C ARG A 135 5.54 -4.34 -12.89
N CYS A 136 4.61 -5.17 -12.39
CA CYS A 136 4.96 -6.24 -11.48
C CYS A 136 5.79 -7.27 -12.24
N SER A 137 6.77 -7.85 -11.56
CA SER A 137 7.71 -8.83 -12.08
C SER A 137 7.63 -10.16 -11.30
N SER A 138 7.01 -10.18 -10.12
CA SER A 138 6.54 -11.37 -9.42
C SER A 138 5.36 -10.96 -8.52
N ILE A 139 4.91 -11.81 -7.59
CA ILE A 139 3.81 -11.50 -6.70
C ILE A 139 4.03 -12.19 -5.36
N LEU A 140 3.83 -11.43 -4.28
CA LEU A 140 4.14 -11.85 -2.94
C LEU A 140 2.88 -12.47 -2.38
N LEU A 141 2.94 -13.72 -1.95
CA LEU A 141 1.89 -14.40 -1.20
C LEU A 141 2.57 -15.05 -0.01
N HIS A 142 1.85 -15.24 1.10
CA HIS A 142 2.26 -16.03 2.25
C HIS A 142 3.62 -15.62 2.85
N GLY A 143 4.13 -14.41 2.60
CA GLY A 143 5.47 -14.04 3.01
C GLY A 143 6.55 -14.78 2.23
N LYS A 144 6.31 -15.09 0.95
CA LYS A 144 7.20 -15.84 0.06
C LYS A 144 7.56 -14.99 -1.16
N GLU A 145 7.62 -15.56 -2.36
CA GLU A 145 7.52 -14.91 -3.66
C GLU A 145 6.95 -15.98 -4.60
N GLN A 146 6.11 -15.58 -5.55
CA GLN A 146 5.45 -16.47 -6.50
C GLN A 146 5.64 -15.87 -7.90
N PRO A 147 5.97 -16.68 -8.90
CA PRO A 147 6.14 -16.20 -10.26
C PRO A 147 4.77 -15.78 -10.78
N LEU A 148 4.64 -14.49 -11.11
CA LEU A 148 3.40 -13.90 -11.60
C LEU A 148 3.16 -14.44 -13.01
N ASP A 149 1.92 -14.82 -13.27
CA ASP A 149 1.45 -15.53 -14.46
C ASP A 149 0.02 -15.03 -14.71
N GLU A 150 -0.56 -15.34 -15.86
CA GLU A 150 -1.90 -15.01 -16.30
C GLU A 150 -2.95 -15.39 -15.25
N GLU A 151 -2.76 -16.53 -14.57
CA GLU A 151 -3.67 -17.05 -13.56
C GLU A 151 -3.54 -16.28 -12.26
N LEU A 152 -2.41 -15.60 -12.05
CA LEU A 152 -2.22 -14.72 -10.91
C LEU A 152 -2.71 -13.31 -11.23
N LYS A 153 -2.52 -12.83 -12.46
CA LYS A 153 -3.23 -11.66 -12.95
C LYS A 153 -4.72 -11.86 -12.68
N ASP A 154 -5.27 -13.02 -13.03
CA ASP A 154 -6.71 -13.27 -13.05
C ASP A 154 -7.30 -13.13 -11.65
N ALA A 155 -6.61 -13.73 -10.67
CA ALA A 155 -7.05 -13.72 -9.29
C ALA A 155 -7.01 -12.32 -8.67
N PHE A 156 -6.12 -11.45 -9.17
CA PHE A 156 -6.15 -10.03 -8.86
C PHE A 156 -7.35 -9.39 -9.54
N GLN A 157 -7.53 -9.64 -10.85
CA GLN A 157 -8.52 -8.95 -11.65
C GLN A 157 -9.86 -9.13 -10.96
N ASN A 158 -10.36 -10.38 -10.92
CA ASN A 158 -11.65 -10.69 -10.31
C ASN A 158 -11.79 -10.03 -8.95
N ALA A 159 -10.75 -10.07 -8.13
CA ALA A 159 -10.75 -9.45 -6.82
C ALA A 159 -10.88 -7.93 -6.83
N TYR A 160 -10.23 -7.21 -7.74
CA TYR A 160 -10.42 -5.78 -7.99
C TYR A 160 -11.85 -5.52 -8.48
N LEU A 161 -12.31 -6.32 -9.44
CA LEU A 161 -13.58 -6.12 -10.13
C LEU A 161 -14.75 -6.35 -9.17
N GLU A 162 -14.65 -7.33 -8.27
CA GLU A 162 -15.62 -7.74 -7.28
C GLU A 162 -16.07 -6.52 -6.49
N LEU A 163 -15.12 -5.87 -5.80
CA LEU A 163 -15.35 -4.87 -4.76
C LEU A 163 -16.31 -3.76 -5.19
N GLY A 164 -16.22 -3.34 -6.46
CA GLY A 164 -16.96 -2.20 -6.96
C GLY A 164 -16.05 -1.01 -6.78
N GLY A 165 -15.03 -0.93 -7.63
CA GLY A 165 -14.19 0.24 -7.70
C GLY A 165 -15.01 1.36 -8.36
N LEU A 166 -15.02 2.56 -7.77
CA LEU A 166 -15.99 3.61 -8.04
C LEU A 166 -15.23 4.85 -8.52
N GLY A 167 -15.43 6.00 -7.89
CA GLY A 167 -14.90 7.32 -8.22
C GLY A 167 -13.39 7.26 -8.40
N GLU A 168 -12.61 7.28 -7.32
CA GLU A 168 -11.21 6.87 -7.43
C GLU A 168 -11.14 5.33 -7.46
N ARG A 169 -10.12 4.84 -8.15
CA ARG A 169 -9.87 3.41 -8.37
C ARG A 169 -9.28 2.72 -7.13
N VAL A 170 -9.31 1.39 -7.12
CA VAL A 170 -8.49 0.59 -6.21
C VAL A 170 -7.02 1.02 -6.42
N LEU A 171 -6.24 1.17 -5.35
CA LEU A 171 -4.82 1.52 -5.46
C LEU A 171 -3.97 0.26 -5.37
N GLY A 172 -2.78 0.31 -5.96
CA GLY A 172 -1.95 -0.87 -6.17
C GLY A 172 -0.79 -1.10 -5.20
N PHE A 173 -0.41 -0.13 -4.35
CA PHE A 173 0.57 -0.25 -3.24
C PHE A 173 1.66 -1.33 -3.40
N CYS A 174 2.80 -0.96 -3.96
CA CYS A 174 3.90 -1.86 -4.24
C CYS A 174 5.23 -1.27 -3.79
N HIS A 175 6.23 -2.15 -3.70
CA HIS A 175 7.65 -1.88 -3.55
C HIS A 175 8.43 -2.65 -4.62
N LEU A 176 9.75 -2.49 -4.60
CA LEU A 176 10.73 -3.37 -5.26
C LEU A 176 12.01 -3.55 -4.43
N LEU A 177 12.10 -2.91 -3.25
CA LEU A 177 13.26 -2.78 -2.37
C LEU A 177 14.56 -2.54 -3.15
N LEU A 178 14.89 -1.28 -3.48
CA LEU A 178 15.99 -0.96 -4.39
C LEU A 178 17.29 -1.62 -3.88
N PRO A 179 18.00 -2.36 -4.74
CA PRO A 179 19.15 -3.14 -4.31
C PRO A 179 20.29 -2.24 -3.87
N ASP A 180 20.54 -2.21 -2.57
CA ASP A 180 21.58 -1.46 -1.88
C ASP A 180 22.98 -1.84 -2.34
N GLU A 181 23.12 -2.98 -3.01
CA GLU A 181 24.38 -3.52 -3.50
C GLU A 181 24.73 -2.92 -4.85
N GLN A 182 23.69 -2.70 -5.66
CA GLN A 182 23.83 -2.10 -6.98
C GLN A 182 23.78 -0.59 -6.82
N PHE A 183 23.02 -0.09 -5.84
CA PHE A 183 22.80 1.36 -5.72
C PHE A 183 23.77 2.02 -4.73
N PRO A 184 24.08 3.32 -4.91
CA PRO A 184 25.14 3.98 -4.15
C PRO A 184 24.66 4.31 -2.75
N GLU A 185 25.57 4.20 -1.79
CA GLU A 185 25.27 4.36 -0.37
C GLU A 185 24.81 5.77 0.01
N GLY A 186 25.02 6.75 -0.88
CA GLY A 186 24.71 8.16 -0.71
C GLY A 186 23.52 8.59 -1.56
N PHE A 187 22.71 7.64 -2.09
CA PHE A 187 21.32 7.81 -2.46
C PHE A 187 21.00 9.06 -3.31
N GLN A 188 21.90 9.40 -4.24
CA GLN A 188 21.84 10.66 -5.00
C GLN A 188 20.90 10.59 -6.21
N PHE A 189 19.75 9.93 -6.05
CA PHE A 189 18.85 9.68 -7.18
C PHE A 189 18.38 11.00 -7.78
N ASP A 190 18.11 11.95 -6.89
CA ASP A 190 17.33 13.15 -7.19
C ASP A 190 15.98 12.79 -7.82
N THR A 191 15.21 13.81 -8.18
CA THR A 191 13.91 13.62 -8.80
C THR A 191 14.02 13.63 -10.32
N ASP A 192 15.23 13.75 -10.85
CA ASP A 192 15.51 14.22 -12.19
C ASP A 192 16.24 13.09 -12.88
N GLU A 193 17.39 12.73 -12.31
CA GLU A 193 18.34 11.77 -12.82
C GLU A 193 18.25 10.43 -12.07
N VAL A 194 17.02 10.09 -11.66
CA VAL A 194 16.62 9.00 -10.76
C VAL A 194 17.37 7.70 -11.04
N ASN A 195 17.54 7.36 -12.32
CA ASN A 195 18.26 6.20 -12.88
C ASN A 195 17.71 4.84 -12.45
N PHE A 196 16.61 4.84 -11.71
CA PHE A 196 15.99 3.68 -11.09
C PHE A 196 15.17 2.83 -12.07
N PRO A 197 14.88 1.55 -11.75
CA PRO A 197 13.95 0.74 -12.53
C PRO A 197 12.51 1.12 -12.21
N VAL A 198 11.58 0.72 -13.07
CA VAL A 198 10.16 1.00 -12.91
C VAL A 198 9.31 -0.15 -13.47
N ASP A 199 9.82 -1.37 -13.27
CA ASP A 199 9.22 -2.65 -13.66
C ASP A 199 10.07 -3.80 -13.13
N ASN A 200 10.31 -3.75 -11.83
CA ASN A 200 10.85 -4.81 -10.98
C ASN A 200 9.85 -5.10 -9.85
N LEU A 201 8.71 -4.42 -9.88
CA LEU A 201 7.82 -4.29 -8.74
C LEU A 201 7.18 -5.64 -8.41
N CYS A 202 6.45 -5.66 -7.32
CA CYS A 202 5.62 -6.77 -6.92
C CYS A 202 4.28 -6.19 -6.48
N PHE A 203 3.32 -7.06 -6.17
CA PHE A 203 1.92 -6.68 -6.03
C PHE A 203 1.50 -6.30 -4.61
N VAL A 204 2.44 -6.30 -3.66
CA VAL A 204 2.35 -6.76 -2.28
C VAL A 204 0.90 -6.89 -1.80
N GLY A 205 0.23 -5.83 -1.35
CA GLY A 205 -1.13 -5.91 -0.85
C GLY A 205 -1.93 -4.90 -1.62
N LEU A 206 -3.04 -5.38 -2.15
CA LEU A 206 -3.84 -4.69 -3.13
C LEU A 206 -5.08 -4.35 -2.35
N ILE A 207 -5.17 -3.13 -1.80
CA ILE A 207 -6.24 -2.86 -0.85
C ILE A 207 -7.48 -2.44 -1.64
N SER A 208 -7.91 -1.18 -1.66
CA SER A 208 -9.13 -0.73 -2.37
C SER A 208 -9.67 0.59 -1.83
N MET A 209 -8.84 1.63 -1.81
CA MET A 209 -9.31 2.93 -1.37
C MET A 209 -10.52 3.41 -2.18
N ILE A 210 -11.31 4.27 -1.56
CA ILE A 210 -12.52 4.84 -2.09
C ILE A 210 -12.34 6.36 -2.07
N ASP A 211 -13.28 7.06 -2.66
CA ASP A 211 -13.59 8.45 -2.37
C ASP A 211 -14.95 8.77 -2.99
N PRO A 212 -16.06 8.58 -2.25
CA PRO A 212 -17.39 8.91 -2.76
C PRO A 212 -17.58 10.43 -2.80
N PRO A 213 -18.57 10.95 -3.56
CA PRO A 213 -19.02 12.32 -3.41
C PRO A 213 -19.41 12.59 -1.96
N GLN A 1 -22.21 9.89 -0.59
CA GLN A 1 -22.52 10.22 0.82
C GLN A 1 -22.32 8.97 1.68
N ASN A 2 -21.12 8.43 1.75
CA ASN A 2 -20.78 7.27 2.55
C ASN A 2 -19.43 7.47 3.23
N PRO A 3 -19.18 6.69 4.29
CA PRO A 3 -17.90 6.64 4.99
C PRO A 3 -16.77 6.19 4.06
N MET A 4 -15.53 6.41 4.50
CA MET A 4 -14.31 6.09 3.76
C MET A 4 -13.33 5.34 4.63
N THR A 5 -13.17 4.06 4.35
CA THR A 5 -12.30 3.17 5.08
C THR A 5 -11.57 2.25 4.11
N VAL A 6 -10.95 1.17 4.60
CA VAL A 6 -10.27 0.19 3.78
C VAL A 6 -11.23 -0.47 2.78
N ALA A 7 -12.51 -0.59 3.14
CA ALA A 7 -13.46 -1.58 2.64
C ALA A 7 -12.94 -2.98 2.99
N HIS A 8 -11.96 -3.48 2.24
CA HIS A 8 -11.60 -4.88 2.13
C HIS A 8 -10.14 -4.97 1.67
N MET A 9 -9.63 -6.18 1.42
CA MET A 9 -8.23 -6.40 1.11
C MET A 9 -8.04 -7.76 0.46
N TRP A 10 -6.95 -7.89 -0.29
CA TRP A 10 -6.60 -9.07 -1.08
C TRP A 10 -5.09 -9.19 -1.05
N PHE A 11 -4.58 -10.42 -1.02
CA PHE A 11 -3.15 -10.70 -0.93
C PHE A 11 -2.96 -12.20 -1.16
N ASP A 12 -3.78 -12.99 -0.49
CA ASP A 12 -3.76 -14.45 -0.36
C ASP A 12 -4.07 -15.16 -1.68
N ASN A 13 -4.28 -14.41 -2.77
CA ASN A 13 -4.73 -14.84 -4.08
C ASN A 13 -6.22 -15.18 -4.05
N GLN A 14 -6.96 -14.75 -3.02
CA GLN A 14 -8.31 -15.27 -2.79
C GLN A 14 -9.15 -14.38 -1.88
N ILE A 15 -8.76 -13.10 -1.74
CA ILE A 15 -9.31 -12.21 -0.72
C ILE A 15 -9.11 -12.90 0.66
N HIS A 16 -9.83 -12.48 1.68
CA HIS A 16 -9.61 -12.83 3.09
C HIS A 16 -10.72 -12.20 3.94
N GLU A 17 -11.27 -11.08 3.45
CA GLU A 17 -12.35 -10.25 3.97
C GLU A 17 -12.70 -10.59 5.42
N ALA A 18 -11.81 -10.12 6.30
CA ALA A 18 -11.64 -10.56 7.67
C ALA A 18 -12.78 -10.10 8.60
N ASP A 19 -13.82 -9.50 8.03
CA ASP A 19 -15.10 -9.17 8.63
C ASP A 19 -16.06 -10.36 8.44
N THR A 20 -17.37 -10.15 8.37
CA THR A 20 -18.31 -11.20 7.97
C THR A 20 -18.33 -11.32 6.44
N THR A 21 -18.56 -12.53 5.91
CA THR A 21 -18.87 -12.79 4.51
C THR A 21 -19.58 -14.15 4.41
N GLU A 22 -19.93 -14.59 3.19
CA GLU A 22 -20.12 -15.99 2.82
C GLU A 22 -19.92 -16.10 1.30
N ASN A 23 -18.66 -16.05 0.83
CA ASN A 23 -18.29 -16.18 -0.58
C ASN A 23 -16.84 -16.67 -0.68
N GLN A 24 -16.64 -17.95 -1.02
CA GLN A 24 -15.38 -18.64 -1.34
C GLN A 24 -14.18 -18.42 -0.40
N SER A 25 -14.38 -17.83 0.78
CA SER A 25 -13.35 -17.40 1.70
C SER A 25 -13.37 -18.28 2.97
N GLY A 26 -12.53 -17.92 3.94
CA GLY A 26 -12.47 -18.55 5.26
C GLY A 26 -13.39 -17.80 6.22
N VAL A 27 -13.04 -17.77 7.51
CA VAL A 27 -13.65 -16.90 8.52
C VAL A 27 -12.58 -16.35 9.48
N SER A 28 -12.97 -15.37 10.31
CA SER A 28 -12.18 -14.82 11.42
C SER A 28 -10.96 -14.03 10.92
N PHE A 29 -9.91 -13.85 11.74
CA PHE A 29 -8.69 -13.17 11.34
C PHE A 29 -7.48 -13.78 12.06
N ASP A 30 -6.47 -14.17 11.27
CA ASP A 30 -5.22 -14.79 11.69
C ASP A 30 -4.27 -13.80 12.36
N LYS A 31 -3.05 -14.26 12.70
CA LYS A 31 -1.86 -13.44 12.94
C LYS A 31 -0.67 -14.19 12.34
N THR A 32 0.55 -13.64 12.45
CA THR A 32 1.77 -14.18 11.81
C THR A 32 1.71 -14.04 10.27
N SER A 33 0.66 -13.44 9.71
CA SER A 33 0.47 -13.12 8.31
C SER A 33 1.64 -12.25 7.82
N ALA A 34 2.61 -12.90 7.17
CA ALA A 34 3.82 -12.27 6.65
C ALA A 34 3.52 -11.28 5.54
N THR A 35 2.44 -11.52 4.79
CA THR A 35 1.99 -10.60 3.77
C THR A 35 1.46 -9.31 4.40
N TRP A 36 0.80 -9.38 5.56
CA TRP A 36 0.39 -8.18 6.28
C TRP A 36 1.64 -7.34 6.57
N PHE A 37 2.73 -7.93 7.06
CA PHE A 37 3.93 -7.15 7.34
C PHE A 37 4.51 -6.56 6.05
N ALA A 38 4.56 -7.36 4.99
CA ALA A 38 5.05 -6.94 3.68
C ALA A 38 4.25 -5.77 3.11
N LEU A 39 2.94 -5.74 3.38
CA LEU A 39 1.99 -4.71 3.01
C LEU A 39 2.18 -3.51 3.94
N SER A 40 2.48 -3.73 5.21
CA SER A 40 2.71 -2.69 6.21
C SER A 40 3.96 -1.85 5.86
N ARG A 41 4.94 -2.47 5.18
CA ARG A 41 6.08 -1.80 4.54
C ARG A 41 5.62 -0.62 3.68
N ILE A 42 4.40 -0.69 3.15
CA ILE A 42 3.84 0.18 2.13
C ILE A 42 2.74 1.02 2.75
N ALA A 43 1.70 0.37 3.29
CA ALA A 43 0.50 0.93 3.88
C ALA A 43 0.81 1.98 4.94
N GLY A 44 1.95 1.89 5.62
CA GLY A 44 2.38 2.89 6.57
C GLY A 44 2.83 4.15 5.84
N LEU A 45 4.02 4.11 5.25
CA LEU A 45 4.69 5.24 4.59
C LEU A 45 3.87 5.88 3.46
N CYS A 46 3.18 5.07 2.67
CA CYS A 46 2.22 5.56 1.68
C CYS A 46 0.97 6.11 2.39
N ASN A 47 1.06 7.33 2.93
CA ASN A 47 -0.05 8.10 3.48
C ASN A 47 0.43 9.54 3.70
N ARG A 48 -0.44 10.54 3.51
CA ARG A 48 -0.18 11.94 3.87
C ARG A 48 -1.38 12.54 4.58
N ALA A 49 -1.95 11.80 5.53
CA ALA A 49 -3.12 12.17 6.30
C ALA A 49 -2.89 11.95 7.79
N VAL A 50 -3.69 12.64 8.60
CA VAL A 50 -3.83 12.51 10.03
C VAL A 50 -5.30 12.73 10.39
N PHE A 51 -5.63 12.55 11.66
CA PHE A 51 -6.97 12.73 12.19
C PHE A 51 -7.27 14.19 12.49
N GLN A 52 -8.55 14.51 12.73
CA GLN A 52 -8.97 15.80 13.28
C GLN A 52 -9.85 15.69 14.53
N ALA A 53 -10.19 14.49 14.99
CA ALA A 53 -10.93 14.30 16.25
C ALA A 53 -10.07 13.49 17.23
N ASN A 54 -10.39 13.59 18.52
CA ASN A 54 -9.75 12.84 19.60
C ASN A 54 -10.83 12.60 20.67
N GLN A 55 -11.47 11.43 20.68
CA GLN A 55 -12.56 11.08 21.58
C GLN A 55 -12.63 9.56 21.70
N GLU A 56 -11.99 8.95 22.72
CA GLU A 56 -11.92 7.49 22.91
C GLU A 56 -13.27 6.81 22.85
N ASN A 57 -14.29 7.52 23.31
CA ASN A 57 -15.64 6.99 23.44
C ASN A 57 -16.27 6.71 22.07
N LEU A 58 -15.75 7.30 20.99
CA LEU A 58 -16.38 7.43 19.70
C LEU A 58 -15.45 6.83 18.63
N PRO A 59 -15.88 6.75 17.36
CA PRO A 59 -15.09 6.10 16.32
C PRO A 59 -13.99 7.03 15.84
N ILE A 60 -12.75 6.55 15.81
CA ILE A 60 -11.55 7.25 15.33
C ILE A 60 -11.77 8.01 14.00
N LEU A 61 -12.71 7.55 13.17
CA LEU A 61 -13.19 8.20 11.96
C LEU A 61 -13.71 9.63 12.25
N LYS A 62 -14.75 9.75 13.09
CA LYS A 62 -15.67 10.87 13.37
C LYS A 62 -15.92 11.82 12.19
N ARG A 63 -15.90 11.27 10.98
CA ARG A 63 -15.87 11.99 9.70
C ARG A 63 -15.00 13.26 9.81
N ALA A 64 -13.75 13.08 10.24
CA ALA A 64 -12.85 14.14 10.65
C ALA A 64 -11.41 13.71 10.35
N VAL A 65 -10.88 14.10 9.20
CA VAL A 65 -9.49 13.81 8.79
C VAL A 65 -8.94 15.04 8.06
N ALA A 66 -7.62 15.16 8.09
CA ALA A 66 -6.82 16.20 7.49
C ALA A 66 -5.80 15.52 6.59
N GLY A 67 -5.71 15.95 5.34
CA GLY A 67 -4.87 15.34 4.34
C GLY A 67 -5.65 14.21 3.67
N ASP A 68 -6.04 14.43 2.41
CA ASP A 68 -6.71 13.46 1.54
C ASP A 68 -7.96 12.86 2.21
N ALA A 69 -8.43 11.68 1.76
CA ALA A 69 -9.43 10.87 2.42
C ALA A 69 -9.22 9.38 2.15
N SER A 70 -8.79 9.04 0.93
CA SER A 70 -8.45 7.71 0.46
C SER A 70 -7.15 7.25 1.10
N GLU A 71 -6.07 8.03 0.97
CA GLU A 71 -4.77 7.70 1.56
C GLU A 71 -4.93 7.48 3.06
N SER A 72 -5.71 8.38 3.65
CA SER A 72 -6.06 8.41 5.05
C SER A 72 -6.73 7.13 5.52
N ALA A 73 -7.31 6.33 4.63
CA ALA A 73 -7.91 5.04 4.98
C ALA A 73 -6.94 4.19 5.79
N LEU A 74 -5.71 4.05 5.31
CA LEU A 74 -4.75 3.17 5.95
C LEU A 74 -4.44 3.64 7.36
N LEU A 75 -4.33 4.95 7.57
CA LEU A 75 -4.11 5.55 8.87
C LEU A 75 -5.23 5.08 9.81
N LYS A 76 -6.49 5.16 9.37
CA LYS A 76 -7.65 4.79 10.19
C LYS A 76 -7.74 3.30 10.49
N CYS A 77 -7.02 2.42 9.79
CA CYS A 77 -6.98 0.98 10.07
C CYS A 77 -5.60 0.52 10.59
N ILE A 78 -4.68 1.44 10.86
CA ILE A 78 -3.37 1.14 11.42
C ILE A 78 -3.34 1.73 12.83
N GLU A 79 -3.58 3.04 12.97
CA GLU A 79 -3.46 3.79 14.21
C GLU A 79 -4.25 3.19 15.38
N VAL A 80 -5.47 2.76 15.07
CA VAL A 80 -6.45 2.19 15.96
C VAL A 80 -5.89 0.99 16.74
N CYS A 81 -5.15 0.11 16.05
CA CYS A 81 -4.54 -1.10 16.59
C CYS A 81 -3.75 -1.74 15.45
N CYS A 82 -2.45 -1.45 15.38
CA CYS A 82 -1.45 -2.09 14.52
C CYS A 82 -0.09 -1.48 14.83
N GLY A 83 -0.06 -0.17 15.06
CA GLY A 83 1.12 0.67 15.13
C GLY A 83 0.72 2.07 14.67
N SER A 84 1.68 2.99 14.53
CA SER A 84 1.43 4.33 14.05
C SER A 84 2.31 4.62 12.84
N VAL A 85 1.99 5.71 12.15
CA VAL A 85 2.55 6.11 10.87
C VAL A 85 3.20 7.49 10.98
N MET A 86 2.57 8.41 11.70
CA MET A 86 3.07 9.78 11.90
C MET A 86 4.47 9.82 12.54
N GLU A 87 4.91 8.71 13.15
CA GLU A 87 6.28 8.53 13.62
C GLU A 87 7.14 8.01 12.47
N MET A 88 6.69 7.01 11.69
CA MET A 88 7.52 6.37 10.69
C MET A 88 7.93 7.30 9.56
N ARG A 89 7.06 8.22 9.17
CA ARG A 89 7.42 9.31 8.23
C ARG A 89 8.70 10.05 8.63
N GLU A 90 9.02 10.06 9.92
CA GLU A 90 10.14 10.77 10.53
C GLU A 90 11.28 9.82 10.88
N LYS A 91 10.94 8.56 11.17
CA LYS A 91 11.86 7.42 11.23
C LYS A 91 12.67 7.34 9.94
N TYR A 92 11.98 7.32 8.80
CA TYR A 92 12.56 7.33 7.48
C TYR A 92 12.95 8.77 7.13
N THR A 93 13.80 8.95 6.13
CA THR A 93 14.47 10.19 5.80
C THR A 93 13.96 10.82 4.50
N LYS A 94 13.05 10.14 3.77
CA LYS A 94 12.39 10.71 2.59
C LYS A 94 13.42 11.18 1.59
N ILE A 95 14.20 10.22 1.09
CA ILE A 95 15.20 10.47 0.04
C ILE A 95 14.57 11.44 -0.96
N VAL A 96 13.43 11.06 -1.53
CA VAL A 96 12.76 11.80 -2.58
C VAL A 96 11.27 11.44 -2.57
N GLU A 97 10.48 12.23 -3.29
CA GLU A 97 9.04 12.18 -3.37
C GLU A 97 8.70 12.99 -4.61
N ILE A 98 8.10 12.34 -5.61
CA ILE A 98 7.68 13.01 -6.85
C ILE A 98 6.18 13.28 -6.77
N PRO A 99 5.72 14.51 -7.05
CA PRO A 99 4.30 14.84 -7.09
C PRO A 99 3.67 14.36 -8.40
N PHE A 100 2.34 14.50 -8.48
CA PHE A 100 1.62 14.41 -9.75
C PHE A 100 2.07 15.52 -10.70
N ASN A 101 2.17 16.77 -10.23
CA ASN A 101 2.48 17.93 -11.07
C ASN A 101 3.99 18.04 -11.32
N SER A 102 4.56 16.99 -11.86
CA SER A 102 5.85 16.94 -12.52
C SER A 102 5.63 15.92 -13.65
N THR A 103 6.14 14.70 -13.51
CA THR A 103 6.07 13.63 -14.50
C THR A 103 4.66 13.18 -14.87
N ASN A 104 3.65 13.50 -14.04
CA ASN A 104 2.27 13.04 -14.20
C ASN A 104 2.21 11.50 -14.29
N LYS A 105 1.05 10.96 -14.66
CA LYS A 105 0.71 9.55 -14.80
C LYS A 105 0.59 8.89 -13.42
N TYR A 106 1.66 8.88 -12.62
CA TYR A 106 1.71 8.30 -11.30
C TYR A 106 2.50 9.21 -10.36
N GLN A 107 2.66 8.80 -9.11
CA GLN A 107 3.56 9.36 -8.11
C GLN A 107 4.14 8.22 -7.28
N LEU A 108 5.21 8.50 -6.55
CA LEU A 108 6.01 7.52 -5.81
C LEU A 108 6.81 8.25 -4.73
N SER A 109 7.59 7.53 -3.91
CA SER A 109 8.43 8.11 -2.89
C SER A 109 9.50 7.09 -2.52
N ILE A 110 10.70 7.57 -2.17
CA ILE A 110 11.84 6.72 -1.81
C ILE A 110 12.30 7.11 -0.41
N HIS A 111 12.68 6.11 0.38
CA HIS A 111 12.99 6.26 1.79
C HIS A 111 14.09 5.28 2.19
N LYS A 112 15.22 5.79 2.69
CA LYS A 112 16.22 4.92 3.32
C LYS A 112 15.65 4.39 4.62
N ASN A 113 16.04 3.17 4.95
CA ASN A 113 15.58 2.39 6.07
C ASN A 113 16.84 2.18 6.94
N PRO A 114 16.91 2.72 8.17
CA PRO A 114 18.05 2.57 9.05
C PRO A 114 18.10 1.15 9.60
N ASN A 115 16.95 0.64 10.05
CA ASN A 115 16.60 -0.75 10.25
C ASN A 115 15.14 -0.86 9.88
N ALA A 116 14.71 -1.99 9.30
CA ALA A 116 13.36 -2.43 8.91
C ALA A 116 13.21 -2.67 7.40
N SER A 117 14.29 -2.83 6.63
CA SER A 117 14.31 -3.53 5.34
C SER A 117 15.65 -4.26 5.16
N GLU A 118 15.71 -5.23 4.25
CA GLU A 118 16.93 -5.90 3.84
C GLU A 118 17.89 -4.88 3.19
N PRO A 119 17.59 -4.26 2.03
CA PRO A 119 18.41 -3.15 1.57
C PRO A 119 18.06 -1.89 2.35
N LYS A 120 18.79 -0.81 2.07
CA LYS A 120 18.68 0.45 2.78
C LYS A 120 17.50 1.22 2.22
N HIS A 121 17.59 1.72 0.99
CA HIS A 121 16.57 2.44 0.25
C HIS A 121 15.37 1.55 -0.09
N LEU A 122 14.29 1.69 0.67
CA LEU A 122 12.96 1.21 0.35
C LEU A 122 12.33 2.22 -0.63
N LEU A 123 11.39 1.75 -1.44
CA LEU A 123 10.54 2.50 -2.36
C LEU A 123 9.14 1.96 -2.16
N VAL A 124 8.12 2.82 -2.21
CA VAL A 124 6.72 2.44 -2.19
C VAL A 124 6.04 3.16 -3.37
N MET A 125 5.12 2.49 -4.06
CA MET A 125 4.51 2.98 -5.30
C MET A 125 3.02 2.73 -5.29
N LYS A 126 2.31 3.61 -6.00
CA LYS A 126 0.89 3.90 -5.78
C LYS A 126 0.25 4.44 -7.06
N GLY A 127 -1.03 4.82 -6.98
CA GLY A 127 -1.93 5.00 -8.12
C GLY A 127 -2.72 3.71 -8.40
N ALA A 128 -3.45 3.73 -9.52
CA ALA A 128 -4.41 2.71 -9.93
C ALA A 128 -3.81 1.29 -9.95
N PRO A 129 -4.64 0.24 -9.80
CA PRO A 129 -4.16 -1.12 -9.58
C PRO A 129 -3.45 -1.65 -10.83
N GLU A 130 -4.12 -1.62 -11.99
CA GLU A 130 -3.64 -2.02 -13.31
C GLU A 130 -2.21 -1.56 -13.57
N ARG A 131 -1.89 -0.34 -13.15
CA ARG A 131 -0.62 0.31 -13.38
C ARG A 131 0.46 -0.41 -12.58
N ILE A 132 0.23 -0.60 -11.27
CA ILE A 132 1.12 -1.35 -10.42
C ILE A 132 1.25 -2.76 -11.00
N LEU A 133 0.12 -3.40 -11.33
CA LEU A 133 0.11 -4.75 -11.89
C LEU A 133 0.98 -4.80 -13.12
N ASP A 134 1.06 -3.70 -13.90
CA ASP A 134 1.76 -3.78 -15.19
C ASP A 134 3.26 -3.82 -15.00
N ARG A 135 3.72 -3.35 -13.85
CA ARG A 135 5.11 -3.13 -13.47
C ARG A 135 5.53 -4.19 -12.46
N CYS A 136 4.59 -5.04 -12.06
CA CYS A 136 4.83 -6.10 -11.10
C CYS A 136 5.36 -7.34 -11.80
N SER A 137 6.42 -7.88 -11.20
CA SER A 137 7.15 -9.04 -11.65
C SER A 137 6.72 -10.30 -10.87
N SER A 138 6.25 -10.18 -9.64
CA SER A 138 5.88 -11.29 -8.78
C SER A 138 4.85 -10.84 -7.74
N ILE A 139 4.34 -11.76 -6.92
CA ILE A 139 3.37 -11.53 -5.86
C ILE A 139 3.86 -12.31 -4.62
N LEU A 140 3.11 -12.26 -3.53
CA LEU A 140 3.44 -12.81 -2.22
C LEU A 140 2.20 -13.52 -1.72
N LEU A 141 2.29 -14.81 -1.38
CA LEU A 141 1.16 -15.56 -0.82
C LEU A 141 1.39 -15.84 0.66
N HIS A 142 1.58 -17.10 1.05
CA HIS A 142 1.70 -17.59 2.43
C HIS A 142 3.10 -17.29 2.99
N GLY A 143 3.56 -16.03 2.87
CA GLY A 143 4.88 -15.61 3.31
C GLY A 143 5.98 -16.00 2.31
N LYS A 144 5.61 -16.52 1.12
CA LYS A 144 6.49 -17.03 0.10
C LYS A 144 6.80 -15.91 -0.89
N GLU A 145 6.83 -16.19 -2.19
CA GLU A 145 6.90 -15.27 -3.33
C GLU A 145 6.58 -16.14 -4.54
N GLN A 146 5.61 -15.75 -5.35
CA GLN A 146 5.21 -16.48 -6.56
C GLN A 146 5.48 -15.58 -7.77
N PRO A 147 6.04 -16.14 -8.86
CA PRO A 147 6.15 -15.45 -10.13
C PRO A 147 4.74 -15.22 -10.64
N LEU A 148 4.40 -13.97 -10.92
CA LEU A 148 3.11 -13.64 -11.51
C LEU A 148 3.07 -14.23 -12.92
N ASP A 149 1.88 -14.64 -13.38
CA ASP A 149 1.77 -15.51 -14.57
C ASP A 149 0.76 -14.84 -15.49
N GLU A 150 -0.33 -15.53 -15.84
CA GLU A 150 -1.51 -15.00 -16.46
C GLU A 150 -2.73 -15.27 -15.58
N GLU A 151 -2.84 -16.45 -14.96
CA GLU A 151 -4.00 -16.80 -14.11
C GLU A 151 -3.84 -16.14 -12.75
N LEU A 152 -2.62 -15.77 -12.36
CA LEU A 152 -2.45 -15.06 -11.10
C LEU A 152 -2.98 -13.64 -11.18
N LYS A 153 -2.96 -13.02 -12.35
CA LYS A 153 -3.65 -11.76 -12.55
C LYS A 153 -5.16 -11.98 -12.36
N ASP A 154 -5.72 -13.12 -12.77
CA ASP A 154 -7.16 -13.44 -12.64
C ASP A 154 -7.60 -13.35 -11.19
N ALA A 155 -6.78 -13.93 -10.30
CA ALA A 155 -7.04 -13.99 -8.86
C ALA A 155 -7.11 -12.59 -8.23
N PHE A 156 -6.36 -11.63 -8.77
CA PHE A 156 -6.41 -10.23 -8.43
C PHE A 156 -7.62 -9.57 -9.08
N GLN A 157 -7.85 -9.82 -10.37
CA GLN A 157 -8.89 -9.16 -11.14
C GLN A 157 -10.20 -9.30 -10.38
N ASN A 158 -10.74 -10.52 -10.31
CA ASN A 158 -12.06 -10.77 -9.69
C ASN A 158 -12.18 -10.07 -8.35
N ALA A 159 -11.11 -10.13 -7.55
CA ALA A 159 -11.00 -9.42 -6.31
C ALA A 159 -11.18 -7.91 -6.51
N TYR A 160 -10.32 -7.21 -7.24
CA TYR A 160 -10.48 -5.80 -7.62
C TYR A 160 -11.89 -5.47 -8.13
N LEU A 161 -12.47 -6.36 -8.94
CA LEU A 161 -13.79 -6.16 -9.53
C LEU A 161 -14.86 -6.20 -8.45
N GLU A 162 -14.75 -7.11 -7.48
CA GLU A 162 -15.57 -7.27 -6.28
C GLU A 162 -15.40 -6.04 -5.37
N LEU A 163 -14.14 -5.73 -5.02
CA LEU A 163 -13.70 -4.77 -3.99
C LEU A 163 -14.36 -3.40 -4.10
N GLY A 164 -14.81 -3.00 -5.29
CA GLY A 164 -15.73 -1.89 -5.48
C GLY A 164 -15.60 -1.35 -6.88
N GLY A 165 -14.34 -1.15 -7.30
CA GLY A 165 -13.94 -0.78 -8.64
C GLY A 165 -14.67 0.47 -9.15
N LEU A 166 -14.59 0.67 -10.46
CA LEU A 166 -15.51 1.41 -11.34
C LEU A 166 -15.36 2.92 -11.16
N GLY A 167 -15.56 3.40 -9.95
CA GLY A 167 -15.28 4.75 -9.48
C GLY A 167 -14.34 4.72 -8.28
N GLU A 168 -14.52 3.76 -7.35
CA GLU A 168 -13.65 3.53 -6.20
C GLU A 168 -12.21 3.33 -6.66
N ARG A 169 -11.30 4.23 -6.26
CA ARG A 169 -9.90 4.21 -6.65
C ARG A 169 -9.12 3.23 -5.78
N VAL A 170 -9.37 1.94 -6.00
CA VAL A 170 -8.52 0.86 -5.50
C VAL A 170 -7.08 1.18 -5.92
N LEU A 171 -6.20 1.40 -4.94
CA LEU A 171 -4.76 1.58 -5.15
C LEU A 171 -4.08 0.22 -5.27
N GLY A 172 -2.90 0.20 -5.87
CA GLY A 172 -2.17 -1.02 -6.18
C GLY A 172 -1.11 -1.46 -5.16
N PHE A 173 -0.61 -0.55 -4.30
CA PHE A 173 0.34 -0.74 -3.21
C PHE A 173 1.43 -1.82 -3.39
N CYS A 174 2.58 -1.45 -3.92
CA CYS A 174 3.73 -2.32 -4.14
C CYS A 174 4.99 -1.75 -3.47
N HIS A 175 5.99 -2.61 -3.28
CA HIS A 175 7.39 -2.31 -2.96
C HIS A 175 8.27 -3.01 -4.02
N LEU A 176 9.59 -2.97 -3.87
CA LEU A 176 10.54 -3.88 -4.55
C LEU A 176 11.80 -4.10 -3.72
N LEU A 177 12.12 -3.17 -2.81
CA LEU A 177 13.33 -3.14 -1.98
C LEU A 177 14.53 -2.93 -2.92
N LEU A 178 14.98 -1.67 -3.07
CA LEU A 178 15.95 -1.30 -4.11
C LEU A 178 17.28 -2.01 -3.82
N PRO A 179 17.82 -2.84 -4.74
CA PRO A 179 19.01 -3.65 -4.48
C PRO A 179 20.21 -2.79 -4.22
N ASP A 180 20.55 -2.70 -2.95
CA ASP A 180 21.55 -1.78 -2.41
C ASP A 180 22.92 -2.00 -3.07
N GLU A 181 23.15 -3.22 -3.55
CA GLU A 181 24.33 -3.69 -4.28
C GLU A 181 24.48 -2.96 -5.60
N GLN A 182 23.50 -3.10 -6.51
CA GLN A 182 23.50 -2.42 -7.79
C GLN A 182 23.36 -0.91 -7.56
N PHE A 183 22.62 -0.52 -6.53
CA PHE A 183 22.44 0.87 -6.14
C PHE A 183 23.76 1.46 -5.61
N PRO A 184 23.85 2.79 -5.45
CA PRO A 184 24.90 3.42 -4.67
C PRO A 184 24.56 3.40 -3.19
N GLU A 185 25.50 3.86 -2.38
CA GLU A 185 25.26 4.11 -0.98
C GLU A 185 25.03 5.60 -0.72
N GLY A 186 25.13 6.44 -1.76
CA GLY A 186 25.10 7.90 -1.68
C GLY A 186 23.76 8.51 -2.06
N PHE A 187 22.80 7.69 -2.54
CA PHE A 187 21.38 8.01 -2.70
C PHE A 187 21.05 9.35 -3.36
N GLN A 188 21.88 9.80 -4.30
CA GLN A 188 21.77 11.09 -4.95
C GLN A 188 20.73 11.13 -6.07
N PHE A 189 19.58 10.48 -5.89
CA PHE A 189 18.65 10.27 -7.02
C PHE A 189 18.04 11.59 -7.51
N ASP A 190 17.74 12.48 -6.56
CA ASP A 190 16.82 13.62 -6.71
C ASP A 190 15.52 13.22 -7.43
N THR A 191 14.67 14.18 -7.80
CA THR A 191 13.37 13.96 -8.41
C THR A 191 13.42 14.30 -9.90
N ASP A 192 14.63 14.55 -10.41
CA ASP A 192 14.89 15.00 -11.76
C ASP A 192 15.46 13.79 -12.49
N GLU A 193 16.56 13.26 -11.98
CA GLU A 193 17.44 12.36 -12.71
C GLU A 193 17.55 11.00 -12.03
N VAL A 194 16.42 10.55 -11.46
CA VAL A 194 16.20 9.39 -10.62
C VAL A 194 16.99 8.16 -11.03
N ASN A 195 16.97 7.81 -12.33
CA ASN A 195 17.72 6.73 -12.99
C ASN A 195 17.34 5.30 -12.55
N PHE A 196 16.41 5.19 -11.62
CA PHE A 196 16.00 3.97 -10.92
C PHE A 196 15.07 3.07 -11.78
N PRO A 197 14.76 1.82 -11.38
CA PRO A 197 13.85 0.95 -12.12
C PRO A 197 12.40 1.33 -11.86
N VAL A 198 11.52 0.97 -12.80
CA VAL A 198 10.09 1.25 -12.69
C VAL A 198 9.25 0.11 -13.28
N ASP A 199 9.70 -1.14 -13.10
CA ASP A 199 9.01 -2.32 -13.67
C ASP A 199 9.56 -3.64 -13.09
N ASN A 200 9.89 -3.62 -11.81
CA ASN A 200 10.47 -4.68 -11.02
C ASN A 200 9.59 -5.04 -9.83
N LEU A 201 8.45 -4.36 -9.72
CA LEU A 201 7.71 -4.19 -8.49
C LEU A 201 7.15 -5.54 -8.03
N CYS A 202 6.78 -5.59 -6.76
CA CYS A 202 6.19 -6.76 -6.13
C CYS A 202 4.75 -6.43 -5.79
N PHE A 203 3.85 -7.28 -6.29
CA PHE A 203 2.39 -7.23 -6.28
C PHE A 203 1.73 -7.38 -4.90
N VAL A 204 2.56 -7.43 -3.84
CA VAL A 204 2.38 -8.01 -2.51
C VAL A 204 0.92 -8.28 -2.12
N GLY A 205 0.13 -7.22 -2.01
CA GLY A 205 -1.29 -7.28 -1.74
C GLY A 205 -1.81 -5.86 -1.91
N LEU A 206 -3.13 -5.71 -1.82
CA LEU A 206 -3.78 -4.41 -1.86
C LEU A 206 -5.00 -4.43 -0.96
N ILE A 207 -5.59 -3.26 -0.78
CA ILE A 207 -6.71 -3.08 0.11
C ILE A 207 -7.91 -2.86 -0.82
N SER A 208 -8.40 -1.63 -1.02
CA SER A 208 -9.57 -1.31 -1.85
C SER A 208 -10.09 0.09 -1.48
N MET A 209 -9.20 1.08 -1.54
CA MET A 209 -9.55 2.42 -1.10
C MET A 209 -10.80 2.94 -1.79
N ILE A 210 -11.68 3.58 -1.01
CA ILE A 210 -12.85 4.24 -1.55
C ILE A 210 -12.39 5.52 -2.26
N ASP A 211 -13.30 6.08 -3.04
CA ASP A 211 -13.23 7.43 -3.61
C ASP A 211 -14.66 7.85 -4.03
N PRO A 212 -15.52 8.22 -3.07
CA PRO A 212 -16.92 8.57 -3.35
C PRO A 212 -17.04 10.03 -3.86
N PRO A 213 -18.01 10.32 -4.74
CA PRO A 213 -18.20 11.63 -5.37
C PRO A 213 -18.98 12.61 -4.49
N GLN A 1 -21.83 11.29 -0.07
CA GLN A 1 -22.91 10.34 -0.36
C GLN A 1 -22.93 9.18 0.63
N ASN A 2 -21.79 8.53 0.88
CA ASN A 2 -21.63 7.34 1.71
C ASN A 2 -20.48 7.52 2.71
N PRO A 3 -20.43 6.67 3.75
CA PRO A 3 -19.26 6.49 4.61
C PRO A 3 -18.08 5.91 3.81
N MET A 4 -16.97 5.67 4.51
CA MET A 4 -15.77 5.11 3.91
C MET A 4 -15.29 3.93 4.74
N THR A 5 -14.73 2.94 4.08
CA THR A 5 -14.08 1.80 4.69
C THR A 5 -12.84 1.43 3.87
N VAL A 6 -12.19 0.34 4.25
CA VAL A 6 -11.29 -0.42 3.39
C VAL A 6 -12.04 -0.99 2.18
N ALA A 7 -13.38 -1.07 2.19
CA ALA A 7 -14.24 -1.89 1.34
C ALA A 7 -13.96 -3.38 1.56
N HIS A 8 -12.75 -3.80 1.23
CA HIS A 8 -12.19 -5.12 1.30
C HIS A 8 -10.71 -4.95 0.96
N MET A 9 -9.92 -5.97 1.22
CA MET A 9 -8.51 -6.01 0.87
C MET A 9 -8.29 -7.24 0.00
N TRP A 10 -7.27 -7.20 -0.85
CA TRP A 10 -6.81 -8.35 -1.59
C TRP A 10 -5.29 -8.38 -1.44
N PHE A 11 -4.72 -9.57 -1.44
CA PHE A 11 -3.27 -9.75 -1.41
C PHE A 11 -3.01 -11.21 -1.72
N ASP A 12 -3.69 -12.06 -0.96
CA ASP A 12 -3.56 -13.51 -0.91
C ASP A 12 -4.03 -14.22 -2.18
N ASN A 13 -4.46 -13.47 -3.20
CA ASN A 13 -4.98 -13.94 -4.49
C ASN A 13 -6.39 -14.50 -4.38
N GLN A 14 -7.12 -14.05 -3.36
CA GLN A 14 -8.45 -14.57 -3.04
C GLN A 14 -9.27 -13.57 -2.24
N ILE A 15 -8.94 -12.29 -2.37
CA ILE A 15 -9.45 -11.22 -1.51
C ILE A 15 -9.00 -11.59 -0.08
N HIS A 16 -9.56 -10.98 0.95
CA HIS A 16 -9.51 -11.42 2.33
C HIS A 16 -10.64 -10.68 3.05
N GLU A 17 -11.26 -11.30 4.06
CA GLU A 17 -12.24 -10.61 4.90
C GLU A 17 -11.54 -9.71 5.92
N ALA A 18 -12.31 -8.95 6.70
CA ALA A 18 -11.82 -8.17 7.83
C ALA A 18 -12.89 -8.17 8.90
N ASP A 19 -13.97 -7.41 8.68
CA ASP A 19 -15.07 -7.24 9.61
C ASP A 19 -16.37 -7.36 8.83
N THR A 20 -17.02 -8.51 8.98
CA THR A 20 -18.25 -8.92 8.30
C THR A 20 -19.27 -9.36 9.37
N THR A 21 -20.30 -10.12 9.00
CA THR A 21 -21.38 -10.53 9.89
C THR A 21 -21.72 -12.03 9.76
N GLU A 22 -21.01 -12.76 8.88
CA GLU A 22 -21.31 -14.12 8.50
C GLU A 22 -21.31 -15.09 9.69
N ASN A 23 -22.01 -16.22 9.56
CA ASN A 23 -22.29 -17.16 10.63
C ASN A 23 -21.22 -18.25 10.65
N GLN A 24 -20.58 -18.43 11.81
CA GLN A 24 -19.63 -19.51 12.12
C GLN A 24 -18.63 -19.78 10.98
N SER A 25 -18.09 -18.72 10.38
CA SER A 25 -17.22 -18.79 9.22
C SER A 25 -15.82 -19.25 9.65
N GLY A 26 -15.10 -18.43 10.40
CA GLY A 26 -13.77 -18.74 10.91
C GLY A 26 -12.96 -17.48 11.10
N VAL A 27 -11.76 -17.68 11.64
CA VAL A 27 -10.65 -16.74 11.59
C VAL A 27 -9.43 -17.59 11.25
N SER A 28 -8.94 -18.38 12.20
CA SER A 28 -7.73 -19.21 12.10
C SER A 28 -6.50 -18.50 11.50
N PHE A 29 -6.50 -17.17 11.51
CA PHE A 29 -5.59 -16.34 10.74
C PHE A 29 -4.25 -16.28 11.46
N ASP A 30 -3.30 -17.10 11.03
CA ASP A 30 -1.94 -17.08 11.54
C ASP A 30 -1.39 -15.66 11.33
N LYS A 31 -0.88 -15.06 12.40
CA LYS A 31 -0.59 -13.63 12.44
C LYS A 31 0.66 -13.30 11.62
N THR A 32 1.70 -14.12 11.81
CA THR A 32 2.90 -14.32 11.02
C THR A 32 3.25 -13.17 10.07
N SER A 33 4.08 -12.23 10.52
CA SER A 33 4.54 -11.06 9.77
C SER A 33 5.36 -11.43 8.52
N ALA A 34 4.71 -11.82 7.41
CA ALA A 34 5.32 -11.93 6.09
C ALA A 34 4.61 -11.06 5.06
N THR A 35 3.61 -11.59 4.35
CA THR A 35 2.83 -10.91 3.32
C THR A 35 2.22 -9.61 3.87
N TRP A 36 1.57 -9.69 5.05
CA TRP A 36 0.99 -8.52 5.70
C TRP A 36 2.10 -7.53 5.97
N PHE A 37 3.20 -7.97 6.58
CA PHE A 37 4.30 -7.12 6.98
C PHE A 37 4.85 -6.33 5.79
N ALA A 38 5.00 -6.97 4.62
CA ALA A 38 5.41 -6.33 3.39
C ALA A 38 4.46 -5.19 3.03
N LEU A 39 3.15 -5.46 3.01
CA LEU A 39 2.12 -4.49 2.72
C LEU A 39 2.19 -3.39 3.76
N SER A 40 2.48 -3.75 5.01
CA SER A 40 2.62 -2.86 6.13
C SER A 40 3.77 -1.88 5.96
N ARG A 41 4.76 -2.19 5.11
CA ARG A 41 5.82 -1.24 4.75
C ARG A 41 5.29 -0.23 3.73
N ILE A 42 4.24 -0.53 2.96
CA ILE A 42 3.69 0.39 1.97
C ILE A 42 2.57 1.17 2.63
N ALA A 43 1.58 0.48 3.19
CA ALA A 43 0.25 0.96 3.52
C ALA A 43 0.18 1.98 4.68
N GLY A 44 1.32 2.30 5.31
CA GLY A 44 1.43 3.36 6.30
C GLY A 44 2.32 4.51 5.81
N LEU A 45 3.46 4.16 5.21
CA LEU A 45 4.34 5.06 4.48
C LEU A 45 3.64 5.80 3.35
N CYS A 46 3.22 5.06 2.31
CA CYS A 46 2.56 5.49 1.07
C CYS A 46 1.20 6.15 1.36
N ASN A 47 1.21 7.31 2.02
CA ASN A 47 0.09 7.92 2.73
C ASN A 47 0.45 9.38 3.05
N ARG A 48 -0.48 10.35 3.04
CA ARG A 48 -0.22 11.73 3.50
C ARG A 48 -1.25 12.25 4.50
N ALA A 49 -2.06 11.36 5.09
CA ALA A 49 -3.19 11.68 5.92
C ALA A 49 -2.84 11.41 7.37
N VAL A 50 -3.58 12.08 8.24
CA VAL A 50 -3.61 11.97 9.68
C VAL A 50 -5.07 12.19 10.10
N PHE A 51 -5.38 11.95 11.36
CA PHE A 51 -6.70 12.13 11.92
C PHE A 51 -6.98 13.61 12.16
N GLN A 52 -8.24 13.90 12.53
CA GLN A 52 -8.66 15.08 13.24
C GLN A 52 -9.12 14.63 14.63
N ALA A 53 -9.20 15.55 15.57
CA ALA A 53 -9.68 15.27 16.92
C ALA A 53 -11.11 14.72 16.85
N ASN A 54 -11.38 13.57 17.48
CA ASN A 54 -12.75 13.11 17.73
C ASN A 54 -12.80 12.31 19.03
N GLN A 55 -14.02 12.00 19.46
CA GLN A 55 -14.28 11.30 20.71
C GLN A 55 -14.02 9.81 20.51
N GLU A 56 -13.02 9.29 21.22
CA GLU A 56 -12.50 7.92 21.13
C GLU A 56 -13.57 6.86 21.39
N ASN A 57 -14.62 7.25 22.12
CA ASN A 57 -15.68 6.36 22.52
C ASN A 57 -16.74 6.16 21.41
N LEU A 58 -16.36 6.46 20.16
CA LEU A 58 -17.07 6.32 18.91
C LEU A 58 -16.16 5.47 17.97
N PRO A 59 -16.47 5.27 16.68
CA PRO A 59 -15.55 4.61 15.76
C PRO A 59 -14.38 5.53 15.39
N ILE A 60 -13.23 4.94 15.05
CA ILE A 60 -12.04 5.68 14.62
C ILE A 60 -12.25 6.46 13.30
N LEU A 61 -13.28 6.12 12.51
CA LEU A 61 -13.58 6.81 11.26
C LEU A 61 -14.06 8.24 11.55
N LYS A 62 -15.32 8.40 11.99
CA LYS A 62 -16.00 9.65 12.34
C LYS A 62 -15.97 10.81 11.33
N ARG A 63 -15.51 10.57 10.09
CA ARG A 63 -15.05 11.57 9.13
C ARG A 63 -14.21 12.62 9.84
N ALA A 64 -13.18 12.16 10.56
CA ALA A 64 -12.24 12.99 11.27
C ALA A 64 -10.85 12.66 10.73
N VAL A 65 -10.49 13.21 9.58
CA VAL A 65 -9.17 13.08 8.97
C VAL A 65 -8.81 14.43 8.34
N ALA A 66 -7.51 14.64 8.22
CA ALA A 66 -6.85 15.76 7.59
C ALA A 66 -5.79 15.18 6.66
N GLY A 67 -5.85 15.53 5.38
CA GLY A 67 -4.98 14.99 4.35
C GLY A 67 -5.72 13.98 3.50
N ASP A 68 -6.65 14.45 2.68
CA ASP A 68 -7.35 13.67 1.67
C ASP A 68 -8.27 12.69 2.41
N ALA A 69 -8.71 11.58 1.79
CA ALA A 69 -9.41 10.53 2.54
C ALA A 69 -9.05 9.11 2.09
N SER A 70 -8.56 8.92 0.88
CA SER A 70 -8.19 7.64 0.27
C SER A 70 -7.16 6.94 1.16
N GLU A 71 -5.96 7.50 1.21
CA GLU A 71 -4.82 7.04 2.01
C GLU A 71 -5.18 6.99 3.51
N SER A 72 -6.07 7.89 3.95
CA SER A 72 -6.59 7.92 5.31
C SER A 72 -7.25 6.61 5.69
N ALA A 73 -8.00 6.04 4.76
CA ALA A 73 -8.77 4.82 4.98
C ALA A 73 -7.86 3.69 5.49
N LEU A 74 -6.63 3.66 4.99
CA LEU A 74 -5.59 2.70 5.34
C LEU A 74 -4.88 3.10 6.63
N LEU A 75 -4.74 4.39 6.93
CA LEU A 75 -4.23 4.89 8.20
C LEU A 75 -5.04 4.26 9.34
N LYS A 76 -6.38 4.35 9.25
CA LYS A 76 -7.25 4.01 10.37
C LYS A 76 -7.30 2.52 10.64
N CYS A 77 -7.16 1.66 9.62
CA CYS A 77 -7.19 0.22 9.82
C CYS A 77 -5.89 -0.36 10.40
N ILE A 78 -4.82 0.43 10.56
CA ILE A 78 -3.52 -0.09 11.00
C ILE A 78 -3.28 0.21 12.49
N GLU A 79 -3.46 1.46 12.94
CA GLU A 79 -3.03 1.80 14.31
C GLU A 79 -3.97 1.22 15.36
N VAL A 80 -5.26 1.06 15.02
CA VAL A 80 -6.26 0.36 15.81
C VAL A 80 -5.79 -1.06 16.15
N CYS A 81 -4.94 -1.67 15.32
CA CYS A 81 -4.31 -2.94 15.66
C CYS A 81 -3.13 -2.69 16.60
N CYS A 82 -2.08 -2.00 16.16
CA CYS A 82 -0.94 -1.63 17.01
C CYS A 82 -0.06 -0.59 16.31
N GLY A 83 0.50 -0.97 15.16
CA GLY A 83 1.56 -0.26 14.48
C GLY A 83 1.13 1.15 14.09
N SER A 84 1.89 2.16 14.49
CA SER A 84 1.62 3.54 14.13
C SER A 84 1.75 3.76 12.62
N VAL A 85 1.26 4.90 12.16
CA VAL A 85 1.43 5.40 10.80
C VAL A 85 2.13 6.74 10.84
N MET A 86 1.54 7.71 11.55
CA MET A 86 1.96 9.10 11.47
C MET A 86 3.32 9.37 12.14
N GLU A 87 3.86 8.34 12.79
CA GLU A 87 5.14 8.27 13.47
C GLU A 87 6.11 7.49 12.57
N MET A 88 5.59 6.50 11.84
CA MET A 88 6.33 5.74 10.87
C MET A 88 6.87 6.67 9.78
N ARG A 89 6.05 7.61 9.34
CA ARG A 89 6.36 8.46 8.20
C ARG A 89 7.68 9.25 8.36
N GLU A 90 8.12 9.43 9.59
CA GLU A 90 9.27 10.26 10.02
C GLU A 90 10.43 9.39 10.52
N LYS A 91 10.13 8.15 10.90
CA LYS A 91 11.10 7.05 10.93
C LYS A 91 11.91 7.05 9.64
N TYR A 92 11.18 7.07 8.53
CA TYR A 92 11.66 7.16 7.18
C TYR A 92 11.99 8.59 6.81
N THR A 93 13.04 8.77 6.02
CA THR A 93 13.72 10.03 5.85
C THR A 93 13.19 10.84 4.67
N LYS A 94 12.60 10.17 3.67
CA LYS A 94 12.01 10.85 2.51
C LYS A 94 13.11 11.47 1.65
N ILE A 95 13.93 10.55 1.13
CA ILE A 95 15.01 10.78 0.19
C ILE A 95 14.50 11.71 -0.91
N VAL A 96 13.38 11.34 -1.54
CA VAL A 96 12.74 12.06 -2.63
C VAL A 96 11.24 11.76 -2.61
N GLU A 97 10.45 12.60 -3.28
CA GLU A 97 9.01 12.50 -3.44
C GLU A 97 8.77 13.21 -4.78
N ILE A 98 8.24 12.47 -5.76
CA ILE A 98 7.98 12.99 -7.10
C ILE A 98 6.47 13.10 -7.25
N PRO A 99 5.93 14.20 -7.84
CA PRO A 99 4.50 14.39 -8.01
C PRO A 99 3.95 13.51 -9.15
N PHE A 100 4.03 13.99 -10.38
CA PHE A 100 3.67 13.30 -11.63
C PHE A 100 4.88 13.22 -12.59
N ASN A 101 5.97 13.92 -12.26
CA ASN A 101 7.08 14.17 -13.17
C ASN A 101 7.89 12.90 -13.42
N SER A 102 7.52 12.14 -14.45
CA SER A 102 8.02 10.81 -14.70
C SER A 102 7.73 10.40 -16.15
N THR A 103 8.40 9.33 -16.57
CA THR A 103 8.47 8.85 -17.94
C THR A 103 7.14 8.29 -18.46
N ASN A 104 6.19 8.02 -17.58
CA ASN A 104 4.78 7.90 -17.89
C ASN A 104 4.01 8.44 -16.66
N LYS A 105 2.68 8.42 -16.69
CA LYS A 105 1.83 8.93 -15.61
C LYS A 105 1.91 8.00 -14.39
N TYR A 106 2.77 8.29 -13.41
CA TYR A 106 2.79 7.61 -12.12
C TYR A 106 3.28 8.55 -11.02
N GLN A 107 3.29 8.07 -9.77
CA GLN A 107 3.75 8.78 -8.59
C GLN A 107 4.49 7.83 -7.69
N LEU A 108 5.53 8.33 -7.02
CA LEU A 108 6.39 7.55 -6.14
C LEU A 108 6.90 8.38 -4.96
N SER A 109 7.62 7.76 -4.02
CA SER A 109 8.58 8.41 -3.14
C SER A 109 9.61 7.36 -2.72
N ILE A 110 10.81 7.81 -2.33
CA ILE A 110 11.88 6.97 -1.83
C ILE A 110 12.23 7.45 -0.44
N HIS A 111 12.54 6.52 0.45
CA HIS A 111 12.93 6.78 1.82
C HIS A 111 13.94 5.71 2.21
N LYS A 112 14.86 6.01 3.14
CA LYS A 112 15.66 4.96 3.78
C LYS A 112 14.88 4.46 5.00
N ASN A 113 14.91 3.16 5.20
CA ASN A 113 14.58 2.39 6.40
C ASN A 113 15.78 2.50 7.33
N PRO A 114 15.59 2.86 8.62
CA PRO A 114 16.66 2.80 9.60
C PRO A 114 16.99 1.35 9.95
N ASN A 115 16.00 0.57 10.39
CA ASN A 115 16.14 -0.79 10.86
C ASN A 115 14.81 -1.54 10.83
N ALA A 116 14.65 -2.52 9.93
CA ALA A 116 13.43 -3.33 9.86
C ALA A 116 13.73 -4.75 9.39
N SER A 117 13.85 -4.96 8.08
CA SER A 117 14.14 -6.26 7.47
C SER A 117 14.60 -6.04 6.03
N GLU A 118 13.98 -5.09 5.34
CA GLU A 118 14.29 -4.67 3.99
C GLU A 118 15.70 -4.02 3.94
N PRO A 119 16.21 -3.64 2.75
CA PRO A 119 17.40 -2.80 2.61
C PRO A 119 17.18 -1.44 3.31
N LYS A 120 18.14 -0.51 3.22
CA LYS A 120 17.85 0.85 3.63
C LYS A 120 16.85 1.47 2.67
N HIS A 121 17.27 1.87 1.48
CA HIS A 121 16.41 2.59 0.56
C HIS A 121 15.24 1.73 0.09
N LEU A 122 14.05 2.13 0.50
CA LEU A 122 12.75 1.63 0.14
C LEU A 122 12.10 2.68 -0.75
N LEU A 123 11.32 2.23 -1.71
CA LEU A 123 10.48 3.02 -2.59
C LEU A 123 9.05 2.50 -2.50
N VAL A 124 8.06 3.37 -2.66
CA VAL A 124 6.66 2.98 -2.84
C VAL A 124 6.13 3.72 -4.08
N MET A 125 5.03 3.26 -4.68
CA MET A 125 4.53 3.71 -5.97
C MET A 125 3.02 3.58 -5.94
N LYS A 126 2.34 4.38 -6.77
CA LYS A 126 0.88 4.46 -6.83
C LYS A 126 0.40 4.98 -8.20
N GLY A 127 -0.90 5.22 -8.31
CA GLY A 127 -1.59 5.61 -9.53
C GLY A 127 -2.18 4.42 -10.29
N ALA A 128 -3.48 4.13 -10.09
CA ALA A 128 -4.31 3.12 -10.77
C ALA A 128 -3.81 1.66 -10.66
N PRO A 129 -4.70 0.70 -10.33
CA PRO A 129 -4.28 -0.65 -9.98
C PRO A 129 -3.73 -1.40 -11.18
N GLU A 130 -4.39 -1.24 -12.32
CA GLU A 130 -3.99 -1.84 -13.58
C GLU A 130 -2.60 -1.38 -14.00
N ARG A 131 -2.18 -0.17 -13.62
CA ARG A 131 -0.85 0.32 -13.99
C ARG A 131 0.15 -0.29 -13.04
N ILE A 132 -0.16 -0.42 -11.74
CA ILE A 132 0.67 -1.14 -10.80
C ILE A 132 0.84 -2.58 -11.27
N LEU A 133 -0.21 -3.23 -11.78
CA LEU A 133 -0.08 -4.55 -12.39
C LEU A 133 0.90 -4.49 -13.56
N ASP A 134 0.76 -3.49 -14.43
CA ASP A 134 1.44 -3.44 -15.72
C ASP A 134 2.96 -3.51 -15.62
N ARG A 135 3.50 -3.08 -14.48
CA ARG A 135 4.92 -2.97 -14.15
C ARG A 135 5.31 -3.94 -13.04
N CYS A 136 4.38 -4.73 -12.53
CA CYS A 136 4.70 -5.82 -11.61
C CYS A 136 5.28 -6.96 -12.42
N SER A 137 6.56 -7.27 -12.21
CA SER A 137 7.18 -8.42 -12.85
C SER A 137 6.96 -9.69 -12.00
N SER A 138 6.64 -9.58 -10.71
CA SER A 138 6.27 -10.70 -9.87
C SER A 138 5.12 -10.30 -8.94
N ILE A 139 4.73 -11.25 -8.10
CA ILE A 139 3.73 -11.09 -7.07
C ILE A 139 4.23 -11.89 -5.86
N LEU A 140 3.64 -11.66 -4.69
CA LEU A 140 4.03 -12.21 -3.40
C LEU A 140 2.84 -12.94 -2.85
N LEU A 141 2.98 -14.26 -2.70
CA LEU A 141 2.11 -15.11 -1.93
C LEU A 141 2.94 -15.90 -0.93
N HIS A 142 2.29 -16.38 0.15
CA HIS A 142 2.87 -17.23 1.18
C HIS A 142 4.17 -16.70 1.79
N GLY A 143 4.40 -15.39 1.76
CA GLY A 143 5.63 -14.77 2.24
C GLY A 143 6.81 -14.95 1.29
N LYS A 144 6.56 -15.22 0.01
CA LYS A 144 7.54 -15.55 -1.02
C LYS A 144 7.31 -14.66 -2.25
N GLU A 145 7.61 -15.11 -3.46
CA GLU A 145 7.57 -14.30 -4.68
C GLU A 145 7.26 -15.22 -5.86
N GLN A 146 5.98 -15.29 -6.24
CA GLN A 146 5.50 -16.08 -7.36
C GLN A 146 5.76 -15.29 -8.66
N PRO A 147 6.28 -15.95 -9.70
CA PRO A 147 6.46 -15.34 -11.00
C PRO A 147 5.08 -15.09 -11.62
N LEU A 148 4.71 -13.81 -11.73
CA LEU A 148 3.37 -13.36 -12.12
C LEU A 148 3.04 -13.83 -13.55
N ASP A 149 1.79 -14.20 -13.78
CA ASP A 149 1.29 -14.75 -15.05
C ASP A 149 -0.23 -14.61 -15.10
N GLU A 150 -0.88 -15.01 -16.19
CA GLU A 150 -2.28 -14.74 -16.49
C GLU A 150 -3.23 -15.24 -15.42
N GLU A 151 -2.95 -16.36 -14.76
CA GLU A 151 -3.84 -16.87 -13.72
C GLU A 151 -3.77 -15.99 -12.47
N LEU A 152 -2.70 -15.22 -12.34
CA LEU A 152 -2.41 -14.35 -11.22
C LEU A 152 -2.81 -12.92 -11.54
N LYS A 153 -2.67 -12.50 -12.81
CA LYS A 153 -3.41 -11.33 -13.29
C LYS A 153 -4.91 -11.54 -13.08
N ASP A 154 -5.42 -12.76 -13.25
CA ASP A 154 -6.85 -13.02 -13.18
C ASP A 154 -7.35 -12.81 -11.77
N ALA A 155 -6.65 -13.38 -10.79
CA ALA A 155 -7.03 -13.30 -9.39
C ALA A 155 -7.05 -11.85 -8.85
N PHE A 156 -6.27 -10.96 -9.47
CA PHE A 156 -6.30 -9.52 -9.28
C PHE A 156 -7.48 -8.91 -10.02
N GLN A 157 -7.64 -9.25 -11.31
CA GLN A 157 -8.66 -8.68 -12.17
C GLN A 157 -9.98 -8.90 -11.46
N ASN A 158 -10.38 -10.15 -11.33
CA ASN A 158 -11.62 -10.56 -10.68
C ASN A 158 -11.87 -9.77 -9.39
N ALA A 159 -10.82 -9.56 -8.58
CA ALA A 159 -10.88 -8.75 -7.37
C ALA A 159 -11.28 -7.32 -7.70
N TYR A 160 -10.45 -6.55 -8.40
CA TYR A 160 -10.73 -5.21 -8.93
C TYR A 160 -12.12 -5.07 -9.57
N LEU A 161 -12.63 -6.12 -10.23
CA LEU A 161 -13.94 -6.09 -10.88
C LEU A 161 -15.09 -6.36 -9.89
N GLU A 162 -14.88 -7.23 -8.89
CA GLU A 162 -15.82 -7.54 -7.84
C GLU A 162 -15.95 -6.34 -6.88
N LEU A 163 -14.80 -5.82 -6.42
CA LEU A 163 -14.68 -4.78 -5.41
C LEU A 163 -15.56 -3.59 -5.82
N GLY A 164 -15.45 -3.14 -7.06
CA GLY A 164 -16.51 -2.49 -7.81
C GLY A 164 -15.92 -1.16 -8.18
N GLY A 165 -16.15 -0.18 -7.33
CA GLY A 165 -15.61 1.15 -7.45
C GLY A 165 -16.76 2.13 -7.31
N LEU A 166 -16.45 3.35 -6.85
CA LEU A 166 -17.38 4.27 -6.22
C LEU A 166 -16.89 5.70 -6.44
N GLY A 167 -15.78 6.09 -5.80
CA GLY A 167 -15.16 7.41 -5.85
C GLY A 167 -14.38 7.60 -7.14
N GLU A 168 -13.08 7.93 -7.05
CA GLU A 168 -12.21 7.92 -8.21
C GLU A 168 -11.87 6.47 -8.56
N ARG A 169 -11.09 5.75 -7.75
CA ARG A 169 -10.74 4.35 -8.08
C ARG A 169 -10.06 3.65 -6.91
N VAL A 170 -9.88 2.34 -7.04
CA VAL A 170 -8.87 1.56 -6.31
C VAL A 170 -7.50 2.23 -6.53
N LEU A 171 -6.60 2.17 -5.54
CA LEU A 171 -5.24 2.66 -5.62
C LEU A 171 -4.36 1.64 -6.37
N GLY A 172 -3.07 1.51 -6.04
CA GLY A 172 -2.23 0.43 -6.49
C GLY A 172 -1.50 -0.21 -5.32
N PHE A 173 -0.54 0.51 -4.73
CA PHE A 173 0.48 0.07 -3.78
C PHE A 173 1.36 -1.05 -4.33
N CYS A 174 2.65 -0.79 -4.42
CA CYS A 174 3.69 -1.79 -4.64
C CYS A 174 5.01 -1.23 -4.07
N HIS A 175 6.00 -2.10 -3.89
CA HIS A 175 7.40 -1.77 -3.61
C HIS A 175 8.30 -2.68 -4.48
N LEU A 176 9.63 -2.47 -4.46
CA LEU A 176 10.63 -3.33 -5.12
C LEU A 176 11.93 -3.51 -4.31
N LEU A 177 12.08 -2.77 -3.21
CA LEU A 177 13.20 -2.70 -2.29
C LEU A 177 14.51 -2.43 -3.03
N LEU A 178 14.77 -1.15 -3.32
CA LEU A 178 15.93 -0.71 -4.10
C LEU A 178 17.20 -1.36 -3.53
N PRO A 179 17.88 -2.22 -4.30
CA PRO A 179 18.95 -3.06 -3.79
C PRO A 179 20.13 -2.24 -3.32
N ASP A 180 20.27 -2.07 -2.00
CA ASP A 180 21.25 -1.25 -1.29
C ASP A 180 22.71 -1.72 -1.49
N GLU A 181 22.88 -2.79 -2.28
CA GLU A 181 24.14 -3.34 -2.75
C GLU A 181 24.50 -2.75 -4.12
N GLN A 182 23.57 -2.80 -5.08
CA GLN A 182 23.79 -2.21 -6.39
C GLN A 182 23.63 -0.70 -6.34
N PHE A 183 22.86 -0.19 -5.38
CA PHE A 183 22.56 1.25 -5.27
C PHE A 183 23.63 2.02 -4.47
N PRO A 184 23.76 3.34 -4.67
CA PRO A 184 24.77 4.14 -4.00
C PRO A 184 24.31 4.54 -2.60
N GLU A 185 25.13 4.19 -1.62
CA GLU A 185 24.88 4.48 -0.22
C GLU A 185 24.92 5.98 0.10
N GLY A 186 25.42 6.82 -0.82
CA GLY A 186 25.37 8.27 -0.72
C GLY A 186 24.01 8.83 -1.10
N PHE A 187 23.10 8.00 -1.64
CA PHE A 187 21.67 8.22 -1.73
C PHE A 187 21.22 9.55 -2.35
N GLN A 188 21.96 10.08 -3.33
CA GLN A 188 21.60 11.30 -4.04
C GLN A 188 20.88 10.94 -5.34
N PHE A 189 19.54 11.05 -5.33
CA PHE A 189 18.67 10.86 -6.50
C PHE A 189 18.07 12.19 -6.96
N ASP A 190 17.64 13.00 -5.99
CA ASP A 190 17.17 14.39 -6.05
C ASP A 190 16.09 14.73 -7.08
N THR A 191 15.44 13.72 -7.65
CA THR A 191 14.48 13.80 -8.75
C THR A 191 15.15 14.28 -10.06
N ASP A 192 16.49 14.37 -10.10
CA ASP A 192 17.26 14.67 -11.30
C ASP A 192 17.68 13.31 -11.86
N GLU A 193 18.45 12.59 -11.05
CA GLU A 193 19.31 11.50 -11.47
C GLU A 193 18.88 10.19 -10.83
N VAL A 194 17.57 9.97 -10.73
CA VAL A 194 16.96 8.83 -10.06
C VAL A 194 17.60 7.50 -10.52
N ASN A 195 17.82 7.36 -11.83
CA ASN A 195 18.49 6.25 -12.51
C ASN A 195 17.87 4.86 -12.29
N PHE A 196 16.79 4.79 -11.52
CA PHE A 196 16.24 3.62 -10.88
C PHE A 196 15.42 2.72 -11.84
N PRO A 197 15.19 1.44 -11.48
CA PRO A 197 14.28 0.59 -12.22
C PRO A 197 12.84 1.00 -11.94
N VAL A 198 11.96 0.68 -12.89
CA VAL A 198 10.58 1.06 -12.92
C VAL A 198 9.83 0.00 -13.74
N ASP A 199 10.13 -1.28 -13.54
CA ASP A 199 9.33 -2.36 -14.14
C ASP A 199 9.58 -3.71 -13.46
N ASN A 200 9.71 -3.64 -12.13
CA ASN A 200 10.41 -4.64 -11.33
C ASN A 200 9.50 -5.28 -10.29
N LEU A 201 8.25 -4.83 -10.24
CA LEU A 201 7.64 -4.56 -8.95
C LEU A 201 6.88 -5.77 -8.44
N CYS A 202 6.48 -5.71 -7.18
CA CYS A 202 5.69 -6.72 -6.50
C CYS A 202 4.32 -6.13 -6.17
N PHE A 203 3.26 -6.88 -6.45
CA PHE A 203 1.85 -6.51 -6.28
C PHE A 203 1.39 -6.30 -4.83
N VAL A 204 2.30 -6.44 -3.86
CA VAL A 204 2.18 -6.92 -2.49
C VAL A 204 0.75 -6.95 -1.91
N GLY A 205 0.06 -5.82 -1.82
CA GLY A 205 -1.35 -5.83 -1.49
C GLY A 205 -2.00 -4.63 -2.12
N LEU A 206 -3.18 -4.90 -2.64
CA LEU A 206 -3.94 -4.13 -3.59
C LEU A 206 -5.31 -4.16 -2.93
N ILE A 207 -5.66 -3.05 -2.28
CA ILE A 207 -6.66 -3.10 -1.22
C ILE A 207 -8.05 -2.81 -1.82
N SER A 208 -8.63 -1.60 -1.66
CA SER A 208 -9.77 -1.03 -2.42
C SER A 208 -10.47 0.06 -1.59
N MET A 209 -9.75 1.08 -1.13
CA MET A 209 -10.41 2.14 -0.36
C MET A 209 -11.45 2.82 -1.22
N ILE A 210 -12.36 3.51 -0.53
CA ILE A 210 -13.18 4.51 -1.17
C ILE A 210 -12.42 5.82 -1.13
N ASP A 211 -12.96 6.77 -1.86
CA ASP A 211 -12.39 8.10 -2.03
C ASP A 211 -13.36 9.09 -2.74
N PRO A 212 -14.59 9.25 -2.24
CA PRO A 212 -15.55 10.16 -2.87
C PRO A 212 -15.16 11.64 -2.68
N PRO A 213 -15.70 12.56 -3.50
CA PRO A 213 -15.60 14.00 -3.25
C PRO A 213 -16.39 14.37 -2.01
N GLN A 1 -23.63 9.95 0.36
CA GLN A 1 -22.56 10.37 1.28
C GLN A 1 -22.48 9.33 2.38
N ASN A 2 -21.38 8.57 2.40
CA ASN A 2 -21.31 7.33 3.15
C ASN A 2 -19.86 6.98 3.45
N PRO A 3 -19.61 6.31 4.59
CA PRO A 3 -18.31 6.19 5.20
C PRO A 3 -17.35 5.31 4.41
N MET A 4 -16.04 5.54 4.57
CA MET A 4 -15.00 4.86 3.79
C MET A 4 -13.98 4.21 4.70
N THR A 5 -13.60 2.98 4.37
CA THR A 5 -12.76 2.11 5.17
C THR A 5 -11.89 1.28 4.22
N VAL A 6 -11.28 0.20 4.70
CA VAL A 6 -10.65 -0.82 3.88
C VAL A 6 -11.71 -1.47 3.00
N ALA A 7 -12.83 -1.87 3.61
CA ALA A 7 -14.00 -2.52 3.02
C ALA A 7 -13.73 -4.00 2.71
N HIS A 8 -12.62 -4.29 2.04
CA HIS A 8 -12.23 -5.63 1.60
C HIS A 8 -10.72 -5.62 1.32
N MET A 9 -10.13 -6.76 1.00
CA MET A 9 -8.77 -6.83 0.50
C MET A 9 -8.68 -7.93 -0.57
N TRP A 10 -7.48 -8.33 -0.94
CA TRP A 10 -7.00 -9.47 -1.72
C TRP A 10 -5.55 -9.66 -1.22
N PHE A 11 -4.78 -10.58 -1.81
CA PHE A 11 -3.32 -10.84 -1.70
C PHE A 11 -2.99 -12.35 -1.66
N ASP A 12 -3.94 -13.25 -1.42
CA ASP A 12 -3.74 -14.70 -1.66
C ASP A 12 -3.88 -15.06 -3.15
N ASN A 13 -4.16 -14.09 -4.03
CA ASN A 13 -4.57 -14.28 -5.43
C ASN A 13 -6.03 -14.72 -5.53
N GLN A 14 -6.81 -14.68 -4.45
CA GLN A 14 -8.13 -15.33 -4.38
C GLN A 14 -8.92 -14.88 -3.14
N ILE A 15 -8.82 -13.58 -2.93
CA ILE A 15 -9.37 -12.78 -1.85
C ILE A 15 -9.22 -13.53 -0.52
N HIS A 16 -10.32 -13.95 0.11
CA HIS A 16 -10.42 -14.60 1.41
C HIS A 16 -9.61 -13.89 2.51
N GLU A 17 -9.09 -14.65 3.47
CA GLU A 17 -8.19 -14.27 4.55
C GLU A 17 -8.83 -13.39 5.61
N ALA A 18 -9.20 -12.16 5.25
CA ALA A 18 -9.74 -11.17 6.16
C ALA A 18 -11.21 -10.85 5.85
N ASP A 19 -11.68 -11.22 4.65
CA ASP A 19 -13.07 -11.35 4.22
C ASP A 19 -14.05 -10.41 4.95
N THR A 20 -14.14 -9.16 4.47
CA THR A 20 -14.95 -8.04 5.00
C THR A 20 -14.95 -8.02 6.54
N THR A 21 -13.85 -7.56 7.14
CA THR A 21 -13.61 -7.58 8.57
C THR A 21 -14.76 -6.95 9.38
N GLU A 22 -15.33 -7.72 10.32
CA GLU A 22 -16.56 -7.45 11.05
C GLU A 22 -17.76 -7.57 10.11
N ASN A 23 -17.91 -8.72 9.45
CA ASN A 23 -19.05 -8.98 8.57
C ASN A 23 -20.28 -9.23 9.43
N GLN A 24 -21.09 -8.19 9.67
CA GLN A 24 -22.11 -8.10 10.71
C GLN A 24 -21.52 -8.34 12.11
N SER A 25 -21.24 -9.59 12.44
CA SER A 25 -20.82 -10.07 13.74
C SER A 25 -19.81 -11.19 13.53
N GLY A 26 -18.54 -10.94 13.84
CA GLY A 26 -17.46 -11.92 13.71
C GLY A 26 -16.13 -11.18 13.66
N VAL A 27 -15.13 -11.64 14.41
CA VAL A 27 -13.76 -11.19 14.26
C VAL A 27 -12.81 -12.39 14.24
N SER A 28 -11.62 -12.13 13.71
CA SER A 28 -10.43 -12.96 13.70
C SER A 28 -9.27 -11.99 13.44
N PHE A 29 -8.06 -12.32 13.88
CA PHE A 29 -6.85 -11.61 13.47
C PHE A 29 -5.64 -12.45 13.85
N ASP A 30 -4.77 -12.78 12.88
CA ASP A 30 -3.60 -13.64 13.12
C ASP A 30 -2.29 -12.91 12.81
N LYS A 31 -1.16 -13.49 13.24
CA LYS A 31 0.19 -12.92 13.24
C LYS A 31 1.17 -13.87 12.54
N THR A 32 2.39 -13.40 12.32
CA THR A 32 3.49 -14.17 11.74
C THR A 32 3.27 -14.47 10.26
N SER A 33 3.45 -13.47 9.40
CA SER A 33 3.36 -13.65 7.96
C SER A 33 4.18 -12.61 7.19
N ALA A 34 5.20 -13.09 6.47
CA ALA A 34 5.97 -12.34 5.48
C ALA A 34 5.09 -11.57 4.50
N THR A 35 4.04 -12.22 3.98
CA THR A 35 3.06 -11.62 3.08
C THR A 35 2.56 -10.31 3.73
N TRP A 36 1.92 -10.42 4.89
CA TRP A 36 1.37 -9.31 5.66
C TRP A 36 2.46 -8.24 5.88
N PHE A 37 3.66 -8.62 6.36
CA PHE A 37 4.70 -7.64 6.67
C PHE A 37 5.06 -6.80 5.45
N ALA A 38 5.13 -7.44 4.28
CA ALA A 38 5.49 -6.78 3.05
C ALA A 38 4.49 -5.65 2.75
N LEU A 39 3.20 -5.96 2.86
CA LEU A 39 2.11 -5.03 2.65
C LEU A 39 2.14 -3.94 3.69
N SER A 40 2.44 -4.32 4.94
CA SER A 40 2.54 -3.43 6.06
C SER A 40 3.51 -2.26 5.77
N ARG A 41 4.63 -2.52 5.07
CA ARG A 41 5.59 -1.50 4.71
C ARG A 41 4.95 -0.40 3.85
N ILE A 42 3.98 -0.75 3.01
CA ILE A 42 3.42 0.12 2.00
C ILE A 42 2.17 0.77 2.58
N ALA A 43 1.26 -0.03 3.17
CA ALA A 43 0.02 0.43 3.79
C ALA A 43 0.27 1.47 4.89
N GLY A 44 1.47 1.47 5.48
CA GLY A 44 1.90 2.47 6.42
C GLY A 44 2.54 3.67 5.72
N LEU A 45 3.78 3.52 5.24
CA LEU A 45 4.59 4.62 4.71
C LEU A 45 3.92 5.39 3.58
N CYS A 46 3.33 4.68 2.62
CA CYS A 46 2.50 5.24 1.57
C CYS A 46 1.20 5.78 2.21
N ASN A 47 1.27 6.97 2.82
CA ASN A 47 0.14 7.67 3.45
C ASN A 47 0.28 9.17 3.18
N ARG A 48 -0.84 9.85 2.95
CA ARG A 48 -0.98 11.30 2.76
C ARG A 48 -2.23 11.85 3.44
N ALA A 49 -2.69 11.18 4.48
CA ALA A 49 -3.84 11.56 5.27
C ALA A 49 -3.51 11.51 6.76
N VAL A 50 -4.37 12.12 7.55
CA VAL A 50 -4.36 12.22 9.00
C VAL A 50 -5.80 12.25 9.49
N PHE A 51 -5.98 12.15 10.80
CA PHE A 51 -7.27 12.24 11.44
C PHE A 51 -7.70 13.68 11.74
N GLN A 52 -9.01 13.85 11.95
CA GLN A 52 -9.68 15.06 12.40
C GLN A 52 -10.45 14.84 13.72
N ALA A 53 -10.48 13.62 14.27
CA ALA A 53 -11.17 13.29 15.52
C ALA A 53 -10.29 12.37 16.37
N ASN A 54 -10.71 12.14 17.62
CA ASN A 54 -10.08 11.26 18.60
C ASN A 54 -11.13 10.95 19.68
N GLN A 55 -11.69 9.75 19.66
CA GLN A 55 -12.71 9.20 20.56
C GLN A 55 -12.58 7.67 20.45
N GLU A 56 -12.22 6.95 21.51
CA GLU A 56 -12.05 5.50 21.49
C GLU A 56 -13.39 4.78 21.49
N ASN A 57 -14.38 5.33 22.20
CA ASN A 57 -15.68 4.68 22.38
C ASN A 57 -16.40 4.47 21.05
N LEU A 58 -15.99 5.23 20.04
CA LEU A 58 -16.49 5.24 18.70
C LEU A 58 -15.35 4.77 17.81
N PRO A 59 -15.61 4.44 16.54
CA PRO A 59 -14.56 3.99 15.66
C PRO A 59 -13.64 5.16 15.33
N ILE A 60 -12.35 4.89 15.14
CA ILE A 60 -11.33 5.87 14.74
C ILE A 60 -11.73 6.60 13.44
N LEU A 61 -12.61 6.00 12.63
CA LEU A 61 -13.10 6.54 11.38
C LEU A 61 -13.91 7.83 11.59
N LYS A 62 -15.09 7.74 12.22
CA LYS A 62 -16.07 8.80 12.53
C LYS A 62 -16.19 9.90 11.47
N ARG A 63 -16.15 9.49 10.20
CA ARG A 63 -15.95 10.32 9.01
C ARG A 63 -15.17 11.61 9.33
N ALA A 64 -13.99 11.46 9.93
CA ALA A 64 -13.15 12.55 10.40
C ALA A 64 -11.70 12.26 10.05
N VAL A 65 -11.40 12.41 8.77
CA VAL A 65 -10.07 12.32 8.21
C VAL A 65 -9.88 13.53 7.29
N ALA A 66 -8.62 13.85 7.07
CA ALA A 66 -8.11 14.97 6.29
C ALA A 66 -6.95 14.47 5.45
N GLY A 67 -6.74 15.09 4.28
CA GLY A 67 -5.74 14.65 3.33
C GLY A 67 -6.31 13.57 2.42
N ASP A 68 -5.45 12.88 1.67
CA ASP A 68 -5.80 11.96 0.60
C ASP A 68 -6.53 10.76 1.20
N ALA A 69 -7.86 10.81 1.16
CA ALA A 69 -8.72 9.94 1.96
C ALA A 69 -8.64 8.48 1.50
N SER A 70 -8.33 8.26 0.22
CA SER A 70 -7.94 6.97 -0.33
C SER A 70 -6.84 6.35 0.54
N GLU A 71 -5.67 6.98 0.61
CA GLU A 71 -4.52 6.55 1.41
C GLU A 71 -4.91 6.27 2.86
N SER A 72 -5.83 7.07 3.40
CA SER A 72 -6.31 6.94 4.76
C SER A 72 -7.03 5.61 5.03
N ALA A 73 -7.50 4.91 4.00
CA ALA A 73 -8.20 3.64 4.15
C ALA A 73 -7.43 2.72 5.09
N LEU A 74 -6.14 2.60 4.83
CA LEU A 74 -5.24 1.71 5.54
C LEU A 74 -5.03 2.20 6.96
N LEU A 75 -4.81 3.51 7.16
CA LEU A 75 -4.47 4.15 8.42
C LEU A 75 -5.51 3.79 9.47
N LYS A 76 -6.78 3.98 9.15
CA LYS A 76 -7.88 3.72 10.09
C LYS A 76 -8.12 2.21 10.35
N CYS A 77 -7.35 1.32 9.72
CA CYS A 77 -7.36 -0.13 9.93
C CYS A 77 -5.96 -0.67 10.34
N ILE A 78 -4.99 0.17 10.67
CA ILE A 78 -3.64 -0.26 11.05
C ILE A 78 -3.19 0.46 12.33
N GLU A 79 -3.53 1.74 12.45
CA GLU A 79 -3.07 2.63 13.49
C GLU A 79 -3.57 2.12 14.84
N VAL A 80 -4.89 2.10 15.02
CA VAL A 80 -5.58 1.71 16.25
C VAL A 80 -5.31 0.25 16.63
N CYS A 81 -4.89 -0.58 15.67
CA CYS A 81 -4.58 -1.98 15.90
C CYS A 81 -3.30 -2.16 16.72
N CYS A 82 -2.48 -1.12 16.86
CA CYS A 82 -1.41 -0.82 17.81
C CYS A 82 -0.30 -0.03 17.13
N GLY A 83 0.18 -0.51 15.99
CA GLY A 83 1.37 -0.01 15.31
C GLY A 83 1.11 1.33 14.65
N SER A 84 1.35 2.42 15.37
CA SER A 84 1.25 3.78 14.87
C SER A 84 2.07 3.93 13.58
N VAL A 85 1.42 4.33 12.50
CA VAL A 85 1.93 4.41 11.14
C VAL A 85 2.53 5.79 10.90
N MET A 86 1.84 6.84 11.34
CA MET A 86 2.26 8.22 11.09
C MET A 86 3.63 8.53 11.72
N GLU A 87 4.05 7.69 12.66
CA GLU A 87 5.34 7.64 13.31
C GLU A 87 6.41 7.13 12.34
N MET A 88 6.12 6.00 11.66
CA MET A 88 7.08 5.33 10.81
C MET A 88 7.59 6.24 9.68
N ARG A 89 6.74 7.18 9.27
CA ARG A 89 7.02 8.17 8.24
C ARG A 89 8.29 8.97 8.53
N GLU A 90 8.67 9.08 9.81
CA GLU A 90 9.77 9.91 10.32
C GLU A 90 10.84 9.07 11.01
N LYS A 91 10.47 7.87 11.48
CA LYS A 91 11.40 6.74 11.64
C LYS A 91 12.25 6.64 10.37
N TYR A 92 11.59 6.50 9.22
CA TYR A 92 12.20 6.52 7.91
C TYR A 92 12.46 7.98 7.51
N THR A 93 13.30 8.27 6.51
CA THR A 93 13.79 9.64 6.28
C THR A 93 13.00 10.34 5.19
N LYS A 94 12.42 9.57 4.25
CA LYS A 94 11.94 10.18 3.02
C LYS A 94 13.03 10.78 2.15
N ILE A 95 13.92 9.93 1.64
CA ILE A 95 14.88 10.30 0.60
C ILE A 95 14.27 11.35 -0.33
N VAL A 96 13.14 11.04 -0.99
CA VAL A 96 12.59 11.87 -2.05
C VAL A 96 11.12 11.56 -2.18
N GLU A 97 10.40 12.44 -2.87
CA GLU A 97 9.03 12.24 -3.28
C GLU A 97 8.87 12.99 -4.60
N ILE A 98 8.74 12.25 -5.69
CA ILE A 98 8.33 12.81 -6.95
C ILE A 98 6.81 13.02 -6.85
N PRO A 99 6.27 14.09 -7.46
CA PRO A 99 4.83 14.35 -7.54
C PRO A 99 4.14 13.36 -8.49
N PHE A 100 2.91 13.69 -8.94
CA PHE A 100 2.13 13.06 -10.00
C PHE A 100 2.88 12.87 -11.33
N ASN A 101 4.00 13.57 -11.51
CA ASN A 101 4.95 13.49 -12.62
C ASN A 101 4.27 13.58 -13.99
N SER A 102 4.01 14.82 -14.42
CA SER A 102 3.17 15.17 -15.57
C SER A 102 1.69 14.88 -15.30
N THR A 103 0.82 15.28 -16.24
CA THR A 103 -0.65 15.31 -16.19
C THR A 103 -1.21 14.39 -15.10
N ASN A 104 -1.18 13.09 -15.34
CA ASN A 104 -0.84 12.10 -14.34
C ASN A 104 -0.02 11.04 -15.06
N LYS A 105 0.85 10.34 -14.34
CA LYS A 105 1.35 9.03 -14.73
C LYS A 105 1.33 8.18 -13.49
N TYR A 106 2.39 8.27 -12.69
CA TYR A 106 2.48 7.65 -11.37
C TYR A 106 3.20 8.62 -10.45
N GLN A 107 2.92 8.50 -9.15
CA GLN A 107 3.63 9.13 -8.07
C GLN A 107 4.29 8.04 -7.24
N LEU A 108 5.44 8.38 -6.62
CA LEU A 108 6.24 7.46 -5.81
C LEU A 108 6.93 8.23 -4.69
N SER A 109 7.47 7.52 -3.72
CA SER A 109 8.18 8.07 -2.57
C SER A 109 9.28 7.06 -2.26
N ILE A 110 10.43 7.53 -1.81
CA ILE A 110 11.58 6.71 -1.47
C ILE A 110 11.97 7.09 -0.04
N HIS A 111 12.27 6.09 0.78
CA HIS A 111 12.57 6.26 2.19
C HIS A 111 13.68 5.29 2.55
N LYS A 112 14.68 5.70 3.35
CA LYS A 112 15.50 4.72 4.06
C LYS A 112 14.69 4.22 5.25
N ASN A 113 14.75 2.92 5.50
CA ASN A 113 14.48 2.23 6.74
C ASN A 113 15.71 2.40 7.62
N PRO A 114 15.58 2.74 8.91
CA PRO A 114 16.72 2.77 9.82
C PRO A 114 17.13 1.34 10.21
N ASN A 115 16.17 0.52 10.66
CA ASN A 115 16.38 -0.79 11.25
C ASN A 115 15.08 -1.57 11.10
N ALA A 116 15.12 -2.68 10.36
CA ALA A 116 14.09 -3.70 10.17
C ALA A 116 14.69 -4.82 9.30
N SER A 117 13.90 -5.86 9.00
CA SER A 117 14.33 -6.99 8.18
C SER A 117 14.66 -6.63 6.73
N GLU A 118 14.11 -5.53 6.21
CA GLU A 118 14.32 -5.05 4.85
C GLU A 118 15.68 -4.32 4.74
N PRO A 119 16.17 -4.06 3.51
CA PRO A 119 17.30 -3.16 3.30
C PRO A 119 16.84 -1.71 3.52
N LYS A 120 17.76 -0.75 3.49
CA LYS A 120 17.46 0.61 3.91
C LYS A 120 16.55 1.30 2.91
N HIS A 121 17.05 1.71 1.73
CA HIS A 121 16.25 2.41 0.73
C HIS A 121 15.11 1.51 0.21
N LEU A 122 13.89 1.80 0.65
CA LEU A 122 12.62 1.28 0.18
C LEU A 122 12.02 2.34 -0.75
N LEU A 123 11.19 1.92 -1.71
CA LEU A 123 10.43 2.76 -2.63
C LEU A 123 9.03 2.19 -2.66
N VAL A 124 8.01 3.05 -2.72
CA VAL A 124 6.59 2.70 -2.70
C VAL A 124 5.84 3.53 -3.76
N MET A 125 5.11 2.88 -4.67
CA MET A 125 4.25 3.55 -5.66
C MET A 125 2.77 3.42 -5.29
N LYS A 126 1.92 4.24 -5.92
CA LYS A 126 0.49 4.38 -5.66
C LYS A 126 -0.23 4.86 -6.91
N GLY A 127 -1.51 5.17 -6.83
CA GLY A 127 -2.40 5.41 -7.96
C GLY A 127 -3.10 4.11 -8.37
N ALA A 128 -3.83 4.20 -9.48
CA ALA A 128 -4.68 3.15 -10.05
C ALA A 128 -3.99 1.76 -10.08
N PRO A 129 -4.76 0.67 -9.90
CA PRO A 129 -4.18 -0.66 -9.70
C PRO A 129 -3.53 -1.16 -11.00
N GLU A 130 -4.19 -0.88 -12.13
CA GLU A 130 -3.75 -1.16 -13.49
C GLU A 130 -2.37 -0.56 -13.82
N ARG A 131 -1.94 0.48 -13.10
CA ARG A 131 -0.66 1.14 -13.34
C ARG A 131 0.46 0.45 -12.58
N ILE A 132 0.17 -0.01 -11.36
CA ILE A 132 1.07 -0.85 -10.60
C ILE A 132 1.24 -2.15 -11.37
N LEU A 133 0.13 -2.77 -11.82
CA LEU A 133 0.17 -4.00 -12.60
C LEU A 133 1.01 -3.80 -13.86
N ASP A 134 1.01 -2.59 -14.43
CA ASP A 134 1.69 -2.31 -15.70
C ASP A 134 3.16 -2.69 -15.70
N ARG A 135 3.81 -2.52 -14.55
CA ARG A 135 5.25 -2.57 -14.34
C ARG A 135 5.63 -3.52 -13.20
N CYS A 136 4.66 -4.28 -12.67
CA CYS A 136 4.98 -5.40 -11.81
C CYS A 136 5.62 -6.47 -12.68
N SER A 137 6.69 -7.08 -12.19
CA SER A 137 7.48 -8.08 -12.89
C SER A 137 7.26 -9.48 -12.31
N SER A 138 6.82 -9.57 -11.06
CA SER A 138 6.36 -10.79 -10.44
C SER A 138 5.33 -10.39 -9.39
N ILE A 139 4.86 -11.36 -8.62
CA ILE A 139 3.84 -11.16 -7.63
C ILE A 139 4.32 -11.88 -6.37
N LEU A 140 3.73 -11.53 -5.25
CA LEU A 140 4.06 -12.04 -3.94
C LEU A 140 2.81 -12.75 -3.47
N LEU A 141 2.94 -14.04 -3.20
CA LEU A 141 1.98 -14.84 -2.45
C LEU A 141 2.79 -15.56 -1.39
N HIS A 142 2.16 -15.90 -0.26
CA HIS A 142 2.68 -16.86 0.72
C HIS A 142 4.06 -16.50 1.31
N GLY A 143 4.53 -15.26 1.19
CA GLY A 143 5.88 -14.88 1.60
C GLY A 143 6.94 -15.47 0.66
N LYS A 144 6.59 -15.81 -0.58
CA LYS A 144 7.45 -16.35 -1.62
C LYS A 144 7.62 -15.27 -2.70
N GLU A 145 7.75 -15.63 -3.96
CA GLU A 145 7.48 -14.82 -5.15
C GLU A 145 7.02 -15.81 -6.20
N GLN A 146 6.04 -15.41 -7.00
CA GLN A 146 5.53 -16.19 -8.12
C GLN A 146 5.78 -15.38 -9.40
N PRO A 147 6.15 -16.04 -10.53
CA PRO A 147 6.23 -15.39 -11.81
C PRO A 147 4.82 -14.94 -12.21
N LEU A 148 4.62 -13.63 -12.31
CA LEU A 148 3.37 -13.06 -12.76
C LEU A 148 3.17 -13.48 -14.23
N ASP A 149 1.94 -13.79 -14.61
CA ASP A 149 1.55 -14.32 -15.91
C ASP A 149 0.08 -14.00 -16.11
N GLU A 150 -0.47 -14.33 -17.26
CA GLU A 150 -1.84 -14.06 -17.69
C GLU A 150 -2.91 -14.73 -16.81
N GLU A 151 -2.58 -15.79 -16.08
CA GLU A 151 -3.44 -16.36 -15.05
C GLU A 151 -3.44 -15.48 -13.80
N LEU A 152 -2.28 -14.92 -13.46
CA LEU A 152 -2.12 -14.21 -12.21
C LEU A 152 -2.61 -12.77 -12.33
N LYS A 153 -2.53 -12.19 -13.53
CA LYS A 153 -3.34 -11.07 -13.95
C LYS A 153 -4.81 -11.39 -13.70
N ASP A 154 -5.31 -12.53 -14.17
CA ASP A 154 -6.72 -12.87 -14.12
C ASP A 154 -7.21 -12.90 -12.68
N ALA A 155 -6.42 -13.51 -11.80
CA ALA A 155 -6.70 -13.60 -10.38
C ALA A 155 -6.86 -12.22 -9.72
N PHE A 156 -6.05 -11.25 -10.13
CA PHE A 156 -6.16 -9.87 -9.74
C PHE A 156 -7.40 -9.25 -10.36
N GLN A 157 -7.59 -9.44 -11.68
CA GLN A 157 -8.64 -8.78 -12.43
C GLN A 157 -9.95 -9.10 -11.75
N ASN A 158 -10.41 -10.36 -11.82
CA ASN A 158 -11.63 -10.83 -11.20
C ASN A 158 -11.83 -10.20 -9.84
N ALA A 159 -10.83 -10.26 -8.98
CA ALA A 159 -10.83 -9.64 -7.68
C ALA A 159 -11.18 -8.15 -7.77
N TYR A 160 -10.33 -7.32 -8.38
CA TYR A 160 -10.49 -5.90 -8.66
C TYR A 160 -11.87 -5.57 -9.24
N LEU A 161 -12.38 -6.41 -10.14
CA LEU A 161 -13.67 -6.24 -10.80
C LEU A 161 -14.80 -6.51 -9.81
N GLU A 162 -14.73 -7.61 -9.05
CA GLU A 162 -15.77 -8.08 -8.14
C GLU A 162 -16.14 -7.00 -7.13
N LEU A 163 -15.13 -6.31 -6.60
CA LEU A 163 -15.28 -5.21 -5.63
C LEU A 163 -16.28 -4.17 -6.13
N GLY A 164 -16.01 -3.60 -7.31
CA GLY A 164 -16.64 -2.38 -7.79
C GLY A 164 -15.61 -1.29 -8.01
N GLY A 165 -14.64 -1.54 -8.90
CA GLY A 165 -13.77 -0.52 -9.41
C GLY A 165 -14.54 0.33 -10.41
N LEU A 166 -14.46 1.65 -10.26
CA LEU A 166 -15.33 2.63 -10.93
C LEU A 166 -14.43 3.76 -11.42
N GLY A 167 -13.98 4.63 -10.52
CA GLY A 167 -12.87 5.54 -10.74
C GLY A 167 -12.37 6.01 -9.38
N GLU A 168 -11.07 6.34 -9.30
CA GLU A 168 -10.30 6.47 -8.05
C GLU A 168 -10.56 5.31 -7.07
N ARG A 169 -10.99 4.15 -7.57
CA ARG A 169 -11.30 2.98 -6.78
C ARG A 169 -10.11 2.06 -6.88
N VAL A 170 -9.67 1.57 -5.73
CA VAL A 170 -8.63 0.57 -5.58
C VAL A 170 -7.28 1.22 -5.92
N LEU A 171 -6.42 1.36 -4.91
CA LEU A 171 -5.01 1.71 -5.16
C LEU A 171 -4.29 0.43 -5.61
N GLY A 172 -3.05 0.58 -6.09
CA GLY A 172 -2.13 -0.54 -6.22
C GLY A 172 -1.44 -0.84 -4.90
N PHE A 173 -0.40 -0.07 -4.52
CA PHE A 173 0.72 -0.42 -3.65
C PHE A 173 1.62 -1.50 -4.23
N CYS A 174 2.90 -1.16 -4.34
CA CYS A 174 3.98 -2.10 -4.59
C CYS A 174 5.24 -1.55 -3.92
N HIS A 175 6.25 -2.40 -3.82
CA HIS A 175 7.64 -2.06 -3.55
C HIS A 175 8.52 -2.92 -4.47
N LEU A 176 9.83 -2.74 -4.39
CA LEU A 176 10.85 -3.53 -5.10
C LEU A 176 12.14 -3.70 -4.29
N LEU A 177 12.16 -3.25 -3.03
CA LEU A 177 13.28 -3.17 -2.10
C LEU A 177 14.62 -2.94 -2.81
N LEU A 178 14.98 -1.67 -3.00
CA LEU A 178 16.06 -1.25 -3.89
C LEU A 178 17.35 -2.00 -3.54
N PRO A 179 18.12 -2.48 -4.53
CA PRO A 179 19.39 -3.18 -4.31
C PRO A 179 20.42 -2.22 -3.76
N ASP A 180 20.59 -2.23 -2.43
CA ASP A 180 21.59 -1.45 -1.71
C ASP A 180 23.01 -1.75 -2.18
N GLU A 181 23.15 -2.89 -2.84
CA GLU A 181 24.32 -3.39 -3.52
C GLU A 181 24.68 -2.48 -4.69
N GLN A 182 23.75 -2.30 -5.65
CA GLN A 182 23.96 -1.43 -6.80
C GLN A 182 23.90 0.03 -6.37
N PHE A 183 23.09 0.32 -5.35
CA PHE A 183 22.87 1.70 -4.92
C PHE A 183 24.04 2.23 -4.08
N PRO A 184 24.32 3.55 -4.12
CA PRO A 184 25.29 4.18 -3.24
C PRO A 184 24.67 4.36 -1.86
N GLU A 185 25.46 4.05 -0.84
CA GLU A 185 25.04 4.16 0.55
C GLU A 185 24.75 5.61 0.97
N GLY A 186 25.09 6.61 0.14
CA GLY A 186 24.80 8.01 0.36
C GLY A 186 23.59 8.54 -0.42
N PHE A 187 22.89 7.68 -1.17
CA PHE A 187 21.50 7.84 -1.59
C PHE A 187 21.11 9.13 -2.32
N GLN A 188 22.05 9.72 -3.06
CA GLN A 188 21.81 10.94 -3.81
C GLN A 188 21.08 10.63 -5.12
N PHE A 189 19.78 10.37 -5.01
CA PHE A 189 18.94 10.04 -6.17
C PHE A 189 18.33 11.32 -6.69
N ASP A 190 17.75 12.04 -5.74
CA ASP A 190 17.03 13.28 -5.98
C ASP A 190 15.77 13.00 -6.82
N THR A 191 15.03 14.02 -7.21
CA THR A 191 13.86 13.88 -8.06
C THR A 191 14.22 14.18 -9.52
N ASP A 192 15.52 14.29 -9.83
CA ASP A 192 16.07 14.89 -11.04
C ASP A 192 16.87 13.84 -11.78
N GLU A 193 17.80 13.20 -11.06
CA GLU A 193 18.82 12.31 -11.61
C GLU A 193 18.68 10.90 -11.03
N VAL A 194 17.44 10.56 -10.71
CA VAL A 194 16.94 9.46 -9.88
C VAL A 194 17.68 8.15 -10.11
N ASN A 195 17.94 7.84 -11.38
CA ASN A 195 18.70 6.71 -11.90
C ASN A 195 18.06 5.35 -11.62
N PHE A 196 16.89 5.36 -10.99
CA PHE A 196 16.28 4.22 -10.33
C PHE A 196 15.56 3.23 -11.24
N PRO A 197 15.32 2.00 -10.77
CA PRO A 197 14.37 1.09 -11.37
C PRO A 197 12.93 1.47 -11.05
N VAL A 198 12.02 1.10 -11.95
CA VAL A 198 10.59 1.39 -11.86
C VAL A 198 9.81 0.36 -12.69
N ASP A 199 10.28 -0.88 -12.70
CA ASP A 199 9.76 -1.92 -13.61
C ASP A 199 10.36 -3.29 -13.23
N ASN A 200 10.47 -3.51 -11.91
CA ASN A 200 10.91 -4.73 -11.25
C ASN A 200 9.83 -5.25 -10.28
N LEU A 201 8.68 -4.56 -10.21
CA LEU A 201 7.96 -4.40 -8.94
C LEU A 201 7.17 -5.65 -8.57
N CYS A 202 6.83 -5.71 -7.29
CA CYS A 202 6.10 -6.73 -6.62
C CYS A 202 4.67 -6.25 -6.40
N PHE A 203 3.65 -7.01 -6.83
CA PHE A 203 2.22 -6.66 -6.72
C PHE A 203 1.67 -6.53 -5.28
N VAL A 204 2.49 -6.68 -4.24
CA VAL A 204 2.20 -6.81 -2.82
C VAL A 204 0.83 -6.33 -2.31
N GLY A 205 0.32 -5.15 -2.69
CA GLY A 205 -0.99 -4.72 -2.26
C GLY A 205 -1.99 -4.87 -3.37
N LEU A 206 -3.14 -5.39 -2.99
CA LEU A 206 -4.41 -5.00 -3.53
C LEU A 206 -5.37 -5.09 -2.35
N ILE A 207 -5.69 -3.98 -1.68
CA ILE A 207 -6.72 -3.96 -0.64
C ILE A 207 -8.08 -3.76 -1.34
N SER A 208 -8.70 -2.57 -1.36
CA SER A 208 -9.90 -2.25 -2.17
C SER A 208 -10.53 -0.88 -1.88
N MET A 209 -9.76 0.18 -1.64
CA MET A 209 -10.36 1.35 -1.00
C MET A 209 -11.41 2.06 -1.86
N ILE A 210 -12.21 2.82 -1.14
CA ILE A 210 -13.24 3.73 -1.60
C ILE A 210 -12.65 5.13 -1.49
N ASP A 211 -13.41 6.09 -2.02
CA ASP A 211 -13.30 7.54 -1.82
C ASP A 211 -14.56 8.16 -2.43
N PRO A 212 -15.71 8.16 -1.72
CA PRO A 212 -16.98 8.67 -2.25
C PRO A 212 -17.11 10.17 -1.93
N PRO A 213 -17.79 10.97 -2.77
CA PRO A 213 -18.07 12.37 -2.48
C PRO A 213 -19.22 12.49 -1.49
N GLN A 1 -14.30 15.17 4.93
CA GLN A 1 -15.30 15.09 6.01
C GLN A 1 -16.41 14.17 5.53
N ASN A 2 -16.25 12.87 5.77
CA ASN A 2 -17.03 11.79 5.17
C ASN A 2 -16.85 10.52 6.01
N PRO A 3 -17.66 9.47 5.79
CA PRO A 3 -17.46 8.17 6.39
C PRO A 3 -16.17 7.56 5.87
N MET A 4 -16.30 6.93 4.72
CA MET A 4 -15.29 6.29 3.89
C MET A 4 -14.47 5.21 4.65
N THR A 5 -13.85 4.28 3.93
CA THR A 5 -13.18 3.13 4.57
C THR A 5 -12.32 2.39 3.52
N VAL A 6 -11.83 1.21 3.88
CA VAL A 6 -11.20 0.21 3.03
C VAL A 6 -12.13 -0.21 1.88
N ALA A 7 -13.43 -0.31 2.17
CA ALA A 7 -14.44 -1.06 1.43
C ALA A 7 -14.12 -2.55 1.42
N HIS A 8 -13.06 -2.97 0.72
CA HIS A 8 -12.70 -4.36 0.49
C HIS A 8 -11.17 -4.48 0.41
N MET A 9 -10.65 -5.71 0.51
CA MET A 9 -9.23 -5.99 0.61
C MET A 9 -8.90 -7.33 -0.07
N TRP A 10 -7.70 -7.47 -0.62
CA TRP A 10 -7.26 -8.68 -1.30
C TRP A 10 -5.73 -8.80 -1.14
N PHE A 11 -5.22 -9.95 -0.73
CA PHE A 11 -3.82 -10.11 -0.26
C PHE A 11 -3.49 -11.55 0.10
N ASP A 12 -4.46 -12.44 -0.09
CA ASP A 12 -4.39 -13.86 0.11
C ASP A 12 -4.54 -14.57 -1.23
N ASN A 13 -4.67 -13.80 -2.34
CA ASN A 13 -4.89 -14.26 -3.70
C ASN A 13 -6.28 -14.88 -3.84
N GLN A 14 -7.22 -14.41 -3.00
CA GLN A 14 -8.56 -14.96 -2.82
C GLN A 14 -9.27 -14.01 -1.87
N ILE A 15 -10.29 -13.34 -2.38
CA ILE A 15 -11.10 -12.50 -1.52
C ILE A 15 -11.78 -13.44 -0.54
N HIS A 16 -12.01 -12.93 0.64
CA HIS A 16 -12.74 -13.61 1.70
C HIS A 16 -13.13 -12.56 2.72
N GLU A 17 -14.02 -12.88 3.64
CA GLU A 17 -14.57 -11.92 4.57
C GLU A 17 -13.46 -11.48 5.51
N ALA A 18 -13.03 -10.24 5.32
CA ALA A 18 -12.11 -9.57 6.22
C ALA A 18 -12.72 -9.46 7.63
N ASP A 19 -14.05 -9.48 7.72
CA ASP A 19 -14.83 -9.32 8.94
C ASP A 19 -16.25 -9.79 8.60
N THR A 20 -16.54 -11.06 8.84
CA THR A 20 -17.84 -11.70 8.58
C THR A 20 -18.97 -10.94 9.31
N THR A 21 -20.15 -10.84 8.69
CA THR A 21 -21.24 -10.01 9.21
C THR A 21 -22.60 -10.72 9.24
N GLU A 22 -22.72 -11.95 8.75
CA GLU A 22 -23.97 -12.69 8.76
C GLU A 22 -23.90 -13.83 9.78
N ASN A 23 -24.18 -15.07 9.41
CA ASN A 23 -24.05 -16.25 10.25
C ASN A 23 -23.56 -17.42 9.40
N GLN A 24 -23.20 -18.53 10.06
CA GLN A 24 -22.10 -19.40 9.68
C GLN A 24 -20.81 -18.55 9.51
N SER A 25 -19.72 -19.15 9.05
CA SER A 25 -18.38 -18.60 8.76
C SER A 25 -17.31 -19.60 9.23
N GLY A 26 -16.13 -19.54 8.63
CA GLY A 26 -14.93 -20.26 8.98
C GLY A 26 -13.72 -19.45 8.52
N VAL A 27 -12.67 -20.14 8.07
CA VAL A 27 -11.48 -19.62 7.40
C VAL A 27 -10.60 -18.80 8.34
N SER A 28 -9.27 -18.94 8.18
CA SER A 28 -8.31 -18.04 8.80
C SER A 28 -6.97 -18.17 8.07
N PHE A 29 -6.41 -17.08 7.54
CA PHE A 29 -5.03 -17.11 7.05
C PHE A 29 -4.05 -16.98 8.22
N ASP A 30 -2.81 -17.46 8.03
CA ASP A 30 -1.69 -17.23 8.93
C ASP A 30 -1.33 -15.75 8.91
N LYS A 31 -1.37 -15.07 10.05
CA LYS A 31 -1.08 -13.64 10.17
C LYS A 31 0.24 -13.40 10.92
N THR A 32 1.05 -14.43 11.17
CA THR A 32 2.36 -14.25 11.77
C THR A 32 3.31 -13.58 10.77
N SER A 33 3.28 -12.25 10.76
CA SER A 33 4.41 -11.36 10.56
C SER A 33 5.20 -11.57 9.27
N ALA A 34 4.58 -11.99 8.16
CA ALA A 34 5.21 -11.90 6.86
C ALA A 34 4.37 -11.07 5.87
N THR A 35 3.33 -11.67 5.30
CA THR A 35 2.51 -11.10 4.25
C THR A 35 1.96 -9.72 4.64
N TRP A 36 1.26 -9.60 5.78
CA TRP A 36 0.69 -8.33 6.23
C TRP A 36 1.79 -7.31 6.50
N PHE A 37 2.97 -7.76 6.93
CA PHE A 37 4.13 -6.91 7.21
C PHE A 37 4.59 -6.22 5.93
N ALA A 38 4.66 -6.98 4.84
CA ALA A 38 5.12 -6.52 3.54
C ALA A 38 4.25 -5.38 3.04
N LEU A 39 2.93 -5.54 3.17
CA LEU A 39 1.95 -4.51 2.88
C LEU A 39 2.17 -3.33 3.81
N SER A 40 2.46 -3.61 5.07
CA SER A 40 2.60 -2.60 6.08
C SER A 40 3.71 -1.60 5.72
N ARG A 41 4.73 -2.02 4.96
CA ARG A 41 5.75 -1.10 4.45
C ARG A 41 5.15 -0.07 3.48
N ILE A 42 4.11 -0.44 2.73
CA ILE A 42 3.51 0.35 1.67
C ILE A 42 2.38 1.15 2.29
N ALA A 43 1.38 0.44 2.81
CA ALA A 43 0.17 0.98 3.42
C ALA A 43 0.50 1.96 4.55
N GLY A 44 1.65 1.81 5.20
CA GLY A 44 2.17 2.79 6.13
C GLY A 44 2.60 4.07 5.42
N LEU A 45 3.74 4.02 4.74
CA LEU A 45 4.46 5.20 4.24
C LEU A 45 3.73 5.94 3.13
N CYS A 46 3.17 5.19 2.18
CA CYS A 46 2.40 5.64 1.05
C CYS A 46 1.07 6.25 1.52
N ASN A 47 1.08 7.44 2.13
CA ASN A 47 -0.09 8.11 2.71
C ASN A 47 0.16 9.61 2.85
N ARG A 48 -0.88 10.46 2.87
CA ARG A 48 -0.76 11.93 2.96
C ARG A 48 -1.89 12.58 3.78
N ALA A 49 -2.48 11.87 4.73
CA ALA A 49 -3.53 12.37 5.61
C ALA A 49 -3.37 11.81 7.02
N VAL A 50 -3.90 12.49 8.04
CA VAL A 50 -3.86 12.12 9.46
C VAL A 50 -5.20 12.41 10.14
N PHE A 51 -5.29 12.16 11.44
CA PHE A 51 -6.51 12.30 12.22
C PHE A 51 -6.70 13.74 12.65
N GLN A 52 -7.94 14.09 12.99
CA GLN A 52 -8.27 15.29 13.75
C GLN A 52 -8.52 14.81 15.16
N ALA A 53 -7.42 14.73 15.94
CA ALA A 53 -7.24 14.08 17.25
C ALA A 53 -8.53 13.46 17.80
N ASN A 54 -8.79 12.23 17.38
CA ASN A 54 -9.89 11.41 17.89
C ASN A 54 -9.68 11.15 19.39
N GLN A 55 -10.65 10.51 20.02
CA GLN A 55 -10.67 10.28 21.45
C GLN A 55 -10.82 8.77 21.64
N GLU A 56 -10.20 8.19 22.68
CA GLU A 56 -10.35 6.76 22.98
C GLU A 56 -11.82 6.40 23.15
N ASN A 57 -12.60 7.36 23.67
CA ASN A 57 -14.03 7.23 23.94
C ASN A 57 -14.85 6.95 22.68
N LEU A 58 -14.30 7.19 21.48
CA LEU A 58 -15.01 7.30 20.23
C LEU A 58 -14.24 6.51 19.17
N PRO A 59 -14.76 6.38 17.94
CA PRO A 59 -14.02 5.74 16.88
C PRO A 59 -12.91 6.66 16.38
N ILE A 60 -11.89 6.07 15.75
CA ILE A 60 -10.77 6.77 15.13
C ILE A 60 -11.22 7.60 13.90
N LEU A 61 -12.45 7.40 13.43
CA LEU A 61 -12.94 7.99 12.18
C LEU A 61 -13.58 9.37 12.43
N LYS A 62 -14.68 9.40 13.20
CA LYS A 62 -15.49 10.58 13.56
C LYS A 62 -15.85 11.53 12.42
N ARG A 63 -15.85 11.06 11.17
CA ARG A 63 -15.81 11.83 9.93
C ARG A 63 -14.96 13.12 10.05
N ALA A 64 -13.79 13.04 10.70
CA ALA A 64 -12.93 14.18 10.99
C ALA A 64 -11.47 13.76 10.78
N VAL A 65 -10.89 14.16 9.65
CA VAL A 65 -9.53 13.82 9.24
C VAL A 65 -8.95 15.02 8.50
N ALA A 66 -7.62 15.11 8.49
CA ALA A 66 -6.84 16.21 7.98
C ALA A 66 -5.90 15.66 6.90
N GLY A 67 -5.52 16.49 5.93
CA GLY A 67 -5.06 15.98 4.64
C GLY A 67 -6.23 15.32 3.90
N ASP A 68 -5.97 14.83 2.69
CA ASP A 68 -7.02 14.37 1.78
C ASP A 68 -7.66 13.08 2.29
N ALA A 69 -8.98 13.12 2.46
CA ALA A 69 -9.80 12.05 3.03
C ALA A 69 -9.66 10.72 2.29
N SER A 70 -9.31 10.75 1.00
CA SER A 70 -9.13 9.59 0.15
C SER A 70 -8.02 8.70 0.74
N GLU A 71 -6.82 9.27 0.88
CA GLU A 71 -5.60 8.55 1.21
C GLU A 71 -5.63 8.00 2.63
N SER A 72 -6.34 8.69 3.52
CA SER A 72 -6.39 8.45 4.95
C SER A 72 -6.94 7.08 5.33
N ALA A 73 -7.58 6.42 4.37
CA ALA A 73 -8.16 5.11 4.46
C ALA A 73 -7.27 4.15 5.26
N LEU A 74 -6.03 3.97 4.82
CA LEU A 74 -5.12 3.02 5.46
C LEU A 74 -4.79 3.48 6.85
N LEU A 75 -4.55 4.79 7.04
CA LEU A 75 -4.08 5.34 8.30
C LEU A 75 -5.05 4.91 9.39
N LYS A 76 -6.36 5.00 9.13
CA LYS A 76 -7.37 4.55 10.06
C LYS A 76 -7.32 3.03 10.22
N CYS A 77 -7.39 2.25 9.12
CA CYS A 77 -7.50 0.80 9.20
C CYS A 77 -6.20 0.10 9.65
N ILE A 78 -5.08 0.81 9.83
CA ILE A 78 -3.79 0.19 10.13
C ILE A 78 -3.42 0.50 11.58
N GLU A 79 -3.55 1.76 11.98
CA GLU A 79 -3.05 2.26 13.26
C GLU A 79 -3.75 1.55 14.41
N VAL A 80 -5.08 1.63 14.41
CA VAL A 80 -5.94 1.21 15.50
C VAL A 80 -5.79 -0.28 15.84
N CYS A 81 -5.21 -1.08 14.94
CA CYS A 81 -4.88 -2.46 15.25
C CYS A 81 -3.88 -2.49 16.40
N CYS A 82 -2.77 -1.75 16.27
CA CYS A 82 -1.80 -1.36 17.30
C CYS A 82 -0.66 -0.59 16.65
N GLY A 83 -0.22 -1.00 15.46
CA GLY A 83 1.06 -0.57 14.89
C GLY A 83 1.07 0.91 14.58
N SER A 84 1.93 1.68 15.25
CA SER A 84 2.13 3.10 14.97
C SER A 84 2.60 3.22 13.53
N VAL A 85 1.83 3.98 12.74
CA VAL A 85 2.14 4.24 11.35
C VAL A 85 2.34 5.74 11.15
N MET A 86 1.65 6.61 11.87
CA MET A 86 1.85 8.05 11.77
C MET A 86 3.32 8.46 12.00
N GLU A 87 4.10 7.64 12.72
CA GLU A 87 5.52 7.90 13.00
C GLU A 87 6.36 7.74 11.73
N MET A 88 5.88 6.94 10.78
CA MET A 88 6.62 6.60 9.58
C MET A 88 6.85 7.81 8.66
N ARG A 89 6.06 8.88 8.79
CA ARG A 89 6.35 10.17 8.17
C ARG A 89 7.67 10.79 8.66
N GLU A 90 8.24 10.23 9.72
CA GLU A 90 9.47 10.62 10.39
C GLU A 90 10.52 9.51 10.31
N LYS A 91 10.15 8.26 10.65
CA LYS A 91 11.06 7.10 10.73
C LYS A 91 11.98 7.05 9.53
N TYR A 92 11.39 7.15 8.35
CA TYR A 92 12.12 7.24 7.09
C TYR A 92 12.36 8.69 6.72
N THR A 93 13.42 8.96 5.96
CA THR A 93 13.87 10.32 5.70
C THR A 93 13.04 10.95 4.58
N LYS A 94 12.45 10.12 3.70
CA LYS A 94 11.81 10.61 2.49
C LYS A 94 12.84 11.23 1.54
N ILE A 95 13.75 10.37 1.07
CA ILE A 95 14.68 10.58 -0.03
C ILE A 95 14.05 11.57 -1.01
N VAL A 96 13.01 11.13 -1.71
CA VAL A 96 12.26 11.91 -2.66
C VAL A 96 10.80 11.44 -2.65
N GLU A 97 9.92 12.27 -3.19
CA GLU A 97 8.51 12.05 -3.35
C GLU A 97 8.14 12.95 -4.50
N ILE A 98 7.73 12.33 -5.59
CA ILE A 98 7.45 12.98 -6.85
C ILE A 98 5.92 13.20 -6.87
N PRO A 99 5.41 14.20 -7.60
CA PRO A 99 3.98 14.36 -7.79
C PRO A 99 3.46 13.33 -8.79
N PHE A 100 2.23 13.58 -9.26
CA PHE A 100 1.52 12.99 -10.38
C PHE A 100 2.25 13.20 -11.73
N ASN A 101 3.58 13.20 -11.75
CA ASN A 101 4.45 13.65 -12.84
C ASN A 101 3.99 13.07 -14.19
N SER A 102 3.50 13.97 -15.06
CA SER A 102 2.92 13.65 -16.36
C SER A 102 4.02 13.18 -17.32
N THR A 103 4.49 11.95 -17.08
CA THR A 103 5.46 11.21 -17.84
C THR A 103 4.75 9.94 -18.31
N ASN A 104 4.29 9.10 -17.37
CA ASN A 104 3.71 7.78 -17.64
C ASN A 104 2.54 7.44 -16.71
N LYS A 105 1.98 8.46 -16.03
CA LYS A 105 0.81 8.34 -15.14
C LYS A 105 1.03 7.30 -14.05
N TYR A 106 1.87 7.65 -13.08
CA TYR A 106 2.04 6.96 -11.81
C TYR A 106 2.15 8.03 -10.72
N GLN A 107 2.34 7.64 -9.46
CA GLN A 107 3.12 8.45 -8.52
C GLN A 107 4.06 7.53 -7.75
N LEU A 108 5.21 8.04 -7.30
CA LEU A 108 6.15 7.29 -6.47
C LEU A 108 6.57 8.07 -5.23
N SER A 109 7.32 7.42 -4.35
CA SER A 109 8.13 8.04 -3.32
C SER A 109 9.26 7.07 -2.99
N ILE A 110 10.37 7.58 -2.45
CA ILE A 110 11.54 6.80 -2.06
C ILE A 110 11.87 7.23 -0.62
N HIS A 111 12.35 6.29 0.19
CA HIS A 111 12.47 6.43 1.63
C HIS A 111 13.65 5.57 2.11
N LYS A 112 14.64 6.12 2.84
CA LYS A 112 15.66 5.32 3.51
C LYS A 112 15.05 4.84 4.81
N ASN A 113 15.04 3.54 5.01
CA ASN A 113 14.64 2.81 6.20
C ASN A 113 15.78 2.86 7.19
N PRO A 114 15.56 3.29 8.45
CA PRO A 114 16.61 3.20 9.44
C PRO A 114 16.83 1.72 9.83
N ASN A 115 15.77 0.92 9.98
CA ASN A 115 15.87 -0.52 10.15
C ASN A 115 14.52 -1.20 9.96
N ALA A 116 14.55 -2.36 9.31
CA ALA A 116 13.54 -3.41 9.26
C ALA A 116 14.26 -4.69 8.82
N SER A 117 13.52 -5.74 8.46
CA SER A 117 14.04 -6.81 7.61
C SER A 117 14.44 -6.21 6.26
N GLU A 118 13.50 -5.52 5.60
CA GLU A 118 13.68 -4.92 4.29
C GLU A 118 14.78 -3.83 4.35
N PRO A 119 15.44 -3.56 3.21
CA PRO A 119 16.68 -2.80 3.15
C PRO A 119 16.45 -1.30 3.40
N LYS A 120 17.53 -0.53 3.24
CA LYS A 120 17.58 0.91 3.42
C LYS A 120 16.58 1.59 2.50
N HIS A 121 16.99 1.98 1.30
CA HIS A 121 16.11 2.66 0.35
C HIS A 121 14.95 1.72 -0.02
N LEU A 122 13.73 2.19 0.13
CA LEU A 122 12.48 1.54 -0.16
C LEU A 122 11.71 2.54 -1.02
N LEU A 123 11.00 2.02 -2.03
CA LEU A 123 10.16 2.80 -2.91
C LEU A 123 8.77 2.18 -2.89
N VAL A 124 7.74 3.02 -2.90
CA VAL A 124 6.34 2.64 -2.88
C VAL A 124 5.64 3.45 -3.98
N MET A 125 5.22 2.78 -5.05
CA MET A 125 4.48 3.36 -6.18
C MET A 125 2.99 3.15 -5.98
N LYS A 126 2.21 4.01 -6.64
CA LYS A 126 0.77 4.14 -6.39
C LYS A 126 0.04 4.61 -7.66
N GLY A 127 -1.29 4.72 -7.53
CA GLY A 127 -2.22 4.92 -8.63
C GLY A 127 -2.83 3.58 -9.04
N ALA A 128 -3.57 3.56 -10.16
CA ALA A 128 -4.37 2.42 -10.63
C ALA A 128 -3.57 1.13 -10.70
N PRO A 129 -4.23 -0.04 -10.55
CA PRO A 129 -3.52 -1.29 -10.38
C PRO A 129 -2.82 -1.69 -11.66
N GLU A 130 -3.30 -1.27 -12.84
CA GLU A 130 -2.89 -1.85 -14.11
C GLU A 130 -1.47 -1.41 -14.45
N ARG A 131 -0.96 -0.39 -13.75
CA ARG A 131 0.34 0.21 -14.00
C ARG A 131 1.35 -0.34 -13.04
N ILE A 132 0.91 -0.66 -11.83
CA ILE A 132 1.66 -1.41 -10.85
C ILE A 132 1.83 -2.84 -11.40
N LEU A 133 0.74 -3.47 -11.84
CA LEU A 133 0.70 -4.79 -12.46
C LEU A 133 1.41 -4.79 -13.80
N ASP A 134 1.54 -3.64 -14.46
CA ASP A 134 2.22 -3.56 -15.76
C ASP A 134 3.69 -3.95 -15.60
N ARG A 135 4.32 -3.38 -14.58
CA ARG A 135 5.76 -3.36 -14.33
C ARG A 135 6.16 -4.23 -13.15
N CYS A 136 5.28 -5.13 -12.75
CA CYS A 136 5.66 -6.14 -11.79
C CYS A 136 6.81 -6.98 -12.35
N SER A 137 7.45 -7.76 -11.49
CA SER A 137 8.21 -8.92 -11.90
C SER A 137 7.70 -10.17 -11.17
N SER A 138 7.29 -10.07 -9.90
CA SER A 138 6.86 -11.19 -9.08
C SER A 138 5.70 -10.75 -8.17
N ILE A 139 5.25 -11.64 -7.28
CA ILE A 139 4.29 -11.37 -6.23
C ILE A 139 4.85 -12.00 -4.95
N LEU A 140 4.16 -11.87 -3.83
CA LEU A 140 4.56 -12.38 -2.54
C LEU A 140 3.36 -13.00 -1.89
N LEU A 141 3.40 -14.31 -1.67
CA LEU A 141 2.35 -15.04 -0.95
C LEU A 141 2.99 -15.92 0.11
N HIS A 142 2.31 -16.07 1.25
CA HIS A 142 2.74 -16.91 2.36
C HIS A 142 4.09 -16.45 2.94
N GLY A 143 4.49 -15.20 2.70
CA GLY A 143 5.81 -14.71 3.08
C GLY A 143 6.92 -15.27 2.21
N LYS A 144 6.66 -15.67 0.95
CA LYS A 144 7.65 -16.05 0.00
C LYS A 144 7.21 -15.57 -1.38
N GLU A 145 8.20 -15.30 -2.19
CA GLU A 145 8.07 -14.69 -3.51
C GLU A 145 7.60 -15.78 -4.48
N GLN A 146 6.45 -15.57 -5.12
CA GLN A 146 5.94 -16.42 -6.17
C GLN A 146 6.31 -15.75 -7.49
N PRO A 147 6.76 -16.51 -8.47
CA PRO A 147 6.91 -16.01 -9.82
C PRO A 147 5.51 -15.69 -10.32
N LEU A 148 5.24 -14.42 -10.65
CA LEU A 148 3.93 -13.99 -11.10
C LEU A 148 3.61 -14.70 -12.43
N ASP A 149 2.34 -14.95 -12.72
CA ASP A 149 1.89 -15.73 -13.88
C ASP A 149 0.48 -15.28 -14.23
N GLU A 150 -0.08 -15.78 -15.31
CA GLU A 150 -1.39 -15.35 -15.79
C GLU A 150 -2.52 -15.81 -14.87
N GLU A 151 -2.37 -16.92 -14.14
CA GLU A 151 -3.32 -17.37 -13.13
C GLU A 151 -3.29 -16.44 -11.91
N LEU A 152 -2.22 -15.64 -11.79
CA LEU A 152 -1.97 -14.75 -10.67
C LEU A 152 -2.38 -13.32 -11.02
N LYS A 153 -2.22 -12.94 -12.29
CA LYS A 153 -2.98 -11.85 -12.88
C LYS A 153 -4.47 -12.12 -12.68
N ASP A 154 -4.91 -13.35 -12.93
CA ASP A 154 -6.34 -13.68 -13.01
C ASP A 154 -7.03 -13.46 -11.68
N ALA A 155 -6.37 -13.92 -10.61
CA ALA A 155 -6.92 -13.85 -9.28
C ALA A 155 -7.11 -12.38 -8.86
N PHE A 156 -6.14 -11.53 -9.22
CA PHE A 156 -6.22 -10.10 -9.03
C PHE A 156 -7.33 -9.52 -9.88
N GLN A 157 -7.43 -9.94 -11.15
CA GLN A 157 -8.39 -9.39 -12.09
C GLN A 157 -9.78 -9.55 -11.47
N ASN A 158 -10.26 -10.78 -11.34
CA ASN A 158 -11.58 -11.06 -10.74
C ASN A 158 -11.82 -10.23 -9.49
N ALA A 159 -10.79 -10.11 -8.63
CA ALA A 159 -10.85 -9.28 -7.44
C ALA A 159 -11.14 -7.82 -7.81
N TYR A 160 -10.25 -7.14 -8.53
CA TYR A 160 -10.39 -5.78 -9.05
C TYR A 160 -11.75 -5.53 -9.73
N LEU A 161 -12.24 -6.50 -10.50
CA LEU A 161 -13.48 -6.40 -11.26
C LEU A 161 -14.70 -6.49 -10.33
N GLU A 162 -14.67 -7.38 -9.34
CA GLU A 162 -15.72 -7.51 -8.33
C GLU A 162 -16.00 -6.20 -7.60
N LEU A 163 -14.94 -5.50 -7.21
CA LEU A 163 -15.06 -4.27 -6.42
C LEU A 163 -15.64 -3.15 -7.28
N GLY A 164 -15.18 -3.00 -8.53
CA GLY A 164 -15.76 -2.12 -9.54
C GLY A 164 -15.14 -0.74 -9.46
N GLY A 165 -14.72 -0.34 -8.26
CA GLY A 165 -13.88 0.81 -8.03
C GLY A 165 -14.70 2.09 -7.83
N LEU A 166 -15.74 2.30 -8.64
CA LEU A 166 -16.89 3.18 -8.42
C LEU A 166 -16.58 4.60 -8.87
N GLY A 167 -15.59 5.24 -8.26
CA GLY A 167 -15.19 6.62 -8.49
C GLY A 167 -13.75 6.62 -8.95
N GLU A 168 -12.82 6.75 -8.01
CA GLU A 168 -11.42 6.47 -8.31
C GLU A 168 -11.26 4.97 -8.61
N ARG A 169 -10.22 4.65 -9.37
CA ARG A 169 -9.76 3.29 -9.57
C ARG A 169 -9.15 2.77 -8.27
N VAL A 170 -9.15 1.45 -8.10
CA VAL A 170 -8.46 0.73 -7.05
C VAL A 170 -6.97 1.10 -7.13
N LEU A 171 -6.30 1.38 -6.00
CA LEU A 171 -4.85 1.63 -5.99
C LEU A 171 -4.10 0.29 -6.06
N GLY A 172 -2.84 0.36 -6.49
CA GLY A 172 -2.01 -0.82 -6.74
C GLY A 172 -1.08 -1.26 -5.61
N PHE A 173 -0.62 -0.36 -4.73
CA PHE A 173 0.23 -0.63 -3.58
C PHE A 173 1.33 -1.69 -3.76
N CYS A 174 2.49 -1.32 -4.30
CA CYS A 174 3.63 -2.24 -4.50
C CYS A 174 4.92 -1.68 -3.88
N HIS A 175 5.97 -2.50 -3.83
CA HIS A 175 7.35 -2.14 -3.50
C HIS A 175 8.28 -2.97 -4.40
N LEU A 176 9.57 -2.64 -4.43
CA LEU A 176 10.62 -3.49 -5.03
C LEU A 176 11.79 -3.74 -4.08
N LEU A 177 11.87 -2.94 -2.99
CA LEU A 177 12.96 -2.87 -2.04
C LEU A 177 14.26 -2.50 -2.78
N LEU A 178 14.61 -1.21 -2.81
CA LEU A 178 15.72 -0.77 -3.65
C LEU A 178 17.02 -1.36 -3.10
N PRO A 179 17.89 -1.90 -3.95
CA PRO A 179 19.18 -2.43 -3.55
C PRO A 179 20.09 -1.30 -3.13
N ASP A 180 20.25 -1.10 -1.83
CA ASP A 180 21.34 -0.30 -1.28
C ASP A 180 22.72 -0.86 -1.65
N GLU A 181 22.77 -2.06 -2.20
CA GLU A 181 23.94 -2.69 -2.81
C GLU A 181 24.34 -2.02 -4.13
N GLN A 182 23.34 -1.61 -4.91
CA GLN A 182 23.49 -1.05 -6.25
C GLN A 182 23.06 0.42 -6.27
N PHE A 183 22.66 0.95 -5.11
CA PHE A 183 22.47 2.38 -4.90
C PHE A 183 23.38 2.93 -3.82
N PRO A 184 23.92 4.16 -3.97
CA PRO A 184 24.90 4.70 -3.06
C PRO A 184 24.22 5.08 -1.75
N GLU A 185 24.94 4.86 -0.65
CA GLU A 185 24.54 5.27 0.69
C GLU A 185 24.42 6.79 0.84
N GLY A 186 24.77 7.55 -0.19
CA GLY A 186 24.60 8.99 -0.29
C GLY A 186 23.29 9.43 -0.92
N PHE A 187 22.48 8.50 -1.47
CA PHE A 187 21.11 8.76 -1.92
C PHE A 187 20.94 10.03 -2.78
N GLN A 188 21.61 10.06 -3.93
CA GLN A 188 21.66 11.21 -4.82
C GLN A 188 20.69 11.01 -5.98
N PHE A 189 19.43 10.74 -5.66
CA PHE A 189 18.41 10.53 -6.69
C PHE A 189 17.95 11.87 -7.25
N ASP A 190 17.60 12.77 -6.33
CA ASP A 190 16.71 13.90 -6.57
C ASP A 190 15.48 13.47 -7.41
N THR A 191 14.74 14.41 -7.99
CA THR A 191 13.60 14.14 -8.87
C THR A 191 13.94 14.54 -10.31
N ASP A 192 15.22 14.82 -10.56
CA ASP A 192 15.79 15.33 -11.79
C ASP A 192 16.61 14.24 -12.44
N GLU A 193 17.35 13.44 -11.66
CA GLU A 193 18.33 12.50 -12.19
C GLU A 193 18.19 11.06 -11.69
N VAL A 194 17.01 10.70 -11.20
CA VAL A 194 16.68 9.53 -10.39
C VAL A 194 17.52 8.29 -10.71
N ASN A 195 17.59 7.89 -11.98
CA ASN A 195 18.44 6.79 -12.53
C ASN A 195 18.15 5.41 -11.89
N PHE A 196 17.03 5.34 -11.18
CA PHE A 196 16.46 4.15 -10.56
C PHE A 196 15.69 3.23 -11.54
N PRO A 197 15.39 1.99 -11.12
CA PRO A 197 14.47 1.12 -11.84
C PRO A 197 13.02 1.44 -11.48
N VAL A 198 12.08 0.94 -12.28
CA VAL A 198 10.64 1.08 -12.05
C VAL A 198 9.90 -0.14 -12.60
N ASP A 199 10.50 -1.33 -12.47
CA ASP A 199 10.06 -2.48 -13.27
C ASP A 199 10.63 -3.78 -12.69
N ASN A 200 10.69 -3.83 -11.36
CA ASN A 200 11.09 -4.94 -10.50
C ASN A 200 9.96 -5.34 -9.56
N LEU A 201 8.82 -4.65 -9.66
CA LEU A 201 8.00 -4.47 -8.47
C LEU A 201 7.31 -5.78 -8.11
N CYS A 202 7.24 -5.95 -6.80
CA CYS A 202 6.51 -7.03 -6.18
C CYS A 202 5.07 -6.56 -6.12
N PHE A 203 4.21 -7.34 -6.76
CA PHE A 203 2.76 -7.18 -6.84
C PHE A 203 1.99 -7.33 -5.52
N VAL A 204 2.69 -7.49 -4.39
CA VAL A 204 2.34 -8.07 -3.10
C VAL A 204 0.81 -8.22 -2.90
N GLY A 205 0.01 -7.16 -2.94
CA GLY A 205 -1.45 -7.24 -2.94
C GLY A 205 -2.06 -5.84 -2.94
N LEU A 206 -3.37 -5.68 -2.68
CA LEU A 206 -4.01 -4.36 -2.70
C LEU A 206 -5.30 -4.33 -1.88
N ILE A 207 -5.74 -3.13 -1.49
CA ILE A 207 -6.88 -2.97 -0.59
C ILE A 207 -8.08 -2.73 -1.50
N SER A 208 -8.54 -1.48 -1.67
CA SER A 208 -9.47 -0.98 -2.70
C SER A 208 -10.15 0.32 -2.30
N MET A 209 -9.33 1.34 -2.06
CA MET A 209 -9.81 2.62 -1.57
C MET A 209 -10.94 3.14 -2.45
N ILE A 210 -11.89 3.77 -1.78
CA ILE A 210 -13.00 4.50 -2.36
C ILE A 210 -12.51 5.94 -2.58
N ASP A 211 -13.37 6.74 -3.19
CA ASP A 211 -13.37 8.20 -3.13
C ASP A 211 -14.76 8.67 -3.56
N PRO A 212 -15.77 8.67 -2.67
CA PRO A 212 -17.11 9.14 -3.00
C PRO A 212 -17.16 10.68 -2.92
N PRO A 213 -18.06 11.34 -3.66
CA PRO A 213 -18.13 12.79 -3.73
C PRO A 213 -18.56 13.43 -2.41
N GLN A 1 -21.73 9.46 -0.28
CA GLN A 1 -22.56 8.27 0.00
C GLN A 1 -22.03 7.51 1.22
N ASN A 2 -21.18 6.50 0.98
CA ASN A 2 -20.88 5.45 1.95
C ASN A 2 -19.91 5.98 3.02
N PRO A 3 -19.85 5.33 4.20
CA PRO A 3 -18.83 5.65 5.18
C PRO A 3 -17.47 5.21 4.67
N MET A 4 -16.43 5.96 5.03
CA MET A 4 -15.07 5.62 4.67
C MET A 4 -14.56 4.57 5.64
N THR A 5 -14.14 3.43 5.10
CA THR A 5 -13.60 2.31 5.84
C THR A 5 -12.86 1.43 4.83
N VAL A 6 -12.27 0.36 5.35
CA VAL A 6 -11.51 -0.65 4.62
C VAL A 6 -12.41 -1.31 3.59
N ALA A 7 -13.67 -1.61 3.93
CA ALA A 7 -14.50 -2.61 3.29
C ALA A 7 -13.84 -3.98 3.41
N HIS A 8 -12.72 -4.23 2.73
CA HIS A 8 -12.09 -5.53 2.59
C HIS A 8 -10.59 -5.37 2.33
N MET A 9 -9.85 -6.48 2.31
CA MET A 9 -8.46 -6.53 1.92
C MET A 9 -8.18 -7.80 1.10
N TRP A 10 -7.14 -7.78 0.26
CA TRP A 10 -6.60 -8.91 -0.49
C TRP A 10 -5.08 -8.80 -0.33
N PHE A 11 -4.35 -9.91 -0.46
CA PHE A 11 -2.88 -9.96 -0.49
C PHE A 11 -2.38 -11.39 -0.59
N ASP A 12 -3.16 -12.35 -0.11
CA ASP A 12 -2.82 -13.77 -0.05
C ASP A 12 -3.19 -14.48 -1.36
N ASN A 13 -3.71 -13.74 -2.35
CA ASN A 13 -4.16 -14.18 -3.68
C ASN A 13 -5.59 -14.73 -3.62
N GLN A 14 -6.34 -14.45 -2.54
CA GLN A 14 -7.57 -15.16 -2.22
C GLN A 14 -8.46 -14.38 -1.23
N ILE A 15 -8.30 -13.04 -1.18
CA ILE A 15 -9.01 -12.11 -0.29
C ILE A 15 -8.64 -12.45 1.20
N HIS A 16 -9.02 -11.61 2.18
CA HIS A 16 -8.76 -11.85 3.60
C HIS A 16 -9.86 -11.19 4.45
N GLU A 17 -10.88 -11.95 4.77
CA GLU A 17 -12.01 -11.53 5.59
C GLU A 17 -11.75 -11.91 7.03
N ALA A 18 -12.05 -11.04 8.01
CA ALA A 18 -11.81 -11.30 9.42
C ALA A 18 -13.06 -11.11 10.28
N ASP A 19 -14.16 -10.62 9.71
CA ASP A 19 -15.45 -10.51 10.38
C ASP A 19 -16.17 -11.79 10.01
N THR A 20 -16.37 -12.67 10.99
CA THR A 20 -16.49 -14.09 10.76
C THR A 20 -17.75 -14.50 9.98
N THR A 21 -18.82 -13.70 10.06
CA THR A 21 -20.13 -13.98 9.48
C THR A 21 -20.70 -12.64 8.98
N GLU A 22 -20.07 -12.07 7.95
CA GLU A 22 -20.31 -10.71 7.49
C GLU A 22 -20.47 -10.75 5.98
N ASN A 23 -21.71 -10.60 5.50
CA ASN A 23 -22.23 -10.82 4.14
C ASN A 23 -22.09 -12.26 3.65
N GLN A 24 -21.04 -12.95 4.06
CA GLN A 24 -20.55 -14.23 3.60
C GLN A 24 -19.76 -14.86 4.76
N SER A 25 -19.07 -15.97 4.51
CA SER A 25 -18.00 -16.48 5.35
C SER A 25 -16.99 -17.15 4.41
N GLY A 26 -15.76 -17.38 4.86
CA GLY A 26 -14.70 -17.98 4.06
C GLY A 26 -13.71 -18.71 4.95
N VAL A 27 -12.64 -19.23 4.34
CA VAL A 27 -11.74 -20.21 4.96
C VAL A 27 -10.27 -19.85 4.72
N SER A 28 -9.96 -19.22 3.58
CA SER A 28 -8.62 -18.92 3.14
C SER A 28 -8.11 -17.70 3.90
N PHE A 29 -7.41 -17.91 5.02
CA PHE A 29 -6.89 -16.83 5.84
C PHE A 29 -5.62 -17.29 6.56
N ASP A 30 -4.43 -17.12 5.96
CA ASP A 30 -3.16 -17.43 6.63
C ASP A 30 -2.69 -16.23 7.46
N LYS A 31 -2.15 -15.18 6.81
CA LYS A 31 -1.70 -13.92 7.43
C LYS A 31 -0.48 -14.14 8.32
N THR A 32 0.66 -14.64 7.79
CA THR A 32 1.86 -14.93 8.59
C THR A 32 2.34 -13.75 9.45
N SER A 33 3.05 -12.82 8.81
CA SER A 33 3.74 -11.69 9.38
C SER A 33 4.36 -10.88 8.25
N ALA A 34 5.06 -11.56 7.34
CA ALA A 34 5.83 -11.01 6.23
C ALA A 34 5.04 -9.98 5.42
N THR A 35 3.96 -10.41 4.75
CA THR A 35 3.23 -9.52 3.86
C THR A 35 2.62 -8.36 4.66
N TRP A 36 2.20 -8.57 5.91
CA TRP A 36 1.74 -7.50 6.77
C TRP A 36 2.87 -6.49 7.00
N PHE A 37 4.09 -6.93 7.36
CA PHE A 37 5.23 -6.03 7.53
C PHE A 37 5.55 -5.29 6.22
N ALA A 38 5.53 -6.01 5.10
CA ALA A 38 5.80 -5.45 3.79
C ALA A 38 4.79 -4.36 3.48
N LEU A 39 3.52 -4.59 3.81
CA LEU A 39 2.42 -3.69 3.52
C LEU A 39 2.38 -2.55 4.51
N SER A 40 2.78 -2.74 5.76
CA SER A 40 2.88 -1.68 6.76
C SER A 40 3.71 -0.51 6.23
N ARG A 41 4.81 -0.80 5.51
CA ARG A 41 5.63 0.22 4.87
C ARG A 41 4.82 1.09 3.93
N ILE A 42 3.78 0.58 3.28
CA ILE A 42 3.15 1.23 2.14
C ILE A 42 1.77 1.77 2.54
N ALA A 43 0.99 0.97 3.26
CA ALA A 43 -0.22 1.36 3.97
C ALA A 43 0.05 2.53 4.93
N GLY A 44 1.27 2.63 5.46
CA GLY A 44 1.68 3.73 6.32
C GLY A 44 2.31 4.86 5.52
N LEU A 45 3.51 4.65 4.98
CA LEU A 45 4.41 5.77 4.67
C LEU A 45 4.03 6.44 3.35
N CYS A 46 3.78 5.62 2.33
CA CYS A 46 3.25 6.03 1.02
C CYS A 46 1.82 6.63 1.07
N ASN A 47 1.29 6.95 2.25
CA ASN A 47 -0.05 7.47 2.49
C ASN A 47 0.06 9.00 2.68
N ARG A 48 -1.04 9.75 2.59
CA ARG A 48 -0.97 11.21 2.41
C ARG A 48 -2.05 12.01 3.16
N ALA A 49 -2.68 11.43 4.16
CA ALA A 49 -3.72 12.04 4.98
C ALA A 49 -3.29 11.97 6.44
N VAL A 50 -3.94 12.77 7.29
CA VAL A 50 -3.88 12.66 8.73
C VAL A 50 -5.29 12.89 9.30
N PHE A 51 -5.46 12.71 10.61
CA PHE A 51 -6.69 12.98 11.34
C PHE A 51 -6.90 14.49 11.49
N GLN A 52 -8.06 14.90 12.02
CA GLN A 52 -8.28 16.21 12.61
C GLN A 52 -8.57 16.03 14.11
N ALA A 53 -9.85 15.81 14.44
CA ALA A 53 -10.37 15.70 15.78
C ALA A 53 -9.91 14.37 16.37
N ASN A 54 -9.39 14.42 17.59
CA ASN A 54 -9.00 13.22 18.33
C ASN A 54 -10.00 13.02 19.47
N GLN A 55 -10.73 11.90 19.42
CA GLN A 55 -11.77 11.50 20.37
C GLN A 55 -11.66 9.99 20.59
N GLU A 56 -11.67 9.55 21.84
CA GLU A 56 -11.57 8.14 22.24
C GLU A 56 -12.93 7.55 22.55
N ASN A 57 -13.78 8.35 23.19
CA ASN A 57 -15.12 7.94 23.59
C ASN A 57 -16.00 7.62 22.36
N LEU A 58 -15.65 8.20 21.22
CA LEU A 58 -16.32 8.11 19.94
C LEU A 58 -15.41 7.35 18.95
N PRO A 59 -15.89 7.03 17.75
CA PRO A 59 -15.09 6.35 16.74
C PRO A 59 -13.89 7.19 16.28
N ILE A 60 -12.82 6.55 15.83
CA ILE A 60 -11.67 7.20 15.19
C ILE A 60 -12.06 7.87 13.86
N LEU A 61 -13.11 7.37 13.20
CA LEU A 61 -13.52 7.80 11.86
C LEU A 61 -14.09 9.23 11.91
N LYS A 62 -15.23 9.37 12.62
CA LYS A 62 -16.03 10.59 12.84
C LYS A 62 -16.08 11.57 11.67
N ARG A 63 -16.08 11.03 10.45
CA ARG A 63 -15.84 11.67 9.17
C ARG A 63 -14.96 12.93 9.31
N ALA A 64 -13.77 12.80 9.87
CA ALA A 64 -12.91 13.92 10.24
C ALA A 64 -11.50 13.49 9.87
N VAL A 65 -10.90 14.16 8.89
CA VAL A 65 -9.57 13.91 8.36
C VAL A 65 -9.07 15.21 7.76
N ALA A 66 -7.76 15.30 7.56
CA ALA A 66 -7.08 16.32 6.80
C ALA A 66 -6.29 15.61 5.70
N GLY A 67 -6.85 15.60 4.49
CA GLY A 67 -6.38 14.84 3.34
C GLY A 67 -7.56 14.58 2.40
N ASP A 68 -7.42 13.58 1.53
CA ASP A 68 -8.51 13.05 0.70
C ASP A 68 -9.43 12.19 1.57
N ALA A 69 -10.29 11.37 0.96
CA ALA A 69 -11.02 10.33 1.67
C ALA A 69 -10.26 8.99 1.64
N SER A 70 -9.62 8.66 0.51
CA SER A 70 -9.09 7.34 0.17
C SER A 70 -7.97 6.91 1.11
N GLU A 71 -6.74 7.44 0.94
CA GLU A 71 -5.56 7.16 1.76
C GLU A 71 -5.91 7.22 3.27
N SER A 72 -6.82 8.12 3.59
CA SER A 72 -7.31 8.39 4.92
C SER A 72 -8.13 7.23 5.53
N ALA A 73 -8.73 6.33 4.75
CA ALA A 73 -9.24 5.03 5.18
C ALA A 73 -8.10 4.20 5.75
N LEU A 74 -7.02 4.04 4.97
CA LEU A 74 -5.86 3.25 5.31
C LEU A 74 -5.20 3.72 6.60
N LEU A 75 -5.27 5.02 6.88
CA LEU A 75 -4.70 5.66 8.04
C LEU A 75 -5.45 5.30 9.32
N LYS A 76 -6.77 5.09 9.27
CA LYS A 76 -7.50 4.98 10.54
C LYS A 76 -7.28 3.58 11.08
N CYS A 77 -7.60 2.58 10.26
CA CYS A 77 -7.37 1.19 10.58
C CYS A 77 -5.89 0.89 10.33
N ILE A 78 -5.03 1.43 11.18
CA ILE A 78 -3.65 1.00 11.34
C ILE A 78 -3.27 1.31 12.79
N GLU A 79 -3.35 2.57 13.23
CA GLU A 79 -2.82 2.99 14.51
C GLU A 79 -3.70 2.56 15.70
N VAL A 80 -5.01 2.46 15.45
CA VAL A 80 -6.02 1.95 16.35
C VAL A 80 -5.75 0.49 16.80
N CYS A 81 -4.75 -0.19 16.21
CA CYS A 81 -4.31 -1.52 16.59
C CYS A 81 -3.16 -1.53 17.61
N CYS A 82 -2.50 -0.39 17.84
CA CYS A 82 -1.29 -0.09 18.64
C CYS A 82 -0.11 0.36 17.76
N GLY A 83 -0.25 0.36 16.43
CA GLY A 83 0.75 0.96 15.54
C GLY A 83 0.75 2.48 15.66
N SER A 84 1.69 3.12 14.98
CA SER A 84 1.68 4.54 14.69
C SER A 84 2.24 4.70 13.28
N VAL A 85 1.73 5.70 12.54
CA VAL A 85 2.20 6.08 11.21
C VAL A 85 2.66 7.55 11.20
N MET A 86 2.20 8.36 12.14
CA MET A 86 2.51 9.78 12.16
C MET A 86 3.87 10.04 12.82
N GLU A 87 4.46 9.04 13.47
CA GLU A 87 5.88 9.01 13.79
C GLU A 87 6.70 8.71 12.53
N MET A 88 6.11 7.92 11.63
CA MET A 88 6.80 7.27 10.52
C MET A 88 7.23 8.25 9.44
N ARG A 89 6.51 9.37 9.28
CA ARG A 89 6.91 10.50 8.44
C ARG A 89 8.30 11.03 8.81
N GLU A 90 8.73 10.82 10.05
CA GLU A 90 9.96 11.35 10.64
C GLU A 90 11.03 10.25 10.65
N LYS A 91 10.60 9.02 10.95
CA LYS A 91 11.45 7.82 11.02
C LYS A 91 12.34 7.69 9.78
N TYR A 92 11.73 7.69 8.60
CA TYR A 92 12.39 7.38 7.34
C TYR A 92 12.98 8.67 6.75
N THR A 93 14.25 8.66 6.34
CA THR A 93 15.00 9.85 5.95
C THR A 93 14.35 10.55 4.77
N LYS A 94 13.66 9.78 3.90
CA LYS A 94 12.94 10.35 2.76
C LYS A 94 13.97 10.95 1.81
N ILE A 95 14.81 10.05 1.28
CA ILE A 95 15.85 10.33 0.32
C ILE A 95 15.33 11.37 -0.67
N VAL A 96 14.17 11.10 -1.28
CA VAL A 96 13.59 11.87 -2.36
C VAL A 96 12.09 11.55 -2.42
N GLU A 97 11.35 12.38 -3.12
CA GLU A 97 9.93 12.28 -3.34
C GLU A 97 9.66 13.10 -4.58
N ILE A 98 9.02 12.46 -5.55
CA ILE A 98 8.60 13.07 -6.80
C ILE A 98 7.11 13.43 -6.63
N PRO A 99 6.58 14.42 -7.36
CA PRO A 99 5.15 14.67 -7.43
C PRO A 99 4.45 13.55 -8.23
N PHE A 100 3.26 13.83 -8.73
CA PHE A 100 2.44 13.02 -9.64
C PHE A 100 3.09 12.75 -11.02
N ASN A 101 4.40 12.95 -11.20
CA ASN A 101 5.17 12.92 -12.47
C ASN A 101 4.88 14.20 -13.27
N SER A 102 5.83 14.69 -14.08
CA SER A 102 5.91 16.11 -14.46
C SER A 102 4.75 16.69 -15.29
N THR A 103 3.77 15.91 -15.71
CA THR A 103 2.43 16.41 -16.05
C THR A 103 1.44 15.71 -15.12
N ASN A 104 1.20 14.42 -15.39
CA ASN A 104 0.63 13.44 -14.46
C ASN A 104 1.12 12.07 -14.95
N LYS A 105 1.22 11.07 -14.06
CA LYS A 105 1.38 9.66 -14.39
C LYS A 105 1.10 8.86 -13.12
N TYR A 106 1.97 8.98 -12.11
CA TYR A 106 1.95 8.28 -10.83
C TYR A 106 2.83 9.08 -9.85
N GLN A 107 2.80 8.76 -8.56
CA GLN A 107 3.68 9.35 -7.55
C GLN A 107 4.50 8.27 -6.84
N LEU A 108 5.72 8.62 -6.40
CA LEU A 108 6.61 7.74 -5.64
C LEU A 108 7.53 8.54 -4.71
N SER A 109 8.24 7.84 -3.82
CA SER A 109 9.27 8.40 -2.96
C SER A 109 10.25 7.30 -2.62
N ILE A 110 11.52 7.66 -2.39
CA ILE A 110 12.55 6.74 -1.95
C ILE A 110 12.93 7.09 -0.53
N HIS A 111 13.24 6.08 0.26
CA HIS A 111 13.53 6.18 1.68
C HIS A 111 14.64 5.20 1.98
N LYS A 112 15.59 5.54 2.86
CA LYS A 112 16.28 4.51 3.61
C LYS A 112 15.34 4.13 4.74
N ASN A 113 15.15 2.83 4.92
CA ASN A 113 14.66 2.21 6.13
C ASN A 113 15.86 2.06 7.05
N PRO A 114 15.78 2.42 8.34
CA PRO A 114 16.86 2.19 9.27
C PRO A 114 17.00 0.71 9.66
N ASN A 115 15.90 0.01 9.91
CA ASN A 115 15.91 -1.28 10.61
C ASN A 115 14.68 -2.08 10.23
N ALA A 116 14.81 -3.09 9.38
CA ALA A 116 13.81 -4.11 9.10
C ALA A 116 14.52 -5.34 8.50
N SER A 117 13.80 -6.34 8.00
CA SER A 117 14.44 -7.39 7.20
C SER A 117 14.67 -6.93 5.76
N GLU A 118 13.80 -6.05 5.26
CA GLU A 118 13.88 -5.44 3.94
C GLU A 118 15.23 -4.68 3.79
N PRO A 119 15.70 -4.39 2.56
CA PRO A 119 16.89 -3.57 2.36
C PRO A 119 16.64 -2.13 2.86
N LYS A 120 17.71 -1.35 3.01
CA LYS A 120 17.59 0.01 3.51
C LYS A 120 16.83 0.85 2.50
N HIS A 121 17.46 1.23 1.39
CA HIS A 121 16.82 2.07 0.39
C HIS A 121 15.71 1.25 -0.26
N LEU A 122 14.50 1.79 -0.25
CA LEU A 122 13.40 1.28 -1.02
C LEU A 122 12.64 2.45 -1.62
N LEU A 123 11.94 2.14 -2.70
CA LEU A 123 10.95 2.99 -3.31
C LEU A 123 9.60 2.47 -2.86
N VAL A 124 8.65 3.37 -2.69
CA VAL A 124 7.22 3.06 -2.64
C VAL A 124 6.53 3.96 -3.67
N MET A 125 5.37 3.55 -4.16
CA MET A 125 4.68 4.10 -5.30
C MET A 125 3.19 4.08 -4.96
N LYS A 126 2.36 4.72 -5.77
CA LYS A 126 0.90 4.60 -5.75
C LYS A 126 0.36 4.81 -7.16
N GLY A 127 -0.96 4.78 -7.29
CA GLY A 127 -1.68 4.80 -8.56
C GLY A 127 -2.85 3.83 -8.49
N ALA A 128 -3.64 3.82 -9.55
CA ALA A 128 -4.72 2.85 -9.74
C ALA A 128 -4.17 1.43 -9.78
N PRO A 129 -4.96 0.41 -9.41
CA PRO A 129 -4.44 -0.93 -9.17
C PRO A 129 -4.08 -1.63 -10.48
N GLU A 130 -4.77 -1.32 -11.58
CA GLU A 130 -4.37 -1.76 -12.91
C GLU A 130 -3.00 -1.20 -13.23
N ARG A 131 -2.73 0.06 -12.84
CA ARG A 131 -1.46 0.68 -13.17
C ARG A 131 -0.31 0.06 -12.42
N ILE A 132 -0.48 -0.27 -11.14
CA ILE A 132 0.57 -1.01 -10.46
C ILE A 132 0.77 -2.35 -11.18
N LEU A 133 -0.30 -3.05 -11.55
CA LEU A 133 -0.19 -4.33 -12.24
C LEU A 133 0.54 -4.16 -13.57
N ASP A 134 0.34 -3.03 -14.24
CA ASP A 134 0.92 -2.70 -15.54
C ASP A 134 2.45 -2.61 -15.49
N ARG A 135 3.03 -2.23 -14.34
CA ARG A 135 4.46 -2.13 -14.10
C ARG A 135 4.95 -3.15 -13.06
N CYS A 136 4.10 -4.10 -12.68
CA CYS A 136 4.52 -5.19 -11.80
C CYS A 136 5.30 -6.27 -12.58
N SER A 137 6.17 -6.96 -11.85
CA SER A 137 6.91 -8.14 -12.32
C SER A 137 6.50 -9.39 -11.56
N SER A 138 6.22 -9.31 -10.26
CA SER A 138 6.01 -10.46 -9.41
C SER A 138 4.85 -10.16 -8.46
N ILE A 139 4.57 -11.06 -7.53
CA ILE A 139 3.64 -10.83 -6.44
C ILE A 139 4.21 -11.51 -5.20
N LEU A 140 3.84 -10.99 -4.05
CA LEU A 140 4.29 -11.45 -2.74
C LEU A 140 3.17 -12.25 -2.11
N LEU A 141 3.37 -13.55 -1.93
CA LEU A 141 2.43 -14.48 -1.27
C LEU A 141 3.15 -15.20 -0.14
N HIS A 142 2.56 -15.24 1.06
CA HIS A 142 3.04 -15.97 2.25
C HIS A 142 4.52 -15.68 2.59
N GLY A 143 5.01 -14.46 2.35
CA GLY A 143 6.41 -14.12 2.63
C GLY A 143 7.40 -14.74 1.64
N LYS A 144 6.99 -14.98 0.39
CA LYS A 144 7.84 -15.50 -0.68
C LYS A 144 7.98 -14.41 -1.75
N GLU A 145 8.23 -14.79 -2.99
CA GLU A 145 7.99 -14.00 -4.19
C GLU A 145 7.60 -15.03 -5.25
N GLN A 146 6.51 -14.77 -5.95
CA GLN A 146 5.93 -15.61 -7.00
C GLN A 146 6.09 -14.85 -8.33
N PRO A 147 6.52 -15.50 -9.42
CA PRO A 147 6.53 -14.93 -10.76
C PRO A 147 5.08 -14.69 -11.21
N LEU A 148 4.71 -13.45 -11.51
CA LEU A 148 3.33 -13.12 -11.87
C LEU A 148 3.06 -13.55 -13.31
N ASP A 149 1.92 -14.20 -13.54
CA ASP A 149 1.45 -14.81 -14.79
C ASP A 149 -0.01 -14.43 -14.93
N GLU A 150 -0.64 -14.71 -16.07
CA GLU A 150 -2.05 -14.35 -16.31
C GLU A 150 -2.96 -15.03 -15.29
N GLU A 151 -2.53 -16.21 -14.86
CA GLU A 151 -3.19 -17.09 -13.92
C GLU A 151 -3.17 -16.47 -12.51
N LEU A 152 -2.26 -15.53 -12.29
CA LEU A 152 -2.08 -14.81 -11.05
C LEU A 152 -2.64 -13.40 -11.12
N LYS A 153 -2.62 -12.78 -12.31
CA LYS A 153 -3.45 -11.63 -12.63
C LYS A 153 -4.90 -11.96 -12.34
N ASP A 154 -5.33 -13.20 -12.63
CA ASP A 154 -6.70 -13.63 -12.44
C ASP A 154 -7.16 -13.42 -11.00
N ALA A 155 -6.33 -13.88 -10.07
CA ALA A 155 -6.63 -13.87 -8.65
C ALA A 155 -6.75 -12.46 -8.09
N PHE A 156 -6.08 -11.48 -8.71
CA PHE A 156 -6.29 -10.07 -8.49
C PHE A 156 -7.58 -9.62 -9.17
N GLN A 157 -7.74 -9.94 -10.47
CA GLN A 157 -8.78 -9.39 -11.33
C GLN A 157 -10.10 -9.66 -10.64
N ASN A 158 -10.48 -10.94 -10.55
CA ASN A 158 -11.77 -11.35 -10.01
C ASN A 158 -12.00 -10.71 -8.64
N ALA A 159 -10.93 -10.57 -7.85
CA ALA A 159 -10.98 -9.86 -6.61
C ALA A 159 -11.31 -8.37 -6.80
N TYR A 160 -10.59 -7.56 -7.58
CA TYR A 160 -10.92 -6.17 -7.89
C TYR A 160 -12.37 -6.06 -8.38
N LEU A 161 -12.79 -7.01 -9.23
CA LEU A 161 -14.11 -7.05 -9.84
C LEU A 161 -15.20 -7.46 -8.82
N GLU A 162 -14.87 -8.19 -7.75
CA GLU A 162 -15.75 -8.44 -6.62
C GLU A 162 -15.76 -7.24 -5.68
N LEU A 163 -14.57 -6.85 -5.23
CA LEU A 163 -14.26 -5.85 -4.22
C LEU A 163 -14.76 -4.45 -4.60
N GLY A 164 -15.30 -4.29 -5.81
CA GLY A 164 -16.12 -3.20 -6.28
C GLY A 164 -15.47 -2.75 -7.57
N GLY A 165 -14.27 -2.22 -7.42
CA GLY A 165 -13.37 -1.91 -8.49
C GLY A 165 -13.74 -0.56 -9.08
N LEU A 166 -13.68 -0.46 -10.40
CA LEU A 166 -14.29 0.54 -11.28
C LEU A 166 -13.47 1.82 -11.25
N GLY A 167 -13.52 2.48 -10.11
CA GLY A 167 -12.91 3.77 -9.85
C GLY A 167 -11.50 3.63 -9.29
N GLU A 168 -10.85 4.78 -9.07
CA GLU A 168 -9.55 4.89 -8.41
C GLU A 168 -9.73 4.72 -6.89
N ARG A 169 -10.24 3.56 -6.46
CA ARG A 169 -10.70 3.28 -5.10
C ARG A 169 -9.78 2.26 -4.45
N VAL A 170 -9.83 0.99 -4.91
CA VAL A 170 -8.73 0.06 -4.69
C VAL A 170 -7.48 0.80 -5.23
N LEU A 171 -6.41 0.88 -4.45
CA LEU A 171 -5.10 1.46 -4.77
C LEU A 171 -4.07 0.33 -4.92
N GLY A 172 -2.84 0.64 -5.36
CA GLY A 172 -1.83 -0.39 -5.64
C GLY A 172 -0.52 -0.30 -4.87
N PHE A 173 -0.36 0.62 -3.91
CA PHE A 173 0.81 0.81 -3.03
C PHE A 173 1.68 -0.45 -2.91
N CYS A 174 2.79 -0.39 -3.63
CA CYS A 174 3.75 -1.43 -3.90
C CYS A 174 5.14 -0.93 -3.49
N HIS A 175 6.07 -1.86 -3.29
CA HIS A 175 7.52 -1.63 -3.31
C HIS A 175 8.11 -2.62 -4.33
N LEU A 176 9.43 -2.56 -4.48
CA LEU A 176 10.27 -3.45 -5.27
C LEU A 176 11.58 -3.76 -4.54
N LEU A 177 11.66 -3.37 -3.26
CA LEU A 177 12.82 -3.43 -2.37
C LEU A 177 14.15 -3.33 -3.10
N LEU A 178 14.55 -2.09 -3.43
CA LEU A 178 15.69 -1.76 -4.28
C LEU A 178 16.90 -2.63 -3.90
N PRO A 179 17.43 -3.45 -4.83
CA PRO A 179 18.42 -4.46 -4.52
C PRO A 179 19.70 -3.83 -3.99
N ASP A 180 19.90 -3.85 -2.69
CA ASP A 180 20.93 -3.12 -1.93
C ASP A 180 22.35 -3.44 -2.37
N GLU A 181 22.52 -4.55 -3.07
CA GLU A 181 23.78 -5.05 -3.61
C GLU A 181 24.10 -4.29 -4.88
N GLN A 182 23.10 -4.08 -5.73
CA GLN A 182 23.22 -3.37 -7.00
C GLN A 182 22.95 -1.87 -6.81
N PHE A 183 22.21 -1.51 -5.76
CA PHE A 183 21.90 -0.12 -5.45
C PHE A 183 23.02 0.50 -4.64
N PRO A 184 23.33 1.79 -4.84
CA PRO A 184 24.49 2.38 -4.22
C PRO A 184 24.21 2.69 -2.77
N GLU A 185 25.19 2.41 -1.91
CA GLU A 185 25.11 2.70 -0.50
C GLU A 185 25.18 4.21 -0.21
N GLY A 186 25.55 5.02 -1.20
CA GLY A 186 25.51 6.47 -1.17
C GLY A 186 24.14 7.03 -1.55
N PHE A 187 23.22 6.18 -2.03
CA PHE A 187 21.81 6.43 -2.31
C PHE A 187 21.48 7.74 -3.06
N GLN A 188 22.41 8.29 -3.85
CA GLN A 188 22.31 9.62 -4.41
C GLN A 188 21.43 9.67 -5.68
N PHE A 189 20.19 9.21 -5.58
CA PHE A 189 19.24 9.21 -6.70
C PHE A 189 18.93 10.63 -7.14
N ASP A 190 18.71 11.51 -6.16
CA ASP A 190 18.10 12.82 -6.36
C ASP A 190 16.77 12.71 -7.14
N THR A 191 16.15 13.82 -7.53
CA THR A 191 14.93 13.82 -8.32
C THR A 191 15.23 14.20 -9.77
N ASP A 192 16.51 14.34 -10.14
CA ASP A 192 16.93 14.81 -11.45
C ASP A 192 17.70 13.72 -12.18
N GLU A 193 18.28 12.75 -11.46
CA GLU A 193 19.16 11.73 -12.01
C GLU A 193 18.91 10.34 -11.40
N VAL A 194 17.64 10.07 -11.08
CA VAL A 194 17.12 8.94 -10.31
C VAL A 194 17.77 7.61 -10.68
N ASN A 195 17.82 7.30 -11.98
CA ASN A 195 18.51 6.14 -12.58
C ASN A 195 18.06 4.81 -11.96
N PHE A 196 16.89 4.83 -11.34
CA PHE A 196 16.19 3.69 -10.77
C PHE A 196 15.42 2.84 -11.81
N PRO A 197 14.98 1.62 -11.46
CA PRO A 197 13.97 0.91 -12.21
C PRO A 197 12.58 1.45 -11.89
N VAL A 198 11.62 1.17 -12.77
CA VAL A 198 10.24 1.60 -12.64
C VAL A 198 9.31 0.52 -13.18
N ASP A 199 9.64 -0.76 -12.97
CA ASP A 199 8.95 -1.87 -13.64
C ASP A 199 9.43 -3.23 -13.12
N ASN A 200 9.55 -3.32 -11.80
CA ASN A 200 9.96 -4.50 -11.04
C ASN A 200 8.89 -4.95 -10.03
N LEU A 201 7.76 -4.24 -10.01
CA LEU A 201 7.05 -4.03 -8.75
C LEU A 201 6.28 -5.29 -8.32
N CYS A 202 5.83 -5.26 -7.06
CA CYS A 202 5.08 -6.32 -6.41
C CYS A 202 3.79 -5.76 -5.85
N PHE A 203 2.70 -6.51 -5.94
CA PHE A 203 1.31 -6.13 -5.69
C PHE A 203 0.95 -5.84 -4.23
N VAL A 204 1.91 -5.93 -3.32
CA VAL A 204 1.82 -5.95 -1.86
C VAL A 204 0.52 -5.37 -1.30
N GLY A 205 0.27 -4.06 -1.47
CA GLY A 205 -0.96 -3.42 -1.05
C GLY A 205 -1.93 -3.40 -2.18
N LEU A 206 -2.90 -4.29 -2.06
CA LEU A 206 -4.05 -4.30 -2.89
C LEU A 206 -5.16 -4.70 -1.90
N ILE A 207 -5.51 -3.73 -1.05
CA ILE A 207 -6.46 -3.79 0.05
C ILE A 207 -7.87 -3.85 -0.55
N SER A 208 -8.64 -2.74 -0.60
CA SER A 208 -9.82 -2.46 -1.45
C SER A 208 -10.78 -1.40 -0.89
N MET A 209 -10.27 -0.22 -0.51
CA MET A 209 -11.06 0.82 0.14
C MET A 209 -12.10 1.48 -0.78
N ILE A 210 -12.74 2.51 -0.22
CA ILE A 210 -13.88 3.21 -0.77
C ILE A 210 -13.41 4.61 -1.16
N ASP A 211 -14.28 5.35 -1.83
CA ASP A 211 -14.20 6.78 -2.13
C ASP A 211 -15.49 7.16 -2.85
N PRO A 212 -16.52 7.62 -2.13
CA PRO A 212 -17.70 8.21 -2.73
C PRO A 212 -17.46 9.71 -2.98
N PRO A 213 -17.69 10.25 -4.18
CA PRO A 213 -17.70 11.68 -4.41
C PRO A 213 -18.87 12.29 -3.64
N GLN A 1 -14.56 15.00 6.61
CA GLN A 1 -15.38 14.52 7.74
C GLN A 1 -16.33 13.43 7.26
N ASN A 2 -15.78 12.26 6.89
CA ASN A 2 -16.45 11.30 6.02
C ASN A 2 -16.10 9.87 6.48
N PRO A 3 -16.81 8.83 5.98
CA PRO A 3 -16.48 7.43 6.20
C PRO A 3 -15.16 7.10 5.50
N MET A 4 -15.27 6.52 4.32
CA MET A 4 -14.25 6.27 3.33
C MET A 4 -13.06 5.49 3.90
N THR A 5 -13.09 4.16 3.77
CA THR A 5 -12.08 3.27 4.33
C THR A 5 -11.84 2.09 3.36
N VAL A 6 -10.98 1.15 3.77
CA VAL A 6 -10.50 0.03 2.96
C VAL A 6 -11.57 -0.62 2.10
N ALA A 7 -12.71 -0.93 2.71
CA ALA A 7 -13.73 -1.85 2.20
C ALA A 7 -13.17 -3.28 2.17
N HIS A 8 -12.23 -3.57 1.29
CA HIS A 8 -11.85 -4.93 0.94
C HIS A 8 -10.34 -5.00 0.62
N MET A 9 -9.79 -6.20 0.40
CA MET A 9 -8.36 -6.38 0.11
C MET A 9 -8.08 -7.72 -0.54
N TRP A 10 -6.91 -7.85 -1.13
CA TRP A 10 -6.38 -9.04 -1.76
C TRP A 10 -4.86 -9.02 -1.60
N PHE A 11 -4.23 -10.16 -1.31
CA PHE A 11 -2.76 -10.32 -1.37
C PHE A 11 -2.40 -11.79 -1.43
N ASP A 12 -3.20 -12.63 -0.78
CA ASP A 12 -2.96 -14.06 -0.62
C ASP A 12 -3.28 -14.87 -1.87
N ASN A 13 -3.69 -14.17 -2.94
CA ASN A 13 -4.08 -14.62 -4.29
C ASN A 13 -5.58 -14.90 -4.35
N GLN A 14 -6.33 -14.57 -3.30
CA GLN A 14 -7.61 -15.23 -3.00
C GLN A 14 -8.56 -14.34 -2.17
N ILE A 15 -8.32 -13.02 -2.15
CA ILE A 15 -9.06 -12.03 -1.36
C ILE A 15 -8.85 -12.36 0.13
N HIS A 16 -9.55 -11.73 1.08
CA HIS A 16 -9.36 -11.96 2.51
C HIS A 16 -10.66 -11.71 3.25
N GLU A 17 -11.03 -12.64 4.12
CA GLU A 17 -12.32 -12.74 4.79
C GLU A 17 -12.50 -11.65 5.86
N ALA A 18 -12.94 -10.46 5.43
CA ALA A 18 -13.26 -9.32 6.30
C ALA A 18 -14.44 -9.61 7.23
N ASP A 19 -15.30 -10.54 6.81
CA ASP A 19 -16.42 -11.08 7.58
C ASP A 19 -16.67 -12.48 7.04
N THR A 20 -17.10 -12.56 5.78
CA THR A 20 -17.23 -13.77 4.99
C THR A 20 -17.50 -13.38 3.52
N THR A 21 -18.32 -12.34 3.29
CA THR A 21 -18.65 -11.83 1.97
C THR A 21 -18.68 -10.29 1.99
N GLU A 22 -19.78 -9.70 2.45
CA GLU A 22 -19.92 -8.26 2.54
C GLU A 22 -19.20 -7.77 3.80
N ASN A 23 -19.07 -6.45 3.91
CA ASN A 23 -18.50 -5.80 5.06
C ASN A 23 -19.33 -6.09 6.32
N GLN A 24 -18.62 -6.33 7.42
CA GLN A 24 -19.15 -6.35 8.77
C GLN A 24 -18.04 -6.01 9.79
N SER A 25 -16.77 -6.24 9.42
CA SER A 25 -15.58 -5.92 10.20
C SER A 25 -15.56 -6.69 11.53
N GLY A 26 -15.96 -7.95 11.48
CA GLY A 26 -16.06 -8.83 12.62
C GLY A 26 -14.93 -9.84 12.69
N VAL A 27 -14.96 -10.58 13.81
CA VAL A 27 -14.09 -11.67 14.25
C VAL A 27 -12.58 -11.40 14.14
N SER A 28 -11.80 -12.28 14.78
CA SER A 28 -10.42 -12.51 14.41
C SER A 28 -10.37 -13.55 13.27
N PHE A 29 -9.19 -13.74 12.70
CA PHE A 29 -8.88 -14.86 11.83
C PHE A 29 -7.41 -15.25 12.06
N ASP A 30 -6.91 -16.21 11.27
CA ASP A 30 -5.55 -16.74 11.42
C ASP A 30 -4.52 -15.64 11.14
N LYS A 31 -4.76 -14.87 10.06
CA LYS A 31 -3.85 -13.91 9.41
C LYS A 31 -2.47 -14.49 9.10
N THR A 32 -1.62 -13.65 8.54
CA THR A 32 -0.30 -13.99 8.07
C THR A 32 0.72 -13.15 8.85
N SER A 33 1.91 -12.98 8.28
CA SER A 33 3.03 -12.29 8.89
C SER A 33 3.67 -11.43 7.78
N ALA A 34 4.69 -11.95 7.10
CA ALA A 34 5.45 -11.29 6.05
C ALA A 34 4.59 -10.47 5.08
N THR A 35 3.58 -11.07 4.45
CA THR A 35 2.81 -10.40 3.41
C THR A 35 1.97 -9.24 3.97
N TRP A 36 1.43 -9.38 5.18
CA TRP A 36 0.77 -8.26 5.85
C TRP A 36 1.81 -7.16 6.08
N PHE A 37 2.98 -7.47 6.66
CA PHE A 37 4.00 -6.43 6.88
C PHE A 37 4.41 -5.78 5.56
N ALA A 38 4.56 -6.57 4.50
CA ALA A 38 4.99 -6.11 3.20
C ALA A 38 4.05 -5.03 2.70
N LEU A 39 2.74 -5.29 2.75
CA LEU A 39 1.69 -4.38 2.32
C LEU A 39 1.73 -3.17 3.24
N SER A 40 1.81 -3.40 4.54
CA SER A 40 1.84 -2.40 5.57
C SER A 40 3.03 -1.43 5.45
N ARG A 41 4.17 -1.89 4.94
CA ARG A 41 5.35 -1.07 4.71
C ARG A 41 5.11 -0.10 3.55
N ILE A 42 4.16 -0.38 2.67
CA ILE A 42 3.70 0.51 1.60
C ILE A 42 2.63 1.41 2.19
N ALA A 43 1.55 0.78 2.67
CA ALA A 43 0.28 1.38 3.05
C ALA A 43 0.48 2.48 4.10
N GLY A 44 1.47 2.32 4.99
CA GLY A 44 1.73 3.27 6.04
C GLY A 44 2.68 4.39 5.62
N LEU A 45 3.73 4.10 4.84
CA LEU A 45 4.63 5.17 4.37
C LEU A 45 3.87 6.09 3.42
N CYS A 46 3.16 5.49 2.46
CA CYS A 46 2.26 6.15 1.53
C CYS A 46 1.05 6.75 2.26
N ASN A 47 1.23 7.80 3.04
CA ASN A 47 0.17 8.51 3.73
C ASN A 47 0.64 9.91 4.04
N ARG A 48 -0.28 10.88 4.17
CA ARG A 48 0.00 12.26 4.62
C ARG A 48 -1.15 12.88 5.41
N ALA A 49 -2.14 12.06 5.77
CA ALA A 49 -3.34 12.42 6.48
C ALA A 49 -3.27 11.76 7.86
N VAL A 50 -3.94 12.31 8.86
CA VAL A 50 -3.89 11.88 10.26
C VAL A 50 -5.29 11.97 10.88
N PHE A 51 -5.43 11.57 12.14
CA PHE A 51 -6.64 11.65 12.93
C PHE A 51 -6.80 13.07 13.43
N GLN A 52 -8.04 13.49 13.67
CA GLN A 52 -8.32 14.75 14.35
C GLN A 52 -8.39 14.47 15.85
N ALA A 53 -9.31 13.59 16.22
CA ALA A 53 -9.70 13.31 17.59
C ALA A 53 -9.48 11.83 17.90
N ASN A 54 -9.44 11.49 19.18
CA ASN A 54 -9.13 10.15 19.69
C ASN A 54 -10.16 9.83 20.75
N GLN A 55 -11.10 8.94 20.46
CA GLN A 55 -12.10 8.45 21.40
C GLN A 55 -12.03 6.92 21.39
N GLU A 56 -11.28 6.34 22.33
CA GLU A 56 -11.11 4.89 22.43
C GLU A 56 -12.44 4.18 22.68
N ASN A 57 -13.39 4.89 23.31
CA ASN A 57 -14.66 4.34 23.74
C ASN A 57 -15.59 4.03 22.57
N LEU A 58 -15.14 4.29 21.33
CA LEU A 58 -15.84 4.27 20.06
C LEU A 58 -14.90 3.70 18.98
N PRO A 59 -15.29 3.62 17.69
CA PRO A 59 -14.39 3.19 16.62
C PRO A 59 -13.27 4.20 16.40
N ILE A 60 -12.17 3.77 15.76
CA ILE A 60 -11.11 4.69 15.35
C ILE A 60 -11.63 5.69 14.32
N LEU A 61 -12.40 5.25 13.31
CA LEU A 61 -12.79 6.03 12.13
C LEU A 61 -13.41 7.38 12.54
N LYS A 62 -14.53 7.32 13.29
CA LYS A 62 -15.41 8.39 13.79
C LYS A 62 -15.54 9.62 12.86
N ARG A 63 -15.47 9.37 11.56
CA ARG A 63 -15.44 10.33 10.46
C ARG A 63 -14.62 11.60 10.77
N ALA A 64 -13.51 11.50 11.52
CA ALA A 64 -12.81 12.64 12.11
C ALA A 64 -11.32 12.59 11.78
N VAL A 65 -10.97 12.92 10.54
CA VAL A 65 -9.61 12.82 10.00
C VAL A 65 -9.24 14.14 9.31
N ALA A 66 -7.94 14.37 9.16
CA ALA A 66 -7.33 15.59 8.69
C ALA A 66 -6.51 15.26 7.44
N GLY A 67 -6.81 15.93 6.32
CA GLY A 67 -6.22 15.65 5.02
C GLY A 67 -7.27 15.02 4.10
N ASP A 68 -6.85 14.51 2.95
CA ASP A 68 -7.71 13.85 1.97
C ASP A 68 -8.29 12.56 2.58
N ALA A 69 -9.34 12.00 2.00
CA ALA A 69 -9.94 10.74 2.43
C ALA A 69 -9.23 9.51 1.84
N SER A 70 -8.40 9.70 0.82
CA SER A 70 -7.96 8.63 -0.05
C SER A 70 -6.91 7.71 0.60
N GLU A 71 -5.88 8.27 1.24
CA GLU A 71 -4.76 7.53 1.83
C GLU A 71 -5.02 7.31 3.32
N SER A 72 -5.61 8.29 4.00
CA SER A 72 -6.02 8.22 5.40
C SER A 72 -6.72 6.92 5.75
N ALA A 73 -7.52 6.45 4.82
CA ALA A 73 -8.19 5.19 4.81
C ALA A 73 -7.30 4.05 5.31
N LEU A 74 -6.07 3.96 4.80
CA LEU A 74 -5.13 2.90 5.12
C LEU A 74 -4.64 2.98 6.56
N LEU A 75 -4.53 4.19 7.13
CA LEU A 75 -4.13 4.43 8.51
C LEU A 75 -5.21 3.87 9.43
N LYS A 76 -6.46 4.29 9.26
CA LYS A 76 -7.58 3.90 10.15
C LYS A 76 -7.91 2.41 10.07
N CYS A 77 -7.31 1.65 9.16
CA CYS A 77 -7.55 0.23 8.99
C CYS A 77 -6.32 -0.61 9.35
N ILE A 78 -5.28 -0.01 9.95
CA ILE A 78 -4.03 -0.72 10.24
C ILE A 78 -3.50 -0.36 11.63
N GLU A 79 -3.60 0.91 12.00
CA GLU A 79 -3.10 1.45 13.25
C GLU A 79 -3.77 0.70 14.41
N VAL A 80 -5.09 0.68 14.37
CA VAL A 80 -6.01 -0.01 15.28
C VAL A 80 -5.79 -1.53 15.31
N CYS A 81 -5.10 -2.13 14.34
CA CYS A 81 -4.84 -3.55 14.38
C CYS A 81 -3.79 -3.83 15.46
N CYS A 82 -2.58 -3.31 15.27
CA CYS A 82 -1.41 -3.32 16.17
C CYS A 82 -0.16 -2.78 15.45
N GLY A 83 -0.34 -1.97 14.39
CA GLY A 83 0.71 -1.61 13.46
C GLY A 83 0.82 -0.10 13.31
N SER A 84 1.69 0.52 14.11
CA SER A 84 2.01 1.94 14.06
C SER A 84 2.27 2.39 12.63
N VAL A 85 1.62 3.49 12.22
CA VAL A 85 1.90 4.17 10.98
C VAL A 85 2.31 5.62 11.20
N MET A 86 1.89 6.29 12.28
CA MET A 86 2.13 7.72 12.41
C MET A 86 3.60 8.06 12.64
N GLU A 87 4.41 7.09 13.07
CA GLU A 87 5.86 7.23 13.17
C GLU A 87 6.53 7.24 11.80
N MET A 88 5.95 6.52 10.83
CA MET A 88 6.62 6.23 9.57
C MET A 88 6.97 7.50 8.77
N ARG A 89 6.22 8.60 8.96
CA ARG A 89 6.57 9.89 8.34
C ARG A 89 7.90 10.48 8.85
N GLU A 90 8.43 9.94 9.94
CA GLU A 90 9.60 10.43 10.68
C GLU A 90 10.70 9.37 10.71
N LYS A 91 10.30 8.12 10.99
CA LYS A 91 11.17 6.95 11.10
C LYS A 91 12.10 6.87 9.89
N TYR A 92 11.53 6.89 8.68
CA TYR A 92 12.30 6.91 7.46
C TYR A 92 12.63 8.37 7.08
N THR A 93 13.71 8.57 6.31
CA THR A 93 14.29 9.90 6.04
C THR A 93 13.58 10.62 4.89
N LYS A 94 12.69 9.95 4.16
CA LYS A 94 11.90 10.60 3.11
C LYS A 94 12.79 11.21 2.03
N ILE A 95 13.53 10.35 1.35
CA ILE A 95 14.43 10.72 0.26
C ILE A 95 13.74 11.72 -0.67
N VAL A 96 12.55 11.38 -1.22
CA VAL A 96 11.92 12.10 -2.34
C VAL A 96 10.41 11.79 -2.36
N GLU A 97 9.62 12.55 -3.13
CA GLU A 97 8.14 12.58 -3.06
C GLU A 97 7.62 13.16 -4.39
N ILE A 98 7.26 12.30 -5.34
CA ILE A 98 6.71 12.70 -6.64
C ILE A 98 5.18 12.61 -6.51
N PRO A 99 4.42 13.70 -6.73
CA PRO A 99 2.97 13.64 -6.73
C PRO A 99 2.44 13.04 -8.03
N PHE A 100 1.12 12.99 -8.13
CA PHE A 100 0.41 12.77 -9.38
C PHE A 100 0.60 13.92 -10.37
N ASN A 101 0.70 15.15 -9.87
CA ASN A 101 0.89 16.33 -10.71
C ASN A 101 2.26 16.22 -11.41
N SER A 102 2.51 17.04 -12.43
CA SER A 102 3.64 16.93 -13.34
C SER A 102 3.44 15.71 -14.24
N THR A 103 3.58 14.50 -13.72
CA THR A 103 3.77 13.32 -14.55
C THR A 103 2.45 12.66 -14.97
N ASN A 104 1.37 12.78 -14.21
CA ASN A 104 0.01 12.31 -14.49
C ASN A 104 -0.14 10.77 -14.49
N LYS A 105 0.89 10.01 -14.90
CA LYS A 105 0.81 8.59 -15.23
C LYS A 105 0.63 7.73 -13.97
N TYR A 106 1.53 7.89 -13.00
CA TYR A 106 1.55 7.25 -11.70
C TYR A 106 2.13 8.23 -10.68
N GLN A 107 2.34 7.81 -9.43
CA GLN A 107 3.12 8.53 -8.43
C GLN A 107 3.93 7.52 -7.62
N LEU A 108 4.98 8.01 -6.97
CA LEU A 108 6.00 7.23 -6.28
C LEU A 108 6.67 8.11 -5.22
N SER A 109 7.40 7.47 -4.32
CA SER A 109 8.07 8.13 -3.19
C SER A 109 9.16 7.15 -2.77
N ILE A 110 10.34 7.64 -2.39
CA ILE A 110 11.44 6.81 -1.90
C ILE A 110 11.77 7.25 -0.47
N HIS A 111 12.27 6.32 0.32
CA HIS A 111 12.56 6.41 1.74
C HIS A 111 13.84 5.59 1.98
N LYS A 112 14.71 5.96 2.93
CA LYS A 112 15.66 5.01 3.51
C LYS A 112 15.09 4.56 4.85
N ASN A 113 15.26 3.28 5.12
CA ASN A 113 14.88 2.56 6.33
C ASN A 113 16.03 2.67 7.33
N PRO A 114 15.76 2.94 8.61
CA PRO A 114 16.81 3.10 9.60
C PRO A 114 17.40 1.78 10.11
N ASN A 115 16.68 0.65 10.03
CA ASN A 115 17.07 -0.70 10.42
C ASN A 115 15.87 -1.61 10.18
N ALA A 116 15.97 -2.65 9.33
CA ALA A 116 14.98 -3.71 9.17
C ALA A 116 15.64 -4.95 8.53
N SER A 117 14.86 -6.04 8.34
CA SER A 117 15.23 -7.11 7.43
C SER A 117 15.47 -6.52 6.04
N GLU A 118 14.48 -5.80 5.53
CA GLU A 118 14.51 -5.11 4.26
C GLU A 118 15.67 -4.11 4.21
N PRO A 119 16.14 -3.76 3.00
CA PRO A 119 17.32 -2.93 2.80
C PRO A 119 17.02 -1.47 3.15
N LYS A 120 18.03 -0.60 3.11
CA LYS A 120 17.89 0.79 3.49
C LYS A 120 16.87 1.46 2.57
N HIS A 121 17.25 1.87 1.37
CA HIS A 121 16.36 2.55 0.44
C HIS A 121 15.22 1.63 -0.02
N LEU A 122 14.00 2.15 -0.10
CA LEU A 122 12.83 1.48 -0.63
C LEU A 122 11.92 2.53 -1.23
N LEU A 123 11.14 2.08 -2.20
CA LEU A 123 10.17 2.87 -2.97
C LEU A 123 8.79 2.22 -2.82
N VAL A 124 7.73 3.03 -2.91
CA VAL A 124 6.34 2.63 -2.82
C VAL A 124 5.56 3.30 -3.96
N MET A 125 4.98 2.52 -4.88
CA MET A 125 4.30 2.99 -6.10
C MET A 125 2.85 2.56 -6.14
N LYS A 126 2.02 3.44 -6.70
CA LYS A 126 0.58 3.31 -6.83
C LYS A 126 0.10 4.01 -8.10
N GLY A 127 -1.21 3.97 -8.35
CA GLY A 127 -1.82 4.23 -9.64
C GLY A 127 -2.97 3.24 -9.83
N ALA A 128 -3.55 3.20 -11.03
CA ALA A 128 -4.59 2.25 -11.44
C ALA A 128 -4.08 0.81 -11.25
N PRO A 129 -4.93 -0.16 -10.91
CA PRO A 129 -4.49 -1.50 -10.53
C PRO A 129 -3.70 -2.17 -11.67
N GLU A 130 -4.14 -1.97 -12.90
CA GLU A 130 -3.55 -2.55 -14.09
C GLU A 130 -2.18 -1.95 -14.39
N ARG A 131 -1.96 -0.69 -13.97
CA ARG A 131 -0.67 -0.02 -14.11
C ARG A 131 0.30 -0.46 -13.02
N ILE A 132 -0.20 -1.04 -11.94
CA ILE A 132 0.65 -1.73 -11.01
C ILE A 132 1.00 -3.09 -11.64
N LEU A 133 0.02 -3.84 -12.13
CA LEU A 133 0.25 -5.14 -12.74
C LEU A 133 1.25 -5.03 -13.91
N ASP A 134 1.37 -3.83 -14.49
CA ASP A 134 2.24 -3.49 -15.60
C ASP A 134 3.72 -3.78 -15.36
N ARG A 135 4.19 -3.61 -14.12
CA ARG A 135 5.60 -3.46 -13.78
C ARG A 135 6.13 -4.54 -12.83
N CYS A 136 5.21 -5.40 -12.41
CA CYS A 136 5.40 -6.51 -11.51
C CYS A 136 6.26 -7.61 -12.13
N SER A 137 7.52 -7.69 -11.73
CA SER A 137 8.37 -8.82 -12.07
C SER A 137 8.07 -10.06 -11.19
N SER A 138 7.30 -9.94 -10.08
CA SER A 138 6.82 -11.08 -9.31
C SER A 138 5.54 -10.72 -8.54
N ILE A 139 4.94 -11.68 -7.82
CA ILE A 139 3.93 -11.49 -6.77
C ILE A 139 4.56 -12.05 -5.48
N LEU A 140 3.97 -11.77 -4.33
CA LEU A 140 4.39 -12.18 -2.98
C LEU A 140 3.17 -12.74 -2.28
N LEU A 141 3.18 -14.05 -2.02
CA LEU A 141 2.01 -14.78 -1.51
C LEU A 141 2.19 -15.16 -0.06
N HIS A 142 2.69 -16.37 0.25
CA HIS A 142 2.74 -16.89 1.61
C HIS A 142 4.02 -16.41 2.33
N GLY A 143 4.36 -15.13 2.20
CA GLY A 143 5.65 -14.63 2.64
C GLY A 143 6.78 -15.13 1.73
N LYS A 144 6.47 -15.48 0.48
CA LYS A 144 7.41 -15.99 -0.52
C LYS A 144 6.97 -15.46 -1.87
N GLU A 145 7.94 -14.94 -2.60
CA GLU A 145 7.81 -14.42 -3.94
C GLU A 145 7.52 -15.57 -4.89
N GLN A 146 6.62 -15.35 -5.85
CA GLN A 146 6.26 -16.28 -6.90
C GLN A 146 6.38 -15.55 -8.24
N PRO A 147 6.87 -16.24 -9.27
CA PRO A 147 7.10 -15.65 -10.58
C PRO A 147 5.75 -15.38 -11.23
N LEU A 148 5.45 -14.10 -11.45
CA LEU A 148 4.15 -13.66 -11.91
C LEU A 148 3.86 -14.24 -13.29
N ASP A 149 2.61 -14.62 -13.55
CA ASP A 149 2.25 -15.30 -14.78
C ASP A 149 0.76 -15.18 -15.03
N GLU A 150 0.26 -15.77 -16.11
CA GLU A 150 -1.12 -15.64 -16.58
C GLU A 150 -2.15 -16.00 -15.49
N GLU A 151 -1.85 -17.00 -14.67
CA GLU A 151 -2.65 -17.48 -13.55
C GLU A 151 -2.66 -16.43 -12.44
N LEU A 152 -1.53 -15.77 -12.25
CA LEU A 152 -1.33 -14.86 -11.13
C LEU A 152 -1.89 -13.49 -11.46
N LYS A 153 -1.84 -13.11 -12.74
CA LYS A 153 -2.74 -12.12 -13.31
C LYS A 153 -4.20 -12.51 -13.05
N ASP A 154 -4.62 -13.74 -13.38
CA ASP A 154 -6.01 -14.19 -13.30
C ASP A 154 -6.59 -14.02 -11.90
N ALA A 155 -5.78 -14.38 -10.89
CA ALA A 155 -6.14 -14.29 -9.50
C ALA A 155 -6.34 -12.84 -9.03
N PHE A 156 -5.55 -11.90 -9.57
CA PHE A 156 -5.71 -10.48 -9.39
C PHE A 156 -6.95 -10.00 -10.13
N GLN A 157 -7.16 -10.47 -11.37
CA GLN A 157 -8.23 -9.99 -12.22
C GLN A 157 -9.52 -10.15 -11.44
N ASN A 158 -9.90 -11.39 -11.13
CA ASN A 158 -11.10 -11.68 -10.35
C ASN A 158 -11.23 -10.80 -9.12
N ALA A 159 -10.11 -10.50 -8.44
CA ALA A 159 -10.06 -9.59 -7.33
C ALA A 159 -10.49 -8.18 -7.77
N TYR A 160 -9.80 -7.54 -8.71
CA TYR A 160 -10.16 -6.23 -9.23
C TYR A 160 -11.61 -6.19 -9.74
N LEU A 161 -12.07 -7.28 -10.37
CA LEU A 161 -13.41 -7.38 -10.91
C LEU A 161 -14.44 -7.56 -9.79
N GLU A 162 -14.08 -8.14 -8.64
CA GLU A 162 -14.91 -8.24 -7.47
C GLU A 162 -15.01 -6.86 -6.82
N LEU A 163 -13.87 -6.28 -6.43
CA LEU A 163 -13.70 -5.21 -5.43
C LEU A 163 -14.49 -3.92 -5.70
N GLY A 164 -15.11 -3.73 -6.86
CA GLY A 164 -15.86 -2.53 -7.20
C GLY A 164 -15.15 -1.75 -8.30
N GLY A 165 -14.50 -2.46 -9.23
CA GLY A 165 -13.64 -1.91 -10.25
C GLY A 165 -14.39 -1.01 -11.24
N LEU A 166 -13.70 -0.55 -12.29
CA LEU A 166 -14.19 0.34 -13.35
C LEU A 166 -14.31 1.76 -12.82
N GLY A 167 -15.04 1.92 -11.71
CA GLY A 167 -15.01 3.06 -10.82
C GLY A 167 -14.07 2.72 -9.66
N GLU A 168 -14.26 3.41 -8.54
CA GLU A 168 -13.44 3.39 -7.34
C GLU A 168 -11.96 3.67 -7.63
N ARG A 169 -11.13 3.58 -6.59
CA ARG A 169 -9.77 4.06 -6.54
C ARG A 169 -8.86 2.90 -6.16
N VAL A 170 -9.15 1.68 -6.66
CA VAL A 170 -8.44 0.44 -6.34
C VAL A 170 -6.94 0.60 -6.68
N LEU A 171 -6.17 1.08 -5.72
CA LEU A 171 -4.74 1.32 -5.89
C LEU A 171 -4.03 -0.01 -5.71
N GLY A 172 -2.90 -0.15 -6.41
CA GLY A 172 -2.23 -1.44 -6.54
C GLY A 172 -1.04 -1.69 -5.61
N PHE A 173 -0.64 -0.71 -4.78
CA PHE A 173 0.40 -0.76 -3.74
C PHE A 173 1.50 -1.84 -3.91
N CYS A 174 2.64 -1.50 -4.52
CA CYS A 174 3.82 -2.38 -4.46
C CYS A 174 5.09 -1.58 -4.16
N HIS A 175 6.14 -2.30 -3.78
CA HIS A 175 7.51 -1.86 -3.47
C HIS A 175 8.48 -2.72 -4.27
N LEU A 176 9.74 -2.32 -4.34
CA LEU A 176 10.81 -3.15 -4.94
C LEU A 176 11.90 -3.51 -3.96
N LEU A 177 12.01 -2.73 -2.88
CA LEU A 177 13.12 -2.71 -1.93
C LEU A 177 14.42 -2.44 -2.71
N LEU A 178 14.81 -1.17 -2.80
CA LEU A 178 15.94 -0.76 -3.63
C LEU A 178 17.17 -1.46 -3.04
N PRO A 179 17.92 -2.25 -3.81
CA PRO A 179 19.04 -2.98 -3.26
C PRO A 179 20.14 -2.03 -2.86
N ASP A 180 20.23 -1.69 -1.57
CA ASP A 180 21.24 -0.82 -0.99
C ASP A 180 22.65 -1.37 -1.21
N GLU A 181 22.75 -2.63 -1.61
CA GLU A 181 23.98 -3.35 -1.95
C GLU A 181 24.46 -3.08 -3.37
N GLN A 182 23.55 -2.68 -4.26
CA GLN A 182 23.86 -2.24 -5.60
C GLN A 182 23.54 -0.75 -5.77
N PHE A 183 22.91 -0.13 -4.77
CA PHE A 183 22.58 1.30 -4.78
C PHE A 183 23.61 2.13 -3.99
N PRO A 184 23.78 3.42 -4.32
CA PRO A 184 24.84 4.23 -3.76
C PRO A 184 24.41 4.85 -2.43
N GLU A 185 25.31 4.84 -1.45
CA GLU A 185 24.95 5.12 -0.07
C GLU A 185 24.52 6.58 0.20
N GLY A 186 24.75 7.51 -0.73
CA GLY A 186 24.41 8.92 -0.62
C GLY A 186 23.06 9.25 -1.25
N PHE A 187 22.41 8.27 -1.90
CA PHE A 187 21.02 8.26 -2.31
C PHE A 187 20.57 9.50 -3.08
N GLN A 188 21.39 9.97 -4.01
CA GLN A 188 21.11 11.17 -4.79
C GLN A 188 20.22 10.86 -5.99
N PHE A 189 19.00 10.42 -5.70
CA PHE A 189 18.07 9.98 -6.74
C PHE A 189 17.36 11.18 -7.32
N ASP A 190 16.76 11.96 -6.42
CA ASP A 190 16.15 13.25 -6.69
C ASP A 190 14.78 13.05 -7.35
N THR A 191 14.08 14.15 -7.66
CA THR A 191 12.81 14.13 -8.38
C THR A 191 12.99 14.60 -9.83
N ASP A 192 14.22 14.86 -10.24
CA ASP A 192 14.58 15.43 -11.54
C ASP A 192 15.36 14.45 -12.37
N GLU A 193 16.17 13.62 -11.72
CA GLU A 193 17.19 12.81 -12.36
C GLU A 193 17.20 11.37 -11.81
N VAL A 194 16.00 10.90 -11.45
CA VAL A 194 15.70 9.73 -10.61
C VAL A 194 16.59 8.52 -10.90
N ASN A 195 16.74 8.19 -12.19
CA ASN A 195 17.61 7.14 -12.73
C ASN A 195 17.25 5.71 -12.28
N PHE A 196 16.17 5.58 -11.52
CA PHE A 196 15.77 4.38 -10.81
C PHE A 196 15.12 3.34 -11.74
N PRO A 197 15.00 2.07 -11.32
CA PRO A 197 14.21 1.08 -12.02
C PRO A 197 12.74 1.32 -11.75
N VAL A 198 11.89 0.78 -12.63
CA VAL A 198 10.45 0.99 -12.61
C VAL A 198 9.76 -0.23 -13.24
N ASP A 199 10.29 -1.42 -12.96
CA ASP A 199 9.72 -2.67 -13.48
C ASP A 199 10.43 -3.87 -12.78
N ASN A 200 10.74 -3.66 -11.51
CA ASN A 200 11.64 -4.45 -10.67
C ASN A 200 10.97 -4.99 -9.42
N LEU A 201 9.70 -4.67 -9.31
CA LEU A 201 8.98 -4.64 -8.06
C LEU A 201 8.04 -5.82 -8.03
N CYS A 202 7.66 -6.19 -6.82
CA CYS A 202 6.71 -7.26 -6.57
C CYS A 202 5.28 -6.76 -6.84
N PHE A 203 4.27 -7.57 -6.50
CA PHE A 203 2.86 -7.30 -6.74
C PHE A 203 2.02 -7.26 -5.48
N VAL A 204 2.65 -7.39 -4.30
CA VAL A 204 2.16 -7.99 -3.06
C VAL A 204 0.64 -8.13 -3.02
N GLY A 205 -0.09 -7.04 -2.89
CA GLY A 205 -1.52 -7.06 -2.94
C GLY A 205 -2.03 -5.64 -2.96
N LEU A 206 -3.35 -5.51 -2.92
CA LEU A 206 -4.06 -4.27 -2.99
C LEU A 206 -5.21 -4.32 -2.01
N ILE A 207 -5.76 -3.15 -1.72
CA ILE A 207 -6.88 -3.01 -0.80
C ILE A 207 -8.08 -2.83 -1.73
N SER A 208 -8.61 -1.61 -1.93
CA SER A 208 -9.78 -1.33 -2.80
C SER A 208 -10.40 0.01 -2.39
N MET A 209 -9.60 1.07 -2.37
CA MET A 209 -10.08 2.35 -1.88
C MET A 209 -11.31 2.78 -2.65
N ILE A 210 -12.32 3.22 -1.90
CA ILE A 210 -13.55 3.77 -2.44
C ILE A 210 -13.22 5.15 -3.02
N ASP A 211 -14.20 5.77 -3.64
CA ASP A 211 -14.16 7.15 -4.14
C ASP A 211 -15.60 7.63 -4.31
N PRO A 212 -16.26 8.08 -3.23
CA PRO A 212 -17.59 8.66 -3.30
C PRO A 212 -17.52 10.15 -3.69
N PRO A 213 -18.62 10.72 -4.20
CA PRO A 213 -18.79 12.16 -4.38
C PRO A 213 -19.22 12.77 -3.05
#